data_8H0V
#
_entry.id   8H0V
#
_cell.length_a   1.00
_cell.length_b   1.00
_cell.length_c   1.00
_cell.angle_alpha   90.00
_cell.angle_beta   90.00
_cell.angle_gamma   90.00
#
_symmetry.space_group_name_H-M   'P 1'
#
loop_
_entity.id
_entity.type
_entity.pdbx_description
1 polymer 'DNA-directed RNA polymerase subunit'
2 polymer 'DNA-directed RNA polymerase subunit beta'
3 polymer 'RNA polymerase II third largest subunit B44, part of central core'
4 polymer 'RNA polymerase II subunit B32'
5 polymer 'DNA-directed RNA polymerases I, II, and III subunit RPABC1'
6 polymer 'RNA polymerase subunit ABC23, common to RNA polymerases I, II, and III'
7 polymer 'RNA polymerase II subunit'
8 polymer 'DNA-directed RNA polymerases I, II, and III subunit RPABC3'
9 polymer 'DNA-directed RNA polymerase subunit'
10 polymer 'RNA polymerase subunit ABC10-beta, common to RNA polymerases I, II, and III'
11 polymer 'RNA polymerase II subunit B12.5'
12 polymer 'RNA polymerase subunit ABC10-alpha'
13 polymer "RNA (5'-R(P*AP*GP*CP*AP*AP*UP*AP*GP*GP*AP*GP*CP*UP*U)-3')"
14 polymer 'DNA (261-MER)'
15 polymer 'DNA (261-MER)'
16 polymer 'Histone H3.1'
17 polymer 'Histone H4'
18 polymer 'Histone H2A type 1-B/E'
19 polymer 'Histone H2B type 1-J'
20 polymer 'Histone H1.2'
21 non-polymer 'ZINC ION'
22 non-polymer 'MAGNESIUM ION'
#
loop_
_entity_poly.entity_id
_entity_poly.type
_entity_poly.pdbx_seq_one_letter_code
_entity_poly.pdbx_strand_id
1 'polypeptide(L)'
;MSQFPYSSAPLRSVKEVQFGLLSPEEIRAISVVKIEYPEIMDESRQRPREGGLNDPKLGSIDRNFKCQTCGEGMAECPGH
FGHMELAKPVFHIGFIPKIKKVCECICMNCGKLLLDETNPTMAQAIRIRDPKKRFNAVWQLCKTKMVCEADAPVDEYSEQ
KVVSRGGCGNTQPVVRKDGMKLWGTWKKSGFSDRDAQPERKLLTPGEILNVFKHISPEDCFRLGFNEDYARPEWMIITVL
PVPPPQVRPSIAMDETTQGQDDLTHKLSDILKANINVQKLEMDGSPQHIINEVEQLLQFHVATYMDNDIAGQPQALQKSG
RPVKAIRARLKGKEGRLRGNLMGKRVDFSARTVISGDPNLELDQVGVPISIAKTLSYPETVTQYNIHRLTEYVRNGPNEH
PGAKYVIRDNGDRIDLRYHKRAGDIVLQYGWKVERHLMDDDPVLFNRQPSLHKMSMMAHRVKVMPYSTFRLNLSVTSPYN
ADFDGDEMNLHVPQSEETRAELSQLCAVPLQIVSPQSNKPVMGIVQDTLCGVRKMTLRDTFIEYEQVMNMLFWVPSWDGV
VPQPAILKPKPLWTGKQLLSIAIPSGIHLQRTDGGNSLLSPKDNGMLIVDGKVMFGVVDKKTVGSGGGGLIHTVMREKGP
KICAELFGNIQKVVNYWLLHNGFSIGIGDAIADASTMKEITHAISSAKEQVQEIIYKAQHNELELKPGMTLRESFEGEVS
RTLNDARDSAGRSAEMNLKDLNNVKQMVSAGSKGSFINIAQMSACVGQQMVEGKRIAFGFADRSLPHFTKDDFSPESKGF
VENSYLRGLTPQEFFFHAMAGREGLIDTAVKTAETGYIQRRLVKALEDIMVHYDGTTRNSLGDIIQFLYGEDGLDGTQVE
RQTIDTIPGSDKAFHKRYYVDLMDEKNSIKPDVIEYAADILGDVELQKELNSEYEQLVSDRKFLREIVFVNGDHNWPLPV
NLRRIIQNAQQIFHLDRAKASDLTIPEIIHGVRDLCKKLFVLRGENELIKEAQQNATSLFQCLVRARLATRRILEEFRLN
RDAFEWVLGTIEAQFQRSLVHPGEMVGVIAAQSIGEPATQMTLNTFHYAGVSSKNVTLGVPRLKEILNVAKNIKTPALTV
YLDREIALDIEKAKVIQSSIEYTTLKNVTSATEIYYDPDPTSTVIEEDFDTVEAYFSIPDEKVEETIDKQSPWLLRLELD
RARMLDKQLTMNQVADKISEVFSDDLFVMWSEDNADKLIIRCRVIRDPKAMDEELEAEEDQMLKRIEAHMLDLIALRGIP
GISKVYMVKHKVSVPDESGEYKNEELWALETDGINLAEVMAVPGVDSSRTYSNSFVEILSVLGIEATRSSLYKEILNVIA
FDGSYVNYRHMALLVDVMTSRGYLMAITRHGINRADTGALMRCSFEETVEILFEAGAAAELDDCRGVSENVMLGQLAPMG
TGAFDVMIDEKLLTSLPADYAPTMPLFKGKATQGSATPYDNNAQYDDEFNHDDVADVMFSPMAETGSGDDRSGGLTEYAG
IQSPYQPTSPGLSATSPGFAPTSPGFAPTSPRYSPTSPGYSPTSPSYSPTSPSYSPTSPSYSPTSPSYSPTSPSYSPTSP
SYSPTSPSYSPTSPSYSPTSPSYSPTSPQYSPTSPQYSPTSPQYSPTSPQYSPTSPQYSPTSPQYSPTSPQYSPTSPQYS
PTSPQYSPTSPQYSPTSPQYSPTSPQYSPTSPQYSPTSPQYSPASPQYSPSRHSPNGESKEGE
;
A
2 'polypeptide(L)'
;MSYDPYSIDDTITTEDCWTVISAFFEEKGLVSQQLDSFDEFMETSIQDLVWEEPRLILDQPAQHTNEKDNINKRYEIRFG
KIYLSRPTMTEADGTTHAMFPQEARLRNLTYSSPVYLDMEKSMFTSIDDEGNPNATLDWQQVHEPIKDGVEEGNKVHIGK
VPIMLRSKFCSLRTLDEVDLYKMKECPYDMGGYFVINGSEKVLIAQERSAANIVQVFKKAAPSPISHVAEIRSALEKGSR
LISTMQIKLYGREDKGTGRTIKATLPYVKQDIPIVIVFRALGVVPDGEILQHICYDENDWQMLEMLKPCIEEGFVIQDKE
VALDFIGRRGSAALGIRREKRIQYAKDILQKELLPHITQEEGFETRKTFFLGYMVNRLLLCALERKDQDDRDHFGKKRLD
LAGPLLANLFRILFRKLTREIYRYMQRCIETDRDFNLNLAVKSTTITSGLKYSLATGNWGEQKKAMSSRAGVSQVLNRYT
YSSTLSHLRRTNTPIGRDGKLAKPRQLHNTHWGLVCPAETPEGQACGLVKNLSLLSGISIGSPSEPIINFLEEWGMEPLE
DYDPAQHTKSTRIFVNGVWTGIHRDPSMLVSTMRDLRRSGAISPEVSIIRDIREREFKIFTDVGRVYRPLFIVEDDESKD
NKGELRITKEHIRKIQQGYDDDAMNDDSEEQEQDVYGWSSLVTSGVIEYVDGEEEETIMIAMTPEDLQTRSLEQKEIDLN
DTAKRIKPEMSTSSHHTFTHCEIHPSMILGVAASIIPFPDHNQSPRNTYQSAMGKQAMGVFLTNYNVRMDTMANILYYPQ
KPLAKTQAMEYLKFRELPAGQNAIVAIACYSGYNQEDSMIMNQSSIDRGLFRSLFFRSYMDQEKRFGISIVEEFEKPTRA
TTLRLKHGTYEKLDEDGLIAPGVRVSGDDIIIGKTTPIPPDTEELGQRTKYHTKRDASTPLRSTENGIVDQVLLTTNQEG
LKFVKVRMRTTKVPQIGDKFASRHGQKGTIGVTYRHEDMPFSAEGIVPDLIINPHAIPSRMTVAHLIECLLSKVGSIRGY
EGDATPFTDLTVDAVSNLLRDNGYQSRGFEVMYNGHTGKKLMAQVFFGPTYYQRLRHMVDDKIHARARGPVQVLTRQPVE
GRSRDGGLRFGEMERDCMIAHGAAGFLKERLMEASDAFRVHVCGICGLMSVIANLKKNQFECRSCKNKTNIYQLHIPYAA
KLLFQELMAMNIAPRLYTERSGVSMRS
;
B
3 'polypeptide(L)'
;MSKEPKVNIINAQDDEVELMLSDVNLSLANSLRRTMLAEVPTLAIDLVEIKMNTSVLADEFISHRLGLIPLVSEDVEEMK
YSRDCTCEDYCDECSVVLELSARHEGEEGTTDVYSSSLIKVSGPGNLNVGEPVRRDDYDQGILLCKLRNHQELNIRCIAK
KGIAKEHAKWSPCSAIAFEYDPHNKLKHTDFWFEVDAKKEWPDSKYATWEEPPKPGEVFDYKAKPNRFYMTVETTGSLKA
NQVFSRGIKTLQEKLANVLFELENSRPANTTAYGGATAYGGQTVYGRETSYGGNTNYGDYNAPY
;
C
4 'polypeptide(L)'
;MNVSTSTVGARRRRAKQQVDDEENATLLRLGPEFALKQYDHDGNEHDLIALSLSESRLLIREALKARSRARNGGVDIESS
NGEIDDDELAKVTSGAVANGVVKKTLDYLNTFARFKDEETCTAVDQLLHNSSDCSVLHPFEIAQLSSLGCEDVDEAITLI
PSLAAKKEVNLQRILDELNRLEDPYK
;
D
5 'polypeptide(L)'
;MEDNNRIISRLWRSFRTVKEMAADRGYFISQEEMDQSLEEFRSKICDSMGNPQRKLMSFLANPTPEALEKYSDLGTLWVE
FCDEPSVGIKTMRNFCLRIQEKNFSTGIFIYQNNITPSANKMIPTVSPAIIETFQESDLVVNITHHELVPKHIRLSDGEK
SQLLQRYKLKESQLPRIQREDPVARYLGLKRGQVVKIIRRSETSGRYASYRICL
;
E
6 'polypeptide(L)'
;MSEDEAFNEQTENFENFEDEHFSDDNFEDRSTQPEDYAVGVTADGRQIINGDGIQEVNGTIKAHRKRSNKELAILKEERT
TTPYLTKYERARILGTRALQISMNAPVLVDIEGETDPLQIAMKELSQRKIPLVIRRYLPDGSYEDWGCDELIVDN
;
F
7 'polypeptide(L)'
;MFFLKDLSLILTLHPSYFGPQMNQYLREKLLTDVEGTCTGQFGYIVTVLDGMNIDVGKGRIIPGSGSAEFEVKYRAVVWK
PFKGEVVDAIVSNVSPIGFFADVGPLNVFVSTRLIPDNLVYNPSNSPPAYMSNDELITKGSKVRLKVVGTRTDVNEIYAI
GSIKEDFLGAI
;
G
8 'polypeptide(L)'
;MSSALFDDIFTVQTVDNGRYNKVSRIIGISTTNSAIKLTLDINNEMFPVSQDDSLTVTLANSLSLDGEDESANFSKSWRP
PKPTDKSLADDYDYVMFGTVYKFEEGDEDKIKVYVSFGGLLMCLEGGYKSLASLKQDNLYILIRR
;
H
9 'polypeptide(L)'
;MASFRFCLECNNMLYPKEDKENQRLLYSCRNCDYTELAEDPKVYRHELITNIGETAGIVDDIGQDPTLPRSDKECPECHS
RDCVFFQSQQRRKDTNMTLFYVCLNCKKTFRDESE
;
I
10 'polypeptide(L)' MIIPVRCFSCGKVVGDKWDAYLRLLEEGKQEGDALDELKLKRYCCRRMVLTHVDLIEKFLRYNPLEKKDFDS J
11 'polypeptide(L)'
;MNAPDRFELFILPDDVPKLKITPDSRVPNCIIIKFEREDHTLANLLREELALYPDVTFVAYKVEHPLFANFVMRLQTEEG
TRPKQALERACASIINKLKTLDHKFNEEWNIKNFSLND
;
K
12 'polypeptide(L)' MSREGFVAPSGTDLAAAASGVAPNKHYGVKYTCGACAHNFSLNKSDPVRCKECGHRVIYKARTKRMIQFDAR L
13 'polyribonucleotide' AGCAAUAGGAGCUU P
14 'polydeoxyribonucleotide'
;(DA)(DT)(DC)(DT)(DA)(DT)(DG)(DA)(DA)(DT)(DT)(DT)(DC)(DG)(DC)(DG)(DA)(DC)(DA)(DC)
(DA)(DA)(DG)(DG)(DC)(DC)(DT)(DG)(DG)(DA)(DT)(DG)(DT)(DA)(DT)(DA)(DT)(DA)(DT)(DC)
(DT)(DG)(DA)(DC)(DA)(DC)(DG)(DT)(DG)(DC)(DC)(DT)(DG)(DG)(DA)(DG)(DA)(DC)(DT)(DA)
(DG)(DG)(DG)(DA)(DG)(DT)(DA)(DA)(DT)(DC)(DC)(DC)(DC)(DT)(DT)(DG)(DG)(DC)(DG)(DG)
(DT)(DT)(DA)(DA)(DA)(DA)(DC)(DG)(DC)(DG)(DG)(DG)(DG)(DG)(DA)(DC)(DA)(DG)(DC)(DG)
(DC)(DG)(DT)(DA)(DC)(DG)(DT)(DG)(DC)(DG)(DT)(DT)(DT)(DA)(DA)(DG)(DC)(DG)(DG)(DT)
(DG)(DC)(DT)(DA)(DG)(DA)(DG)(DC)(DT)(DG)(DT)(DC)(DT)(DA)(DC)(DG)(DA)(DC)(DC)(DA)
(DA)(DT)(DT)(DG)(DA)(DG)(DC)(DG)(DG)(DC)(DC)(DT)(DC)(DG)(DG)(DC)(DA)(DC)(DC)(DG)
(DG)(DA)(DT)(DT)(DC)(DC)(DC)(DA)(DA)(DA)(DC)(DA)(DC)(DA)(DC)(DC)(DA)(DA)(DA)(DC)
(DA)(DC)(DA)(DA)(DG)(DT)(DG)(DG)(DA)(DC)(DC)(DG)(DT)(DA)(DA)(DG)(DC)(DT)(DC)(DC)
(DT)(DA)(DT)(DT)(DG)(DC)(DT)(DT)(DT)(DA)(DA)(DA)(DG)(DG)(DC)(DA)(DG)(DA)(DG)(DG)
(DA)(DC)(DA)(DA)(DA)(DC)(DA)(DC)(DG)(DT)(DC)(DC)(DG)(DG)(DA)(DA)(DT)(DG)(DA)(DG)
(DA)(DG)(DC)(DT)(DA)(DA)(DT)(DT)(DT)(DG)(DG)(DT)(DA)(DT)(DT)(DT)(DA)(DA)(DG)(DA)
(DA)
;
T
15 'polydeoxyribonucleotide'
;(DT)(DT)(DC)(DT)(DT)(DA)(DA)(DA)(DT)(DA)(DC)(DC)(DA)(DA)(DA)(DT)(DT)(DA)(DG)(DC)
(DT)(DC)(DT)(DC)(DA)(DT)(DT)(DC)(DC)(DG)(DG)(DA)(DC)(DG)(DT)(DG)(DT)(DT)(DT)(DG)
(DT)(DC)(DC)(DT)(DC)(DT)(DG)(DC)(DC)(DT)(DT)(DT)(DA)(DA)(DA)(DG)(DC)(DA)(DA)(DT)
(DA)(DG)(DG)(DA)(DG)(DC)(DT)(DT)(DA)(DC)(DG)(DG)(DT)(DC)(DC)(DA)(DC)(DT)(DT)(DG)
(DT)(DG)(DT)(DT)(DT)(DG)(DG)(DT)(DG)(DT)(DG)(DT)(DT)(DT)(DG)(DG)(DG)(DA)(DA)(DT)
(DC)(DC)(DG)(DG)(DT)(DG)(DC)(DC)(DG)(DA)(DG)(DG)(DC)(DC)(DG)(DC)(DT)(DC)(DA)(DA)
(DT)(DT)(DG)(DG)(DT)(DC)(DG)(DT)(DA)(DG)(DA)(DC)(DA)(DG)(DC)(DT)(DC)(DT)(DA)(DG)
(DC)(DA)(DC)(DC)(DG)(DC)(DT)(DT)(DA)(DA)(DA)(DC)(DG)(DC)(DA)(DC)(DG)(DT)(DA)(DC)
(DG)(DC)(DG)(DC)(DT)(DG)(DT)(DC)(DC)(DC)(DC)(DC)(DG)(DC)(DG)(DT)(DT)(DT)(DT)(DA)
(DA)(DC)(DC)(DG)(DC)(DC)(DA)(DA)(DG)(DG)(DG)(DG)(DA)(DT)(DT)(DA)(DC)(DT)(DC)(DC)
(DC)(DT)(DA)(DG)(DT)(DC)(DT)(DC)(DC)(DA)(DG)(DG)(DC)(DA)(DC)(DG)(DT)(DG)(DT)(DC)
(DA)(DG)(DA)(DT)(DA)(DT)(DA)(DT)(DA)(DC)(DA)(DT)(DC)(DC)(DA)(DG)(DG)(DC)(DC)(DT)
(DT)(DG)(DT)(DG)(DT)(DC)(DG)(DC)(DG)(DA)(DA)(DA)(DT)(DT)(DC)(DA)(DT)(DA)(DG)(DA)
(DT)
;
N
16 'polypeptide(L)'
;GSHMARTKQTARKSTGGKAPRKQLATKAARKSAPATGGVKKPHRYRPGTVALREIRRYQKSTELLIRKLPFQRLVREIAQ
DFKTDLRFQSSAVMALQEACEAYLVGLFEDTNLCAIHAKRVTIMPKDIQLARRIRGERA
;
a,e
17 'polypeptide(L)'
;GSHMSGRGKGGKGLGKGGAKRHRKVLRDNIQGITKPAIRRLARRGGVKRISGLIYEETRGVLKVFLENVIRDAVTYTEHA
KRKTVTAMDVVYALKRQGRTLYGFGG
;
b,f
18 'polypeptide(L)'
;GSHMSGRGKQGGKARAKAKTRSSRAGLQFPVGRVHRLLRKGNYSERVGAGAPVYLAAVLEYLTAEILELAGNAARDNKKT
RIIPRHLQLAIRNDEELNKLLGRVTIAQGGVLPNIQAVLLPKKTESHHKAKGK
;
c,g
19 'polypeptide(L)'
;GSHMPEPAKSAPAPKKGSKKAVTKAQKKDGKKRKRSRKESYSIYVYKVLKQVHPDTGISSKAMGIMNSFVNDIFERIAGE
ASRLAHYNKRSTITSREIQTAVRLLLPGELAKHAVSEGTKAVTKYTSAK
;
d,h
20 'polypeptide(L)'
;MSETAPAAPAAAPPAEKAPVKKKAAKKAGGTPRKASGPPVSELITKAVAASKERSGVSLAALKKALAAAGYDVEKNNSRI
KLGLKSLVSKGTLVQTKGTGASGSFKLNKKAASGEAKPKVKKAGGTKPKKPVGAAKKPKKAAGGATPKKSAKKTPKKAKK
PAAATVTKKVAKSPKKAKVAKPKKAAKSAAKAVKPKAAKPKVVKPKKAAPKKKLEVLFQ
;
u
#
# COMPACT_ATOMS: atom_id res chain seq x y z
N SER A 2 -22.80 -43.69 5.81
CA SER A 2 -23.59 -44.84 6.25
C SER A 2 -23.45 -45.04 7.76
N GLN A 3 -22.51 -44.33 8.36
CA GLN A 3 -22.31 -44.36 9.81
C GLN A 3 -23.30 -43.45 10.54
N PHE A 4 -24.37 -43.02 9.88
CA PHE A 4 -25.44 -42.26 10.50
C PHE A 4 -26.70 -43.09 10.55
N PRO A 5 -27.37 -43.17 11.70
CA PRO A 5 -28.61 -43.94 11.77
C PRO A 5 -29.66 -43.38 10.82
N TYR A 6 -30.49 -44.29 10.29
CA TYR A 6 -31.45 -43.93 9.26
C TYR A 6 -32.37 -42.80 9.72
N SER A 7 -32.54 -41.80 8.86
CA SER A 7 -33.54 -40.77 8.99
C SER A 7 -34.40 -40.79 7.74
N SER A 8 -35.69 -40.50 7.89
CA SER A 8 -36.57 -40.60 6.73
C SER A 8 -36.53 -39.41 5.79
N ALA A 9 -35.99 -38.27 6.20
CA ALA A 9 -35.95 -37.14 5.29
C ALA A 9 -34.97 -37.42 4.15
N PRO A 10 -35.21 -36.86 2.97
CA PRO A 10 -34.24 -37.02 1.89
C PRO A 10 -32.99 -36.18 2.16
N LEU A 11 -31.84 -36.72 1.76
CA LEU A 11 -30.58 -36.00 1.86
C LEU A 11 -30.29 -35.15 0.63
N ARG A 12 -30.07 -33.85 0.85
CA ARG A 12 -29.75 -32.88 -0.19
C ARG A 12 -28.61 -32.01 0.31
N SER A 13 -28.13 -31.18 -0.59
CA SER A 13 -27.01 -30.28 -0.31
C SER A 13 -27.45 -28.84 -0.43
N VAL A 14 -26.73 -28.00 0.29
CA VAL A 14 -27.02 -26.58 0.40
C VAL A 14 -26.64 -25.86 -0.88
N LYS A 15 -27.64 -25.28 -1.54
CA LYS A 15 -27.47 -24.49 -2.74
C LYS A 15 -27.46 -22.99 -2.47
N GLU A 16 -28.17 -22.54 -1.43
CA GLU A 16 -28.25 -21.12 -1.13
C GLU A 16 -28.14 -20.91 0.37
N VAL A 17 -27.35 -19.92 0.75
CA VAL A 17 -27.28 -19.43 2.12
C VAL A 17 -27.83 -18.02 2.18
N GLN A 18 -28.77 -17.79 3.10
CA GLN A 18 -29.46 -16.51 3.26
C GLN A 18 -29.15 -16.00 4.66
N PHE A 19 -28.28 -15.00 4.76
CA PHE A 19 -27.98 -14.43 6.05
C PHE A 19 -29.08 -13.46 6.47
N GLY A 20 -28.97 -12.98 7.71
CA GLY A 20 -30.01 -12.14 8.26
C GLY A 20 -29.96 -12.16 9.77
N LEU A 21 -30.72 -11.23 10.35
CA LEU A 21 -30.85 -11.14 11.80
C LEU A 21 -31.96 -12.05 12.31
N LEU A 22 -31.91 -12.32 13.61
CA LEU A 22 -32.91 -13.13 14.30
C LEU A 22 -33.81 -12.18 15.08
N SER A 23 -35.11 -12.28 14.84
CA SER A 23 -36.04 -11.44 15.59
C SER A 23 -36.22 -11.99 17.00
N PRO A 24 -36.60 -11.14 17.96
CA PRO A 24 -36.91 -11.66 19.30
C PRO A 24 -38.01 -12.70 19.30
N GLU A 25 -39.02 -12.53 18.44
CA GLU A 25 -40.11 -13.50 18.39
C GLU A 25 -39.59 -14.89 18.02
N GLU A 26 -38.77 -14.96 16.97
CA GLU A 26 -38.26 -16.26 16.53
C GLU A 26 -37.21 -16.80 17.50
N ILE A 27 -36.46 -15.92 18.17
CA ILE A 27 -35.53 -16.38 19.19
C ILE A 27 -36.29 -17.07 20.33
N ARG A 28 -37.38 -16.45 20.78
CA ARG A 28 -38.22 -17.13 21.77
C ARG A 28 -38.83 -18.39 21.21
N ALA A 29 -39.16 -18.41 19.91
CA ALA A 29 -39.89 -19.53 19.34
C ALA A 29 -39.02 -20.77 19.22
N ILE A 30 -37.77 -20.62 18.76
CA ILE A 30 -36.93 -21.79 18.55
C ILE A 30 -36.33 -22.32 19.85
N SER A 31 -36.35 -21.53 20.92
CA SER A 31 -35.83 -21.95 22.19
C SER A 31 -36.63 -23.13 22.75
N VAL A 32 -36.08 -23.76 23.79
CA VAL A 32 -36.71 -24.91 24.42
C VAL A 32 -36.85 -24.75 25.93
N VAL A 33 -36.15 -23.82 26.56
CA VAL A 33 -36.26 -23.60 27.99
C VAL A 33 -35.77 -22.19 28.31
N LYS A 34 -36.54 -21.46 29.12
CA LYS A 34 -36.12 -20.16 29.59
C LYS A 34 -35.05 -20.29 30.66
N ILE A 35 -34.01 -19.48 30.54
CA ILE A 35 -32.85 -19.51 31.43
C ILE A 35 -32.90 -18.28 32.33
N GLU A 36 -33.03 -18.49 33.64
CA GLU A 36 -33.01 -17.35 34.55
C GLU A 36 -32.13 -17.54 35.78
N TYR A 37 -31.83 -18.77 36.20
CA TYR A 37 -31.08 -18.97 37.43
C TYR A 37 -29.59 -19.02 37.14
N PRO A 38 -28.78 -18.13 37.73
CA PRO A 38 -27.35 -18.13 37.39
C PRO A 38 -26.63 -19.40 37.81
N GLU A 39 -26.76 -19.79 39.09
CA GLU A 39 -25.93 -20.85 39.67
C GLU A 39 -25.95 -22.11 38.80
N ILE A 40 -24.76 -22.59 38.47
CA ILE A 40 -24.58 -23.74 37.58
C ILE A 40 -25.27 -24.99 38.10
N MET A 41 -24.79 -25.51 39.23
CA MET A 41 -25.38 -26.72 39.80
C MET A 41 -26.70 -26.36 40.49
N ASP A 42 -27.47 -27.38 40.89
CA ASP A 42 -28.67 -27.10 41.65
C ASP A 42 -28.37 -26.44 43.00
N GLU A 43 -27.77 -27.20 43.92
CA GLU A 43 -27.13 -26.67 45.13
C GLU A 43 -25.86 -27.45 45.39
N SER A 44 -25.06 -27.65 44.33
CA SER A 44 -24.03 -28.69 44.29
C SER A 44 -24.68 -30.06 44.48
N ARG A 45 -25.81 -30.28 43.79
CA ARG A 45 -26.72 -31.35 44.15
C ARG A 45 -27.24 -32.14 42.95
N GLN A 46 -26.34 -32.68 42.12
CA GLN A 46 -26.69 -33.89 41.37
C GLN A 46 -27.83 -33.74 40.36
N ARG A 47 -27.51 -33.37 39.10
CA ARG A 47 -28.45 -33.01 38.03
C ARG A 47 -29.03 -31.62 38.21
N PRO A 48 -28.26 -30.59 37.84
CA PRO A 48 -28.51 -29.21 38.29
C PRO A 48 -29.88 -28.61 38.03
N ARG A 49 -30.06 -27.44 38.64
CA ARG A 49 -31.29 -26.67 38.64
C ARG A 49 -31.85 -26.46 37.24
N GLU A 50 -33.06 -26.94 37.01
CA GLU A 50 -33.74 -26.66 35.76
C GLU A 50 -33.91 -25.16 35.61
N GLY A 51 -33.83 -24.68 34.36
CA GLY A 51 -33.77 -23.25 34.11
C GLY A 51 -32.42 -22.64 34.41
N GLY A 52 -31.38 -23.45 34.59
CA GLY A 52 -30.02 -22.98 34.68
C GLY A 52 -29.25 -23.21 33.39
N LEU A 53 -27.95 -22.89 33.45
CA LEU A 53 -27.15 -22.99 32.24
C LEU A 53 -26.84 -24.43 31.83
N ASN A 54 -27.14 -25.40 32.67
CA ASN A 54 -26.94 -26.81 32.34
C ASN A 54 -28.25 -27.57 32.40
N ASP A 55 -29.32 -26.94 31.95
CA ASP A 55 -30.61 -27.61 31.86
C ASP A 55 -30.49 -28.77 30.89
N PRO A 56 -30.94 -29.97 31.25
CA PRO A 56 -30.92 -31.09 30.29
C PRO A 56 -31.78 -30.86 29.07
N LYS A 57 -32.66 -29.86 29.09
CA LYS A 57 -33.39 -29.52 27.87
C LYS A 57 -32.46 -28.96 26.81
N LEU A 58 -31.37 -28.30 27.23
CA LEU A 58 -30.40 -27.77 26.29
C LEU A 58 -29.68 -28.88 25.52
N GLY A 59 -29.68 -30.09 26.06
CA GLY A 59 -29.05 -31.23 25.40
C GLY A 59 -28.08 -31.95 26.32
N SER A 60 -27.60 -33.07 25.83
CA SER A 60 -26.74 -33.99 26.54
C SER A 60 -25.29 -33.79 26.13
N ILE A 61 -24.39 -33.79 27.12
CA ILE A 61 -22.96 -33.80 26.86
C ILE A 61 -22.27 -34.98 27.55
N ASP A 62 -23.06 -35.98 27.94
CA ASP A 62 -22.57 -37.17 28.63
C ASP A 62 -22.80 -38.38 27.74
N ARG A 63 -21.92 -39.39 27.89
CA ARG A 63 -21.97 -40.55 27.01
C ARG A 63 -23.10 -41.51 27.37
N ASN A 64 -23.46 -41.61 28.67
CA ASN A 64 -24.47 -42.55 29.14
C ASN A 64 -25.77 -41.86 29.52
N PHE A 65 -25.98 -40.63 29.02
CA PHE A 65 -27.22 -39.89 29.23
C PHE A 65 -27.69 -39.37 27.89
N LYS A 66 -29.01 -39.25 27.76
CA LYS A 66 -29.62 -38.78 26.52
C LYS A 66 -30.23 -37.39 26.71
N CYS A 67 -30.52 -36.75 25.58
CA CYS A 67 -31.09 -35.42 25.59
C CYS A 67 -32.57 -35.50 25.93
N GLN A 68 -32.99 -34.72 26.92
CA GLN A 68 -34.40 -34.72 27.30
C GLN A 68 -35.28 -33.98 26.30
N THR A 69 -34.68 -33.32 25.31
CA THR A 69 -35.45 -32.61 24.30
C THR A 69 -35.66 -33.48 23.06
N CYS A 70 -34.61 -34.13 22.57
CA CYS A 70 -34.72 -34.95 21.38
C CYS A 70 -34.55 -36.45 21.66
N GLY A 71 -34.08 -36.83 22.83
CA GLY A 71 -33.95 -38.23 23.18
C GLY A 71 -32.87 -38.97 22.41
N GLU A 72 -31.84 -38.27 21.98
CA GLU A 72 -30.76 -38.89 21.22
C GLU A 72 -29.46 -38.91 22.00
N GLY A 73 -28.61 -39.84 21.60
CA GLY A 73 -27.28 -39.96 22.17
C GLY A 73 -26.41 -38.73 21.91
N MET A 74 -25.26 -38.73 22.59
CA MET A 74 -24.28 -37.67 22.40
C MET A 74 -23.82 -37.56 20.96
N ALA A 75 -23.70 -38.69 20.26
CA ALA A 75 -23.20 -38.62 18.88
C ALA A 75 -24.14 -37.81 17.99
N GLU A 76 -25.45 -38.00 18.13
CA GLU A 76 -26.37 -37.40 17.16
C GLU A 76 -26.97 -36.08 17.61
N CYS A 77 -27.10 -35.86 18.92
CA CYS A 77 -27.80 -34.66 19.38
C CYS A 77 -27.00 -33.41 19.01
N PRO A 78 -27.58 -32.49 18.24
CA PRO A 78 -26.85 -31.27 17.86
C PRO A 78 -26.66 -30.29 19.00
N GLY A 79 -27.45 -30.39 20.04
CA GLY A 79 -27.51 -29.32 21.02
C GLY A 79 -28.70 -28.44 20.74
N HIS A 80 -29.21 -27.80 21.78
CA HIS A 80 -30.46 -27.07 21.64
C HIS A 80 -30.33 -25.71 22.31
N PHE A 81 -30.92 -24.69 21.70
CA PHE A 81 -30.78 -23.33 22.19
C PHE A 81 -31.85 -23.03 23.24
N GLY A 82 -31.47 -22.28 24.25
CA GLY A 82 -32.41 -21.63 25.13
C GLY A 82 -32.48 -20.14 24.87
N HIS A 83 -33.23 -19.45 25.71
CA HIS A 83 -33.29 -18.00 25.64
C HIS A 83 -33.27 -17.45 27.04
N MET A 84 -32.87 -16.19 27.15
CA MET A 84 -32.71 -15.53 28.45
C MET A 84 -33.12 -14.07 28.27
N GLU A 85 -34.36 -13.76 28.62
CA GLU A 85 -34.88 -12.41 28.46
C GLU A 85 -34.08 -11.41 29.28
N LEU A 86 -33.77 -10.27 28.68
CA LEU A 86 -33.02 -9.24 29.36
C LEU A 86 -33.99 -8.24 29.97
N ALA A 87 -33.58 -7.67 31.11
CA ALA A 87 -34.44 -6.68 31.77
C ALA A 87 -34.56 -5.42 30.93
N LYS A 88 -33.46 -4.96 30.36
CA LYS A 88 -33.49 -3.84 29.44
C LYS A 88 -32.84 -4.22 28.12
N PRO A 89 -33.30 -3.65 27.02
CA PRO A 89 -32.62 -3.88 25.73
C PRO A 89 -31.24 -3.26 25.69
N VAL A 90 -30.34 -3.91 24.93
CA VAL A 90 -28.96 -3.47 24.79
C VAL A 90 -28.58 -3.56 23.31
N PHE A 91 -27.56 -2.79 22.95
CA PHE A 91 -27.03 -2.81 21.60
C PHE A 91 -26.34 -4.13 21.29
N HIS A 92 -26.54 -4.63 20.08
CA HIS A 92 -25.63 -5.62 19.52
C HIS A 92 -24.31 -4.93 19.22
N ILE A 93 -23.22 -5.45 19.81
CA ILE A 93 -21.92 -4.80 19.68
C ILE A 93 -21.49 -4.72 18.22
N GLY A 94 -21.86 -5.70 17.41
CA GLY A 94 -21.43 -5.68 16.02
C GLY A 94 -22.29 -4.86 15.08
N PHE A 95 -23.16 -4.00 15.62
CA PHE A 95 -24.05 -3.22 14.77
C PHE A 95 -24.15 -1.77 15.23
N ILE A 96 -23.38 -1.35 16.25
CA ILE A 96 -23.46 0.02 16.73
C ILE A 96 -23.17 1.04 15.64
N PRO A 97 -22.13 0.89 14.82
CA PRO A 97 -21.92 1.87 13.73
C PRO A 97 -23.11 1.97 12.78
N LYS A 98 -23.74 0.85 12.45
CA LYS A 98 -24.88 0.91 11.55
C LYS A 98 -26.12 1.46 12.24
N ILE A 99 -26.28 1.19 13.54
CA ILE A 99 -27.34 1.85 14.29
C ILE A 99 -27.15 3.36 14.24
N LYS A 100 -25.92 3.84 14.44
CA LYS A 100 -25.53 5.27 14.34
C LYS A 100 -25.90 5.84 12.97
N LYS A 101 -25.51 5.16 11.88
CA LYS A 101 -25.82 5.61 10.51
C LYS A 101 -27.33 5.63 10.23
N VAL A 102 -28.12 4.68 10.74
CA VAL A 102 -29.57 4.73 10.55
C VAL A 102 -30.16 5.85 11.38
N CYS A 103 -29.62 6.08 12.58
CA CYS A 103 -30.08 7.19 13.41
C CYS A 103 -29.86 8.53 12.73
N GLU A 104 -28.69 8.71 12.10
CA GLU A 104 -28.37 9.90 11.32
C GLU A 104 -29.26 10.04 10.09
N CYS A 105 -29.69 8.93 9.49
CA CYS A 105 -30.45 9.00 8.24
C CYS A 105 -31.92 9.30 8.46
N ILE A 106 -32.52 8.78 9.52
CA ILE A 106 -33.97 8.81 9.65
C ILE A 106 -34.36 9.95 10.56
N CYS A 107 -35.65 10.28 10.57
CA CYS A 107 -36.23 11.24 11.50
C CYS A 107 -36.55 10.57 12.84
N MET A 108 -35.91 11.03 13.90
CA MET A 108 -35.90 10.36 15.20
C MET A 108 -37.19 10.64 16.01
N ASN A 109 -38.23 11.13 15.39
CA ASN A 109 -39.48 11.34 16.10
C ASN A 109 -40.66 10.65 15.46
N CYS A 110 -40.74 10.64 14.13
CA CYS A 110 -41.90 10.10 13.43
C CYS A 110 -41.55 8.89 12.56
N GLY A 111 -40.27 8.56 12.42
CA GLY A 111 -39.88 7.37 11.69
C GLY A 111 -40.08 7.51 10.20
N LYS A 112 -39.51 8.55 9.61
CA LYS A 112 -39.64 8.78 8.17
C LYS A 112 -38.32 9.31 7.63
N LEU A 113 -38.05 8.98 6.37
CA LEU A 113 -36.85 9.48 5.71
C LEU A 113 -36.89 11.00 5.60
N LEU A 114 -35.76 11.64 5.90
CA LEU A 114 -35.72 13.10 5.93
C LEU A 114 -36.01 13.71 4.57
N LEU A 115 -35.61 13.05 3.49
CA LEU A 115 -35.85 13.54 2.14
C LEU A 115 -36.62 12.50 1.35
N ASP A 116 -37.38 12.98 0.37
CA ASP A 116 -38.27 12.16 -0.44
C ASP A 116 -37.71 12.01 -1.85
N GLU A 117 -38.50 11.38 -2.72
CA GLU A 117 -38.23 11.32 -4.15
C GLU A 117 -38.42 12.66 -4.86
N THR A 118 -38.89 13.68 -4.15
CA THR A 118 -38.97 15.02 -4.75
C THR A 118 -37.59 15.52 -5.15
N ASN A 119 -36.63 15.41 -4.25
CA ASN A 119 -35.26 15.77 -4.55
C ASN A 119 -34.69 14.76 -5.53
N PRO A 120 -34.26 15.16 -6.74
CA PRO A 120 -33.89 14.16 -7.75
C PRO A 120 -32.61 13.42 -7.44
N THR A 121 -31.71 14.02 -6.64
CA THR A 121 -30.50 13.31 -6.25
C THR A 121 -30.83 12.05 -5.46
N MET A 122 -31.66 12.18 -4.43
CA MET A 122 -32.12 11.00 -3.71
C MET A 122 -33.07 10.16 -4.55
N ALA A 123 -33.85 10.79 -5.42
CA ALA A 123 -34.75 10.02 -6.29
C ALA A 123 -33.97 9.07 -7.19
N GLN A 124 -32.72 9.41 -7.51
CA GLN A 124 -31.88 8.49 -8.26
C GLN A 124 -30.97 7.64 -7.37
N ALA A 125 -30.66 8.10 -6.15
CA ALA A 125 -29.92 7.25 -5.22
C ALA A 125 -30.77 6.05 -4.78
N ILE A 126 -32.10 6.21 -4.76
CA ILE A 126 -32.97 5.07 -4.46
C ILE A 126 -32.80 3.97 -5.49
N ARG A 127 -32.44 4.35 -6.71
CA ARG A 127 -32.47 3.47 -7.88
C ARG A 127 -31.26 2.54 -7.98
N ILE A 128 -30.53 2.30 -6.88
CA ILE A 128 -29.43 1.33 -6.90
C ILE A 128 -29.94 -0.02 -6.41
N ARG A 129 -29.61 -1.08 -7.16
CA ARG A 129 -30.10 -2.41 -6.83
C ARG A 129 -29.38 -2.99 -5.61
N ASP A 130 -28.08 -2.71 -5.48
CA ASP A 130 -27.31 -3.23 -4.36
C ASP A 130 -27.77 -2.58 -3.06
N PRO A 131 -28.16 -3.36 -2.04
CA PRO A 131 -28.52 -2.76 -0.75
C PRO A 131 -27.44 -1.88 -0.15
N LYS A 132 -26.17 -2.28 -0.26
CA LYS A 132 -25.11 -1.51 0.39
C LYS A 132 -24.82 -0.22 -0.36
N LYS A 133 -24.76 -0.28 -1.69
CA LYS A 133 -24.55 0.94 -2.45
C LYS A 133 -25.75 1.89 -2.31
N ARG A 134 -26.96 1.35 -2.32
CA ARG A 134 -28.14 2.20 -2.10
C ARG A 134 -28.09 2.84 -0.72
N PHE A 135 -27.75 2.07 0.31
CA PHE A 135 -27.68 2.63 1.66
C PHE A 135 -26.61 3.72 1.75
N ASN A 136 -25.45 3.50 1.13
CA ASN A 136 -24.41 4.52 1.15
C ASN A 136 -24.86 5.77 0.40
N ALA A 137 -25.49 5.60 -0.75
CA ALA A 137 -25.90 6.75 -1.55
C ALA A 137 -27.05 7.51 -0.93
N VAL A 138 -27.85 6.87 -0.08
CA VAL A 138 -28.92 7.59 0.59
C VAL A 138 -28.42 8.24 1.88
N TRP A 139 -27.55 7.56 2.64
CA TRP A 139 -27.02 8.08 3.91
C TRP A 139 -26.12 9.29 3.67
N GLN A 140 -25.27 9.27 2.66
CA GLN A 140 -24.37 10.38 2.34
C GLN A 140 -25.07 11.67 1.88
N LEU A 141 -26.37 11.62 1.52
CA LEU A 141 -27.18 12.79 1.22
C LEU A 141 -28.12 13.14 2.36
N CYS A 142 -28.87 12.14 2.87
CA CYS A 142 -29.91 12.36 3.86
C CYS A 142 -29.34 12.70 5.24
N LYS A 143 -28.04 12.49 5.50
CA LYS A 143 -27.45 12.72 6.84
C LYS A 143 -27.35 14.20 7.21
N THR A 144 -27.48 15.13 6.25
CA THR A 144 -27.21 16.54 6.52
C THR A 144 -28.45 17.37 6.72
N LYS A 145 -29.61 16.94 6.22
CA LYS A 145 -30.84 17.69 6.45
C LYS A 145 -31.22 17.56 7.93
N MET A 146 -31.36 18.68 8.61
CA MET A 146 -31.56 18.68 10.06
C MET A 146 -33.01 18.95 10.46
N VAL A 147 -33.97 18.48 9.66
CA VAL A 147 -35.38 18.60 10.01
C VAL A 147 -36.17 17.62 9.15
N CYS A 148 -37.34 17.22 9.66
CA CYS A 148 -38.30 16.42 8.90
C CYS A 148 -39.37 17.35 8.34
N GLU A 149 -39.05 17.97 7.21
CA GLU A 149 -39.95 18.93 6.59
C GLU A 149 -41.30 18.27 6.28
N ALA A 150 -42.38 18.94 6.68
CA ALA A 150 -43.73 18.43 6.48
C ALA A 150 -44.28 18.74 5.09
N ASP A 151 -43.62 19.63 4.33
CA ASP A 151 -44.04 19.97 2.98
C ASP A 151 -42.95 19.58 2.00
N ALA A 152 -43.34 18.93 0.92
CA ALA A 152 -42.39 18.61 -0.15
C ALA A 152 -42.03 19.88 -0.92
N PRO A 153 -40.73 20.16 -1.12
CA PRO A 153 -40.25 21.36 -1.81
C PRO A 153 -40.86 21.53 -3.20
N LYS A 161 -49.95 27.01 -3.16
CA LYS A 161 -50.57 25.85 -2.53
C LYS A 161 -49.61 25.15 -1.57
N VAL A 162 -50.16 24.55 -0.53
CA VAL A 162 -49.37 23.84 0.48
C VAL A 162 -49.73 22.36 0.38
N VAL A 163 -48.73 21.54 0.03
CA VAL A 163 -48.90 20.09 -0.11
C VAL A 163 -48.05 19.44 0.96
N SER A 164 -48.67 18.67 1.85
CA SER A 164 -47.98 18.05 2.97
C SER A 164 -47.54 16.64 2.61
N ARG A 165 -46.27 16.33 2.84
CA ARG A 165 -45.75 14.99 2.67
C ARG A 165 -45.97 14.10 3.89
N GLY A 166 -46.65 14.61 4.92
CA GLY A 166 -46.82 13.86 6.15
C GLY A 166 -45.72 14.02 7.17
N GLY A 167 -44.68 14.80 6.88
CA GLY A 167 -43.60 14.97 7.82
C GLY A 167 -44.02 15.68 9.10
N CYS A 168 -43.08 15.85 10.03
CA CYS A 168 -43.40 16.43 11.33
C CYS A 168 -42.83 17.82 11.54
N GLY A 169 -41.54 18.02 11.27
CA GLY A 169 -40.91 19.32 11.49
C GLY A 169 -39.95 19.39 12.65
N ASN A 170 -39.62 18.26 13.28
CA ASN A 170 -38.69 18.26 14.40
C ASN A 170 -37.26 18.24 13.90
N THR A 171 -36.39 18.96 14.61
CA THR A 171 -34.99 19.07 14.21
C THR A 171 -34.25 17.76 14.50
N GLN A 172 -33.10 17.60 13.82
CA GLN A 172 -32.35 16.37 13.90
C GLN A 172 -31.14 16.52 14.80
N PRO A 173 -30.74 15.46 15.51
CA PRO A 173 -29.57 15.54 16.39
C PRO A 173 -28.29 15.18 15.65
N VAL A 174 -27.14 15.72 16.09
CA VAL A 174 -25.80 15.29 15.63
C VAL A 174 -25.38 14.09 16.46
N VAL A 175 -25.53 12.90 15.89
CA VAL A 175 -25.16 11.66 16.55
C VAL A 175 -23.65 11.53 16.67
N ARG A 176 -23.20 10.94 17.77
CA ARG A 176 -21.79 10.71 18.04
C ARG A 176 -21.68 9.43 18.85
N LYS A 177 -20.51 8.79 18.79
CA LYS A 177 -20.30 7.52 19.47
C LYS A 177 -19.17 7.67 20.48
N ASP A 178 -19.44 7.31 21.73
CA ASP A 178 -18.44 7.29 22.79
C ASP A 178 -18.53 5.96 23.54
N GLY A 179 -17.83 4.95 23.04
CA GLY A 179 -17.88 3.62 23.61
C GLY A 179 -19.07 2.81 23.12
N MET A 180 -19.96 2.43 24.03
CA MET A 180 -21.22 1.80 23.68
C MET A 180 -22.40 2.73 23.84
N LYS A 181 -22.16 4.01 24.13
CA LYS A 181 -23.22 4.97 24.38
C LYS A 181 -23.37 5.90 23.19
N LEU A 182 -24.57 5.92 22.61
CA LEU A 182 -24.87 6.75 21.45
C LEU A 182 -25.40 8.10 21.91
N TRP A 183 -24.56 9.13 21.80
CA TRP A 183 -24.96 10.50 22.13
C TRP A 183 -25.58 11.17 20.91
N GLY A 184 -26.60 11.97 21.16
CA GLY A 184 -27.21 12.77 20.10
C GLY A 184 -27.36 14.22 20.50
N THR A 185 -26.68 15.12 19.78
CA THR A 185 -26.64 16.53 20.13
C THR A 185 -27.76 17.28 19.42
N TRP A 186 -28.72 17.79 20.18
CA TRP A 186 -29.77 18.65 19.65
C TRP A 186 -29.34 20.11 19.77
N LYS A 187 -29.17 20.77 18.64
CA LYS A 187 -28.78 22.18 18.61
C LYS A 187 -30.06 22.99 18.43
N LYS A 188 -30.69 23.32 19.54
CA LYS A 188 -31.94 24.06 19.53
C LYS A 188 -31.70 25.50 19.14
N SER A 189 -32.79 26.28 19.10
CA SER A 189 -32.71 27.68 18.71
C SER A 189 -33.93 28.45 19.21
N ALA A 196 -26.39 28.73 20.35
CA ALA A 196 -26.73 28.55 21.76
C ALA A 196 -26.31 27.18 22.26
N GLN A 197 -26.82 26.80 23.43
CA GLN A 197 -26.41 25.59 24.13
C GLN A 197 -27.06 24.37 23.48
N PRO A 198 -26.29 23.51 22.81
CA PRO A 198 -26.84 22.26 22.28
C PRO A 198 -26.95 21.19 23.35
N GLU A 199 -28.19 20.90 23.78
CA GLU A 199 -28.44 19.94 24.84
C GLU A 199 -28.16 18.52 24.36
N ARG A 200 -27.05 17.94 24.79
CA ARG A 200 -26.65 16.60 24.37
C ARG A 200 -27.17 15.58 25.36
N LYS A 201 -27.98 14.63 24.88
CA LYS A 201 -28.60 13.61 25.71
C LYS A 201 -28.17 12.21 25.27
N LEU A 202 -28.21 11.28 26.23
CA LEU A 202 -27.90 9.89 25.94
C LEU A 202 -29.07 9.19 25.27
N LEU A 203 -28.77 8.44 24.21
CA LEU A 203 -29.76 7.65 23.49
C LEU A 203 -29.65 6.21 23.98
N THR A 204 -30.63 5.77 24.75
CA THR A 204 -30.65 4.41 25.28
C THR A 204 -31.07 3.43 24.19
N PRO A 205 -30.69 2.16 24.33
CA PRO A 205 -31.16 1.16 23.36
C PRO A 205 -32.67 1.05 23.27
N GLY A 206 -33.40 1.25 24.37
CA GLY A 206 -34.85 1.14 24.31
C GLY A 206 -35.53 2.24 23.52
N GLU A 207 -35.06 3.48 23.68
CA GLU A 207 -35.65 4.58 22.92
C GLU A 207 -35.39 4.40 21.43
N ILE A 208 -34.15 4.04 21.06
CA ILE A 208 -33.83 3.77 19.67
C ILE A 208 -34.65 2.60 19.14
N LEU A 209 -34.90 1.60 19.99
CA LEU A 209 -35.73 0.48 19.57
C LEU A 209 -37.16 0.94 19.28
N ASN A 210 -37.71 1.79 20.14
CA ASN A 210 -39.05 2.33 19.91
C ASN A 210 -39.11 3.16 18.63
N VAL A 211 -38.10 4.00 18.41
CA VAL A 211 -38.03 4.79 17.17
C VAL A 211 -37.95 3.86 15.96
N PHE A 212 -37.22 2.76 16.10
CA PHE A 212 -36.95 1.87 14.98
C PHE A 212 -38.14 1.01 14.63
N LYS A 213 -38.98 0.69 15.62
CA LYS A 213 -40.18 -0.10 15.34
C LYS A 213 -41.16 0.64 14.45
N HIS A 214 -41.05 1.97 14.38
CA HIS A 214 -41.99 2.81 13.65
C HIS A 214 -41.64 2.94 12.17
N ILE A 215 -40.46 2.49 11.75
CA ILE A 215 -40.08 2.59 10.35
C ILE A 215 -41.04 1.76 9.49
N SER A 216 -41.56 2.38 8.45
CA SER A 216 -42.54 1.71 7.61
C SER A 216 -41.82 0.75 6.66
N PRO A 217 -42.52 -0.28 6.16
CA PRO A 217 -41.84 -1.26 5.31
C PRO A 217 -41.16 -0.66 4.09
N GLU A 218 -41.79 0.31 3.43
CA GLU A 218 -41.17 0.92 2.25
C GLU A 218 -40.01 1.82 2.64
N ASP A 219 -40.17 2.60 3.71
CA ASP A 219 -39.04 3.34 4.28
C ASP A 219 -37.90 2.38 4.57
N CYS A 220 -38.21 1.26 5.20
CA CYS A 220 -37.20 0.26 5.51
C CYS A 220 -36.50 -0.20 4.22
N PHE A 221 -37.27 -0.43 3.15
CA PHE A 221 -36.67 -0.84 1.89
C PHE A 221 -35.70 0.21 1.35
N ARG A 222 -36.04 1.50 1.45
CA ARG A 222 -35.15 2.51 0.87
C ARG A 222 -33.77 2.51 1.52
N LEU A 223 -33.68 2.42 2.85
CA LEU A 223 -32.36 2.39 3.45
C LEU A 223 -31.57 1.13 3.13
N GLY A 224 -32.21 0.10 2.58
CA GLY A 224 -31.50 -1.09 2.16
C GLY A 224 -31.66 -2.30 3.04
N PHE A 225 -32.62 -2.28 3.97
CA PHE A 225 -32.86 -3.42 4.84
C PHE A 225 -33.87 -4.36 4.18
N ASN A 226 -34.38 -5.32 4.93
CA ASN A 226 -35.32 -6.29 4.41
C ASN A 226 -36.50 -6.43 5.36
N GLU A 227 -37.68 -6.67 4.78
CA GLU A 227 -38.87 -6.80 5.61
C GLU A 227 -38.94 -8.15 6.29
N ASP A 228 -38.39 -9.19 5.66
CA ASP A 228 -38.52 -10.55 6.17
C ASP A 228 -37.28 -11.01 6.92
N TYR A 229 -36.10 -10.51 6.56
CA TYR A 229 -34.84 -11.04 7.05
C TYR A 229 -34.06 -10.08 7.93
N ALA A 230 -34.11 -8.78 7.66
CA ALA A 230 -33.28 -7.84 8.41
C ALA A 230 -34.06 -6.55 8.64
N ARG A 231 -34.67 -6.44 9.78
CA ARG A 231 -35.45 -5.30 10.26
C ARG A 231 -34.58 -4.48 11.19
N PRO A 232 -34.47 -3.17 11.00
CA PRO A 232 -33.43 -2.40 11.71
C PRO A 232 -33.50 -2.48 13.23
N GLU A 233 -34.67 -2.80 13.81
CA GLU A 233 -34.74 -2.90 15.26
C GLU A 233 -34.22 -4.22 15.79
N TRP A 234 -34.10 -5.25 14.94
CA TRP A 234 -33.48 -6.49 15.37
C TRP A 234 -31.99 -6.37 15.58
N MET A 235 -31.40 -5.21 15.30
CA MET A 235 -30.02 -4.91 15.68
C MET A 235 -29.89 -4.48 17.13
N ILE A 236 -30.98 -4.47 17.87
CA ILE A 236 -30.98 -4.21 19.31
C ILE A 236 -31.44 -5.48 20.02
N ILE A 237 -30.64 -5.94 20.98
CA ILE A 237 -30.90 -7.20 21.67
C ILE A 237 -31.86 -6.95 22.83
N THR A 238 -32.96 -7.70 22.86
CA THR A 238 -33.89 -7.70 23.97
C THR A 238 -34.03 -9.07 24.63
N VAL A 239 -33.88 -10.14 23.88
CA VAL A 239 -33.78 -11.49 24.42
C VAL A 239 -32.56 -12.16 23.81
N LEU A 240 -31.81 -12.88 24.63
CA LEU A 240 -30.52 -13.39 24.22
C LEU A 240 -30.58 -14.90 24.10
N PRO A 241 -30.14 -15.47 22.98
CA PRO A 241 -30.10 -16.93 22.86
C PRO A 241 -28.99 -17.49 23.72
N VAL A 242 -29.26 -18.64 24.33
CA VAL A 242 -28.28 -19.35 25.13
C VAL A 242 -27.83 -20.57 24.35
N PRO A 243 -26.55 -20.67 23.97
CA PRO A 243 -26.12 -21.78 23.15
C PRO A 243 -26.10 -23.07 23.94
N PRO A 244 -26.26 -24.21 23.28
CA PRO A 244 -26.20 -25.49 23.98
C PRO A 244 -24.82 -25.70 24.60
N PRO A 245 -24.70 -26.66 25.52
CA PRO A 245 -23.38 -26.91 26.13
C PRO A 245 -22.36 -27.45 25.14
N GLN A 246 -22.79 -27.99 23.99
CA GLN A 246 -21.83 -28.42 22.98
C GLN A 246 -20.90 -27.29 22.58
N VAL A 247 -21.44 -26.08 22.41
CA VAL A 247 -20.60 -24.94 22.05
C VAL A 247 -19.69 -24.52 23.18
N ARG A 248 -20.01 -24.89 24.41
CA ARG A 248 -19.21 -24.50 25.59
C ARG A 248 -19.06 -25.69 26.53
N PRO A 249 -18.47 -26.78 26.08
CA PRO A 249 -18.42 -27.98 26.92
C PRO A 249 -17.46 -27.79 28.08
N SER A 250 -17.75 -28.50 29.18
CA SER A 250 -16.81 -28.50 30.28
C SER A 250 -15.68 -29.50 29.99
N ILE A 251 -14.68 -29.50 30.85
CA ILE A 251 -13.51 -30.37 30.71
C ILE A 251 -13.06 -30.84 32.08
N ALA A 252 -12.15 -31.82 32.07
CA ALA A 252 -11.69 -32.48 33.27
C ALA A 252 -10.20 -32.24 33.40
N MET A 253 -9.75 -31.81 34.58
CA MET A 253 -8.36 -31.39 34.74
C MET A 253 -7.52 -32.48 35.40
N ASP A 254 -7.88 -32.91 36.61
CA ASP A 254 -7.26 -34.12 37.19
C ASP A 254 -8.35 -35.04 37.76
N GLU A 255 -8.99 -35.78 36.85
CA GLU A 255 -9.83 -36.95 37.10
C GLU A 255 -11.07 -36.69 37.96
N THR A 256 -11.18 -35.53 38.60
CA THR A 256 -12.36 -35.27 39.44
C THR A 256 -12.82 -33.83 39.40
N THR A 257 -12.18 -32.96 38.64
CA THR A 257 -12.37 -31.52 38.71
C THR A 257 -12.87 -31.03 37.35
N GLN A 258 -13.72 -30.00 37.36
CA GLN A 258 -14.15 -29.44 36.09
C GLN A 258 -14.37 -27.94 36.24
N GLY A 259 -13.89 -27.20 35.24
CA GLY A 259 -14.19 -25.78 35.11
C GLY A 259 -15.00 -25.56 33.84
N GLN A 260 -15.99 -24.67 33.94
CA GLN A 260 -16.82 -24.35 32.79
C GLN A 260 -16.05 -23.54 31.76
N ASP A 261 -16.51 -23.62 30.52
CA ASP A 261 -15.94 -22.84 29.43
C ASP A 261 -16.19 -21.35 29.67
N ASP A 262 -15.43 -20.53 28.95
CA ASP A 262 -15.53 -19.08 29.11
C ASP A 262 -16.95 -18.59 28.83
N LEU A 263 -17.58 -19.11 27.78
CA LEU A 263 -18.94 -18.67 27.46
C LEU A 263 -19.91 -18.95 28.61
N THR A 264 -19.69 -20.04 29.35
CA THR A 264 -20.61 -20.37 30.44
C THR A 264 -20.47 -19.37 31.58
N HIS A 265 -19.24 -19.07 32.00
CA HIS A 265 -19.03 -18.08 33.03
C HIS A 265 -19.50 -16.70 32.58
N LYS A 266 -19.34 -16.38 31.30
CA LYS A 266 -19.82 -15.10 30.78
C LYS A 266 -21.33 -15.03 30.87
N LEU A 267 -22.03 -16.11 30.51
CA LEU A 267 -23.48 -16.14 30.64
C LEU A 267 -23.91 -16.03 32.09
N SER A 268 -23.15 -16.66 33.00
CA SER A 268 -23.46 -16.52 34.42
C SER A 268 -23.31 -15.08 34.88
N ASP A 269 -22.25 -14.40 34.43
CA ASP A 269 -22.07 -13.00 34.78
C ASP A 269 -23.20 -12.14 34.22
N ILE A 270 -23.65 -12.46 33.00
CA ILE A 270 -24.78 -11.73 32.42
C ILE A 270 -26.03 -11.94 33.25
N LEU A 271 -26.26 -13.18 33.71
CA LEU A 271 -27.43 -13.45 34.54
C LEU A 271 -27.36 -12.69 35.86
N LYS A 272 -26.19 -12.65 36.49
CA LYS A 272 -26.03 -11.83 37.70
C LYS A 272 -26.35 -10.37 37.42
N ALA A 273 -25.87 -9.84 36.31
CA ALA A 273 -26.15 -8.46 35.95
C ALA A 273 -27.65 -8.24 35.74
N ASN A 274 -28.31 -9.19 35.07
CA ASN A 274 -29.74 -9.08 34.84
C ASN A 274 -30.51 -9.04 36.14
N ILE A 275 -30.17 -9.92 37.08
CA ILE A 275 -30.89 -9.95 38.35
C ILE A 275 -30.63 -8.67 39.13
N ASN A 276 -29.39 -8.16 39.09
CA ASN A 276 -29.12 -6.88 39.75
C ASN A 276 -29.93 -5.74 39.13
N VAL A 277 -30.13 -5.78 37.81
CA VAL A 277 -31.02 -4.81 37.18
C VAL A 277 -32.43 -4.96 37.72
N GLN A 278 -32.90 -6.20 37.86
CA GLN A 278 -34.23 -6.44 38.43
C GLN A 278 -34.31 -6.22 39.94
N LYS A 279 -33.25 -5.71 40.59
CA LYS A 279 -33.29 -5.32 41.99
C LYS A 279 -33.27 -3.81 42.17
N LEU A 280 -33.39 -3.04 41.09
CA LEU A 280 -33.40 -1.59 41.15
C LEU A 280 -34.73 -0.96 40.79
N GLU A 281 -35.41 -1.46 39.77
CA GLU A 281 -36.76 -0.99 39.45
C GLU A 281 -37.81 -1.59 40.36
N MET A 282 -37.41 -2.21 41.47
CA MET A 282 -38.33 -2.72 42.47
C MET A 282 -38.20 -2.01 43.80
N ASP A 283 -37.25 -1.08 43.95
CA ASP A 283 -37.04 -0.40 45.22
C ASP A 283 -36.25 0.88 44.96
N GLY A 284 -35.74 1.48 46.04
CA GLY A 284 -35.00 2.72 45.92
C GLY A 284 -33.81 2.59 44.99
N SER A 285 -33.62 3.60 44.15
CA SER A 285 -32.61 3.59 43.09
C SER A 285 -32.32 5.03 42.69
N PRO A 286 -31.39 5.71 43.37
CA PRO A 286 -31.22 7.15 43.13
C PRO A 286 -30.46 7.50 41.86
N GLN A 287 -30.78 6.81 40.77
CA GLN A 287 -30.45 7.22 39.41
C GLN A 287 -28.95 7.11 39.13
N HIS A 288 -28.15 6.88 40.16
CA HIS A 288 -26.72 6.61 39.98
C HIS A 288 -26.40 5.14 40.24
N ILE A 289 -27.42 4.30 40.39
CA ILE A 289 -27.24 2.87 40.39
C ILE A 289 -27.93 2.21 39.21
N ILE A 290 -29.04 2.78 38.72
CA ILE A 290 -29.71 2.24 37.54
C ILE A 290 -28.79 2.31 36.33
N ASN A 291 -28.21 3.48 36.07
CA ASN A 291 -27.26 3.62 34.98
C ASN A 291 -26.07 2.68 35.14
N GLU A 292 -25.52 2.59 36.35
CA GLU A 292 -24.33 1.75 36.56
C GLU A 292 -24.63 0.28 36.28
N VAL A 293 -25.75 -0.22 36.79
CA VAL A 293 -26.05 -1.64 36.65
C VAL A 293 -26.50 -1.97 35.24
N GLU A 294 -27.32 -1.10 34.63
CA GLU A 294 -27.68 -1.31 33.23
C GLU A 294 -26.46 -1.27 32.32
N GLN A 295 -25.48 -0.41 32.64
CA GLN A 295 -24.25 -0.38 31.86
C GLN A 295 -23.40 -1.61 32.11
N LEU A 296 -23.46 -2.16 33.33
CA LEU A 296 -22.81 -3.45 33.59
C LEU A 296 -23.42 -4.54 32.72
N LEU A 297 -24.75 -4.56 32.60
CA LEU A 297 -25.41 -5.51 31.71
C LEU A 297 -24.96 -5.30 30.27
N GLN A 298 -24.90 -4.04 29.84
CA GLN A 298 -24.49 -3.74 28.47
C GLN A 298 -23.07 -4.23 28.21
N PHE A 299 -22.18 -4.01 29.17
CA PHE A 299 -20.78 -4.40 28.99
C PHE A 299 -20.62 -5.91 29.00
N HIS A 300 -21.32 -6.60 29.89
CA HIS A 300 -21.25 -8.08 29.88
C HIS A 300 -21.78 -8.64 28.58
N VAL A 301 -22.91 -8.11 28.08
CA VAL A 301 -23.46 -8.61 26.83
C VAL A 301 -22.52 -8.31 25.67
N ALA A 302 -21.92 -7.11 25.66
CA ALA A 302 -21.01 -6.74 24.59
C ALA A 302 -19.79 -7.67 24.56
N THR A 303 -19.13 -7.83 25.71
CA THR A 303 -17.94 -8.67 25.73
C THR A 303 -18.25 -10.16 25.63
N TYR A 304 -19.50 -10.56 25.81
CA TYR A 304 -19.87 -11.94 25.48
C TYR A 304 -19.75 -12.22 23.98
N MET A 305 -19.85 -11.20 23.14
CA MET A 305 -19.79 -11.36 21.70
C MET A 305 -18.49 -10.87 21.09
N ASP A 306 -17.86 -9.85 21.69
CA ASP A 306 -16.69 -9.19 21.12
C ASP A 306 -15.91 -8.60 22.28
N ASN A 307 -14.79 -9.25 22.61
CA ASN A 307 -13.95 -8.80 23.72
C ASN A 307 -12.72 -8.04 23.22
N ASP A 308 -12.79 -7.52 21.99
CA ASP A 308 -11.69 -6.74 21.42
C ASP A 308 -12.19 -5.35 21.08
N ILE A 309 -12.92 -4.72 21.99
CA ILE A 309 -13.50 -3.41 21.74
C ILE A 309 -12.46 -2.35 22.06
N ALA A 310 -12.24 -1.45 21.11
CA ALA A 310 -11.22 -0.43 21.27
C ALA A 310 -11.56 0.54 22.40
N GLY A 311 -10.52 0.96 23.12
CA GLY A 311 -10.65 1.98 24.15
C GLY A 311 -11.44 1.62 25.39
N GLN A 312 -11.29 0.40 25.89
CA GLN A 312 -11.88 0.00 27.16
C GLN A 312 -11.17 -1.25 27.65
N PRO A 313 -11.25 -1.55 28.95
CA PRO A 313 -10.69 -2.81 29.43
C PRO A 313 -11.41 -4.01 28.86
N GLN A 314 -10.78 -5.17 28.99
CA GLN A 314 -11.34 -6.43 28.55
C GLN A 314 -11.92 -7.22 29.73
N ALA A 315 -13.05 -7.86 29.49
CA ALA A 315 -13.59 -8.84 30.42
C ALA A 315 -12.52 -9.90 30.70
N LEU A 316 -12.10 -9.99 31.95
CA LEU A 316 -10.97 -10.81 32.33
C LEU A 316 -11.42 -12.06 33.08
N GLN A 317 -10.56 -13.07 33.04
CA GLN A 317 -10.67 -14.23 33.92
C GLN A 317 -9.90 -13.99 35.21
N LYS A 318 -10.28 -14.72 36.26
CA LYS A 318 -9.57 -14.60 37.52
C LYS A 318 -8.15 -15.14 37.44
N SER A 319 -7.81 -15.84 36.35
CA SER A 319 -6.43 -16.18 36.05
C SER A 319 -5.68 -15.05 35.38
N GLY A 320 -6.36 -13.94 35.05
CA GLY A 320 -5.76 -12.80 34.42
C GLY A 320 -5.93 -12.75 32.91
N ARG A 321 -6.22 -13.89 32.30
CA ARG A 321 -6.46 -13.95 30.87
C ARG A 321 -7.79 -13.27 30.51
N PRO A 322 -7.92 -12.77 29.28
CA PRO A 322 -9.20 -12.26 28.82
C PRO A 322 -10.14 -13.38 28.41
N VAL A 323 -11.43 -13.08 28.42
CA VAL A 323 -12.44 -14.06 28.05
C VAL A 323 -12.34 -14.37 26.56
N LYS A 324 -12.46 -15.65 26.22
CA LYS A 324 -12.46 -16.10 24.83
C LYS A 324 -13.84 -15.82 24.24
N ALA A 325 -13.99 -14.63 23.66
CA ALA A 325 -15.26 -14.26 23.07
C ALA A 325 -15.51 -15.04 21.78
N ILE A 326 -16.76 -14.97 21.30
CA ILE A 326 -17.14 -15.68 20.10
C ILE A 326 -16.40 -15.13 18.89
N ARG A 327 -16.28 -13.82 18.80
CA ARG A 327 -15.53 -13.22 17.69
C ARG A 327 -14.10 -13.72 17.67
N ALA A 328 -13.44 -13.73 18.83
CA ALA A 328 -12.10 -14.29 18.93
C ALA A 328 -12.10 -15.78 18.59
N ARG A 329 -13.21 -16.47 18.84
CA ARG A 329 -13.35 -17.85 18.40
C ARG A 329 -13.36 -17.96 16.89
N LEU A 330 -13.86 -16.95 16.19
CA LEU A 330 -14.11 -17.08 14.76
C LEU A 330 -12.96 -16.60 13.88
N LYS A 331 -12.06 -15.77 14.37
CA LYS A 331 -11.09 -15.12 13.52
C LYS A 331 -9.69 -15.71 13.72
N GLY A 332 -8.86 -15.56 12.69
CA GLY A 332 -7.43 -15.82 12.76
C GLY A 332 -7.05 -17.13 12.10
N LYS A 333 -5.74 -17.35 12.05
CA LYS A 333 -5.19 -18.62 11.58
C LYS A 333 -5.75 -19.80 12.37
N GLU A 334 -5.96 -19.62 13.67
CA GLU A 334 -6.43 -20.69 14.54
C GLU A 334 -7.93 -20.62 14.81
N GLY A 335 -8.63 -19.64 14.23
CA GLY A 335 -10.06 -19.53 14.45
C GLY A 335 -10.81 -20.61 13.69
N ARG A 336 -12.14 -20.53 13.79
CA ARG A 336 -12.98 -21.54 13.15
C ARG A 336 -12.74 -21.61 11.65
N LEU A 337 -12.77 -20.47 10.97
CA LEU A 337 -12.80 -20.46 9.51
C LEU A 337 -11.50 -20.99 8.92
N ARG A 338 -10.37 -20.48 9.38
CA ARG A 338 -9.09 -20.88 8.81
C ARG A 338 -8.47 -22.08 9.53
N GLY A 339 -8.90 -22.38 10.75
CA GLY A 339 -8.28 -23.45 11.51
C GLY A 339 -9.09 -24.71 11.50
N ASN A 340 -10.35 -24.65 11.08
CA ASN A 340 -11.22 -25.80 11.09
C ASN A 340 -12.04 -25.97 9.81
N LEU A 341 -12.07 -24.97 8.93
CA LEU A 341 -12.89 -25.02 7.73
C LEU A 341 -12.05 -24.92 6.47
N MET A 342 -11.13 -23.96 6.40
CA MET A 342 -10.21 -23.92 5.25
C MET A 342 -9.16 -25.01 5.35
N GLY A 343 -8.80 -25.38 6.57
CA GLY A 343 -7.91 -26.51 6.79
C GLY A 343 -8.23 -27.17 8.10
N LYS A 344 -8.00 -28.48 8.16
CA LYS A 344 -8.38 -29.24 9.35
C LYS A 344 -7.49 -30.47 9.41
N ARG A 345 -7.47 -31.09 10.58
CA ARG A 345 -6.74 -32.34 10.76
C ARG A 345 -7.56 -33.51 10.25
N VAL A 346 -6.89 -34.49 9.65
CA VAL A 346 -7.56 -35.56 8.95
C VAL A 346 -7.03 -36.91 9.44
N ASP A 347 -7.89 -37.90 9.38
CA ASP A 347 -7.52 -39.28 9.65
C ASP A 347 -6.74 -39.85 8.46
N PHE A 348 -6.27 -41.08 8.63
CA PHE A 348 -5.71 -41.88 7.55
C PHE A 348 -4.55 -41.17 6.87
N SER A 349 -3.66 -40.62 7.70
CA SER A 349 -2.46 -39.96 7.25
C SER A 349 -1.29 -40.48 8.05
N ALA A 350 -0.09 -40.29 7.52
CA ALA A 350 1.12 -40.75 8.15
C ALA A 350 2.24 -39.76 7.89
N ARG A 351 3.29 -39.86 8.68
CA ARG A 351 4.41 -38.95 8.51
C ARG A 351 5.65 -39.62 9.07
N THR A 352 6.75 -39.53 8.35
CA THR A 352 8.05 -40.01 8.81
C THR A 352 9.13 -39.43 7.90
N VAL A 353 10.37 -39.63 8.30
CA VAL A 353 11.50 -39.15 7.51
C VAL A 353 11.54 -39.86 6.15
N ILE A 354 12.00 -39.14 5.14
CA ILE A 354 12.09 -39.66 3.78
C ILE A 354 13.52 -40.08 3.51
N SER A 355 13.69 -41.10 2.67
CA SER A 355 15.00 -41.55 2.22
C SER A 355 14.98 -41.75 0.72
N GLY A 356 16.17 -41.77 0.13
CA GLY A 356 16.32 -41.94 -1.30
C GLY A 356 16.62 -43.39 -1.65
N ASP A 357 16.07 -43.83 -2.78
CA ASP A 357 16.22 -45.21 -3.23
C ASP A 357 16.41 -45.21 -4.75
N PRO A 358 17.63 -45.43 -5.23
CA PRO A 358 17.85 -45.49 -6.68
C PRO A 358 17.10 -46.59 -7.37
N ASN A 359 16.60 -47.57 -6.64
CA ASN A 359 16.02 -48.77 -7.24
C ASN A 359 14.51 -48.73 -7.27
N LEU A 360 13.91 -47.62 -6.87
CA LEU A 360 12.47 -47.46 -6.98
C LEU A 360 12.15 -46.79 -8.31
N GLU A 361 10.95 -47.06 -8.81
CA GLU A 361 10.48 -46.38 -10.01
C GLU A 361 10.07 -44.95 -9.64
N LEU A 362 9.83 -44.13 -10.66
CA LEU A 362 9.58 -42.71 -10.44
C LEU A 362 8.30 -42.50 -9.64
N ASP A 363 7.25 -43.26 -9.95
CA ASP A 363 5.96 -43.13 -9.28
C ASP A 363 5.77 -44.14 -8.15
N GLN A 364 6.85 -44.62 -7.56
CA GLN A 364 6.80 -45.52 -6.41
C GLN A 364 7.27 -44.80 -5.17
N VAL A 365 6.63 -45.12 -4.04
CA VAL A 365 7.07 -44.66 -2.73
C VAL A 365 7.20 -45.87 -1.81
N GLY A 366 8.32 -45.95 -1.08
CA GLY A 366 8.53 -47.03 -0.14
C GLY A 366 7.88 -46.72 1.19
N VAL A 367 7.02 -47.62 1.66
CA VAL A 367 6.20 -47.39 2.84
C VAL A 367 6.66 -48.35 3.92
N PRO A 368 6.97 -47.87 5.12
CA PRO A 368 7.36 -48.78 6.21
C PRO A 368 6.28 -49.79 6.51
N ILE A 369 6.71 -50.97 6.95
CA ILE A 369 5.75 -52.03 7.26
C ILE A 369 4.80 -51.60 8.36
N SER A 370 5.32 -50.93 9.40
CA SER A 370 4.47 -50.53 10.52
C SER A 370 3.40 -49.56 10.08
N ILE A 371 3.74 -48.60 9.22
CA ILE A 371 2.74 -47.69 8.68
C ILE A 371 1.80 -48.42 7.75
N ALA A 372 2.32 -49.34 6.94
CA ALA A 372 1.45 -50.09 6.04
C ALA A 372 0.42 -50.90 6.81
N LYS A 373 0.74 -51.30 8.03
CA LYS A 373 -0.22 -52.03 8.86
C LYS A 373 -1.10 -51.11 9.68
N THR A 374 -0.61 -49.93 10.07
CA THR A 374 -1.44 -48.99 10.80
C THR A 374 -2.50 -48.35 9.91
N LEU A 375 -2.13 -47.93 8.71
CA LEU A 375 -3.10 -47.37 7.78
C LEU A 375 -3.86 -48.48 7.07
N SER A 376 -5.01 -48.11 6.51
CA SER A 376 -5.89 -49.11 5.93
C SER A 376 -6.69 -48.52 4.77
N TYR A 377 -7.19 -49.42 3.93
CA TYR A 377 -8.08 -49.08 2.82
C TYR A 377 -9.33 -49.96 2.88
N PRO A 378 -10.52 -49.39 2.81
CA PRO A 378 -11.76 -50.19 2.82
C PRO A 378 -12.10 -50.69 1.42
N GLU A 379 -12.15 -52.01 1.27
CA GLU A 379 -12.33 -52.66 -0.03
C GLU A 379 -13.63 -53.45 0.01
N THR A 380 -14.60 -53.03 -0.80
CA THR A 380 -15.88 -53.72 -0.85
C THR A 380 -15.70 -55.14 -1.35
N VAL A 381 -16.34 -56.09 -0.67
CA VAL A 381 -16.23 -57.48 -1.08
C VAL A 381 -17.04 -57.71 -2.35
N THR A 382 -16.41 -58.32 -3.36
CA THR A 382 -17.07 -58.67 -4.60
C THR A 382 -16.65 -60.08 -5.01
N GLN A 383 -17.32 -60.59 -6.03
CA GLN A 383 -17.05 -61.93 -6.55
C GLN A 383 -15.76 -62.01 -7.37
N TYR A 384 -14.91 -60.99 -7.40
CA TYR A 384 -13.58 -61.13 -7.99
C TYR A 384 -12.46 -61.07 -6.97
N ASN A 385 -12.74 -60.68 -5.73
CA ASN A 385 -11.71 -60.51 -4.72
C ASN A 385 -12.03 -61.20 -3.38
N ILE A 386 -12.89 -62.22 -3.38
CA ILE A 386 -13.37 -62.80 -2.12
C ILE A 386 -12.36 -63.77 -1.52
N HIS A 387 -11.64 -64.51 -2.36
CA HIS A 387 -10.61 -65.41 -1.86
C HIS A 387 -9.49 -64.62 -1.19
N ARG A 388 -9.02 -63.58 -1.88
CA ARG A 388 -7.93 -62.75 -1.36
C ARG A 388 -8.35 -62.09 -0.06
N LEU A 389 -9.57 -61.59 0.03
CA LEU A 389 -10.00 -60.92 1.25
C LEU A 389 -10.17 -61.91 2.40
N THR A 390 -10.59 -63.13 2.12
CA THR A 390 -10.73 -64.09 3.21
C THR A 390 -9.35 -64.54 3.69
N GLU A 391 -8.37 -64.59 2.79
CA GLU A 391 -7.00 -64.83 3.22
C GLU A 391 -6.50 -63.69 4.11
N TYR A 392 -6.84 -62.45 3.76
CA TYR A 392 -6.45 -61.32 4.60
C TYR A 392 -7.13 -61.39 5.96
N VAL A 393 -8.40 -61.79 6.00
CA VAL A 393 -9.10 -61.91 7.28
C VAL A 393 -8.46 -62.99 8.15
N ARG A 394 -8.12 -64.13 7.55
CA ARG A 394 -7.46 -65.18 8.34
C ARG A 394 -6.09 -64.72 8.82
N ASN A 395 -5.37 -63.95 8.00
CA ASN A 395 -4.02 -63.53 8.36
C ASN A 395 -4.02 -62.70 9.64
N GLY A 396 -4.98 -61.79 9.77
CA GLY A 396 -5.10 -61.01 10.98
C GLY A 396 -4.43 -59.65 10.87
N PRO A 397 -4.59 -58.83 11.91
CA PRO A 397 -4.03 -57.47 11.89
C PRO A 397 -2.59 -57.37 12.37
N ASN A 398 -1.93 -58.48 12.63
CA ASN A 398 -0.54 -58.48 13.05
C ASN A 398 0.38 -59.11 12.03
N GLU A 399 -0.13 -59.54 10.89
CA GLU A 399 0.66 -60.16 9.85
C GLU A 399 0.31 -59.52 8.52
N HIS A 400 1.30 -59.37 7.65
CA HIS A 400 1.10 -58.73 6.38
C HIS A 400 1.24 -59.74 5.26
N PRO A 401 0.30 -59.82 4.32
CA PRO A 401 -0.90 -58.99 4.21
C PRO A 401 -2.11 -59.47 5.00
N GLY A 402 -2.67 -58.63 5.85
CA GLY A 402 -3.82 -59.00 6.67
C GLY A 402 -4.95 -57.99 6.50
N ALA A 403 -5.66 -57.74 7.60
CA ALA A 403 -6.75 -56.78 7.63
C ALA A 403 -7.01 -56.37 9.07
N LYS A 404 -7.58 -55.18 9.24
CA LYS A 404 -7.85 -54.62 10.56
C LYS A 404 -9.32 -54.68 10.97
N TYR A 405 -10.24 -54.42 10.04
CA TYR A 405 -11.65 -54.34 10.39
C TYR A 405 -12.47 -55.02 9.31
N VAL A 406 -13.65 -55.48 9.71
CA VAL A 406 -14.70 -55.92 8.80
C VAL A 406 -15.94 -55.09 9.11
N ILE A 407 -16.51 -54.47 8.10
CA ILE A 407 -17.68 -53.61 8.27
C ILE A 407 -18.87 -54.36 7.70
N ARG A 408 -19.89 -54.57 8.54
CA ARG A 408 -21.07 -55.27 8.06
C ARG A 408 -21.96 -54.31 7.27
N ASP A 409 -22.92 -54.89 6.56
CA ASP A 409 -23.72 -54.11 5.61
C ASP A 409 -24.61 -53.08 6.30
N ASN A 410 -24.57 -52.99 7.62
CA ASN A 410 -25.31 -51.97 8.36
C ASN A 410 -24.42 -51.03 9.15
N GLY A 411 -23.11 -51.24 9.13
CA GLY A 411 -22.17 -50.37 9.83
C GLY A 411 -21.54 -50.97 11.06
N ASP A 412 -21.90 -52.19 11.45
CA ASP A 412 -21.30 -52.80 12.63
C ASP A 412 -19.88 -53.24 12.33
N ARG A 413 -18.95 -52.79 13.17
CA ARG A 413 -17.54 -53.09 13.00
C ARG A 413 -17.17 -54.40 13.70
N ILE A 414 -16.33 -55.20 13.06
CA ILE A 414 -15.80 -56.41 13.66
C ILE A 414 -14.30 -56.20 13.79
N ASP A 415 -13.87 -55.74 14.96
CA ASP A 415 -12.45 -55.54 15.20
C ASP A 415 -11.78 -56.91 15.25
N LEU A 416 -10.73 -57.10 14.46
CA LEU A 416 -10.08 -58.41 14.39
C LEU A 416 -8.96 -58.57 15.40
N ARG A 417 -8.73 -57.57 16.26
CA ARG A 417 -7.80 -57.74 17.37
C ARG A 417 -8.42 -58.56 18.49
N TYR A 418 -9.50 -58.02 19.08
CA TYR A 418 -10.11 -58.63 20.26
C TYR A 418 -10.94 -59.87 19.93
N HIS A 419 -11.37 -60.01 18.68
CA HIS A 419 -12.02 -61.23 18.23
C HIS A 419 -11.07 -62.42 18.29
N LYS A 420 -11.31 -63.35 19.21
CA LYS A 420 -10.45 -64.50 19.38
C LYS A 420 -10.68 -65.59 18.33
N ARG A 421 -11.76 -65.51 17.56
CA ARG A 421 -12.15 -66.63 16.71
C ARG A 421 -12.06 -66.21 15.25
N ALA A 422 -10.93 -65.59 14.88
CA ALA A 422 -10.75 -65.07 13.53
C ALA A 422 -10.92 -66.12 12.44
N GLY A 423 -10.85 -67.42 12.79
CA GLY A 423 -11.05 -68.45 11.79
C GLY A 423 -12.49 -68.68 11.41
N ASP A 424 -13.42 -68.22 12.24
CA ASP A 424 -14.85 -68.47 12.05
C ASP A 424 -15.58 -67.25 11.49
N ILE A 425 -14.96 -66.50 10.59
CA ILE A 425 -15.62 -65.40 9.91
C ILE A 425 -15.70 -65.74 8.42
N VAL A 426 -16.92 -65.76 7.90
CA VAL A 426 -17.18 -65.85 6.47
C VAL A 426 -17.60 -64.48 5.96
N LEU A 427 -16.98 -64.04 4.87
CA LEU A 427 -17.22 -62.70 4.33
C LEU A 427 -18.44 -62.74 3.41
N GLN A 428 -19.41 -61.90 3.71
CA GLN A 428 -20.59 -61.77 2.88
C GLN A 428 -20.32 -60.83 1.71
N TYR A 429 -21.13 -60.94 0.68
CA TYR A 429 -21.05 -60.00 -0.42
C TYR A 429 -21.62 -58.65 0.00
N GLY A 430 -21.08 -57.58 -0.61
CA GLY A 430 -21.43 -56.24 -0.20
C GLY A 430 -20.85 -55.77 1.11
N TRP A 431 -20.27 -56.67 1.91
CA TRP A 431 -19.59 -56.25 3.13
C TRP A 431 -18.34 -55.46 2.77
N LYS A 432 -17.69 -54.91 3.80
CA LYS A 432 -16.50 -54.10 3.60
C LYS A 432 -15.44 -54.52 4.59
N VAL A 433 -14.24 -54.79 4.08
CA VAL A 433 -13.06 -55.08 4.89
C VAL A 433 -12.10 -53.92 4.78
N GLU A 434 -11.62 -53.45 5.91
CA GLU A 434 -10.65 -52.36 5.97
C GLU A 434 -9.26 -53.01 6.04
N ARG A 435 -8.82 -53.51 4.89
CA ARG A 435 -7.54 -54.23 4.78
C ARG A 435 -6.36 -53.28 4.96
N HIS A 436 -5.16 -53.85 4.96
CA HIS A 436 -3.93 -53.10 5.16
C HIS A 436 -3.57 -52.30 3.91
N LEU A 437 -2.54 -51.46 4.06
CA LEU A 437 -1.94 -50.79 2.93
C LEU A 437 -1.06 -51.77 2.16
N MET A 438 -1.20 -51.81 0.83
CA MET A 438 -0.60 -52.86 0.05
C MET A 438 0.12 -52.28 -1.17
N ASP A 439 0.86 -53.13 -1.87
CA ASP A 439 1.64 -52.67 -3.01
C ASP A 439 0.75 -52.14 -4.12
N ASP A 440 1.16 -51.02 -4.72
CA ASP A 440 0.55 -50.34 -5.86
C ASP A 440 -0.69 -49.52 -5.47
N ASP A 441 -1.03 -49.42 -4.20
CA ASP A 441 -2.10 -48.52 -3.82
C ASP A 441 -1.69 -47.09 -4.12
N PRO A 442 -2.56 -46.29 -4.74
CA PRO A 442 -2.22 -44.87 -4.95
C PRO A 442 -2.45 -44.10 -3.65
N VAL A 443 -1.43 -43.35 -3.24
CA VAL A 443 -1.52 -42.54 -2.05
C VAL A 443 -1.01 -41.16 -2.41
N LEU A 444 -1.62 -40.14 -1.82
CA LEU A 444 -1.16 -38.78 -2.03
C LEU A 444 0.00 -38.50 -1.10
N PHE A 445 1.06 -37.97 -1.66
CA PHE A 445 2.30 -37.79 -0.92
C PHE A 445 2.67 -36.31 -1.00
N ASN A 446 3.14 -35.73 0.09
CA ASN A 446 3.12 -34.27 0.20
C ASN A 446 4.22 -33.78 1.13
N ARG A 447 4.88 -32.70 0.73
CA ARG A 447 5.82 -31.98 1.57
C ARG A 447 5.41 -30.53 1.70
N GLN A 448 5.48 -30.02 2.90
CA GLN A 448 5.23 -28.61 3.14
C GLN A 448 6.52 -27.81 3.05
N PRO A 449 6.45 -26.56 2.60
CA PRO A 449 5.22 -25.92 2.11
C PRO A 449 4.83 -26.38 0.71
N SER A 450 3.52 -26.39 0.41
CA SER A 450 3.01 -26.87 -0.87
C SER A 450 2.80 -25.67 -1.79
N LEU A 451 3.90 -25.19 -2.35
CA LEU A 451 3.90 -23.94 -3.11
C LEU A 451 3.25 -24.08 -4.48
N HIS A 452 3.20 -25.28 -5.06
CA HIS A 452 2.60 -25.45 -6.37
C HIS A 452 2.03 -26.86 -6.48
N LYS A 453 1.23 -27.08 -7.52
CA LYS A 453 0.45 -28.31 -7.60
C LYS A 453 1.32 -29.55 -7.64
N MET A 454 2.61 -29.41 -7.97
CA MET A 454 3.51 -30.54 -8.03
C MET A 454 4.25 -30.75 -6.72
N SER A 455 3.90 -30.01 -5.66
CA SER A 455 4.40 -30.33 -4.34
C SER A 455 3.58 -31.40 -3.66
N MET A 456 2.45 -31.81 -4.22
CA MET A 456 1.67 -32.88 -3.64
C MET A 456 1.18 -33.76 -4.78
N MET A 457 1.72 -34.97 -4.86
CA MET A 457 1.56 -35.88 -5.98
C MET A 457 1.24 -37.26 -5.46
N ALA A 458 0.57 -38.05 -6.29
CA ALA A 458 0.14 -39.39 -5.96
C ALA A 458 1.17 -40.41 -6.43
N HIS A 459 1.53 -41.32 -5.54
CA HIS A 459 2.58 -42.31 -5.76
C HIS A 459 1.99 -43.70 -5.59
N ARG A 460 2.63 -44.69 -6.22
CA ARG A 460 2.27 -46.09 -5.98
C ARG A 460 3.07 -46.64 -4.81
N VAL A 461 2.41 -47.45 -3.99
CA VAL A 461 3.01 -47.94 -2.76
C VAL A 461 3.85 -49.18 -3.03
N LYS A 462 5.01 -49.25 -2.37
CA LYS A 462 5.79 -50.47 -2.24
C LYS A 462 6.17 -50.62 -0.78
N VAL A 463 5.80 -51.74 -0.17
CA VAL A 463 5.98 -51.94 1.26
C VAL A 463 7.42 -52.39 1.54
N MET A 464 8.04 -51.79 2.54
CA MET A 464 9.44 -51.98 2.85
C MET A 464 9.65 -51.95 4.37
N PRO A 465 10.73 -52.55 4.85
CA PRO A 465 11.13 -52.36 6.26
C PRO A 465 11.80 -51.02 6.49
N TYR A 466 12.34 -50.80 7.69
CA TYR A 466 13.20 -49.65 7.90
C TYR A 466 12.48 -48.32 7.73
N SER A 467 11.90 -47.84 8.83
CA SER A 467 10.76 -46.93 8.96
C SER A 467 10.77 -45.63 8.17
N THR A 468 11.72 -45.40 7.28
CA THR A 468 11.64 -44.20 6.47
C THR A 468 10.78 -44.42 5.22
N PHE A 469 10.35 -43.30 4.63
CA PHE A 469 9.75 -43.33 3.30
C PHE A 469 10.83 -43.34 2.23
N ARG A 470 10.57 -44.05 1.15
CA ARG A 470 11.54 -44.17 0.06
C ARG A 470 11.00 -43.46 -1.17
N LEU A 471 11.84 -42.66 -1.81
CA LEU A 471 11.50 -41.89 -2.98
C LEU A 471 12.54 -42.12 -4.08
N ASN A 472 12.08 -42.28 -5.32
CA ASN A 472 13.00 -42.18 -6.42
C ASN A 472 13.60 -40.77 -6.43
N LEU A 473 14.84 -40.68 -6.86
CA LEU A 473 15.59 -39.45 -6.62
C LEU A 473 15.25 -38.32 -7.59
N SER A 474 14.59 -38.62 -8.71
CA SER A 474 14.23 -37.57 -9.65
C SER A 474 13.00 -36.77 -9.22
N VAL A 475 12.21 -37.26 -8.25
CA VAL A 475 11.03 -36.53 -7.81
C VAL A 475 11.33 -35.60 -6.64
N THR A 476 12.57 -35.57 -6.17
CA THR A 476 12.94 -34.70 -5.07
C THR A 476 13.01 -33.25 -5.47
N SER A 477 13.03 -32.95 -6.77
CA SER A 477 13.07 -31.57 -7.24
C SER A 477 11.70 -30.90 -7.16
N PRO A 478 10.62 -31.49 -7.67
CA PRO A 478 9.31 -30.85 -7.48
C PRO A 478 8.90 -30.68 -6.02
N TYR A 479 9.25 -31.63 -5.16
CA TYR A 479 9.00 -31.47 -3.73
C TYR A 479 9.96 -30.51 -3.06
N ASN A 480 11.09 -30.19 -3.70
CA ASN A 480 12.14 -29.38 -3.10
C ASN A 480 12.73 -30.06 -1.87
N ALA A 481 12.76 -31.39 -1.89
CA ALA A 481 13.15 -32.18 -0.74
C ALA A 481 14.59 -32.68 -0.88
N ASP A 482 15.19 -32.99 0.26
CA ASP A 482 16.43 -33.75 0.32
C ASP A 482 16.33 -34.66 1.54
N PHE A 483 17.40 -35.38 1.82
CA PHE A 483 17.37 -36.47 2.77
C PHE A 483 18.24 -36.18 3.97
N ASP A 484 18.14 -34.97 4.51
CA ASP A 484 18.91 -34.58 5.69
C ASP A 484 18.01 -34.19 6.86
N GLY A 485 16.90 -34.89 7.02
CA GLY A 485 16.02 -34.61 8.14
C GLY A 485 14.57 -34.47 7.75
N ASP A 486 14.32 -34.29 6.45
CA ASP A 486 12.98 -33.99 5.98
C ASP A 486 12.00 -35.09 6.30
N GLU A 487 10.74 -34.69 6.44
CA GLU A 487 9.64 -35.60 6.65
C GLU A 487 8.56 -35.21 5.66
N MET A 488 7.78 -36.18 5.22
CA MET A 488 6.76 -35.89 4.24
C MET A 488 5.50 -36.62 4.67
N ASN A 489 4.37 -36.12 4.21
CA ASN A 489 3.09 -36.64 4.65
C ASN A 489 2.48 -37.53 3.58
N LEU A 490 1.73 -38.52 4.03
CA LEU A 490 1.11 -39.49 3.15
C LEU A 490 -0.37 -39.54 3.49
N HIS A 491 -1.22 -39.36 2.47
CA HIS A 491 -2.66 -39.37 2.65
C HIS A 491 -3.22 -40.54 1.85
N VAL A 492 -4.08 -41.32 2.48
CA VAL A 492 -4.62 -42.54 1.88
C VAL A 492 -6.05 -42.27 1.44
N PRO A 493 -6.38 -42.41 0.17
CA PRO A 493 -7.77 -42.23 -0.25
C PRO A 493 -8.64 -43.40 0.21
N GLN A 494 -9.83 -43.06 0.70
CA GLN A 494 -10.68 -44.03 1.37
C GLN A 494 -11.83 -44.52 0.49
N SER A 495 -11.80 -44.21 -0.80
CA SER A 495 -12.85 -44.68 -1.70
C SER A 495 -12.27 -44.85 -3.10
N GLU A 496 -13.11 -45.40 -3.98
CA GLU A 496 -12.68 -45.66 -5.36
C GLU A 496 -12.67 -44.39 -6.20
N GLU A 497 -13.56 -43.45 -5.91
CA GLU A 497 -13.56 -42.19 -6.66
C GLU A 497 -12.27 -41.44 -6.41
N THR A 498 -11.82 -41.44 -5.16
CA THR A 498 -10.58 -40.77 -4.84
C THR A 498 -9.36 -41.53 -5.32
N ARG A 499 -9.40 -42.87 -5.34
CA ARG A 499 -8.33 -43.62 -5.97
C ARG A 499 -8.20 -43.26 -7.44
N ALA A 500 -9.33 -43.26 -8.16
CA ALA A 500 -9.28 -42.92 -9.58
C ALA A 500 -8.86 -41.47 -9.80
N GLU A 501 -9.35 -40.55 -8.97
CA GLU A 501 -8.92 -39.16 -9.09
C GLU A 501 -7.42 -39.03 -8.92
N LEU A 502 -6.87 -39.67 -7.88
CA LEU A 502 -5.42 -39.60 -7.66
C LEU A 502 -4.67 -40.18 -8.85
N SER A 503 -5.03 -41.39 -9.27
CA SER A 503 -4.26 -42.07 -10.31
C SER A 503 -4.41 -41.42 -11.68
N GLN A 504 -5.51 -40.72 -11.95
CA GLN A 504 -5.70 -40.12 -13.27
C GLN A 504 -5.49 -38.61 -13.29
N LEU A 505 -5.24 -37.98 -12.18
CA LEU A 505 -4.96 -36.56 -12.26
C LEU A 505 -3.67 -36.16 -11.54
N CYS A 506 -3.36 -36.81 -10.42
CA CYS A 506 -2.28 -36.37 -9.56
C CYS A 506 -1.05 -37.26 -9.67
N ALA A 507 -1.10 -38.29 -10.53
CA ALA A 507 -0.02 -39.27 -10.59
C ALA A 507 1.28 -38.61 -11.01
N VAL A 508 2.39 -39.15 -10.51
CA VAL A 508 3.71 -38.57 -10.78
C VAL A 508 3.99 -38.47 -12.27
N PRO A 509 3.76 -39.49 -13.10
CA PRO A 509 4.05 -39.35 -14.53
C PRO A 509 3.34 -38.19 -15.20
N LEU A 510 2.16 -37.81 -14.72
CA LEU A 510 1.37 -36.76 -15.33
C LEU A 510 1.85 -35.35 -15.01
N GLN A 511 2.77 -35.19 -14.05
CA GLN A 511 3.22 -33.87 -13.65
C GLN A 511 4.64 -33.56 -14.11
N ILE A 512 5.20 -34.37 -15.01
CA ILE A 512 6.59 -34.18 -15.42
C ILE A 512 6.77 -32.83 -16.10
N VAL A 513 5.83 -32.46 -16.96
CA VAL A 513 5.83 -31.14 -17.60
C VAL A 513 4.91 -30.25 -16.78
N SER A 514 5.37 -29.04 -16.50
CA SER A 514 4.64 -28.08 -15.71
C SER A 514 4.06 -26.96 -16.57
N PRO A 515 2.92 -26.41 -16.20
CA PRO A 515 2.37 -25.26 -16.93
C PRO A 515 2.98 -23.94 -16.52
N GLN A 516 3.81 -23.93 -15.46
CA GLN A 516 4.40 -22.69 -14.98
C GLN A 516 5.31 -22.09 -16.04
N SER A 517 6.14 -22.92 -16.67
CA SER A 517 7.08 -22.48 -17.69
C SER A 517 7.13 -23.46 -18.85
N ASN A 518 6.05 -24.20 -19.08
CA ASN A 518 5.91 -25.21 -20.14
C ASN A 518 7.19 -25.98 -20.41
N LYS A 519 7.87 -26.40 -19.36
CA LYS A 519 9.09 -27.21 -19.40
C LYS A 519 8.96 -28.32 -18.37
N PRO A 520 9.77 -29.38 -18.50
CA PRO A 520 9.76 -30.42 -17.46
C PRO A 520 10.26 -29.91 -16.12
N VAL A 521 9.77 -30.52 -15.06
CA VAL A 521 10.24 -30.23 -13.71
C VAL A 521 11.05 -31.37 -13.11
N MET A 522 10.86 -32.60 -13.56
CA MET A 522 11.67 -33.73 -13.16
C MET A 522 12.78 -33.94 -14.18
N GLY A 523 14.00 -34.13 -13.69
CA GLY A 523 15.12 -34.43 -14.57
C GLY A 523 16.00 -35.55 -14.05
N ILE A 524 17.20 -35.64 -14.60
CA ILE A 524 18.22 -36.56 -14.12
C ILE A 524 19.17 -35.76 -13.24
N VAL A 525 19.40 -36.24 -12.02
CA VAL A 525 20.04 -35.40 -11.00
C VAL A 525 21.10 -36.16 -10.20
N GLN A 526 22.12 -35.40 -9.81
CA GLN A 526 22.79 -35.47 -8.51
C GLN A 526 23.76 -36.63 -8.29
N ASP A 527 23.62 -37.74 -9.01
CA ASP A 527 24.73 -38.62 -9.38
C ASP A 527 24.55 -39.25 -10.75
N THR A 528 23.33 -39.46 -11.20
CA THR A 528 23.12 -40.02 -12.53
C THR A 528 23.59 -39.04 -13.59
N LEU A 529 23.48 -37.74 -13.32
CA LEU A 529 23.95 -36.74 -14.27
C LEU A 529 25.47 -36.78 -14.41
N CYS A 530 26.19 -36.74 -13.29
CA CYS A 530 27.65 -36.85 -13.34
C CYS A 530 28.08 -38.17 -13.98
N GLY A 531 27.42 -39.27 -13.62
CA GLY A 531 27.79 -40.55 -14.17
C GLY A 531 27.51 -40.66 -15.66
N VAL A 532 26.42 -40.07 -16.13
CA VAL A 532 26.12 -40.15 -17.56
C VAL A 532 27.07 -39.26 -18.32
N ARG A 533 27.49 -38.13 -17.75
CA ARG A 533 28.54 -37.34 -18.40
C ARG A 533 29.81 -38.15 -18.54
N LYS A 534 30.22 -38.83 -17.46
CA LYS A 534 31.45 -39.62 -17.54
C LYS A 534 31.29 -40.80 -18.49
N MET A 535 30.10 -41.37 -18.57
CA MET A 535 29.87 -42.56 -19.36
C MET A 535 29.78 -42.25 -20.85
N THR A 536 29.26 -41.08 -21.22
CA THR A 536 29.11 -40.75 -22.62
C THR A 536 30.28 -39.92 -23.15
N LEU A 537 31.39 -39.85 -22.43
CA LEU A 537 32.60 -39.30 -23.00
C LEU A 537 33.05 -40.17 -24.17
N ARG A 538 33.84 -39.57 -25.06
CA ARG A 538 34.19 -40.26 -26.29
C ARG A 538 35.11 -41.43 -26.03
N ASP A 539 36.01 -41.30 -25.05
CA ASP A 539 37.02 -42.32 -24.75
C ASP A 539 36.60 -43.22 -23.59
N THR A 540 35.32 -43.51 -23.46
CA THR A 540 34.80 -44.43 -22.45
C THR A 540 34.41 -45.72 -23.15
N PHE A 541 35.11 -46.80 -22.82
CA PHE A 541 34.87 -48.11 -23.41
C PHE A 541 34.58 -49.13 -22.32
N ILE A 542 33.79 -50.13 -22.66
CA ILE A 542 33.26 -51.11 -21.73
C ILE A 542 33.49 -52.49 -22.31
N GLU A 543 33.97 -53.41 -21.48
CA GLU A 543 34.18 -54.77 -21.98
C GLU A 543 32.88 -55.55 -21.93
N TYR A 544 32.93 -56.77 -22.47
CA TYR A 544 31.71 -57.51 -22.74
C TYR A 544 30.95 -57.87 -21.46
N GLU A 545 31.66 -58.20 -20.38
CA GLU A 545 30.97 -58.67 -19.19
C GLU A 545 30.23 -57.54 -18.47
N GLN A 546 30.90 -56.39 -18.33
CA GLN A 546 30.22 -55.22 -17.78
C GLN A 546 29.08 -54.76 -18.67
N VAL A 547 29.26 -54.86 -19.99
CA VAL A 547 28.18 -54.53 -20.92
C VAL A 547 26.98 -55.41 -20.67
N MET A 548 27.23 -56.70 -20.46
CA MET A 548 26.16 -57.65 -20.24
C MET A 548 25.39 -57.33 -18.97
N ASN A 549 26.12 -57.01 -17.90
CA ASN A 549 25.44 -56.61 -16.66
C ASN A 549 24.59 -55.36 -16.87
N MET A 550 25.13 -54.34 -17.55
CA MET A 550 24.38 -53.11 -17.76
C MET A 550 23.12 -53.35 -18.59
N LEU A 551 23.22 -54.18 -19.61
CA LEU A 551 22.04 -54.50 -20.41
C LEU A 551 20.99 -55.21 -19.58
N PHE A 552 21.40 -56.22 -18.79
CA PHE A 552 20.42 -56.89 -17.95
C PHE A 552 19.83 -55.94 -16.91
N TRP A 553 20.57 -54.90 -16.53
CA TRP A 553 20.06 -53.93 -15.56
C TRP A 553 18.97 -53.05 -16.12
N VAL A 554 18.85 -52.94 -17.44
CA VAL A 554 17.84 -52.08 -18.06
C VAL A 554 16.48 -52.77 -18.02
N PRO A 555 15.49 -52.18 -17.36
CA PRO A 555 14.19 -52.86 -17.25
C PRO A 555 13.49 -53.04 -18.58
N SER A 556 13.71 -52.14 -19.55
CA SER A 556 13.03 -52.18 -20.83
C SER A 556 13.88 -52.76 -21.95
N TRP A 557 15.01 -53.38 -21.64
CA TRP A 557 15.84 -53.99 -22.66
C TRP A 557 15.09 -55.12 -23.36
N ASP A 558 15.20 -55.17 -24.68
CA ASP A 558 14.46 -56.10 -25.51
C ASP A 558 15.19 -57.42 -25.73
N GLY A 559 16.31 -57.64 -25.05
CA GLY A 559 17.04 -58.88 -25.15
C GLY A 559 17.97 -59.00 -26.33
N VAL A 560 18.28 -57.90 -27.00
CA VAL A 560 19.18 -57.89 -28.15
C VAL A 560 20.46 -57.18 -27.74
N VAL A 561 21.59 -57.86 -27.89
CA VAL A 561 22.87 -57.30 -27.51
C VAL A 561 23.34 -56.40 -28.65
N PRO A 562 23.54 -55.11 -28.42
CA PRO A 562 24.02 -54.25 -29.51
C PRO A 562 25.41 -54.66 -29.96
N GLN A 563 25.66 -54.47 -31.24
CA GLN A 563 26.99 -54.71 -31.77
C GLN A 563 27.98 -53.74 -31.12
N PRO A 564 29.20 -54.17 -30.83
CA PRO A 564 30.19 -53.25 -30.28
C PRO A 564 30.70 -52.26 -31.32
N ALA A 565 31.02 -51.05 -30.86
CA ALA A 565 31.61 -50.06 -31.75
C ALA A 565 32.93 -50.55 -32.32
N ILE A 566 33.67 -51.35 -31.57
CA ILE A 566 34.93 -51.93 -32.01
C ILE A 566 34.80 -53.44 -32.03
N LEU A 567 35.19 -54.06 -33.14
CA LEU A 567 35.14 -55.51 -33.29
C LEU A 567 36.49 -56.19 -33.22
N LYS A 568 37.59 -55.45 -33.39
CA LYS A 568 38.92 -56.02 -33.51
C LYS A 568 39.93 -54.97 -33.05
N PRO A 569 40.94 -55.36 -32.26
CA PRO A 569 41.26 -56.72 -31.83
C PRO A 569 40.51 -57.20 -30.59
N LYS A 570 39.63 -56.36 -30.05
CA LYS A 570 38.94 -56.71 -28.82
C LYS A 570 37.59 -56.02 -28.82
N PRO A 571 36.49 -56.75 -28.62
CA PRO A 571 35.16 -56.12 -28.61
C PRO A 571 35.03 -55.10 -27.50
N LEU A 572 34.75 -53.85 -27.89
CA LEU A 572 34.56 -52.75 -26.97
C LEU A 572 33.32 -51.97 -27.30
N TRP A 573 32.53 -51.66 -26.28
CA TRP A 573 31.36 -50.80 -26.39
C TRP A 573 31.68 -49.42 -25.85
N THR A 574 31.08 -48.41 -26.45
CA THR A 574 31.23 -47.07 -25.91
C THR A 574 30.06 -46.79 -24.98
N GLY A 575 30.27 -45.85 -24.06
CA GLY A 575 29.21 -45.48 -23.15
C GLY A 575 27.98 -44.93 -23.84
N LYS A 576 28.17 -44.29 -24.99
CA LYS A 576 27.03 -43.76 -25.74
C LYS A 576 26.10 -44.86 -26.20
N GLN A 577 26.64 -46.02 -26.59
CA GLN A 577 25.79 -47.13 -26.97
C GLN A 577 24.94 -47.62 -25.80
N LEU A 578 25.57 -47.76 -24.63
CA LEU A 578 24.83 -48.28 -23.48
C LEU A 578 23.79 -47.28 -23.02
N LEU A 579 24.05 -45.98 -23.13
CA LEU A 579 23.02 -45.01 -22.79
C LEU A 579 21.92 -44.98 -23.85
N SER A 580 22.27 -45.14 -25.13
CA SER A 580 21.26 -45.18 -26.17
C SER A 580 20.34 -46.37 -26.00
N ILE A 581 20.84 -47.45 -25.39
CA ILE A 581 19.97 -48.57 -25.06
C ILE A 581 18.83 -48.12 -24.17
N ALA A 582 19.10 -47.23 -23.22
CA ALA A 582 18.07 -46.74 -22.31
C ALA A 582 16.99 -45.94 -23.03
N ILE A 583 17.38 -45.12 -24.00
CA ILE A 583 16.43 -44.22 -24.67
C ILE A 583 15.46 -45.05 -25.51
N PRO A 584 14.17 -44.74 -25.53
CA PRO A 584 13.25 -45.44 -26.42
C PRO A 584 13.52 -45.09 -27.88
N SER A 585 13.10 -46.01 -28.75
CA SER A 585 13.25 -45.81 -30.18
C SER A 585 12.18 -44.87 -30.71
N GLY A 586 12.49 -44.23 -31.83
CA GLY A 586 11.64 -43.22 -32.41
C GLY A 586 11.84 -41.82 -31.85
N ILE A 587 12.98 -41.56 -31.22
CA ILE A 587 13.28 -40.26 -30.63
C ILE A 587 14.39 -39.62 -31.45
N HIS A 588 14.19 -38.37 -31.84
CA HIS A 588 15.22 -37.61 -32.54
C HIS A 588 15.43 -36.28 -31.82
N LEU A 589 16.69 -35.99 -31.53
CA LEU A 589 17.06 -34.74 -30.87
C LEU A 589 18.31 -34.21 -31.52
N GLN A 590 18.36 -32.90 -31.69
CA GLN A 590 19.49 -32.24 -32.32
C GLN A 590 19.69 -30.90 -31.64
N ARG A 591 20.92 -30.64 -31.20
CA ARG A 591 21.26 -29.38 -30.56
C ARG A 591 22.64 -28.94 -31.00
N THR A 592 22.80 -27.64 -31.22
CA THR A 592 24.07 -27.05 -31.58
C THR A 592 24.53 -26.12 -30.45
N ASP A 593 25.79 -26.25 -30.05
CA ASP A 593 26.34 -25.48 -28.94
C ASP A 593 27.53 -24.69 -29.49
N GLY A 594 27.33 -23.40 -29.71
CA GLY A 594 28.39 -22.56 -30.25
C GLY A 594 28.85 -22.91 -31.63
N GLY A 595 27.91 -23.24 -32.53
CA GLY A 595 28.24 -23.52 -33.91
C GLY A 595 29.18 -24.67 -34.17
N ASN A 596 28.87 -25.85 -33.62
CA ASN A 596 29.72 -26.99 -33.83
C ASN A 596 29.38 -27.65 -35.16
N SER A 597 30.38 -28.28 -35.77
CA SER A 597 30.14 -28.98 -37.02
C SER A 597 29.54 -30.36 -36.73
N LEU A 598 29.12 -31.03 -37.80
CA LEU A 598 28.58 -32.38 -37.66
C LEU A 598 29.65 -33.38 -37.26
N LEU A 599 30.92 -33.00 -37.29
CA LEU A 599 32.00 -33.86 -36.85
C LEU A 599 32.42 -33.59 -35.41
N SER A 600 31.92 -32.52 -34.80
CA SER A 600 32.01 -32.23 -33.37
C SER A 600 33.39 -32.51 -32.80
N PRO A 601 34.39 -31.66 -33.07
CA PRO A 601 35.72 -31.87 -32.48
C PRO A 601 35.72 -31.89 -30.96
N LYS A 602 34.89 -31.06 -30.34
CA LYS A 602 34.79 -30.98 -28.88
C LYS A 602 33.84 -32.01 -28.27
N ASP A 603 33.13 -32.79 -29.07
CA ASP A 603 32.05 -33.66 -28.59
C ASP A 603 30.95 -32.85 -27.90
N ASN A 604 30.69 -31.67 -28.44
CA ASN A 604 29.60 -30.82 -27.98
C ASN A 604 28.43 -30.96 -28.96
N GLY A 605 27.37 -30.22 -28.68
CA GLY A 605 26.13 -30.44 -29.39
C GLY A 605 25.48 -31.75 -29.00
N MET A 606 24.50 -32.14 -29.80
CA MET A 606 23.79 -33.36 -29.51
C MET A 606 23.14 -33.81 -30.80
N LEU A 607 23.23 -35.09 -31.10
CA LEU A 607 22.45 -35.66 -32.20
C LEU A 607 21.90 -37.02 -31.78
N ILE A 608 20.58 -37.19 -31.88
CA ILE A 608 19.95 -38.46 -31.55
C ILE A 608 19.12 -38.87 -32.75
N VAL A 609 19.38 -40.07 -33.27
CA VAL A 609 18.69 -40.57 -34.44
C VAL A 609 18.10 -41.92 -34.07
N ASP A 610 16.77 -42.01 -34.13
CA ASP A 610 16.05 -43.23 -33.79
C ASP A 610 16.41 -43.71 -32.39
N GLY A 611 16.68 -42.78 -31.49
CA GLY A 611 17.02 -43.13 -30.12
C GLY A 611 18.46 -43.48 -29.87
N LYS A 612 19.35 -43.27 -30.84
CA LYS A 612 20.76 -43.60 -30.73
C LYS A 612 21.59 -42.33 -30.78
N VAL A 613 22.53 -42.19 -29.84
CA VAL A 613 23.38 -41.01 -29.76
C VAL A 613 24.48 -41.13 -30.81
N MET A 614 24.54 -40.15 -31.72
CA MET A 614 25.61 -40.12 -32.70
C MET A 614 26.84 -39.39 -32.18
N PHE A 615 26.66 -38.23 -31.56
CA PHE A 615 27.76 -37.55 -30.90
C PHE A 615 27.20 -36.65 -29.81
N GLY A 616 28.09 -36.22 -28.93
CA GLY A 616 27.71 -35.28 -27.89
C GLY A 616 27.71 -35.88 -26.51
N VAL A 617 28.48 -35.29 -25.60
CA VAL A 617 28.41 -35.66 -24.19
C VAL A 617 27.00 -35.39 -23.66
N VAL A 618 26.49 -36.33 -22.87
CA VAL A 618 25.16 -36.22 -22.28
C VAL A 618 25.31 -35.61 -20.89
N ASP A 619 24.80 -34.41 -20.72
CA ASP A 619 24.97 -33.65 -19.49
C ASP A 619 23.65 -32.93 -19.21
N LYS A 620 23.72 -31.90 -18.35
CA LYS A 620 22.51 -31.18 -17.94
C LYS A 620 21.72 -30.65 -19.13
N LYS A 621 22.40 -30.29 -20.22
CA LYS A 621 21.70 -29.75 -21.37
C LYS A 621 20.87 -30.78 -22.12
N THR A 622 21.03 -32.06 -21.83
CA THR A 622 20.29 -33.11 -22.54
C THR A 622 19.29 -33.83 -21.66
N VAL A 623 19.65 -34.10 -20.40
CA VAL A 623 18.82 -34.87 -19.49
C VAL A 623 18.42 -34.05 -18.28
N GLY A 624 18.63 -32.73 -18.31
CA GLY A 624 18.15 -31.85 -17.28
C GLY A 624 16.68 -31.52 -17.46
N SER A 625 16.22 -30.55 -16.68
CA SER A 625 14.83 -30.13 -16.69
C SER A 625 14.59 -28.97 -17.64
N GLY A 626 15.57 -28.58 -18.43
CA GLY A 626 15.38 -27.52 -19.41
C GLY A 626 14.45 -27.93 -20.52
N GLY A 627 13.87 -26.93 -21.19
CA GLY A 627 12.94 -27.18 -22.25
C GLY A 627 13.64 -27.54 -23.55
N GLY A 628 13.01 -28.43 -24.32
CA GLY A 628 13.58 -28.89 -25.56
C GLY A 628 14.54 -30.05 -25.44
N GLY A 629 14.86 -30.50 -24.23
CA GLY A 629 15.78 -31.59 -24.03
C GLY A 629 15.16 -32.94 -24.34
N LEU A 630 15.86 -33.98 -23.89
CA LEU A 630 15.41 -35.34 -24.18
C LEU A 630 14.15 -35.69 -23.42
N ILE A 631 14.05 -35.26 -22.16
CA ILE A 631 12.89 -35.59 -21.34
C ILE A 631 11.63 -34.97 -21.93
N HIS A 632 11.73 -33.69 -22.33
CA HIS A 632 10.58 -33.02 -22.94
C HIS A 632 10.18 -33.71 -24.23
N THR A 633 11.15 -34.11 -25.05
CA THR A 633 10.85 -34.78 -26.30
C THR A 633 10.14 -36.10 -26.07
N VAL A 634 10.66 -36.91 -25.14
CA VAL A 634 10.04 -38.21 -24.87
C VAL A 634 8.66 -38.04 -24.27
N MET A 635 8.50 -37.05 -23.40
CA MET A 635 7.18 -36.75 -22.83
C MET A 635 6.19 -36.41 -23.93
N ARG A 636 6.60 -35.57 -24.87
CA ARG A 636 5.68 -35.10 -25.90
C ARG A 636 5.38 -36.16 -26.94
N GLU A 637 6.34 -37.02 -27.26
CA GLU A 637 6.13 -38.02 -28.30
C GLU A 637 5.54 -39.33 -27.80
N LYS A 638 5.98 -39.83 -26.65
CA LYS A 638 5.64 -41.16 -26.21
C LYS A 638 4.59 -41.20 -25.11
N GLY A 639 4.43 -40.14 -24.34
CA GLY A 639 3.45 -40.10 -23.30
C GLY A 639 4.10 -40.07 -21.92
N PRO A 640 3.29 -39.98 -20.88
CA PRO A 640 3.86 -39.89 -19.52
C PRO A 640 4.44 -41.20 -19.00
N LYS A 641 3.89 -42.34 -19.39
CA LYS A 641 4.39 -43.61 -18.85
C LYS A 641 5.80 -43.91 -19.35
N ILE A 642 6.02 -43.80 -20.66
CA ILE A 642 7.34 -44.07 -21.22
C ILE A 642 8.35 -43.05 -20.72
N CYS A 643 7.93 -41.79 -20.58
CA CYS A 643 8.83 -40.78 -20.04
C CYS A 643 9.19 -41.08 -18.59
N ALA A 644 8.23 -41.59 -17.81
CA ALA A 644 8.52 -41.98 -16.44
C ALA A 644 9.50 -43.14 -16.38
N GLU A 645 9.33 -44.13 -17.25
CA GLU A 645 10.24 -45.27 -17.27
C GLU A 645 11.63 -44.88 -17.77
N LEU A 646 11.73 -43.81 -18.54
CA LEU A 646 13.05 -43.33 -18.99
C LEU A 646 13.92 -42.95 -17.80
N PHE A 647 13.35 -42.25 -16.81
CA PHE A 647 14.10 -41.90 -15.61
C PHE A 647 14.69 -43.13 -14.96
N GLY A 648 13.89 -44.18 -14.80
CA GLY A 648 14.37 -45.37 -14.15
C GLY A 648 15.46 -46.07 -14.96
N ASN A 649 15.26 -46.17 -16.28
CA ASN A 649 16.27 -46.82 -17.11
C ASN A 649 17.61 -46.11 -17.02
N ILE A 650 17.60 -44.79 -17.18
CA ILE A 650 18.85 -44.05 -17.14
C ILE A 650 19.48 -44.13 -15.76
N GLN A 651 18.67 -43.98 -14.71
CA GLN A 651 19.20 -44.05 -13.34
C GLN A 651 19.87 -45.40 -13.10
N LYS A 652 19.23 -46.50 -13.48
CA LYS A 652 19.80 -47.80 -13.18
C LYS A 652 21.11 -48.03 -13.94
N VAL A 653 21.12 -47.74 -15.25
CA VAL A 653 22.32 -47.97 -16.03
C VAL A 653 23.48 -47.14 -15.49
N VAL A 654 23.25 -45.84 -15.31
CA VAL A 654 24.33 -44.95 -14.90
C VAL A 654 24.80 -45.29 -13.49
N ASN A 655 23.88 -45.68 -12.60
CA ASN A 655 24.26 -46.01 -11.24
C ASN A 655 25.12 -47.26 -11.19
N TYR A 656 24.78 -48.28 -12.00
CA TYR A 656 25.64 -49.46 -12.06
C TYR A 656 27.02 -49.11 -12.58
N TRP A 657 27.08 -48.34 -13.67
CA TRP A 657 28.39 -47.98 -14.22
C TRP A 657 29.22 -47.19 -13.23
N LEU A 658 28.59 -46.28 -12.50
CA LEU A 658 29.34 -45.48 -11.53
C LEU A 658 29.73 -46.31 -10.30
N LEU A 659 28.90 -47.26 -9.90
CA LEU A 659 29.28 -48.20 -8.85
C LEU A 659 30.54 -48.96 -9.19
N HIS A 660 30.65 -49.42 -10.43
CA HIS A 660 31.84 -50.17 -10.80
C HIS A 660 32.98 -49.32 -11.37
N ASN A 661 32.74 -48.04 -11.61
CA ASN A 661 33.79 -47.11 -11.98
C ASN A 661 34.31 -46.39 -10.74
N GLY A 662 33.41 -45.74 -10.03
CA GLY A 662 33.73 -44.97 -8.85
C GLY A 662 33.85 -43.50 -9.16
N PHE A 663 33.51 -42.68 -8.17
CA PHE A 663 33.67 -41.24 -8.29
C PHE A 663 33.83 -40.69 -6.89
N SER A 664 34.81 -39.82 -6.72
CA SER A 664 35.16 -39.28 -5.42
C SER A 664 35.51 -37.82 -5.57
N ILE A 665 35.85 -37.20 -4.46
CA ILE A 665 36.39 -35.84 -4.45
C ILE A 665 37.24 -35.72 -3.21
N GLY A 666 38.36 -35.02 -3.32
CA GLY A 666 39.31 -34.92 -2.23
C GLY A 666 39.84 -33.51 -2.09
N ILE A 667 40.75 -33.35 -1.13
CA ILE A 667 41.32 -32.04 -0.91
C ILE A 667 42.17 -31.63 -2.12
N GLY A 668 42.70 -32.61 -2.86
CA GLY A 668 43.52 -32.31 -4.01
C GLY A 668 42.77 -31.77 -5.20
N ASP A 669 41.45 -32.00 -5.27
CA ASP A 669 40.65 -31.49 -6.38
C ASP A 669 40.42 -29.98 -6.29
N ALA A 670 40.77 -29.34 -5.18
CA ALA A 670 40.65 -27.90 -5.03
C ALA A 670 41.98 -27.18 -5.12
N ILE A 671 43.06 -27.87 -5.47
CA ILE A 671 44.41 -27.31 -5.43
C ILE A 671 44.89 -27.06 -6.86
N ALA A 672 45.30 -25.82 -7.13
CA ALA A 672 45.88 -25.44 -8.41
C ALA A 672 47.41 -25.41 -8.30
N ASP A 673 48.07 -25.66 -9.42
CA ASP A 673 49.52 -25.73 -9.44
C ASP A 673 50.13 -24.35 -9.23
N ALA A 674 51.47 -24.33 -9.13
CA ALA A 674 52.17 -23.11 -8.72
C ALA A 674 52.01 -21.99 -9.75
N SER A 675 52.12 -22.31 -11.04
CA SER A 675 52.03 -21.27 -12.06
C SER A 675 50.65 -20.61 -12.06
N THR A 676 49.59 -21.40 -11.89
CA THR A 676 48.26 -20.84 -11.79
C THR A 676 48.11 -20.00 -10.52
N MET A 677 48.75 -20.41 -9.43
CA MET A 677 48.72 -19.59 -8.23
C MET A 677 49.40 -18.25 -8.47
N LYS A 678 50.52 -18.26 -9.18
CA LYS A 678 51.18 -17.01 -9.55
C LYS A 678 50.28 -16.14 -10.41
N GLU A 679 49.59 -16.73 -11.39
CA GLU A 679 48.69 -15.96 -12.23
C GLU A 679 47.56 -15.35 -11.41
N ILE A 680 46.96 -16.16 -10.54
CA ILE A 680 45.83 -15.70 -9.73
C ILE A 680 46.27 -14.56 -8.81
N THR A 681 47.40 -14.73 -8.12
CA THR A 681 47.85 -13.68 -7.22
C THR A 681 48.26 -12.43 -7.99
N HIS A 682 48.82 -12.58 -9.19
CA HIS A 682 49.14 -11.42 -10.00
C HIS A 682 47.87 -10.67 -10.39
N ALA A 683 46.83 -11.39 -10.78
CA ALA A 683 45.57 -10.73 -11.14
C ALA A 683 44.98 -10.00 -9.94
N ILE A 684 45.03 -10.62 -8.76
CA ILE A 684 44.50 -9.98 -7.57
C ILE A 684 45.32 -8.75 -7.21
N SER A 685 46.64 -8.82 -7.33
CA SER A 685 47.48 -7.65 -7.06
C SER A 685 47.21 -6.53 -8.06
N SER A 686 47.02 -6.88 -9.33
CA SER A 686 46.69 -5.87 -10.33
C SER A 686 45.38 -5.19 -10.01
N ALA A 687 44.38 -5.96 -9.56
CA ALA A 687 43.10 -5.36 -9.21
C ALA A 687 43.23 -4.49 -7.96
N LYS A 688 44.07 -4.89 -7.01
CA LYS A 688 44.30 -4.06 -5.84
C LYS A 688 44.95 -2.74 -6.24
N GLU A 689 45.90 -2.79 -7.18
CA GLU A 689 46.50 -1.56 -7.69
C GLU A 689 45.47 -0.70 -8.41
N GLN A 690 44.58 -1.32 -9.20
CA GLN A 690 43.53 -0.57 -9.87
C GLN A 690 42.62 0.13 -8.87
N VAL A 691 42.24 -0.58 -7.81
CA VAL A 691 41.40 0.02 -6.77
C VAL A 691 42.14 1.16 -6.09
N GLN A 692 43.43 0.98 -5.82
CA GLN A 692 44.20 2.06 -5.19
C GLN A 692 44.26 3.28 -6.12
N GLU A 693 44.33 3.05 -7.43
CA GLU A 693 44.32 4.17 -8.36
C GLU A 693 42.98 4.87 -8.38
N ILE A 694 41.88 4.10 -8.35
CA ILE A 694 40.55 4.70 -8.24
C ILE A 694 40.44 5.52 -6.96
N ILE A 695 41.02 5.03 -5.87
CA ILE A 695 40.96 5.75 -4.60
C ILE A 695 41.74 7.05 -4.70
N TYR A 696 42.93 7.01 -5.31
CA TYR A 696 43.71 8.23 -5.50
C TYR A 696 42.94 9.23 -6.35
N LYS A 697 42.32 8.75 -7.43
CA LYS A 697 41.56 9.65 -8.30
C LYS A 697 40.39 10.28 -7.55
N ALA A 698 39.70 9.50 -6.73
CA ALA A 698 38.59 10.04 -5.94
C ALA A 698 39.08 11.03 -4.90
N GLN A 699 40.23 10.76 -4.26
CA GLN A 699 40.71 11.66 -3.22
C GLN A 699 41.26 12.96 -3.76
N HIS A 700 41.86 12.96 -4.96
CA HIS A 700 42.29 14.23 -5.53
C HIS A 700 41.26 14.84 -6.47
N ASN A 701 40.01 14.40 -6.38
CA ASN A 701 38.86 15.00 -7.05
C ASN A 701 39.01 15.03 -8.58
N GLU A 702 39.16 13.85 -9.18
CA GLU A 702 39.29 13.79 -10.63
C GLU A 702 38.48 12.63 -11.21
N LEU A 703 37.58 12.04 -10.44
CA LEU A 703 36.82 10.89 -10.89
C LEU A 703 35.60 11.38 -11.65
N GLU A 704 35.21 10.62 -12.66
CA GLU A 704 34.11 10.99 -13.55
C GLU A 704 32.83 10.31 -13.09
N LEU A 705 31.88 11.14 -12.66
CA LEU A 705 30.59 10.68 -12.14
C LEU A 705 29.73 10.12 -13.25
N LYS A 706 28.61 9.51 -12.85
CA LYS A 706 27.68 8.88 -13.77
C LYS A 706 26.30 9.52 -13.55
N PRO A 707 25.42 9.52 -14.55
CA PRO A 707 24.09 10.10 -14.35
C PRO A 707 23.28 9.39 -13.28
N GLY A 708 22.53 10.19 -12.51
CA GLY A 708 21.72 9.69 -11.41
C GLY A 708 22.49 8.96 -10.35
N MET A 709 23.75 9.36 -10.10
CA MET A 709 24.62 8.60 -9.22
C MET A 709 25.61 9.59 -8.63
N THR A 710 25.86 9.47 -7.33
CA THR A 710 26.75 10.40 -6.64
C THR A 710 28.22 10.03 -6.87
N LEU A 711 29.10 10.98 -6.56
CA LEU A 711 30.54 10.73 -6.65
C LEU A 711 30.95 9.59 -5.72
N ARG A 712 30.40 9.56 -4.50
CA ARG A 712 30.73 8.46 -3.60
C ARG A 712 30.12 7.16 -4.11
N GLU A 713 28.90 7.22 -4.64
CA GLU A 713 28.28 6.03 -5.20
C GLU A 713 28.98 5.61 -6.49
N SER A 714 29.50 6.57 -7.26
CA SER A 714 30.27 6.22 -8.45
C SER A 714 31.56 5.53 -8.06
N PHE A 715 32.25 6.04 -7.04
CA PHE A 715 33.47 5.42 -6.56
C PHE A 715 33.19 3.99 -6.09
N GLU A 716 32.13 3.83 -5.31
CA GLU A 716 31.79 2.49 -4.81
C GLU A 716 31.40 1.55 -5.95
N GLY A 717 30.64 2.04 -6.93
CA GLY A 717 30.27 1.20 -8.05
C GLY A 717 31.46 0.77 -8.87
N GLU A 718 32.40 1.68 -9.10
CA GLU A 718 33.61 1.34 -9.86
C GLU A 718 34.47 0.34 -9.11
N VAL A 719 34.61 0.52 -7.79
CA VAL A 719 35.41 -0.42 -7.01
C VAL A 719 34.75 -1.80 -6.99
N SER A 720 33.42 -1.84 -6.85
CA SER A 720 32.72 -3.12 -6.86
C SER A 720 32.87 -3.81 -8.20
N ARG A 721 32.76 -3.05 -9.31
CA ARG A 721 32.99 -3.60 -10.63
C ARG A 721 34.37 -4.21 -10.73
N THR A 722 35.38 -3.45 -10.30
CA THR A 722 36.76 -3.93 -10.39
C THR A 722 36.95 -5.21 -9.61
N LEU A 723 36.41 -5.28 -8.39
CA LEU A 723 36.68 -6.45 -7.56
C LEU A 723 35.89 -7.67 -8.03
N ASN A 724 34.66 -7.46 -8.51
CA ASN A 724 33.91 -8.56 -9.09
C ASN A 724 34.64 -9.11 -10.32
N ASP A 725 35.18 -8.22 -11.16
CA ASP A 725 35.92 -8.70 -12.33
C ASP A 725 37.24 -9.36 -11.93
N ALA A 726 37.86 -8.89 -10.86
CA ALA A 726 39.06 -9.56 -10.33
C ALA A 726 38.75 -10.99 -9.94
N ARG A 727 37.68 -11.19 -9.17
CA ARG A 727 37.30 -12.53 -8.76
C ARG A 727 36.97 -13.38 -9.97
N ASP A 728 36.28 -12.81 -10.95
CA ASP A 728 35.91 -13.58 -12.13
C ASP A 728 37.14 -14.00 -12.94
N SER A 729 38.13 -13.11 -13.03
CA SER A 729 39.35 -13.43 -13.79
C SER A 729 40.17 -14.49 -13.07
N ALA A 730 40.33 -14.36 -11.75
CA ALA A 730 41.04 -15.38 -10.99
C ALA A 730 40.34 -16.72 -11.11
N GLY A 731 39.01 -16.72 -11.05
CA GLY A 731 38.26 -17.95 -11.24
C GLY A 731 38.47 -18.54 -12.62
N ARG A 732 38.54 -17.69 -13.65
CA ARG A 732 38.79 -18.18 -15.00
C ARG A 732 40.15 -18.85 -15.09
N SER A 733 41.16 -18.24 -14.49
CA SER A 733 42.48 -18.86 -14.44
C SER A 733 42.41 -20.22 -13.77
N ALA A 734 41.77 -20.28 -12.61
CA ALA A 734 41.67 -21.55 -11.89
C ALA A 734 40.95 -22.60 -12.72
N GLU A 735 39.85 -22.21 -13.38
CA GLU A 735 39.11 -23.15 -14.20
C GLU A 735 39.94 -23.67 -15.37
N MET A 736 40.72 -22.79 -16.01
CA MET A 736 41.56 -23.28 -17.11
C MET A 736 42.65 -24.21 -16.60
N ASN A 737 43.13 -24.00 -15.37
CA ASN A 737 44.16 -24.89 -14.84
C ASN A 737 43.66 -26.30 -14.55
N LEU A 738 42.36 -26.50 -14.40
CA LEU A 738 41.86 -27.78 -13.91
C LEU A 738 41.91 -28.81 -15.03
N LYS A 739 42.46 -29.99 -14.72
CA LYS A 739 42.49 -31.07 -15.70
C LYS A 739 41.09 -31.65 -15.89
N ASP A 740 40.96 -32.47 -16.93
CA ASP A 740 39.72 -33.19 -17.15
C ASP A 740 39.49 -34.30 -16.13
N LEU A 741 40.52 -34.70 -15.39
CA LEU A 741 40.35 -35.66 -14.32
C LEU A 741 40.02 -35.00 -12.98
N ASN A 742 40.02 -33.67 -12.91
CA ASN A 742 39.63 -32.99 -11.69
C ASN A 742 38.16 -33.24 -11.39
N ASN A 743 37.88 -33.67 -10.16
CA ASN A 743 36.53 -34.12 -9.82
C ASN A 743 35.56 -32.96 -9.70
N VAL A 744 36.03 -31.83 -9.16
CA VAL A 744 35.19 -30.63 -9.12
C VAL A 744 34.82 -30.20 -10.53
N LYS A 745 35.80 -30.23 -11.44
CA LYS A 745 35.52 -29.87 -12.83
C LYS A 745 34.52 -30.82 -13.46
N GLN A 746 34.63 -32.12 -13.17
CA GLN A 746 33.66 -33.07 -13.72
C GLN A 746 32.25 -32.79 -13.21
N MET A 747 32.12 -32.52 -11.91
CA MET A 747 30.79 -32.22 -11.36
C MET A 747 30.22 -30.95 -11.98
N VAL A 748 31.06 -29.92 -12.13
CA VAL A 748 30.58 -28.67 -12.71
C VAL A 748 30.20 -28.85 -14.17
N SER A 749 31.05 -29.54 -14.94
CA SER A 749 30.79 -29.73 -16.36
C SER A 749 29.53 -30.56 -16.58
N ALA A 750 29.31 -31.58 -15.76
CA ALA A 750 28.05 -32.31 -15.83
C ALA A 750 26.87 -31.42 -15.49
N GLY A 751 27.09 -30.37 -14.71
CA GLY A 751 25.99 -29.54 -14.25
C GLY A 751 25.14 -30.16 -13.17
N SER A 752 25.68 -31.12 -12.42
CA SER A 752 24.90 -31.80 -11.39
C SER A 752 25.04 -31.16 -10.02
N LYS A 753 26.10 -30.40 -9.81
CA LYS A 753 26.28 -29.66 -8.56
C LYS A 753 27.43 -28.70 -8.76
N GLY A 754 27.30 -27.52 -8.17
CA GLY A 754 28.36 -26.54 -8.26
C GLY A 754 28.35 -25.79 -9.57
N SER A 755 29.07 -24.67 -9.58
CA SER A 755 29.19 -23.85 -10.77
C SER A 755 30.58 -23.22 -10.77
N PHE A 756 30.81 -22.32 -11.72
CA PHE A 756 32.12 -21.70 -11.84
C PHE A 756 32.48 -20.87 -10.62
N ILE A 757 31.49 -20.24 -9.98
CA ILE A 757 31.76 -19.42 -8.80
C ILE A 757 32.24 -20.30 -7.66
N ASN A 758 31.73 -21.52 -7.55
CA ASN A 758 32.17 -22.44 -6.50
C ASN A 758 33.64 -22.80 -6.70
N ILE A 759 34.03 -23.13 -7.93
CA ILE A 759 35.43 -23.41 -8.23
C ILE A 759 36.28 -22.20 -7.89
N ALA A 760 35.82 -21.02 -8.26
CA ALA A 760 36.59 -19.81 -8.01
C ALA A 760 36.82 -19.60 -6.52
N GLN A 761 35.76 -19.75 -5.72
CA GLN A 761 35.89 -19.50 -4.30
C GLN A 761 36.71 -20.57 -3.60
N MET A 762 36.63 -21.83 -4.04
CA MET A 762 37.43 -22.86 -3.39
C MET A 762 38.90 -22.76 -3.76
N SER A 763 39.22 -22.49 -5.02
CA SER A 763 40.60 -22.62 -5.45
C SER A 763 41.33 -21.29 -5.58
N ALA A 764 40.65 -20.21 -5.96
CA ALA A 764 41.33 -18.96 -6.30
C ALA A 764 41.03 -17.83 -5.33
N CYS A 765 39.77 -17.47 -5.14
CA CYS A 765 39.43 -16.26 -4.41
C CYS A 765 37.97 -16.30 -3.99
N VAL A 766 37.71 -16.06 -2.71
CA VAL A 766 36.33 -15.95 -2.24
C VAL A 766 35.71 -14.64 -2.72
N GLY A 767 36.51 -13.58 -2.81
CA GLY A 767 36.07 -12.32 -3.37
C GLY A 767 35.37 -11.39 -2.39
N GLN A 768 34.46 -10.58 -2.89
CA GLN A 768 33.88 -9.51 -2.10
C GLN A 768 32.57 -9.93 -1.45
N GLN A 769 32.43 -9.59 -0.18
CA GLN A 769 31.21 -9.84 0.58
C GLN A 769 30.35 -8.59 0.61
N MET A 770 29.05 -8.76 0.42
CA MET A 770 28.10 -7.67 0.39
C MET A 770 27.10 -7.82 1.54
N VAL A 771 26.86 -6.73 2.24
CA VAL A 771 25.81 -6.67 3.26
C VAL A 771 24.85 -5.56 2.86
N GLU A 772 23.62 -5.94 2.53
CA GLU A 772 22.58 -5.01 2.11
C GLU A 772 23.00 -4.22 0.87
N GLY A 773 23.51 -4.95 -0.13
CA GLY A 773 23.84 -4.38 -1.41
C GLY A 773 25.13 -3.61 -1.46
N LYS A 774 25.65 -3.17 -0.33
CA LYS A 774 26.88 -2.39 -0.26
C LYS A 774 28.02 -3.27 0.22
N ARG A 775 29.22 -2.72 0.23
CA ARG A 775 30.35 -3.41 0.80
C ARG A 775 30.20 -3.41 2.32
N ILE A 776 31.19 -3.91 3.03
CA ILE A 776 31.08 -4.02 4.48
C ILE A 776 31.13 -2.61 5.08
N ALA A 777 30.08 -2.25 5.80
CA ALA A 777 29.94 -0.90 6.30
C ALA A 777 30.91 -0.63 7.45
N PHE A 778 31.09 0.66 7.72
CA PHE A 778 31.92 1.13 8.83
C PHE A 778 31.09 1.03 10.11
N GLY A 779 31.01 -0.20 10.63
CA GLY A 779 30.26 -0.42 11.86
C GLY A 779 30.90 0.22 13.06
N PHE A 780 32.22 0.21 13.12
CA PHE A 780 32.93 1.06 14.06
C PHE A 780 32.97 2.48 13.51
N ALA A 781 33.57 3.39 14.26
CA ALA A 781 33.69 4.77 13.80
C ALA A 781 34.72 4.83 12.68
N ASP A 782 34.25 5.00 11.45
CA ASP A 782 35.10 5.16 10.27
C ASP A 782 35.93 3.92 9.96
N ARG A 783 35.51 2.75 10.43
CA ARG A 783 36.20 1.53 10.05
C ARG A 783 35.26 0.34 10.23
N SER A 784 35.62 -0.76 9.56
CA SER A 784 34.85 -1.98 9.66
C SER A 784 35.19 -2.76 10.93
N LEU A 785 36.47 -2.85 11.27
CA LEU A 785 36.94 -3.58 12.43
C LEU A 785 37.93 -2.71 13.20
N PRO A 786 38.15 -2.98 14.48
CA PRO A 786 39.11 -2.20 15.26
C PRO A 786 40.56 -2.58 15.01
N HIS A 787 40.82 -3.43 14.02
CA HIS A 787 42.16 -3.76 13.57
C HIS A 787 42.58 -2.95 12.37
N PHE A 788 41.70 -2.11 11.85
CA PHE A 788 41.96 -1.22 10.73
C PHE A 788 42.10 0.22 11.23
N THR A 789 42.66 1.06 10.38
CA THR A 789 42.77 2.49 10.63
C THR A 789 41.55 3.25 10.10
N LYS A 790 41.43 4.51 10.53
CA LYS A 790 40.29 5.33 10.15
C LYS A 790 40.32 5.65 8.67
N ASP A 791 39.14 5.67 8.04
CA ASP A 791 38.99 6.11 6.66
C ASP A 791 39.91 5.31 5.73
N ASP A 792 39.87 3.99 5.87
CA ASP A 792 40.63 3.10 5.00
C ASP A 792 39.66 2.39 4.08
N PHE A 793 39.69 2.77 2.81
CA PHE A 793 38.74 2.29 1.81
C PHE A 793 39.29 1.16 0.97
N SER A 794 40.42 0.58 1.36
CA SER A 794 41.04 -0.49 0.58
C SER A 794 40.11 -1.69 0.52
N PRO A 795 40.30 -2.59 -0.45
CA PRO A 795 39.42 -3.75 -0.54
C PRO A 795 39.40 -4.62 0.70
N GLU A 796 40.54 -4.78 1.37
CA GLU A 796 40.59 -5.63 2.55
C GLU A 796 39.79 -5.05 3.71
N SER A 797 39.77 -3.72 3.85
CA SER A 797 39.07 -3.09 4.95
C SER A 797 37.57 -3.24 4.83
N LYS A 798 37.04 -3.19 3.61
CA LYS A 798 35.61 -3.12 3.37
C LYS A 798 35.06 -4.42 2.79
N GLY A 799 35.69 -5.54 3.11
CA GLY A 799 35.10 -6.84 2.90
C GLY A 799 35.53 -7.63 1.70
N PHE A 800 36.75 -7.44 1.20
CA PHE A 800 37.29 -8.29 0.15
C PHE A 800 38.11 -9.42 0.77
N VAL A 801 37.77 -10.65 0.40
CA VAL A 801 38.44 -11.83 0.91
C VAL A 801 39.41 -12.31 -0.18
N GLU A 802 40.70 -12.12 0.07
CA GLU A 802 41.70 -12.44 -0.95
C GLU A 802 42.00 -13.92 -1.03
N ASN A 803 41.79 -14.66 0.05
CA ASN A 803 42.13 -16.07 0.10
C ASN A 803 41.00 -16.91 -0.49
N SER A 804 41.28 -18.19 -0.64
CA SER A 804 40.26 -19.17 -0.99
C SER A 804 39.92 -19.99 0.24
N TYR A 805 38.86 -20.79 0.13
CA TYR A 805 38.50 -21.67 1.24
C TYR A 805 39.61 -22.69 1.49
N LEU A 806 40.23 -23.20 0.43
CA LEU A 806 41.36 -24.11 0.58
C LEU A 806 42.49 -23.46 1.36
N ARG A 807 42.81 -22.22 1.03
CA ARG A 807 43.93 -21.55 1.68
C ARG A 807 43.58 -21.18 3.11
N GLY A 808 42.30 -20.91 3.37
CA GLY A 808 41.86 -20.49 4.68
C GLY A 808 41.68 -19.00 4.80
N LEU A 809 40.63 -18.58 5.48
CA LEU A 809 40.34 -17.17 5.67
C LEU A 809 41.07 -16.64 6.90
N THR A 810 41.46 -15.37 6.84
CA THR A 810 42.01 -14.69 7.99
C THR A 810 40.88 -14.38 8.96
N PRO A 811 41.21 -14.04 10.21
CA PRO A 811 40.13 -13.68 11.16
C PRO A 811 39.24 -12.55 10.67
N GLN A 812 39.82 -11.52 10.06
CA GLN A 812 39.04 -10.42 9.52
C GLN A 812 38.12 -10.89 8.39
N GLU A 813 38.70 -11.64 7.44
CA GLU A 813 37.89 -12.18 6.35
C GLU A 813 36.83 -13.13 6.89
N PHE A 814 37.17 -13.89 7.92
CA PHE A 814 36.21 -14.78 8.53
C PHE A 814 35.03 -14.00 9.11
N PHE A 815 35.30 -12.90 9.82
CA PHE A 815 34.21 -12.12 10.39
C PHE A 815 33.36 -11.47 9.31
N PHE A 816 33.99 -10.93 8.24
CA PHE A 816 33.21 -10.31 7.17
C PHE A 816 32.34 -11.34 6.47
N HIS A 817 32.90 -12.52 6.20
CA HIS A 817 32.13 -13.58 5.58
C HIS A 817 31.01 -14.05 6.51
N ALA A 818 31.24 -14.00 7.82
CA ALA A 818 30.18 -14.31 8.77
C ALA A 818 29.06 -13.29 8.70
N MET A 819 29.38 -12.00 8.59
CA MET A 819 28.34 -11.00 8.42
C MET A 819 27.53 -11.26 7.16
N ALA A 820 28.21 -11.58 6.06
CA ALA A 820 27.48 -11.82 4.81
C ALA A 820 26.59 -13.06 4.91
N GLY A 821 27.12 -14.16 5.44
CA GLY A 821 26.29 -15.33 5.63
C GLY A 821 25.12 -15.10 6.56
N ARG A 822 25.32 -14.30 7.61
CA ARG A 822 24.22 -13.96 8.50
C ARG A 822 23.16 -13.15 7.78
N GLU A 823 23.57 -12.22 6.92
CA GLU A 823 22.61 -11.48 6.12
C GLU A 823 21.80 -12.43 5.23
N GLY A 824 22.48 -13.39 4.61
CA GLY A 824 21.76 -14.36 3.80
C GLY A 824 20.76 -15.17 4.60
N LEU A 825 21.16 -15.63 5.79
CA LEU A 825 20.24 -16.41 6.61
C LEU A 825 19.04 -15.58 7.05
N ILE A 826 19.26 -14.32 7.42
CA ILE A 826 18.15 -13.44 7.80
C ILE A 826 17.21 -13.25 6.62
N ASP A 827 17.77 -12.98 5.43
CA ASP A 827 16.93 -12.83 4.24
C ASP A 827 16.08 -14.06 4.00
N THR A 828 16.70 -15.25 4.03
CA THR A 828 15.93 -16.47 3.81
C THR A 828 14.84 -16.63 4.87
N ALA A 829 15.15 -16.28 6.11
CA ALA A 829 14.19 -16.45 7.20
C ALA A 829 13.04 -15.45 7.11
N VAL A 830 13.29 -14.26 6.57
CA VAL A 830 12.37 -13.15 6.74
C VAL A 830 11.54 -12.92 5.48
N LYS A 831 12.08 -13.21 4.31
CA LYS A 831 11.31 -12.92 3.11
C LYS A 831 10.24 -13.97 2.87
N THR A 832 10.42 -15.17 3.42
CA THR A 832 9.49 -16.26 3.16
C THR A 832 8.10 -15.93 3.68
N ALA A 833 8.00 -15.12 4.74
CA ALA A 833 6.69 -14.76 5.26
C ALA A 833 5.96 -13.82 4.32
N GLU A 834 6.67 -12.81 3.81
CA GLU A 834 6.07 -11.93 2.80
C GLU A 834 5.68 -12.71 1.56
N THR A 835 6.53 -13.64 1.13
CA THR A 835 6.22 -14.43 -0.06
C THR A 835 5.00 -15.31 0.17
N GLY A 836 4.90 -15.95 1.33
CA GLY A 836 3.74 -16.77 1.61
C GLY A 836 2.47 -15.94 1.69
N TYR A 837 2.55 -14.75 2.29
CA TYR A 837 1.39 -13.86 2.32
C TYR A 837 0.98 -13.45 0.91
N ILE A 838 1.95 -13.11 0.06
CA ILE A 838 1.65 -12.71 -1.31
C ILE A 838 0.99 -13.86 -2.06
N GLN A 839 1.52 -15.07 -1.89
CA GLN A 839 0.94 -16.19 -2.62
C GLN A 839 -0.45 -16.55 -2.11
N ARG A 840 -0.69 -16.42 -0.79
CA ARG A 840 -2.04 -16.63 -0.29
C ARG A 840 -3.02 -15.62 -0.86
N ARG A 841 -2.61 -14.34 -0.91
CA ARG A 841 -3.51 -13.32 -1.44
C ARG A 841 -3.79 -13.56 -2.92
N LEU A 842 -2.76 -13.93 -3.68
CA LEU A 842 -2.97 -14.25 -5.09
C LEU A 842 -3.92 -15.43 -5.25
N VAL A 843 -3.77 -16.46 -4.43
CA VAL A 843 -4.65 -17.62 -4.53
C VAL A 843 -6.08 -17.23 -4.21
N LYS A 844 -6.29 -16.45 -3.15
CA LYS A 844 -7.64 -16.02 -2.81
C LYS A 844 -8.23 -15.12 -3.89
N ALA A 845 -7.40 -14.31 -4.55
CA ALA A 845 -7.91 -13.44 -5.60
C ALA A 845 -8.31 -14.24 -6.83
N LEU A 846 -7.57 -15.31 -7.12
CA LEU A 846 -7.75 -16.06 -8.34
C LEU A 846 -8.37 -17.44 -8.10
N GLU A 847 -8.85 -17.72 -6.90
CA GLU A 847 -9.28 -19.07 -6.57
C GLU A 847 -10.55 -19.47 -7.29
N ASP A 848 -11.38 -18.50 -7.68
CA ASP A 848 -12.71 -18.78 -8.22
C ASP A 848 -12.76 -18.70 -9.75
N ILE A 849 -11.62 -18.76 -10.43
CA ILE A 849 -11.55 -18.49 -11.86
C ILE A 849 -11.31 -19.79 -12.62
N MET A 850 -12.19 -20.08 -13.57
CA MET A 850 -12.20 -21.35 -14.27
C MET A 850 -12.49 -21.10 -15.74
N VAL A 851 -11.90 -21.94 -16.60
CA VAL A 851 -12.24 -21.95 -18.02
C VAL A 851 -13.52 -22.72 -18.21
N HIS A 852 -14.49 -22.11 -18.88
CA HIS A 852 -15.79 -22.73 -19.07
C HIS A 852 -15.90 -23.38 -20.45
N TYR A 853 -16.97 -24.16 -20.62
CA TYR A 853 -17.14 -25.02 -21.78
C TYR A 853 -17.31 -24.24 -23.07
N ASP A 854 -17.66 -22.97 -23.00
CA ASP A 854 -17.73 -22.11 -24.18
C ASP A 854 -16.41 -21.43 -24.48
N GLY A 855 -15.35 -21.71 -23.72
CA GLY A 855 -14.04 -21.18 -23.97
C GLY A 855 -13.70 -19.97 -23.15
N THR A 856 -14.70 -19.33 -22.56
CA THR A 856 -14.50 -18.09 -21.83
C THR A 856 -13.83 -18.38 -20.49
N THR A 857 -13.27 -17.35 -19.89
CA THR A 857 -12.64 -17.45 -18.57
C THR A 857 -13.45 -16.59 -17.62
N ARG A 858 -14.23 -17.23 -16.75
CA ARG A 858 -15.16 -16.51 -15.88
C ARG A 858 -14.91 -16.86 -14.42
N ASN A 859 -15.34 -15.95 -13.55
CA ASN A 859 -15.27 -16.15 -12.11
C ASN A 859 -16.57 -16.77 -11.61
N SER A 860 -16.77 -16.79 -10.29
CA SER A 860 -17.95 -17.41 -9.71
C SER A 860 -19.21 -16.60 -9.97
N LEU A 861 -19.08 -15.28 -10.14
CA LEU A 861 -20.21 -14.45 -10.51
C LEU A 861 -20.62 -14.60 -11.96
N GLY A 862 -19.91 -15.40 -12.75
CA GLY A 862 -20.19 -15.49 -14.16
C GLY A 862 -19.61 -14.38 -15.00
N ASP A 863 -18.87 -13.45 -14.39
CA ASP A 863 -18.30 -12.34 -15.13
C ASP A 863 -17.12 -12.80 -15.98
N ILE A 864 -16.99 -12.22 -17.16
CA ILE A 864 -15.93 -12.61 -18.08
C ILE A 864 -14.63 -11.93 -17.68
N ILE A 865 -13.57 -12.72 -17.57
CA ILE A 865 -12.24 -12.19 -17.36
C ILE A 865 -11.43 -12.17 -18.65
N GLN A 866 -11.60 -13.20 -19.46
CA GLN A 866 -11.01 -13.28 -20.79
C GLN A 866 -12.00 -14.01 -21.68
N PHE A 867 -12.19 -13.52 -22.90
CA PHE A 867 -13.14 -14.16 -23.80
C PHE A 867 -12.62 -15.48 -24.34
N LEU A 868 -11.30 -15.65 -24.42
CA LEU A 868 -10.71 -16.94 -24.73
C LEU A 868 -9.46 -17.13 -23.86
N TYR A 869 -9.29 -18.35 -23.34
CA TYR A 869 -8.23 -18.58 -22.37
C TYR A 869 -6.85 -18.44 -23.00
N GLY A 870 -6.00 -17.62 -22.40
CA GLY A 870 -4.68 -17.40 -22.92
C GLY A 870 -4.66 -16.69 -24.25
N GLU A 871 -5.83 -16.29 -24.73
CA GLU A 871 -6.05 -15.62 -26.01
C GLU A 871 -5.82 -16.59 -27.17
N ASP A 872 -5.35 -17.80 -26.87
CA ASP A 872 -5.23 -18.86 -27.85
C ASP A 872 -6.07 -20.10 -27.55
N GLY A 873 -6.62 -20.21 -26.34
CA GLY A 873 -7.41 -21.37 -25.95
C GLY A 873 -6.64 -22.64 -25.65
N LEU A 874 -5.33 -22.57 -25.46
CA LEU A 874 -4.47 -23.74 -25.32
C LEU A 874 -4.06 -23.97 -23.87
N ASP A 875 -3.90 -25.25 -23.52
CA ASP A 875 -3.37 -25.61 -22.22
C ASP A 875 -1.88 -25.27 -22.17
N GLY A 876 -1.45 -24.73 -21.03
CA GLY A 876 -0.11 -24.17 -20.89
C GLY A 876 1.03 -25.17 -20.80
N THR A 877 0.73 -26.46 -20.73
CA THR A 877 1.77 -27.49 -20.76
C THR A 877 2.09 -27.93 -22.18
N GLN A 878 1.28 -27.54 -23.15
CA GLN A 878 1.25 -28.13 -24.47
C GLN A 878 2.00 -27.32 -25.53
N VAL A 879 2.62 -26.20 -25.17
CA VAL A 879 3.23 -25.34 -26.17
C VAL A 879 4.74 -25.37 -26.04
N GLU A 880 5.42 -25.23 -27.18
CA GLU A 880 6.88 -25.31 -27.27
C GLU A 880 7.38 -24.21 -28.19
N ARG A 881 8.56 -23.66 -27.85
CA ARG A 881 9.16 -22.63 -28.68
C ARG A 881 9.44 -23.12 -30.10
N GLN A 882 9.00 -22.33 -31.08
CA GLN A 882 9.16 -22.64 -32.50
C GLN A 882 9.45 -21.36 -33.26
N THR A 883 10.29 -21.47 -34.29
CA THR A 883 10.61 -20.34 -35.13
C THR A 883 9.53 -20.13 -36.19
N ILE A 884 9.10 -18.89 -36.37
CA ILE A 884 8.20 -18.50 -37.45
C ILE A 884 9.07 -18.04 -38.61
N ASP A 885 9.04 -18.79 -39.70
CA ASP A 885 10.05 -18.64 -40.74
C ASP A 885 9.74 -17.51 -41.72
N THR A 886 8.50 -17.04 -41.77
CA THR A 886 8.19 -15.90 -42.63
C THR A 886 8.66 -14.57 -42.05
N ILE A 887 8.98 -14.52 -40.76
CA ILE A 887 9.36 -13.26 -40.13
C ILE A 887 10.78 -12.85 -40.52
N PRO A 888 11.81 -13.65 -40.25
CA PRO A 888 13.17 -13.13 -40.37
C PRO A 888 13.66 -13.10 -41.80
N GLY A 889 14.75 -12.36 -42.00
CA GLY A 889 15.48 -12.33 -43.26
C GLY A 889 15.16 -11.11 -44.10
N SER A 890 15.89 -11.02 -45.20
CA SER A 890 15.68 -9.99 -46.22
C SER A 890 14.64 -10.44 -47.23
N ASP A 891 14.18 -9.48 -48.04
CA ASP A 891 13.16 -9.81 -49.02
C ASP A 891 13.69 -10.75 -50.09
N LYS A 892 14.98 -10.66 -50.41
CA LYS A 892 15.56 -11.58 -51.37
C LYS A 892 15.56 -13.01 -50.84
N ALA A 893 15.93 -13.18 -49.57
CA ALA A 893 15.92 -14.51 -48.96
C ALA A 893 14.49 -15.07 -48.92
N PHE A 894 13.53 -14.22 -48.54
CA PHE A 894 12.13 -14.60 -48.56
C PHE A 894 11.70 -15.07 -49.95
N HIS A 895 12.04 -14.28 -50.97
CA HIS A 895 11.68 -14.57 -52.33
C HIS A 895 12.28 -15.90 -52.79
N LYS A 896 13.55 -16.13 -52.47
CA LYS A 896 14.18 -17.37 -52.90
C LYS A 896 13.65 -18.59 -52.16
N ARG A 897 13.33 -18.46 -50.87
CA ARG A 897 12.79 -19.63 -50.17
C ARG A 897 11.39 -19.98 -50.63
N TYR A 898 10.54 -18.99 -50.90
CA TYR A 898 9.11 -19.27 -51.03
C TYR A 898 8.52 -19.08 -52.42
N TYR A 899 9.08 -18.23 -53.26
CA TYR A 899 8.44 -17.90 -54.53
C TYR A 899 8.83 -18.95 -55.57
N VAL A 900 7.81 -19.54 -56.19
CA VAL A 900 7.96 -20.43 -57.35
C VAL A 900 7.41 -19.80 -58.62
N ASP A 901 8.00 -20.19 -59.76
CA ASP A 901 7.60 -19.72 -61.08
C ASP A 901 7.50 -20.89 -62.03
N LEU A 902 6.37 -21.00 -62.71
CA LEU A 902 6.11 -22.15 -63.57
C LEU A 902 6.63 -21.91 -64.98
N MET A 903 6.33 -20.75 -65.56
CA MET A 903 6.84 -20.41 -66.89
C MET A 903 8.36 -20.31 -66.88
N ASP A 904 8.92 -19.61 -65.90
CA ASP A 904 10.36 -19.49 -65.78
C ASP A 904 10.98 -20.85 -65.49
N GLU A 905 11.92 -21.27 -66.34
CA GLU A 905 12.42 -22.63 -66.27
C GLU A 905 13.36 -22.83 -65.09
N LYS A 906 14.22 -21.85 -64.81
CA LYS A 906 15.28 -22.04 -63.82
C LYS A 906 14.74 -21.90 -62.39
N ASN A 907 13.91 -20.91 -62.13
CA ASN A 907 13.43 -20.63 -60.78
C ASN A 907 12.25 -21.50 -60.39
N SER A 908 12.02 -22.61 -61.09
CA SER A 908 10.94 -23.52 -60.77
C SER A 908 11.46 -24.61 -59.83
N ILE A 909 10.65 -25.64 -59.62
CA ILE A 909 11.09 -26.83 -58.90
C ILE A 909 12.27 -27.45 -59.63
N LYS A 910 13.25 -27.89 -58.85
CA LYS A 910 14.33 -28.70 -59.43
C LYS A 910 13.70 -29.96 -60.03
N PRO A 911 13.98 -30.26 -61.31
CA PRO A 911 13.27 -31.37 -61.96
C PRO A 911 13.52 -32.73 -61.31
N ASP A 912 14.67 -32.94 -60.69
CA ASP A 912 15.07 -34.27 -60.24
C ASP A 912 14.40 -34.69 -58.93
N VAL A 913 13.34 -34.01 -58.46
CA VAL A 913 12.70 -34.37 -57.21
C VAL A 913 11.28 -34.88 -57.39
N ILE A 914 10.64 -34.65 -58.54
CA ILE A 914 9.22 -34.97 -58.71
C ILE A 914 9.04 -35.81 -59.97
N GLU A 915 7.99 -36.64 -59.94
CA GLU A 915 7.62 -37.44 -61.11
C GLU A 915 7.17 -36.57 -62.27
N TYR A 916 6.30 -35.60 -61.98
CA TYR A 916 5.59 -34.79 -62.96
C TYR A 916 6.35 -33.54 -63.39
N ALA A 917 7.68 -33.55 -63.26
CA ALA A 917 8.49 -32.35 -63.49
C ALA A 917 8.25 -31.73 -64.86
N ALA A 918 8.21 -32.55 -65.92
CA ALA A 918 8.09 -32.02 -67.27
C ALA A 918 6.73 -31.41 -67.53
N ASP A 919 5.67 -31.96 -66.93
CA ASP A 919 4.32 -31.42 -67.10
C ASP A 919 4.16 -30.04 -66.47
N ILE A 920 5.04 -29.67 -65.55
CA ILE A 920 4.87 -28.43 -64.81
C ILE A 920 5.10 -27.20 -65.69
N LEU A 921 6.15 -27.20 -66.50
CA LEU A 921 6.58 -25.94 -67.11
C LEU A 921 5.47 -25.33 -67.96
N GLY A 922 5.32 -24.01 -67.85
CA GLY A 922 4.48 -23.24 -68.75
C GLY A 922 3.03 -23.15 -68.34
N ASP A 923 2.60 -23.91 -67.34
CA ASP A 923 1.20 -23.95 -66.96
C ASP A 923 0.77 -22.61 -66.36
N VAL A 924 -0.54 -22.35 -66.40
CA VAL A 924 -1.11 -21.11 -65.89
C VAL A 924 -2.15 -21.37 -64.80
N GLU A 925 -3.03 -22.34 -65.01
CA GLU A 925 -4.04 -22.73 -64.02
C GLU A 925 -3.43 -23.31 -62.75
N LEU A 926 -2.10 -23.42 -62.71
CA LEU A 926 -1.38 -23.79 -61.49
C LEU A 926 -0.53 -22.64 -60.96
N GLN A 927 0.02 -21.83 -61.86
CA GLN A 927 0.74 -20.64 -61.43
C GLN A 927 -0.19 -19.68 -60.71
N LYS A 928 -1.49 -19.70 -61.04
CA LYS A 928 -2.46 -18.93 -60.25
C LYS A 928 -2.49 -19.37 -58.80
N GLU A 929 -2.54 -20.68 -58.54
CA GLU A 929 -2.53 -21.16 -57.16
C GLU A 929 -1.22 -20.84 -56.48
N LEU A 930 -0.10 -20.98 -57.20
CA LEU A 930 1.19 -20.61 -56.62
C LEU A 930 1.24 -19.14 -56.24
N ASN A 931 0.71 -18.26 -57.09
CA ASN A 931 0.69 -16.84 -56.75
C ASN A 931 -0.22 -16.57 -55.56
N SER A 932 -1.35 -17.27 -55.47
CA SER A 932 -2.22 -17.09 -54.31
C SER A 932 -1.50 -17.50 -53.02
N GLU A 933 -0.79 -18.63 -53.06
CA GLU A 933 0.01 -19.06 -51.92
C GLU A 933 1.06 -18.01 -51.55
N TYR A 934 1.81 -17.53 -52.53
CA TYR A 934 2.86 -16.56 -52.24
C TYR A 934 2.27 -15.28 -51.67
N GLU A 935 1.09 -14.86 -52.15
CA GLU A 935 0.49 -13.65 -51.61
C GLU A 935 -0.02 -13.87 -50.20
N GLN A 936 -0.53 -15.06 -49.90
CA GLN A 936 -0.88 -15.36 -48.51
C GLN A 936 0.36 -15.31 -47.62
N LEU A 937 1.48 -15.83 -48.11
CA LEU A 937 2.72 -15.77 -47.33
C LEU A 937 3.18 -14.33 -47.12
N VAL A 938 3.03 -13.49 -48.14
CA VAL A 938 3.42 -12.09 -47.99
C VAL A 938 2.48 -11.38 -47.02
N SER A 939 1.19 -11.73 -47.05
CA SER A 939 0.26 -11.20 -46.06
C SER A 939 0.68 -11.58 -44.65
N ASP A 940 1.06 -12.84 -44.44
CA ASP A 940 1.53 -13.26 -43.12
C ASP A 940 2.79 -12.50 -42.73
N ARG A 941 3.74 -12.37 -43.65
CA ARG A 941 4.96 -11.61 -43.39
C ARG A 941 4.63 -10.20 -42.93
N LYS A 942 3.78 -9.50 -43.67
CA LYS A 942 3.43 -8.13 -43.32
C LYS A 942 2.70 -8.06 -41.99
N PHE A 943 1.74 -8.96 -41.77
CA PHE A 943 0.99 -8.97 -40.52
C PHE A 943 1.93 -9.15 -39.33
N LEU A 944 2.77 -10.18 -39.37
CA LEU A 944 3.65 -10.46 -38.24
C LEU A 944 4.68 -9.35 -38.06
N ARG A 945 5.17 -8.77 -39.15
CA ARG A 945 6.21 -7.75 -39.03
C ARG A 945 5.66 -6.42 -38.56
N GLU A 946 4.41 -6.09 -38.89
CA GLU A 946 3.91 -4.75 -38.60
C GLU A 946 2.94 -4.67 -37.42
N ILE A 947 2.25 -5.75 -37.07
CA ILE A 947 1.25 -5.73 -36.01
C ILE A 947 1.71 -6.52 -34.79
N VAL A 948 2.06 -7.79 -35.00
CA VAL A 948 2.29 -8.70 -33.87
C VAL A 948 3.70 -8.53 -33.32
N PHE A 949 4.70 -8.83 -34.15
CA PHE A 949 6.09 -8.81 -33.71
C PHE A 949 6.77 -7.72 -34.52
N VAL A 950 6.70 -6.49 -34.00
CA VAL A 950 7.27 -5.35 -34.71
C VAL A 950 8.79 -5.28 -34.54
N ASN A 951 9.32 -5.90 -33.48
CA ASN A 951 10.75 -5.84 -33.19
C ASN A 951 11.53 -7.01 -33.77
N GLY A 952 10.89 -7.90 -34.50
CA GLY A 952 11.57 -8.94 -35.26
C GLY A 952 11.67 -10.29 -34.60
N ASP A 953 11.36 -10.40 -33.31
CA ASP A 953 11.47 -11.68 -32.63
C ASP A 953 10.57 -12.72 -33.28
N HIS A 954 11.12 -13.90 -33.54
CA HIS A 954 10.42 -14.94 -34.29
C HIS A 954 10.46 -16.30 -33.61
N ASN A 955 10.95 -16.39 -32.39
CA ASN A 955 11.00 -17.64 -31.63
C ASN A 955 10.02 -17.50 -30.48
N TRP A 956 8.85 -18.12 -30.61
CA TRP A 956 7.78 -17.94 -29.65
C TRP A 956 7.16 -19.27 -29.25
N PRO A 957 6.66 -19.37 -28.02
CA PRO A 957 6.00 -20.60 -27.59
C PRO A 957 4.68 -20.77 -28.33
N LEU A 958 4.50 -21.95 -28.91
CA LEU A 958 3.36 -22.21 -29.77
C LEU A 958 2.98 -23.68 -29.62
N PRO A 959 1.78 -24.05 -30.02
CA PRO A 959 1.42 -25.48 -30.03
C PRO A 959 2.19 -26.23 -31.10
N VAL A 960 1.66 -27.40 -31.46
CA VAL A 960 2.40 -28.60 -31.86
C VAL A 960 3.71 -28.30 -32.59
N ASN A 961 4.78 -28.93 -32.13
CA ASN A 961 6.10 -28.75 -32.71
C ASN A 961 6.18 -29.42 -34.07
N LEU A 962 6.39 -28.64 -35.12
CA LEU A 962 6.32 -29.13 -36.49
C LEU A 962 7.64 -29.69 -36.97
N ARG A 963 8.77 -29.18 -36.47
CA ARG A 963 10.04 -29.79 -36.78
C ARG A 963 10.02 -31.26 -36.41
N ARG A 964 9.51 -31.56 -35.22
CA ARG A 964 9.50 -32.92 -34.73
C ARG A 964 8.53 -33.77 -35.53
N ILE A 965 7.41 -33.17 -35.95
CA ILE A 965 6.45 -33.88 -36.81
C ILE A 965 7.10 -34.25 -38.14
N ILE A 966 7.81 -33.30 -38.74
CA ILE A 966 8.42 -33.51 -40.05
C ILE A 966 9.49 -34.58 -39.94
N GLN A 967 10.32 -34.50 -38.90
CA GLN A 967 11.40 -35.48 -38.75
C GLN A 967 10.84 -36.87 -38.44
N ASN A 968 9.76 -36.94 -37.67
CA ASN A 968 9.13 -38.24 -37.46
C ASN A 968 8.56 -38.80 -38.76
N ALA A 969 7.97 -37.94 -39.59
CA ALA A 969 7.46 -38.39 -40.88
C ALA A 969 8.57 -38.90 -41.77
N GLN A 970 9.71 -38.21 -41.75
CA GLN A 970 10.86 -38.66 -42.52
C GLN A 970 11.33 -40.03 -42.05
N GLN A 971 11.41 -40.22 -40.74
CA GLN A 971 11.82 -41.50 -40.19
C GLN A 971 10.87 -42.64 -40.55
N ILE A 972 9.56 -42.42 -40.46
CA ILE A 972 8.62 -43.54 -40.66
C ILE A 972 8.56 -43.97 -42.12
N PHE A 973 8.61 -43.02 -43.05
CA PHE A 973 8.46 -43.34 -44.47
C PHE A 973 9.75 -43.34 -45.26
N HIS A 974 10.91 -43.20 -44.61
CA HIS A 974 12.20 -43.51 -45.23
C HIS A 974 12.42 -42.67 -46.49
N LEU A 975 12.62 -41.37 -46.26
CA LEU A 975 12.63 -40.39 -47.34
C LEU A 975 14.01 -40.28 -48.00
N ASP A 976 14.78 -41.36 -47.98
CA ASP A 976 16.10 -41.41 -48.58
C ASP A 976 15.98 -41.70 -50.08
N ARG A 977 17.12 -41.76 -50.74
CA ARG A 977 17.26 -42.04 -52.17
C ARG A 977 16.64 -40.97 -53.06
N ALA A 978 16.27 -39.82 -52.47
CA ALA A 978 15.80 -38.66 -53.22
C ALA A 978 14.80 -39.03 -54.31
N LYS A 979 13.84 -39.88 -53.93
CA LYS A 979 12.95 -40.46 -54.93
C LYS A 979 12.04 -39.42 -55.55
N ALA A 980 11.65 -39.66 -56.79
CA ALA A 980 10.66 -38.83 -57.47
C ALA A 980 9.41 -38.71 -56.62
N SER A 981 9.02 -37.47 -56.33
CA SER A 981 7.89 -37.22 -55.43
C SER A 981 6.59 -37.17 -56.22
N ASP A 982 5.60 -37.93 -55.77
CA ASP A 982 4.29 -37.99 -56.39
C ASP A 982 3.31 -37.00 -55.79
N LEU A 983 3.79 -35.91 -55.20
CA LEU A 983 2.98 -34.99 -54.43
C LEU A 983 2.80 -33.72 -55.25
N THR A 984 1.63 -33.57 -55.85
CA THR A 984 1.39 -32.48 -56.78
C THR A 984 1.20 -31.15 -56.05
N ILE A 985 1.52 -30.06 -56.75
CA ILE A 985 1.37 -28.73 -56.15
C ILE A 985 -0.06 -28.45 -55.74
N PRO A 986 -1.08 -28.65 -56.59
CA PRO A 986 -2.44 -28.32 -56.16
C PRO A 986 -2.87 -29.13 -54.94
N GLU A 987 -2.40 -30.37 -54.83
CA GLU A 987 -2.76 -31.17 -53.66
C GLU A 987 -2.10 -30.62 -52.40
N ILE A 988 -0.87 -30.13 -52.51
CA ILE A 988 -0.23 -29.48 -51.37
C ILE A 988 -1.01 -28.25 -50.95
N ILE A 989 -1.33 -27.39 -51.92
CA ILE A 989 -1.99 -26.13 -51.60
C ILE A 989 -3.35 -26.39 -50.98
N HIS A 990 -4.12 -27.32 -51.55
CA HIS A 990 -5.44 -27.59 -51.00
C HIS A 990 -5.35 -28.31 -49.66
N GLY A 991 -4.33 -29.14 -49.46
CA GLY A 991 -4.13 -29.77 -48.16
C GLY A 991 -3.86 -28.77 -47.06
N VAL A 992 -2.95 -27.82 -47.33
CA VAL A 992 -2.64 -26.82 -46.33
C VAL A 992 -3.83 -25.89 -46.11
N ARG A 993 -4.57 -25.56 -47.17
CA ARG A 993 -5.76 -24.73 -47.00
C ARG A 993 -6.81 -25.42 -46.13
N ASP A 994 -7.06 -26.70 -46.40
CA ASP A 994 -8.03 -27.43 -45.58
C ASP A 994 -7.54 -27.55 -44.15
N LEU A 995 -6.25 -27.81 -43.96
CA LEU A 995 -5.74 -27.88 -42.60
C LEU A 995 -5.94 -26.55 -41.87
N CYS A 996 -5.60 -25.45 -42.53
CA CYS A 996 -5.79 -24.14 -41.92
C CYS A 996 -7.26 -23.87 -41.61
N LYS A 997 -8.18 -24.56 -42.29
CA LYS A 997 -9.60 -24.45 -41.99
C LYS A 997 -10.10 -25.65 -41.19
N LYS A 998 -9.22 -26.26 -40.39
CA LYS A 998 -9.60 -27.41 -39.59
C LYS A 998 -9.07 -27.32 -38.16
N LEU A 999 -8.52 -26.19 -37.75
CA LEU A 999 -7.98 -26.03 -36.40
C LEU A 999 -9.04 -25.30 -35.58
N PHE A 1000 -9.79 -26.06 -34.78
CA PHE A 1000 -10.97 -25.54 -34.12
C PHE A 1000 -10.63 -25.23 -32.67
N VAL A 1001 -10.51 -23.94 -32.35
CA VAL A 1001 -10.49 -23.51 -30.96
C VAL A 1001 -11.89 -23.23 -30.45
N LEU A 1002 -12.81 -22.83 -31.34
CA LEU A 1002 -14.19 -22.61 -31.00
C LEU A 1002 -15.06 -23.25 -32.06
N ARG A 1003 -16.10 -23.97 -31.63
CA ARG A 1003 -17.01 -24.66 -32.54
C ARG A 1003 -18.37 -23.96 -32.54
N GLY A 1004 -18.92 -23.76 -33.71
CA GLY A 1004 -20.21 -23.12 -33.85
C GLY A 1004 -20.31 -22.44 -35.20
N GLU A 1005 -21.53 -22.37 -35.72
CA GLU A 1005 -21.79 -21.73 -36.99
C GLU A 1005 -22.08 -20.24 -36.86
N ASN A 1006 -22.02 -19.70 -35.64
CA ASN A 1006 -22.23 -18.27 -35.42
C ASN A 1006 -21.15 -17.48 -36.14
N GLU A 1007 -21.34 -16.16 -36.19
CA GLU A 1007 -20.39 -15.31 -36.91
C GLU A 1007 -19.31 -14.77 -35.99
N LEU A 1008 -19.67 -14.40 -34.75
CA LEU A 1008 -18.65 -14.06 -33.79
C LEU A 1008 -17.82 -15.28 -33.41
N ILE A 1009 -18.42 -16.47 -33.47
CA ILE A 1009 -17.65 -17.70 -33.27
C ILE A 1009 -16.60 -17.85 -34.37
N LYS A 1010 -16.99 -17.61 -35.62
CA LYS A 1010 -16.04 -17.71 -36.72
C LYS A 1010 -14.92 -16.67 -36.60
N GLU A 1011 -15.29 -15.43 -36.26
CA GLU A 1011 -14.27 -14.39 -36.09
C GLU A 1011 -13.29 -14.74 -34.97
N ALA A 1012 -13.80 -15.19 -33.82
CA ALA A 1012 -12.93 -15.55 -32.72
C ALA A 1012 -12.08 -16.77 -33.05
N GLN A 1013 -12.64 -17.72 -33.79
CA GLN A 1013 -11.87 -18.89 -34.20
C GLN A 1013 -10.71 -18.50 -35.11
N GLN A 1014 -10.95 -17.58 -36.05
CA GLN A 1014 -9.87 -17.18 -36.94
C GLN A 1014 -8.84 -16.32 -36.22
N ASN A 1015 -9.28 -15.46 -35.29
CA ASN A 1015 -8.33 -14.71 -34.49
C ASN A 1015 -7.52 -15.61 -33.56
N ALA A 1016 -8.10 -16.74 -33.13
CA ALA A 1016 -7.43 -17.62 -32.17
C ALA A 1016 -6.23 -18.31 -32.80
N THR A 1017 -6.34 -18.71 -34.06
CA THR A 1017 -5.34 -19.57 -34.70
C THR A 1017 -4.58 -18.84 -35.80
N SER A 1018 -4.55 -17.51 -35.76
CA SER A 1018 -3.87 -16.77 -36.81
C SER A 1018 -2.36 -16.97 -36.76
N LEU A 1019 -1.77 -16.87 -35.57
CA LEU A 1019 -0.32 -17.08 -35.44
C LEU A 1019 0.07 -18.51 -35.78
N PHE A 1020 -0.71 -19.48 -35.32
CA PHE A 1020 -0.37 -20.87 -35.60
C PHE A 1020 -0.54 -21.18 -37.09
N GLN A 1021 -1.56 -20.58 -37.73
CA GLN A 1021 -1.68 -20.73 -39.17
C GLN A 1021 -0.51 -20.08 -39.88
N CYS A 1022 -0.04 -18.94 -39.38
CA CYS A 1022 1.15 -18.31 -39.95
C CYS A 1022 2.34 -19.26 -39.88
N LEU A 1023 2.51 -19.93 -38.76
CA LEU A 1023 3.60 -20.89 -38.62
C LEU A 1023 3.44 -22.04 -39.62
N VAL A 1024 2.25 -22.64 -39.67
CA VAL A 1024 2.02 -23.79 -40.54
C VAL A 1024 2.18 -23.43 -42.00
N ARG A 1025 1.87 -22.19 -42.38
CA ARG A 1025 2.04 -21.80 -43.77
C ARG A 1025 3.47 -21.38 -44.06
N ALA A 1026 4.19 -20.85 -43.08
CA ALA A 1026 5.61 -20.56 -43.25
C ALA A 1026 6.44 -21.82 -43.37
N ARG A 1027 6.01 -22.90 -42.72
CA ARG A 1027 6.76 -24.15 -42.79
C ARG A 1027 6.36 -25.02 -43.98
N LEU A 1028 5.07 -25.27 -44.15
CA LEU A 1028 4.61 -26.16 -45.22
C LEU A 1028 4.41 -25.40 -46.53
N ALA A 1029 5.44 -24.67 -46.95
CA ALA A 1029 5.39 -23.99 -48.23
C ALA A 1029 5.77 -24.98 -49.33
N THR A 1030 5.30 -24.69 -50.54
CA THR A 1030 5.47 -25.64 -51.65
C THR A 1030 6.95 -25.90 -51.96
N ARG A 1031 7.75 -24.85 -52.12
CA ARG A 1031 9.16 -25.07 -52.37
C ARG A 1031 9.85 -25.79 -51.22
N ARG A 1032 9.52 -25.41 -49.98
CA ARG A 1032 10.15 -26.06 -48.84
C ARG A 1032 9.75 -27.52 -48.74
N ILE A 1033 8.45 -27.80 -48.82
CA ILE A 1033 7.97 -29.18 -48.72
C ILE A 1033 8.60 -30.04 -49.81
N LEU A 1034 8.72 -29.50 -51.02
CA LEU A 1034 9.19 -30.31 -52.14
C LEU A 1034 10.71 -30.49 -52.15
N GLU A 1035 11.46 -29.43 -51.86
CA GLU A 1035 12.92 -29.48 -51.95
C GLU A 1035 13.58 -29.78 -50.62
N GLU A 1036 13.27 -29.01 -49.57
CA GLU A 1036 14.01 -29.12 -48.33
C GLU A 1036 13.61 -30.37 -47.55
N PHE A 1037 12.32 -30.71 -47.56
CA PHE A 1037 11.85 -31.86 -46.82
C PHE A 1037 11.49 -33.07 -47.69
N ARG A 1038 11.23 -32.85 -48.98
CA ARG A 1038 11.05 -33.92 -49.97
C ARG A 1038 10.00 -34.95 -49.53
N LEU A 1039 8.87 -34.47 -49.02
CA LEU A 1039 7.82 -35.39 -48.60
C LEU A 1039 7.06 -35.90 -49.82
N ASN A 1040 6.61 -37.16 -49.74
CA ASN A 1040 5.68 -37.71 -50.72
C ASN A 1040 4.23 -37.56 -50.25
N ARG A 1041 3.30 -38.20 -50.97
CA ARG A 1041 1.87 -38.07 -50.66
C ARG A 1041 1.54 -38.72 -49.32
N ASP A 1042 2.14 -39.87 -49.03
CA ASP A 1042 1.84 -40.57 -47.78
C ASP A 1042 2.31 -39.75 -46.59
N ALA A 1043 3.56 -39.27 -46.65
CA ALA A 1043 4.08 -38.42 -45.59
C ALA A 1043 3.27 -37.16 -45.45
N PHE A 1044 2.79 -36.61 -46.57
CA PHE A 1044 1.98 -35.40 -46.52
C PHE A 1044 0.68 -35.64 -45.76
N GLU A 1045 -0.05 -36.69 -46.15
CA GLU A 1045 -1.30 -37.00 -45.45
C GLU A 1045 -1.04 -37.27 -43.98
N TRP A 1046 0.05 -37.97 -43.66
CA TRP A 1046 0.37 -38.23 -42.26
C TRP A 1046 0.66 -36.96 -41.48
N VAL A 1047 1.40 -36.02 -42.07
CA VAL A 1047 1.69 -34.77 -41.39
C VAL A 1047 0.42 -33.98 -41.14
N LEU A 1048 -0.46 -33.89 -42.14
CA LEU A 1048 -1.71 -33.18 -41.93
C LEU A 1048 -2.58 -33.82 -40.85
N GLY A 1049 -2.79 -35.14 -40.92
CA GLY A 1049 -3.63 -35.78 -39.93
C GLY A 1049 -3.06 -35.63 -38.53
N THR A 1050 -1.74 -35.73 -38.41
CA THR A 1050 -1.12 -35.57 -37.11
C THR A 1050 -1.26 -34.14 -36.60
N ILE A 1051 -1.18 -33.14 -37.49
CA ILE A 1051 -1.39 -31.77 -37.04
C ILE A 1051 -2.82 -31.58 -36.51
N GLU A 1052 -3.83 -32.05 -37.26
CA GLU A 1052 -5.18 -32.03 -36.69
C GLU A 1052 -5.22 -32.62 -35.28
N ALA A 1053 -4.78 -33.87 -35.13
CA ALA A 1053 -4.98 -34.54 -33.85
C ALA A 1053 -4.18 -33.89 -32.72
N GLN A 1054 -2.93 -33.53 -32.98
CA GLN A 1054 -2.13 -32.96 -31.90
C GLN A 1054 -2.58 -31.54 -31.56
N PHE A 1055 -3.11 -30.78 -32.53
CA PHE A 1055 -3.68 -29.49 -32.16
C PHE A 1055 -4.93 -29.69 -31.33
N GLN A 1056 -5.76 -30.66 -31.68
CA GLN A 1056 -6.92 -30.95 -30.86
C GLN A 1056 -6.52 -31.40 -29.46
N ARG A 1057 -5.32 -31.95 -29.33
CA ARG A 1057 -4.83 -32.34 -28.01
C ARG A 1057 -4.17 -31.18 -27.26
N SER A 1058 -3.82 -30.09 -27.94
CA SER A 1058 -3.16 -28.98 -27.27
C SER A 1058 -4.13 -28.04 -26.57
N LEU A 1059 -5.44 -28.26 -26.67
CA LEU A 1059 -6.42 -27.31 -26.16
C LEU A 1059 -6.64 -27.49 -24.66
N VAL A 1060 -6.89 -26.36 -23.98
CA VAL A 1060 -7.16 -26.38 -22.55
C VAL A 1060 -8.49 -27.08 -22.29
N HIS A 1061 -8.57 -27.78 -21.16
CA HIS A 1061 -9.84 -28.44 -20.93
C HIS A 1061 -10.79 -27.52 -20.18
N PRO A 1062 -12.07 -27.49 -20.54
CA PRO A 1062 -13.05 -26.82 -19.70
C PRO A 1062 -13.07 -27.43 -18.30
N GLY A 1063 -13.13 -26.57 -17.30
CA GLY A 1063 -13.05 -27.02 -15.92
C GLY A 1063 -11.71 -26.73 -15.28
N GLU A 1064 -10.70 -26.38 -16.08
CA GLU A 1064 -9.40 -26.01 -15.56
C GLU A 1064 -9.49 -24.88 -14.56
N MET A 1065 -8.78 -25.03 -13.46
CA MET A 1065 -8.69 -23.98 -12.45
C MET A 1065 -7.48 -23.09 -12.75
N VAL A 1066 -7.60 -22.38 -13.88
CA VAL A 1066 -6.50 -21.57 -14.38
C VAL A 1066 -6.13 -20.46 -13.41
N GLY A 1067 -7.06 -20.05 -12.55
CA GLY A 1067 -6.73 -19.03 -11.57
C GLY A 1067 -5.80 -19.53 -10.49
N VAL A 1068 -6.08 -20.71 -9.93
CA VAL A 1068 -5.18 -21.30 -8.94
C VAL A 1068 -3.83 -21.65 -9.55
N ILE A 1069 -3.84 -22.21 -10.76
CA ILE A 1069 -2.60 -22.56 -11.42
C ILE A 1069 -1.78 -21.30 -11.69
N ALA A 1070 -2.43 -20.23 -12.16
CA ALA A 1070 -1.73 -18.98 -12.41
C ALA A 1070 -1.20 -18.37 -11.11
N ALA A 1071 -1.99 -18.44 -10.04
CA ALA A 1071 -1.53 -17.90 -8.76
C ALA A 1071 -0.30 -18.63 -8.27
N GLN A 1072 -0.29 -19.96 -8.40
CA GLN A 1072 0.87 -20.72 -7.95
C GLN A 1072 2.06 -20.48 -8.87
N SER A 1073 1.82 -20.40 -10.18
CA SER A 1073 2.88 -20.16 -11.15
C SER A 1073 3.50 -18.78 -10.98
N ILE A 1074 2.76 -17.83 -10.45
CA ILE A 1074 3.33 -16.51 -10.18
C ILE A 1074 4.00 -16.47 -8.82
N GLY A 1075 3.42 -17.12 -7.81
CA GLY A 1075 3.94 -17.04 -6.46
C GLY A 1075 5.19 -17.86 -6.22
N GLU A 1076 5.27 -19.04 -6.84
CA GLU A 1076 6.43 -19.89 -6.64
C GLU A 1076 7.74 -19.21 -7.05
N PRO A 1077 7.85 -18.56 -8.21
CA PRO A 1077 9.11 -17.86 -8.53
C PRO A 1077 9.49 -16.80 -7.51
N ALA A 1078 8.51 -16.18 -6.86
CA ALA A 1078 8.82 -15.22 -5.81
C ALA A 1078 9.60 -15.85 -4.65
N THR A 1079 9.50 -17.17 -4.48
CA THR A 1079 10.26 -17.83 -3.43
C THR A 1079 11.75 -17.94 -3.78
N GLN A 1080 12.11 -17.75 -5.05
CA GLN A 1080 13.51 -17.76 -5.45
C GLN A 1080 14.06 -16.38 -5.78
N MET A 1081 13.23 -15.33 -5.79
CA MET A 1081 13.75 -13.98 -5.96
C MET A 1081 13.68 -13.22 -4.65
N ASN A 1095 18.45 2.77 -10.51
CA ASN A 1095 18.01 2.22 -9.24
C ASN A 1095 16.56 1.75 -9.33
N VAL A 1096 16.31 0.75 -10.17
CA VAL A 1096 14.96 0.30 -10.44
C VAL A 1096 14.55 -0.69 -9.35
N THR A 1097 13.36 -0.50 -8.78
CA THR A 1097 12.85 -1.43 -7.79
C THR A 1097 12.40 -2.71 -8.48
N LEU A 1098 12.87 -3.85 -7.98
CA LEU A 1098 12.58 -5.14 -8.57
C LEU A 1098 12.35 -6.16 -7.47
N GLY A 1099 11.99 -7.38 -7.88
CA GLY A 1099 11.78 -8.47 -6.96
C GLY A 1099 10.51 -8.34 -6.14
N VAL A 1100 10.60 -8.81 -4.89
CA VAL A 1100 9.42 -8.91 -4.03
C VAL A 1100 8.82 -7.55 -3.71
N PRO A 1101 9.58 -6.52 -3.33
CA PRO A 1101 8.94 -5.22 -3.08
C PRO A 1101 8.23 -4.65 -4.30
N ARG A 1102 8.80 -4.83 -5.49
CA ARG A 1102 8.17 -4.32 -6.69
C ARG A 1102 6.90 -5.11 -7.02
N LEU A 1103 6.93 -6.44 -6.86
CA LEU A 1103 5.73 -7.23 -7.05
C LEU A 1103 4.65 -6.87 -6.05
N LYS A 1104 5.05 -6.54 -4.82
CA LYS A 1104 4.10 -6.09 -3.80
C LYS A 1104 3.49 -4.75 -4.19
N GLU A 1105 4.31 -3.85 -4.73
CA GLU A 1105 3.78 -2.59 -5.24
C GLU A 1105 2.76 -2.84 -6.33
N ILE A 1106 3.05 -3.78 -7.23
CA ILE A 1106 2.15 -4.03 -8.34
C ILE A 1106 0.82 -4.61 -7.85
N LEU A 1107 0.89 -5.64 -7.00
CA LEU A 1107 -0.32 -6.31 -6.56
C LEU A 1107 -1.09 -5.46 -5.55
N ASN A 1108 -0.38 -4.81 -4.63
CA ASN A 1108 -0.99 -3.82 -3.75
C ASN A 1108 -0.94 -2.48 -4.47
N VAL A 1109 -1.92 -2.26 -5.35
CA VAL A 1109 -1.90 -1.16 -6.29
C VAL A 1109 -1.67 0.12 -5.51
N ALA A 1110 -0.53 0.77 -5.73
CA ALA A 1110 -0.12 1.90 -4.93
C ALA A 1110 -0.33 3.20 -5.69
N LYS A 1111 -0.77 4.23 -4.99
CA LYS A 1111 -0.94 5.52 -5.64
C LYS A 1111 0.41 6.18 -5.90
N ASN A 1112 1.41 5.85 -5.09
CA ASN A 1112 2.79 6.24 -5.35
C ASN A 1112 3.70 5.03 -5.18
N ILE A 1113 4.78 4.99 -5.96
CA ILE A 1113 5.71 3.88 -5.93
C ILE A 1113 7.09 4.40 -5.55
N LYS A 1114 8.00 3.48 -5.24
CA LYS A 1114 9.33 3.86 -4.77
C LYS A 1114 10.12 4.61 -5.84
N THR A 1115 10.08 4.15 -7.08
CA THR A 1115 10.86 4.75 -8.17
C THR A 1115 9.99 4.97 -9.40
N PRO A 1116 9.26 6.09 -9.43
CA PRO A 1116 8.54 6.47 -10.66
C PRO A 1116 9.50 6.86 -11.77
N ALA A 1117 9.10 6.58 -13.01
CA ALA A 1117 9.96 6.83 -14.16
C ALA A 1117 9.13 6.80 -15.44
N LEU A 1118 9.44 7.71 -16.36
CA LEU A 1118 8.92 7.69 -17.72
C LEU A 1118 9.99 7.21 -18.68
N THR A 1119 9.55 6.65 -19.82
CA THR A 1119 10.44 6.38 -20.95
C THR A 1119 9.96 7.17 -22.18
N VAL A 1120 10.64 8.28 -22.44
CA VAL A 1120 10.23 9.26 -23.44
C VAL A 1120 10.95 8.95 -24.75
N TYR A 1121 10.26 8.31 -25.69
CA TYR A 1121 10.83 8.11 -27.02
C TYR A 1121 10.81 9.42 -27.80
N LEU A 1122 11.93 9.75 -28.42
CA LEU A 1122 12.08 10.99 -29.16
C LEU A 1122 11.68 10.84 -30.62
N ASP A 1123 11.34 11.98 -31.23
CA ASP A 1123 11.12 12.02 -32.67
C ASP A 1123 12.40 11.67 -33.40
N ARG A 1124 12.26 11.07 -34.58
CA ARG A 1124 13.39 10.42 -35.25
C ARG A 1124 14.49 11.43 -35.58
N GLU A 1125 14.11 12.61 -36.07
CA GLU A 1125 15.11 13.63 -36.34
C GLU A 1125 15.91 13.98 -35.09
N ILE A 1126 15.22 14.12 -33.96
CA ILE A 1126 15.91 14.29 -32.69
C ILE A 1126 16.58 12.98 -32.26
N ALA A 1127 15.95 11.84 -32.56
CA ALA A 1127 16.41 10.56 -31.99
C ALA A 1127 17.80 10.16 -32.47
N LEU A 1128 18.30 10.75 -33.56
CA LEU A 1128 19.64 10.43 -34.02
C LEU A 1128 20.67 11.48 -33.62
N ASP A 1129 20.30 12.75 -33.62
CA ASP A 1129 21.21 13.82 -33.23
C ASP A 1129 21.31 13.90 -31.71
N ILE A 1130 22.50 14.21 -31.22
CA ILE A 1130 22.71 14.27 -29.77
C ILE A 1130 22.48 15.69 -29.24
N GLU A 1131 22.84 16.71 -30.01
CA GLU A 1131 22.60 18.08 -29.56
C GLU A 1131 21.10 18.35 -29.44
N LYS A 1132 20.33 17.90 -30.44
CA LYS A 1132 18.88 18.07 -30.39
C LYS A 1132 18.29 17.31 -29.20
N ALA A 1133 18.78 16.10 -28.95
CA ALA A 1133 18.31 15.35 -27.79
C ALA A 1133 18.62 16.09 -26.49
N LYS A 1134 19.78 16.75 -26.41
CA LYS A 1134 20.09 17.51 -25.20
C LYS A 1134 19.20 18.74 -25.09
N VAL A 1135 18.83 19.35 -26.21
CA VAL A 1135 17.90 20.47 -26.16
C VAL A 1135 16.53 20.01 -25.68
N ILE A 1136 16.07 18.85 -26.15
CA ILE A 1136 14.81 18.30 -25.66
C ILE A 1136 14.90 17.97 -24.17
N GLN A 1137 16.04 17.43 -23.74
CA GLN A 1137 16.29 17.20 -22.31
C GLN A 1137 16.12 18.49 -21.53
N SER A 1138 16.74 19.57 -22.02
CA SER A 1138 16.63 20.85 -21.33
C SER A 1138 15.17 21.32 -21.29
N SER A 1139 14.42 21.05 -22.36
CA SER A 1139 13.02 21.46 -22.39
C SER A 1139 12.17 20.65 -21.43
N ILE A 1140 12.51 19.38 -21.19
CA ILE A 1140 11.67 18.51 -20.38
C ILE A 1140 11.99 18.60 -18.88
N GLU A 1141 13.20 19.01 -18.52
CA GLU A 1141 13.61 19.00 -17.13
C GLU A 1141 13.05 20.21 -16.38
N TYR A 1142 12.80 20.01 -15.09
CA TYR A 1142 12.15 21.01 -14.25
C TYR A 1142 13.21 21.72 -13.42
N THR A 1143 13.30 23.04 -13.55
CA THR A 1143 14.15 23.83 -12.69
C THR A 1143 13.35 24.92 -11.98
N THR A 1144 13.62 25.07 -10.69
CA THR A 1144 13.06 26.12 -9.84
C THR A 1144 14.16 27.09 -9.42
N LEU A 1145 13.75 28.24 -8.88
CA LEU A 1145 14.72 29.20 -8.40
C LEU A 1145 15.66 28.60 -7.36
N LYS A 1146 15.20 27.58 -6.63
CA LYS A 1146 16.10 26.85 -5.74
C LYS A 1146 17.27 26.27 -6.53
N ASN A 1147 17.03 25.77 -7.73
CA ASN A 1147 18.07 25.05 -8.44
C ASN A 1147 19.20 25.96 -8.90
N VAL A 1148 19.00 27.28 -8.87
CA VAL A 1148 19.98 28.20 -9.41
C VAL A 1148 20.28 29.32 -8.43
N THR A 1149 19.88 29.15 -7.18
CA THR A 1149 20.05 30.19 -6.16
C THR A 1149 21.09 29.75 -5.15
N SER A 1150 22.02 30.65 -4.83
CA SER A 1150 23.11 30.37 -3.89
C SER A 1150 22.72 30.79 -2.48
N ALA A 1151 22.42 32.08 -2.32
CA ALA A 1151 22.18 32.67 -1.01
C ALA A 1151 21.41 33.97 -1.21
N THR A 1152 20.33 34.15 -0.47
CA THR A 1152 19.52 35.33 -0.61
C THR A 1152 19.78 36.23 0.60
N GLU A 1153 19.89 37.52 0.35
CA GLU A 1153 20.06 38.48 1.43
C GLU A 1153 18.84 39.39 1.56
N ILE A 1154 18.88 40.26 2.56
CA ILE A 1154 17.93 41.35 2.73
C ILE A 1154 18.66 42.62 3.17
N TYR A 1155 18.60 43.67 2.36
CA TYR A 1155 19.20 44.96 2.67
C TYR A 1155 18.13 46.01 2.89
N TYR A 1156 18.34 46.85 3.91
CA TYR A 1156 17.54 48.04 4.12
C TYR A 1156 18.11 49.14 3.22
N ASP A 1157 17.33 49.57 2.23
CA ASP A 1157 17.75 50.61 1.28
C ASP A 1157 16.72 51.73 1.35
N PRO A 1158 16.92 52.72 2.23
CA PRO A 1158 15.88 53.73 2.47
C PRO A 1158 15.51 54.55 1.24
N ASP A 1159 16.42 54.79 0.31
CA ASP A 1159 16.14 55.62 -0.84
C ASP A 1159 16.20 54.79 -2.11
N PRO A 1160 15.12 54.67 -2.87
CA PRO A 1160 15.13 53.83 -4.07
C PRO A 1160 16.13 54.27 -5.14
N THR A 1161 16.36 55.58 -5.28
CA THR A 1161 17.24 56.06 -6.33
C THR A 1161 18.72 55.97 -5.97
N SER A 1162 19.04 55.76 -4.70
CA SER A 1162 20.42 55.61 -4.26
C SER A 1162 20.59 54.23 -3.62
N THR A 1163 21.76 54.00 -3.04
CA THR A 1163 22.03 52.75 -2.36
C THR A 1163 23.12 52.97 -1.32
N VAL A 1164 23.07 52.14 -0.27
CA VAL A 1164 24.12 52.12 0.76
C VAL A 1164 25.21 51.12 0.39
N ILE A 1165 25.05 50.39 -0.69
CA ILE A 1165 25.98 49.36 -1.11
C ILE A 1165 26.93 49.98 -2.13
N GLU A 1166 28.05 49.30 -2.37
CA GLU A 1166 29.16 49.87 -3.13
C GLU A 1166 29.44 49.16 -4.45
N GLU A 1167 28.81 48.02 -4.72
CA GLU A 1167 29.03 47.33 -5.99
C GLU A 1167 28.03 47.80 -7.05
N ASP A 1168 26.75 47.84 -6.72
CA ASP A 1168 25.69 48.02 -7.69
C ASP A 1168 25.27 49.47 -7.86
N PHE A 1169 25.98 50.41 -7.22
CA PHE A 1169 25.65 51.82 -7.37
C PHE A 1169 25.78 52.26 -8.82
N ASP A 1170 26.87 51.86 -9.49
CA ASP A 1170 27.04 52.23 -10.89
C ASP A 1170 25.95 51.62 -11.75
N THR A 1171 25.55 50.38 -11.44
CA THR A 1171 24.52 49.70 -12.21
C THR A 1171 23.20 50.45 -12.13
N VAL A 1172 22.82 50.89 -10.93
CA VAL A 1172 21.54 51.59 -10.79
C VAL A 1172 21.62 53.04 -11.24
N GLU A 1173 22.82 53.61 -11.29
CA GLU A 1173 22.97 54.91 -11.96
C GLU A 1173 22.88 54.77 -13.47
N ALA A 1174 23.22 53.60 -14.00
CA ALA A 1174 22.99 53.30 -15.40
C ALA A 1174 21.60 52.75 -15.69
N TYR A 1175 20.80 52.46 -14.67
CA TYR A 1175 19.45 51.94 -14.91
C TYR A 1175 18.36 52.99 -14.72
N PHE A 1176 18.71 54.22 -14.36
CA PHE A 1176 17.71 55.26 -14.12
C PHE A 1176 17.82 56.42 -15.10
N SER A 1177 19.02 56.84 -15.44
CA SER A 1177 19.22 57.92 -16.40
C SER A 1177 19.59 57.36 -17.77
N GLN A 1190 8.12 53.70 -2.81
CA GLN A 1190 7.93 52.30 -2.45
C GLN A 1190 8.74 51.94 -1.21
N SER A 1191 8.57 50.70 -0.76
CA SER A 1191 9.14 50.27 0.51
C SER A 1191 10.67 50.26 0.44
N PRO A 1192 11.35 50.59 1.54
CA PRO A 1192 12.81 50.60 1.56
C PRO A 1192 13.40 49.22 1.80
N TRP A 1193 12.60 48.17 1.60
CA TRP A 1193 13.02 46.80 1.85
C TRP A 1193 13.44 46.13 0.55
N LEU A 1194 14.66 45.59 0.55
CA LEU A 1194 15.33 45.07 -0.64
C LEU A 1194 15.67 43.59 -0.42
N LEU A 1195 15.58 42.82 -1.50
CA LEU A 1195 15.98 41.41 -1.48
C LEU A 1195 17.13 41.22 -2.45
N ARG A 1196 18.26 40.73 -1.95
CA ARG A 1196 19.48 40.57 -2.73
C ARG A 1196 19.90 39.11 -2.79
N LEU A 1197 19.44 38.41 -3.83
CA LEU A 1197 19.73 37.00 -4.03
C LEU A 1197 20.86 36.84 -5.05
N GLU A 1198 21.75 35.88 -4.81
CA GLU A 1198 22.95 35.71 -5.61
C GLU A 1198 22.88 34.42 -6.41
N LEU A 1199 23.39 34.46 -7.64
CA LEU A 1199 23.29 33.38 -8.61
C LEU A 1199 24.67 32.89 -9.02
N ASP A 1200 25.00 31.65 -8.67
CA ASP A 1200 26.31 31.10 -8.99
C ASP A 1200 26.47 30.95 -10.50
N ARG A 1201 27.72 30.97 -10.96
CA ARG A 1201 27.97 31.00 -12.40
C ARG A 1201 27.73 29.66 -13.09
N ALA A 1202 28.40 28.60 -12.64
CA ALA A 1202 28.31 27.33 -13.35
C ALA A 1202 26.91 26.73 -13.31
N ARG A 1203 26.19 26.95 -12.21
CA ARG A 1203 24.83 26.46 -12.06
C ARG A 1203 23.90 27.12 -13.06
N MET A 1204 24.05 28.43 -13.23
CA MET A 1204 23.31 29.17 -14.25
C MET A 1204 23.70 28.67 -15.64
N LEU A 1205 25.00 28.43 -15.82
CA LEU A 1205 25.60 28.01 -17.10
C LEU A 1205 25.06 26.66 -17.59
N ASP A 1206 24.86 25.70 -16.68
CA ASP A 1206 24.52 24.33 -17.04
C ASP A 1206 23.08 24.15 -17.52
N LYS A 1207 22.18 25.07 -17.22
CA LYS A 1207 20.79 24.92 -17.60
C LYS A 1207 20.43 25.85 -18.76
N GLN A 1208 21.43 26.44 -19.42
CA GLN A 1208 21.23 27.28 -20.60
C GLN A 1208 20.38 28.50 -20.30
N LEU A 1209 20.43 28.92 -19.05
CA LEU A 1209 19.63 29.99 -18.49
C LEU A 1209 20.47 31.24 -18.30
N THR A 1210 19.91 32.38 -18.67
CA THR A 1210 20.55 33.69 -18.51
C THR A 1210 19.65 34.52 -17.59
N MET A 1211 20.02 35.78 -17.39
CA MET A 1211 19.29 36.65 -16.47
C MET A 1211 17.92 37.06 -17.01
N ASN A 1212 17.78 37.23 -18.31
CA ASN A 1212 16.54 37.75 -18.88
C ASN A 1212 15.34 36.85 -18.55
N GLN A 1213 15.44 35.55 -18.83
CA GLN A 1213 14.29 34.68 -18.58
C GLN A 1213 13.95 34.63 -17.10
N VAL A 1214 14.96 34.60 -16.23
CA VAL A 1214 14.69 34.53 -14.80
C VAL A 1214 13.95 35.78 -14.34
N ALA A 1215 14.43 36.96 -14.75
CA ALA A 1215 13.75 38.19 -14.34
C ALA A 1215 12.34 38.27 -14.92
N ASP A 1216 12.17 37.87 -16.18
CA ASP A 1216 10.83 37.80 -16.77
C ASP A 1216 9.92 36.88 -15.97
N LYS A 1217 10.43 35.70 -15.59
CA LYS A 1217 9.61 34.74 -14.85
C LYS A 1217 9.21 35.28 -13.49
N ILE A 1218 10.11 36.01 -12.84
CA ILE A 1218 9.76 36.64 -11.57
C ILE A 1218 8.64 37.65 -11.77
N SER A 1219 8.78 38.48 -12.81
CA SER A 1219 7.72 39.45 -13.10
C SER A 1219 6.42 38.77 -13.55
N GLU A 1220 6.49 37.52 -14.01
CA GLU A 1220 5.29 36.85 -14.49
C GLU A 1220 4.26 36.66 -13.38
N VAL A 1221 4.72 36.29 -12.19
CA VAL A 1221 3.82 36.11 -11.05
C VAL A 1221 3.91 37.25 -10.06
N PHE A 1222 4.84 38.19 -10.24
CA PHE A 1222 4.86 39.39 -9.42
C PHE A 1222 4.70 40.64 -10.27
N SER A 1223 3.69 40.61 -11.15
CA SER A 1223 3.47 41.62 -12.18
C SER A 1223 3.67 43.04 -11.65
N ASP A 1224 2.84 43.44 -10.68
CA ASP A 1224 2.88 44.80 -10.17
C ASP A 1224 2.96 44.91 -8.66
N ASP A 1225 2.89 43.81 -7.92
CA ASP A 1225 3.15 43.85 -6.48
C ASP A 1225 4.62 43.63 -6.16
N LEU A 1226 5.52 43.87 -7.11
CA LEU A 1226 6.95 43.71 -6.91
C LEU A 1226 7.68 44.38 -8.06
N PHE A 1227 8.84 44.97 -7.78
CA PHE A 1227 9.63 45.67 -8.78
C PHE A 1227 11.04 45.09 -8.73
N VAL A 1228 11.47 44.52 -9.86
CA VAL A 1228 12.65 43.66 -9.90
C VAL A 1228 13.79 44.42 -10.57
N MET A 1229 14.94 44.43 -9.91
CA MET A 1229 16.21 44.85 -10.50
C MET A 1229 17.10 43.61 -10.65
N TRP A 1230 17.89 43.57 -11.72
CA TRP A 1230 18.76 42.43 -11.93
C TRP A 1230 20.08 42.91 -12.52
N SER A 1231 21.18 42.47 -11.93
CA SER A 1231 22.48 42.80 -12.49
C SER A 1231 22.68 42.06 -13.81
N GLU A 1232 23.62 42.55 -14.60
CA GLU A 1232 23.88 41.96 -15.91
C GLU A 1232 24.63 40.65 -15.78
N ASP A 1233 24.64 39.89 -16.87
CA ASP A 1233 25.19 38.54 -16.82
C ASP A 1233 26.72 38.56 -16.78
N ASN A 1234 27.33 39.51 -17.48
CA ASN A 1234 28.78 39.65 -17.45
C ASN A 1234 29.29 40.29 -16.16
N ALA A 1235 28.39 40.75 -15.29
CA ALA A 1235 28.83 41.43 -14.07
C ALA A 1235 29.66 40.50 -13.19
N ASP A 1236 30.67 41.07 -12.55
CA ASP A 1236 31.54 40.26 -11.68
C ASP A 1236 30.77 39.66 -10.52
N LYS A 1237 29.58 40.20 -10.21
CA LYS A 1237 28.68 39.61 -9.24
C LYS A 1237 27.28 39.53 -9.84
N LEU A 1238 26.71 38.34 -9.83
CA LEU A 1238 25.37 38.12 -10.39
C LEU A 1238 24.36 38.36 -9.27
N ILE A 1239 23.56 39.41 -9.42
CA ILE A 1239 22.75 39.92 -8.32
C ILE A 1239 21.34 40.15 -8.84
N ILE A 1240 20.38 40.15 -7.92
CA ILE A 1240 19.01 40.55 -8.18
C ILE A 1240 18.55 41.44 -7.03
N ARG A 1241 17.79 42.48 -7.36
CA ARG A 1241 17.29 43.42 -6.36
C ARG A 1241 15.79 43.62 -6.54
N CYS A 1242 15.07 43.62 -5.43
CA CYS A 1242 13.62 43.74 -5.47
C CYS A 1242 13.16 44.74 -4.42
N ARG A 1243 12.00 45.35 -4.67
CA ARG A 1243 11.42 46.36 -3.81
C ARG A 1243 9.96 46.06 -3.57
N VAL A 1244 9.49 46.34 -2.37
CA VAL A 1244 8.10 46.10 -2.00
C VAL A 1244 7.31 47.36 -2.29
N ILE A 1245 6.08 47.19 -2.76
CA ILE A 1245 5.23 48.30 -3.15
C ILE A 1245 3.95 48.33 -2.34
N GLU A 1258 6.19 48.23 9.01
CA GLU A 1258 7.06 47.09 9.25
C GLU A 1258 6.81 46.01 8.21
N GLU A 1259 7.81 45.78 7.35
CA GLU A 1259 7.74 44.76 6.32
C GLU A 1259 9.02 43.94 6.26
N ASP A 1260 9.57 43.58 7.41
CA ASP A 1260 10.73 42.70 7.45
C ASP A 1260 10.35 41.23 7.51
N GLN A 1261 9.07 40.90 7.50
CA GLN A 1261 8.63 39.50 7.54
C GLN A 1261 7.81 39.09 6.33
N MET A 1262 7.04 40.01 5.75
CA MET A 1262 6.43 39.72 4.46
C MET A 1262 7.50 39.49 3.39
N LEU A 1263 8.63 40.19 3.50
CA LEU A 1263 9.74 39.90 2.61
C LEU A 1263 10.25 38.48 2.79
N LYS A 1264 10.35 38.01 4.04
CA LYS A 1264 10.80 36.64 4.28
C LYS A 1264 9.81 35.63 3.71
N ARG A 1265 8.51 35.87 3.92
CA ARG A 1265 7.49 34.96 3.37
C ARG A 1265 7.55 34.94 1.85
N ILE A 1266 7.68 36.11 1.22
CA ILE A 1266 7.77 36.18 -0.23
C ILE A 1266 9.03 35.47 -0.73
N GLU A 1267 10.15 35.64 -0.02
CA GLU A 1267 11.38 34.97 -0.42
C GLU A 1267 11.20 33.45 -0.36
N ALA A 1268 10.59 32.96 0.71
CA ALA A 1268 10.35 31.52 0.82
C ALA A 1268 9.43 31.04 -0.30
N HIS A 1269 8.37 31.78 -0.58
CA HIS A 1269 7.42 31.38 -1.61
C HIS A 1269 8.05 31.39 -2.99
N MET A 1270 8.96 32.34 -3.23
CA MET A 1270 9.70 32.37 -4.49
C MET A 1270 10.65 31.20 -4.60
N LEU A 1271 11.49 31.01 -3.59
CA LEU A 1271 12.47 29.94 -3.60
C LEU A 1271 11.82 28.57 -3.69
N ASP A 1272 10.57 28.43 -3.25
CA ASP A 1272 9.92 27.13 -3.18
C ASP A 1272 8.78 26.94 -4.18
N LEU A 1273 8.42 27.95 -4.98
CA LEU A 1273 7.34 27.76 -5.93
C LEU A 1273 7.52 28.40 -7.31
N ILE A 1274 8.62 29.09 -7.57
CA ILE A 1274 8.83 29.68 -8.89
C ILE A 1274 9.45 28.65 -9.83
N ALA A 1275 8.76 28.37 -10.93
CA ALA A 1275 9.29 27.48 -11.96
C ALA A 1275 9.94 28.29 -13.07
N LEU A 1276 10.92 27.69 -13.74
CA LEU A 1276 11.63 28.33 -14.83
C LEU A 1276 11.35 27.71 -16.19
N ARG A 1277 11.54 26.40 -16.33
CA ARG A 1277 11.18 25.68 -17.54
C ARG A 1277 11.00 24.22 -17.22
N GLY A 1278 10.20 23.54 -18.04
CA GLY A 1278 10.04 22.11 -17.98
C GLY A 1278 8.69 21.72 -17.41
N ILE A 1279 8.50 20.41 -17.34
CA ILE A 1279 7.24 19.83 -16.90
C ILE A 1279 7.32 19.57 -15.39
N PRO A 1280 6.42 20.14 -14.59
CA PRO A 1280 6.40 19.82 -13.15
C PRO A 1280 6.17 18.33 -12.94
N GLY A 1281 6.93 17.77 -12.01
CA GLY A 1281 6.88 16.35 -11.73
C GLY A 1281 8.02 15.55 -12.30
N ILE A 1282 8.88 16.18 -13.10
CA ILE A 1282 10.05 15.53 -13.68
C ILE A 1282 11.28 16.11 -13.02
N SER A 1283 11.83 15.41 -12.01
CA SER A 1283 12.90 15.98 -11.22
C SER A 1283 14.28 15.69 -11.79
N LYS A 1284 14.44 14.66 -12.61
CA LYS A 1284 15.72 14.38 -13.24
C LYS A 1284 15.45 13.77 -14.60
N VAL A 1285 16.37 13.98 -15.54
CA VAL A 1285 16.28 13.40 -16.87
C VAL A 1285 17.64 12.84 -17.27
N TYR A 1286 17.64 11.68 -17.91
CA TYR A 1286 18.85 11.01 -18.35
C TYR A 1286 18.80 10.80 -19.86
N MET A 1287 19.99 10.81 -20.47
CA MET A 1287 20.15 10.62 -21.91
C MET A 1287 20.55 9.17 -22.14
N VAL A 1288 19.56 8.34 -22.45
CA VAL A 1288 19.72 6.90 -22.51
C VAL A 1288 19.79 6.45 -23.97
N LYS A 1289 20.36 5.27 -24.18
CA LYS A 1289 20.55 4.69 -25.50
C LYS A 1289 19.76 3.39 -25.60
N HIS A 1290 19.01 3.24 -26.69
CA HIS A 1290 18.15 2.08 -26.90
C HIS A 1290 18.57 1.38 -28.18
N LYS A 1291 18.83 0.08 -28.07
CA LYS A 1291 19.25 -0.74 -29.20
C LYS A 1291 18.03 -1.36 -29.88
N VAL A 1292 17.27 -0.50 -30.56
CA VAL A 1292 16.10 -0.94 -31.30
C VAL A 1292 16.52 -1.71 -32.53
N SER A 1293 15.74 -2.75 -32.87
CA SER A 1293 15.95 -3.55 -34.08
C SER A 1293 14.88 -3.17 -35.10
N VAL A 1294 15.31 -2.62 -36.22
CA VAL A 1294 14.38 -2.19 -37.26
C VAL A 1294 14.79 -2.81 -38.59
N PRO A 1295 13.85 -3.04 -39.51
CA PRO A 1295 14.23 -3.59 -40.82
C PRO A 1295 15.10 -2.65 -41.60
N ASP A 1296 15.96 -3.23 -42.44
CA ASP A 1296 16.79 -2.44 -43.35
C ASP A 1296 15.99 -2.12 -44.61
N GLU A 1297 16.65 -1.44 -45.56
CA GLU A 1297 16.02 -1.18 -46.85
C GLU A 1297 15.91 -2.45 -47.70
N SER A 1298 16.58 -3.52 -47.32
CA SER A 1298 16.40 -4.83 -47.95
C SER A 1298 15.38 -5.70 -47.23
N GLY A 1299 14.75 -5.19 -46.17
CA GLY A 1299 13.78 -5.94 -45.42
C GLY A 1299 14.37 -6.78 -44.30
N GLU A 1300 15.68 -6.78 -44.13
CA GLU A 1300 16.35 -7.60 -43.14
C GLU A 1300 16.59 -6.81 -41.87
N TYR A 1301 16.40 -7.45 -40.72
CA TYR A 1301 16.42 -6.73 -39.45
C TYR A 1301 17.85 -6.40 -39.06
N LYS A 1302 18.08 -5.13 -38.73
CA LYS A 1302 19.40 -4.63 -38.37
C LYS A 1302 19.25 -3.70 -37.18
N ASN A 1303 20.20 -3.76 -36.26
CA ASN A 1303 20.15 -2.89 -35.10
C ASN A 1303 20.36 -1.43 -35.50
N GLU A 1304 19.92 -0.53 -34.64
CA GLU A 1304 19.94 0.89 -34.95
C GLU A 1304 20.00 1.67 -33.65
N GLU A 1305 20.96 2.59 -33.56
CA GLU A 1305 21.37 3.18 -32.29
C GLU A 1305 20.73 4.56 -32.15
N LEU A 1306 19.75 4.68 -31.24
CA LEU A 1306 18.95 5.90 -31.11
C LEU A 1306 18.96 6.41 -29.67
N TRP A 1307 18.88 7.73 -29.54
CA TRP A 1307 18.82 8.41 -28.26
C TRP A 1307 17.36 8.48 -27.80
N ALA A 1308 17.08 7.99 -26.61
CA ALA A 1308 15.78 8.10 -25.98
C ALA A 1308 15.94 8.74 -24.60
N LEU A 1309 14.84 8.86 -23.87
CA LEU A 1309 14.82 9.53 -22.58
C LEU A 1309 14.23 8.67 -21.48
N GLU A 1310 14.85 8.72 -20.31
CA GLU A 1310 14.31 8.21 -19.07
C GLU A 1310 14.21 9.38 -18.10
N THR A 1311 13.26 9.32 -17.18
CA THR A 1311 13.07 10.41 -16.23
C THR A 1311 12.88 9.85 -14.83
N ASP A 1312 13.05 10.73 -13.84
CA ASP A 1312 12.47 10.52 -12.51
C ASP A 1312 11.18 11.31 -12.38
N GLY A 1313 10.29 10.83 -11.52
CA GLY A 1313 8.98 11.46 -11.41
C GLY A 1313 8.08 11.17 -12.59
N ILE A 1314 6.81 11.58 -12.50
CA ILE A 1314 5.82 11.23 -13.51
C ILE A 1314 4.91 12.42 -13.77
N ASN A 1315 4.83 12.82 -15.03
CA ASN A 1315 3.76 13.68 -15.54
C ASN A 1315 3.59 13.26 -17.00
N LEU A 1316 2.67 12.32 -17.23
CA LEU A 1316 2.55 11.72 -18.56
C LEU A 1316 1.88 12.67 -19.55
N ALA A 1317 0.83 13.35 -19.13
CA ALA A 1317 0.02 14.14 -20.06
C ALA A 1317 0.81 15.29 -20.64
N GLU A 1318 1.58 15.99 -19.81
CA GLU A 1318 2.29 17.17 -20.29
C GLU A 1318 3.52 16.79 -21.12
N VAL A 1319 4.21 15.72 -20.74
CA VAL A 1319 5.36 15.30 -21.54
C VAL A 1319 4.92 14.76 -22.90
N MET A 1320 3.79 14.06 -22.96
CA MET A 1320 3.31 13.56 -24.25
C MET A 1320 3.05 14.70 -25.24
N ALA A 1321 2.75 15.90 -24.75
CA ALA A 1321 2.41 17.01 -25.63
C ALA A 1321 3.62 17.77 -26.13
N VAL A 1322 4.72 17.77 -25.38
CA VAL A 1322 5.91 18.54 -25.71
C VAL A 1322 6.38 18.21 -27.12
N PRO A 1323 6.59 19.20 -27.98
CA PRO A 1323 7.05 18.93 -29.34
C PRO A 1323 8.44 18.32 -29.35
N GLY A 1324 8.67 17.42 -30.30
CA GLY A 1324 9.88 16.64 -30.38
C GLY A 1324 9.78 15.28 -29.73
N VAL A 1325 8.71 15.00 -29.00
CA VAL A 1325 8.50 13.72 -28.34
C VAL A 1325 7.59 12.88 -29.22
N ASP A 1326 7.90 11.58 -29.32
CA ASP A 1326 6.99 10.68 -30.00
C ASP A 1326 5.74 10.45 -29.16
N SER A 1327 4.70 11.24 -29.43
CA SER A 1327 3.51 11.24 -28.59
C SER A 1327 2.79 9.91 -28.60
N SER A 1328 3.04 9.06 -29.60
CA SER A 1328 2.36 7.79 -29.70
C SER A 1328 3.11 6.65 -29.03
N ARG A 1329 4.21 6.96 -28.34
CA ARG A 1329 5.02 5.90 -27.74
C ARG A 1329 5.50 6.21 -26.33
N THR A 1330 5.12 7.34 -25.74
CA THR A 1330 5.53 7.61 -24.36
C THR A 1330 4.89 6.62 -23.39
N TYR A 1331 5.69 6.11 -22.47
CA TYR A 1331 5.28 5.05 -21.55
C TYR A 1331 5.68 5.40 -20.13
N SER A 1332 4.88 4.96 -19.18
CA SER A 1332 5.13 5.20 -17.77
C SER A 1332 5.16 3.86 -17.04
N ASN A 1333 5.98 3.78 -16.00
CA ASN A 1333 5.99 2.56 -15.19
C ASN A 1333 4.96 2.58 -14.07
N SER A 1334 4.15 3.64 -13.98
CA SER A 1334 3.03 3.70 -13.04
C SER A 1334 1.75 3.54 -13.84
N PHE A 1335 1.15 2.35 -13.77
CA PHE A 1335 -0.04 2.06 -14.54
C PHE A 1335 -1.31 2.73 -14.02
N VAL A 1336 -1.32 3.26 -12.79
CA VAL A 1336 -2.42 4.14 -12.39
C VAL A 1336 -2.45 5.39 -13.25
N GLU A 1337 -1.27 5.97 -13.52
CA GLU A 1337 -1.17 7.09 -14.43
C GLU A 1337 -1.66 6.71 -15.82
N ILE A 1338 -1.27 5.52 -16.29
CA ILE A 1338 -1.72 5.05 -17.59
C ILE A 1338 -3.25 5.00 -17.64
N LEU A 1339 -3.86 4.47 -16.58
CA LEU A 1339 -5.31 4.40 -16.53
C LEU A 1339 -5.93 5.79 -16.58
N SER A 1340 -5.36 6.73 -15.83
CA SER A 1340 -5.94 8.08 -15.83
C SER A 1340 -5.76 8.77 -17.17
N VAL A 1341 -4.72 8.43 -17.92
CA VAL A 1341 -4.40 9.12 -19.17
C VAL A 1341 -4.84 8.32 -20.39
N LEU A 1342 -4.53 7.02 -20.45
CA LEU A 1342 -4.66 6.27 -21.70
C LEU A 1342 -5.82 5.28 -21.73
N GLY A 1343 -6.42 4.96 -20.61
CA GLY A 1343 -7.54 4.03 -20.60
C GLY A 1343 -7.18 2.71 -19.95
N ILE A 1344 -8.12 1.78 -20.02
CA ILE A 1344 -7.98 0.53 -19.30
C ILE A 1344 -7.22 -0.54 -20.08
N GLU A 1345 -7.36 -0.58 -21.41
CA GLU A 1345 -6.57 -1.54 -22.19
C GLU A 1345 -5.09 -1.22 -22.16
N ALA A 1346 -4.74 0.06 -22.29
CA ALA A 1346 -3.34 0.44 -22.14
C ALA A 1346 -2.84 0.15 -20.74
N THR A 1347 -3.72 0.26 -19.74
CA THR A 1347 -3.36 -0.11 -18.39
C THR A 1347 -3.04 -1.60 -18.30
N ARG A 1348 -3.83 -2.44 -18.96
CA ARG A 1348 -3.55 -3.87 -18.98
C ARG A 1348 -2.21 -4.15 -19.62
N SER A 1349 -1.91 -3.48 -20.74
CA SER A 1349 -0.63 -3.68 -21.40
C SER A 1349 0.52 -3.28 -20.49
N SER A 1350 0.41 -2.11 -19.85
CA SER A 1350 1.45 -1.66 -18.94
C SER A 1350 1.61 -2.62 -17.76
N LEU A 1351 0.49 -3.13 -17.23
CA LEU A 1351 0.54 -4.06 -16.11
C LEU A 1351 1.27 -5.33 -16.50
N TYR A 1352 0.99 -5.86 -17.68
CA TYR A 1352 1.70 -7.04 -18.13
C TYR A 1352 3.18 -6.74 -18.30
N LYS A 1353 3.52 -5.57 -18.83
CA LYS A 1353 4.92 -5.24 -19.01
C LYS A 1353 5.65 -5.19 -17.66
N GLU A 1354 5.03 -4.58 -16.65
CA GLU A 1354 5.67 -4.53 -15.33
C GLU A 1354 5.83 -5.92 -14.74
N ILE A 1355 4.79 -6.75 -14.81
CA ILE A 1355 4.89 -8.08 -14.21
C ILE A 1355 5.94 -8.91 -14.93
N LEU A 1356 5.98 -8.83 -16.26
CA LEU A 1356 7.01 -9.53 -17.02
C LEU A 1356 8.40 -9.04 -16.63
N ASN A 1357 8.55 -7.73 -16.40
CA ASN A 1357 9.85 -7.22 -15.99
C ASN A 1357 10.25 -7.80 -14.63
N VAL A 1358 9.33 -7.79 -13.67
CA VAL A 1358 9.66 -8.28 -12.33
C VAL A 1358 10.04 -9.75 -12.37
N ILE A 1359 9.30 -10.56 -13.15
CA ILE A 1359 9.59 -11.99 -13.16
C ILE A 1359 10.86 -12.28 -13.95
N ALA A 1360 10.94 -11.78 -15.19
CA ALA A 1360 12.07 -12.07 -16.06
C ALA A 1360 13.33 -11.30 -15.70
N PHE A 1361 13.33 -10.50 -14.63
CA PHE A 1361 14.56 -9.83 -14.21
C PHE A 1361 15.71 -10.83 -14.10
N ASP A 1362 15.48 -11.93 -13.40
CA ASP A 1362 16.54 -12.86 -13.03
C ASP A 1362 16.68 -14.02 -14.02
N GLY A 1363 16.04 -13.93 -15.18
CA GLY A 1363 16.06 -15.00 -16.16
C GLY A 1363 14.95 -16.02 -16.00
N SER A 1364 14.08 -15.86 -15.01
CA SER A 1364 12.90 -16.70 -14.90
C SER A 1364 11.95 -16.43 -16.06
N TYR A 1365 11.26 -17.47 -16.50
CA TYR A 1365 10.28 -17.36 -17.57
C TYR A 1365 8.98 -17.97 -17.07
N VAL A 1366 7.95 -17.14 -16.93
CA VAL A 1366 6.59 -17.60 -16.69
C VAL A 1366 5.82 -17.51 -17.99
N ASN A 1367 5.08 -18.57 -18.31
CA ASN A 1367 4.28 -18.59 -19.52
C ASN A 1367 3.33 -17.40 -19.56
N TYR A 1368 2.99 -16.97 -20.77
CA TYR A 1368 2.23 -15.73 -20.94
C TYR A 1368 0.87 -15.79 -20.26
N ARG A 1369 0.16 -16.90 -20.39
CA ARG A 1369 -1.25 -16.93 -20.00
C ARG A 1369 -1.46 -16.66 -18.51
N HIS A 1370 -0.50 -17.01 -17.65
CA HIS A 1370 -0.68 -16.79 -16.23
C HIS A 1370 -0.66 -15.29 -15.89
N MET A 1371 0.33 -14.57 -16.41
CA MET A 1371 0.39 -13.14 -16.17
C MET A 1371 -0.73 -12.40 -16.89
N ALA A 1372 -1.14 -12.91 -18.06
CA ALA A 1372 -2.31 -12.35 -18.73
C ALA A 1372 -3.56 -12.49 -17.87
N LEU A 1373 -3.76 -13.66 -17.27
CA LEU A 1373 -4.90 -13.83 -16.37
C LEU A 1373 -4.82 -12.92 -15.17
N LEU A 1374 -3.63 -12.77 -14.60
CA LEU A 1374 -3.49 -11.92 -13.42
C LEU A 1374 -3.82 -10.47 -13.77
N VAL A 1375 -3.36 -9.99 -14.92
CA VAL A 1375 -3.66 -8.60 -15.28
C VAL A 1375 -5.10 -8.43 -15.75
N ASP A 1376 -5.72 -9.48 -16.28
CA ASP A 1376 -7.12 -9.37 -16.67
C ASP A 1376 -8.06 -9.35 -15.48
N VAL A 1377 -7.70 -10.05 -14.40
CA VAL A 1377 -8.50 -9.96 -13.18
C VAL A 1377 -8.39 -8.59 -12.55
N MET A 1378 -7.22 -7.97 -12.64
CA MET A 1378 -6.97 -6.68 -12.00
C MET A 1378 -7.57 -5.51 -12.76
N THR A 1379 -8.01 -5.71 -14.01
CA THR A 1379 -8.54 -4.64 -14.84
C THR A 1379 -9.92 -4.98 -15.39
N SER A 1380 -10.60 -5.98 -14.83
CA SER A 1380 -11.84 -6.43 -15.42
C SER A 1380 -13.00 -5.50 -15.15
N ARG A 1381 -12.97 -4.76 -14.04
CA ARG A 1381 -14.09 -3.90 -13.65
C ARG A 1381 -14.03 -2.53 -14.32
N GLY A 1382 -12.98 -2.22 -15.05
CA GLY A 1382 -12.76 -0.90 -15.60
C GLY A 1382 -11.77 -0.08 -14.81
N TYR A 1383 -11.42 -0.51 -13.61
CA TYR A 1383 -10.46 0.18 -12.77
C TYR A 1383 -9.58 -0.86 -12.11
N LEU A 1384 -8.48 -0.41 -11.53
CA LEU A 1384 -7.48 -1.30 -10.98
C LEU A 1384 -7.96 -1.88 -9.67
N MET A 1385 -8.06 -3.20 -9.61
CA MET A 1385 -8.50 -3.89 -8.42
C MET A 1385 -7.26 -4.49 -7.77
N ALA A 1386 -6.89 -3.98 -6.61
CA ALA A 1386 -5.70 -4.44 -5.92
C ALA A 1386 -5.92 -5.82 -5.32
N ILE A 1387 -4.82 -6.55 -5.15
CA ILE A 1387 -4.87 -7.88 -4.51
C ILE A 1387 -4.69 -7.63 -3.01
N THR A 1388 -5.79 -7.24 -2.38
CA THR A 1388 -5.84 -6.97 -0.94
C THR A 1388 -7.28 -7.21 -0.49
N ARG A 1389 -7.50 -7.09 0.82
CA ARG A 1389 -8.87 -7.18 1.32
C ARG A 1389 -9.72 -6.02 0.81
N HIS A 1390 -9.12 -4.83 0.69
CA HIS A 1390 -9.77 -3.63 0.16
C HIS A 1390 -10.18 -3.80 -1.31
N GLY A 1391 -9.57 -4.75 -2.02
CA GLY A 1391 -9.96 -5.05 -3.39
C GLY A 1391 -10.79 -6.30 -3.52
N ILE A 1392 -10.36 -7.38 -2.86
CA ILE A 1392 -11.03 -8.66 -3.04
C ILE A 1392 -12.40 -8.65 -2.37
N ASN A 1393 -12.51 -8.04 -1.19
CA ASN A 1393 -13.73 -8.11 -0.40
C ASN A 1393 -14.73 -7.02 -0.75
N ARG A 1394 -14.44 -6.16 -1.74
CA ARG A 1394 -15.39 -5.20 -2.30
C ARG A 1394 -16.15 -5.74 -3.51
N ALA A 1395 -15.98 -7.03 -3.85
CA ALA A 1395 -16.70 -7.63 -4.96
C ALA A 1395 -18.12 -8.00 -4.52
N ASP A 1396 -18.88 -8.57 -5.45
CA ASP A 1396 -20.27 -8.92 -5.22
C ASP A 1396 -20.45 -10.41 -4.95
N THR A 1397 -19.36 -11.12 -4.75
CA THR A 1397 -19.41 -12.56 -4.53
C THR A 1397 -20.07 -12.85 -3.18
N GLY A 1398 -20.22 -14.13 -2.88
CA GLY A 1398 -20.91 -14.51 -1.66
C GLY A 1398 -20.17 -14.10 -0.41
N ALA A 1399 -20.92 -14.03 0.69
CA ALA A 1399 -20.35 -13.60 1.95
C ALA A 1399 -19.35 -14.62 2.50
N LEU A 1400 -19.59 -15.91 2.27
CA LEU A 1400 -18.72 -16.93 2.86
C LEU A 1400 -17.32 -16.90 2.24
N MET A 1401 -17.23 -16.67 0.93
CA MET A 1401 -15.90 -16.50 0.33
C MET A 1401 -15.17 -15.32 0.94
N ARG A 1402 -15.82 -14.16 1.02
CA ARG A 1402 -15.14 -12.97 1.52
C ARG A 1402 -14.72 -13.14 2.97
N CYS A 1403 -15.59 -13.75 3.79
CA CYS A 1403 -15.24 -13.99 5.19
C CYS A 1403 -14.10 -15.00 5.33
N SER A 1404 -14.08 -16.02 4.46
CA SER A 1404 -13.03 -17.03 4.52
C SER A 1404 -11.65 -16.46 4.23
N PHE A 1405 -11.57 -15.31 3.58
CA PHE A 1405 -10.28 -14.70 3.26
C PHE A 1405 -9.82 -13.79 4.40
N GLU A 1406 -10.58 -12.74 4.69
CA GLU A 1406 -10.18 -11.74 5.67
C GLU A 1406 -11.45 -11.15 6.28
N GLU A 1407 -11.27 -10.42 7.38
CA GLU A 1407 -12.35 -9.67 8.04
C GLU A 1407 -13.60 -10.53 8.22
N THR A 1408 -13.40 -11.74 8.73
CA THR A 1408 -14.46 -12.73 8.75
C THR A 1408 -15.68 -12.24 9.53
N VAL A 1409 -15.47 -11.75 10.74
CA VAL A 1409 -16.60 -11.41 11.60
C VAL A 1409 -17.32 -10.18 11.07
N GLU A 1410 -16.58 -9.16 10.64
CA GLU A 1410 -17.20 -7.96 10.09
C GLU A 1410 -18.00 -8.28 8.83
N ILE A 1411 -17.45 -9.12 7.95
CA ILE A 1411 -18.16 -9.48 6.74
C ILE A 1411 -19.42 -10.26 7.06
N LEU A 1412 -19.35 -11.17 8.02
CA LEU A 1412 -20.55 -11.92 8.39
C LEU A 1412 -21.62 -11.02 9.01
N PHE A 1413 -21.20 -10.05 9.84
CA PHE A 1413 -22.15 -9.09 10.38
C PHE A 1413 -22.80 -8.26 9.29
N GLU A 1414 -22.02 -7.80 8.30
CA GLU A 1414 -22.61 -7.03 7.21
C GLU A 1414 -23.54 -7.89 6.38
N ALA A 1415 -23.21 -9.17 6.19
CA ALA A 1415 -24.10 -10.07 5.48
C ALA A 1415 -25.41 -10.27 6.23
N GLY A 1416 -25.34 -10.38 7.55
CA GLY A 1416 -26.56 -10.47 8.35
C GLY A 1416 -27.40 -9.22 8.26
N ALA A 1417 -26.77 -8.05 8.42
CA ALA A 1417 -27.48 -6.79 8.46
C ALA A 1417 -28.06 -6.35 7.12
N ALA A 1418 -27.72 -7.02 6.03
CA ALA A 1418 -28.24 -6.67 4.72
C ALA A 1418 -28.96 -7.82 4.03
N ALA A 1419 -29.09 -8.97 4.69
CA ALA A 1419 -29.82 -10.11 4.14
C ALA A 1419 -29.24 -10.53 2.79
N GLU A 1420 -27.91 -10.62 2.74
CA GLU A 1420 -27.23 -11.11 1.55
C GLU A 1420 -27.68 -12.53 1.23
N LEU A 1421 -27.85 -12.81 -0.05
CA LEU A 1421 -28.10 -14.17 -0.51
C LEU A 1421 -26.83 -14.71 -1.15
N ASP A 1422 -26.32 -15.80 -0.60
CA ASP A 1422 -25.11 -16.44 -1.11
C ASP A 1422 -25.51 -17.54 -2.09
N ASP A 1423 -25.04 -17.43 -3.33
CA ASP A 1423 -25.45 -18.34 -4.39
C ASP A 1423 -24.71 -19.67 -4.39
N CYS A 1424 -23.68 -19.81 -3.54
CA CYS A 1424 -22.96 -21.07 -3.35
C CYS A 1424 -22.39 -21.62 -4.66
N ARG A 1425 -21.92 -20.71 -5.51
CA ARG A 1425 -21.25 -21.08 -6.75
C ARG A 1425 -19.73 -21.08 -6.62
N GLY A 1426 -19.18 -20.60 -5.50
CA GLY A 1426 -17.74 -20.49 -5.37
C GLY A 1426 -17.12 -21.80 -4.92
N VAL A 1427 -15.80 -21.75 -4.73
CA VAL A 1427 -15.04 -22.92 -4.29
C VAL A 1427 -15.05 -23.01 -2.76
N SER A 1428 -14.60 -21.94 -2.10
CA SER A 1428 -14.47 -21.96 -0.65
C SER A 1428 -15.82 -22.22 0.03
N GLU A 1429 -16.89 -21.66 -0.53
CA GLU A 1429 -18.21 -21.84 0.05
C GLU A 1429 -18.64 -23.29 0.01
N ASN A 1430 -18.39 -23.98 -1.11
CA ASN A 1430 -18.66 -25.40 -1.19
C ASN A 1430 -17.69 -26.22 -0.33
N VAL A 1431 -16.51 -25.68 -0.06
CA VAL A 1431 -15.53 -26.37 0.79
C VAL A 1431 -16.01 -26.41 2.24
N MET A 1432 -16.45 -25.26 2.78
CA MET A 1432 -16.82 -25.26 4.18
C MET A 1432 -18.08 -26.04 4.47
N LEU A 1433 -18.94 -26.23 3.48
CA LEU A 1433 -20.12 -27.06 3.63
C LEU A 1433 -19.88 -28.51 3.27
N GLY A 1434 -18.65 -28.87 2.90
CA GLY A 1434 -18.38 -30.27 2.57
C GLY A 1434 -19.15 -30.77 1.38
N GLN A 1435 -19.27 -29.95 0.33
CA GLN A 1435 -19.99 -30.36 -0.87
C GLN A 1435 -19.03 -30.41 -2.04
N LEU A 1436 -19.49 -31.00 -3.13
CA LEU A 1436 -18.69 -31.11 -4.34
C LEU A 1436 -18.62 -29.77 -5.05
N ALA A 1437 -17.42 -29.22 -5.19
CA ALA A 1437 -17.28 -27.90 -5.77
C ALA A 1437 -17.58 -27.96 -7.27
N PRO A 1438 -18.18 -26.91 -7.83
CA PRO A 1438 -18.39 -26.89 -9.29
C PRO A 1438 -17.07 -26.68 -10.01
N MET A 1439 -16.14 -27.61 -9.76
CA MET A 1439 -14.74 -27.47 -10.09
C MET A 1439 -14.17 -28.79 -10.56
N GLY A 1440 -13.29 -28.75 -11.56
CA GLY A 1440 -12.60 -29.93 -12.04
C GLY A 1440 -13.54 -31.08 -12.30
N THR A 1441 -13.37 -32.14 -11.50
CA THR A 1441 -14.24 -33.31 -11.59
C THR A 1441 -15.66 -33.01 -11.13
N GLY A 1442 -15.88 -31.93 -10.41
CA GLY A 1442 -17.23 -31.59 -9.98
C GLY A 1442 -17.90 -30.50 -10.78
N ALA A 1443 -17.43 -30.26 -12.00
CA ALA A 1443 -18.01 -29.24 -12.87
C ALA A 1443 -19.07 -29.81 -13.79
N PHE A 1444 -19.53 -31.02 -13.53
CA PHE A 1444 -20.53 -31.68 -14.36
C PHE A 1444 -21.27 -32.72 -13.52
N ASP A 1445 -22.20 -33.41 -14.15
CA ASP A 1445 -23.02 -34.44 -13.53
C ASP A 1445 -22.92 -35.71 -14.36
N VAL A 1446 -23.17 -36.85 -13.75
CA VAL A 1446 -23.11 -38.12 -14.47
C VAL A 1446 -24.48 -38.79 -14.40
N MET A 1447 -25.20 -38.77 -15.53
CA MET A 1447 -26.50 -39.42 -15.61
C MET A 1447 -26.39 -40.90 -15.95
N ILE A 1448 -27.54 -41.57 -16.02
CA ILE A 1448 -27.66 -42.95 -16.50
C ILE A 1448 -28.33 -43.02 -17.86
N ASP A 1449 -27.61 -43.57 -18.84
CA ASP A 1449 -28.04 -43.65 -20.23
C ASP A 1449 -28.97 -44.85 -20.34
N GLU A 1450 -30.15 -44.67 -20.95
CA GLU A 1450 -31.08 -45.78 -21.15
C GLU A 1450 -30.95 -46.44 -22.52
N LYS A 1451 -30.64 -45.65 -23.55
CA LYS A 1451 -30.58 -46.19 -24.90
C LYS A 1451 -29.51 -47.27 -25.01
N LEU A 1452 -28.33 -47.03 -24.44
CA LEU A 1452 -27.30 -48.07 -24.43
C LEU A 1452 -27.66 -49.21 -23.48
N LEU A 1453 -28.30 -48.94 -22.34
CA LEU A 1453 -28.56 -50.00 -21.37
C LEU A 1453 -29.54 -51.04 -21.91
N THR A 1454 -30.60 -50.60 -22.61
CA THR A 1454 -31.60 -51.60 -23.00
C THR A 1454 -31.09 -52.64 -23.98
N SER A 1455 -29.82 -52.57 -24.41
CA SER A 1455 -29.27 -53.59 -25.29
C SER A 1455 -28.80 -54.84 -24.54
N LEU A 1456 -28.84 -54.84 -23.20
CA LEU A 1456 -28.25 -55.93 -22.45
C LEU A 1456 -29.10 -57.19 -22.57
N PRO A 1457 -28.51 -58.37 -22.29
CA PRO A 1457 -29.31 -59.59 -22.23
C PRO A 1457 -30.38 -59.51 -21.15
N ALA A 1458 -31.54 -60.11 -21.45
CA ALA A 1458 -32.70 -60.02 -20.57
C ALA A 1458 -32.55 -60.78 -19.26
N ASP A 1459 -31.52 -61.62 -19.13
CA ASP A 1459 -31.27 -62.36 -17.90
C ASP A 1459 -30.42 -61.62 -16.87
N TYR A 1460 -29.91 -60.44 -17.20
CA TYR A 1460 -29.12 -59.65 -16.26
C TYR A 1460 -29.99 -58.65 -15.50
N ALA A 1461 -31.28 -58.90 -15.42
CA ALA A 1461 -32.37 -58.02 -15.01
C ALA A 1461 -32.65 -58.07 -13.51
N PRO A 1462 -33.25 -57.00 -12.99
CA PRO A 1462 -33.81 -57.04 -11.63
C PRO A 1462 -34.92 -58.07 -11.48
N THR A 1463 -34.95 -58.73 -10.33
CA THR A 1463 -35.97 -59.74 -10.05
C THR A 1463 -36.97 -59.24 -9.01
N ASP B 9 65.29 -12.10 27.36
CA ASP B 9 63.88 -12.34 27.13
C ASP B 9 63.65 -12.76 25.69
N ASP B 10 62.62 -13.57 25.44
CA ASP B 10 62.38 -14.13 24.11
C ASP B 10 60.98 -13.78 23.63
N THR B 11 60.68 -14.16 22.39
CA THR B 11 59.41 -13.84 21.75
C THR B 11 58.29 -14.73 22.27
N ILE B 12 57.18 -14.10 22.65
CA ILE B 12 55.98 -14.83 23.08
C ILE B 12 55.40 -15.61 21.91
N THR B 13 55.28 -16.93 22.07
CA THR B 13 54.75 -17.80 21.04
C THR B 13 53.26 -18.03 21.25
N THR B 14 52.65 -18.81 20.35
CA THR B 14 51.24 -19.15 20.48
C THR B 14 50.98 -20.00 21.72
N GLU B 15 51.89 -20.92 22.03
CA GLU B 15 51.74 -21.75 23.21
C GLU B 15 51.74 -20.92 24.48
N ASP B 16 52.52 -19.85 24.51
CA ASP B 16 52.47 -18.94 25.64
C ASP B 16 51.09 -18.31 25.77
N CYS B 17 50.47 -17.97 24.64
CA CYS B 17 49.10 -17.44 24.67
C CYS B 17 48.12 -18.48 25.21
N TRP B 18 48.28 -19.74 24.82
CA TRP B 18 47.38 -20.77 25.36
C TRP B 18 47.64 -21.04 26.83
N THR B 19 48.87 -20.82 27.31
CA THR B 19 49.13 -20.88 28.74
C THR B 19 48.39 -19.77 29.47
N VAL B 20 48.42 -18.56 28.90
CA VAL B 20 47.69 -17.44 29.49
C VAL B 20 46.19 -17.73 29.51
N ILE B 21 45.67 -18.28 28.43
CA ILE B 21 44.24 -18.60 28.35
C ILE B 21 43.88 -19.70 29.34
N SER B 22 44.76 -20.67 29.54
CA SER B 22 44.52 -21.69 30.55
C SER B 22 44.49 -21.09 31.95
N ALA B 23 45.32 -20.08 32.20
CA ALA B 23 45.23 -19.36 33.47
C ALA B 23 43.88 -18.68 33.62
N PHE B 24 43.42 -18.03 32.56
CA PHE B 24 42.12 -17.37 32.57
C PHE B 24 41.00 -18.35 32.92
N PHE B 25 41.00 -19.52 32.29
CA PHE B 25 39.92 -20.47 32.53
C PHE B 25 40.06 -21.17 33.88
N GLU B 26 41.29 -21.39 34.33
CA GLU B 26 41.51 -21.90 35.69
C GLU B 26 40.92 -20.95 36.72
N GLU B 27 40.97 -19.63 36.45
CA GLU B 27 40.39 -18.72 37.42
C GLU B 27 38.88 -18.63 37.28
N LYS B 28 38.38 -18.49 36.05
CA LYS B 28 36.99 -18.06 35.90
C LYS B 28 36.06 -19.20 35.49
N GLY B 29 36.55 -20.19 34.77
CA GLY B 29 35.62 -21.21 34.33
C GLY B 29 34.75 -20.68 33.21
N LEU B 30 33.56 -21.26 33.07
CA LEU B 30 32.68 -20.94 31.97
C LEU B 30 31.35 -20.34 32.39
N VAL B 31 31.03 -20.33 33.68
CA VAL B 31 29.76 -19.79 34.13
C VAL B 31 29.98 -18.75 35.23
N SER B 32 31.14 -18.08 35.21
CA SER B 32 31.46 -17.17 36.29
C SER B 32 30.55 -15.95 36.32
N GLN B 33 29.94 -15.58 35.19
CA GLN B 33 29.05 -14.41 35.19
C GLN B 33 27.78 -14.68 36.00
N GLN B 34 27.18 -15.86 35.85
CA GLN B 34 26.01 -16.22 36.65
C GLN B 34 26.34 -16.20 38.13
N LEU B 35 27.42 -16.89 38.50
CA LEU B 35 27.78 -17.02 39.91
C LEU B 35 28.08 -15.66 40.52
N ASP B 36 28.84 -14.82 39.81
CA ASP B 36 29.21 -13.53 40.37
C ASP B 36 27.99 -12.62 40.48
N SER B 37 27.09 -12.65 39.50
CA SER B 37 25.86 -11.87 39.59
C SER B 37 25.05 -12.28 40.82
N PHE B 38 24.87 -13.58 41.03
CA PHE B 38 24.05 -14.03 42.16
C PHE B 38 24.73 -13.75 43.49
N ASP B 39 26.06 -13.89 43.55
CA ASP B 39 26.76 -13.54 44.79
C ASP B 39 26.61 -12.06 45.10
N GLU B 40 26.72 -11.20 44.09
CA GLU B 40 26.48 -9.78 44.32
C GLU B 40 25.06 -9.54 44.80
N PHE B 41 24.09 -10.23 44.19
CA PHE B 41 22.70 -10.08 44.60
C PHE B 41 22.53 -10.41 46.08
N MET B 42 22.97 -11.59 46.50
CA MET B 42 22.75 -11.99 47.89
C MET B 42 23.63 -11.22 48.87
N GLU B 43 24.73 -10.60 48.41
CA GLU B 43 25.51 -9.82 49.37
C GLU B 43 24.94 -8.42 49.55
N THR B 44 24.45 -7.82 48.48
CA THR B 44 24.11 -6.41 48.63
C THR B 44 22.68 -6.08 48.20
N SER B 45 22.19 -6.72 47.15
CA SER B 45 20.97 -6.25 46.51
C SER B 45 19.77 -6.43 47.42
N ILE B 46 19.68 -7.56 48.11
CA ILE B 46 18.52 -7.82 48.97
C ILE B 46 18.45 -6.79 50.09
N GLN B 47 19.58 -6.54 50.75
CA GLN B 47 19.61 -5.55 51.81
C GLN B 47 19.27 -4.16 51.27
N ASP B 48 19.76 -3.83 50.08
CA ASP B 48 19.46 -2.52 49.51
C ASP B 48 17.99 -2.41 49.16
N LEU B 49 17.37 -3.49 48.67
CA LEU B 49 15.94 -3.47 48.40
C LEU B 49 15.15 -3.34 49.69
N VAL B 50 15.63 -3.92 50.78
CA VAL B 50 14.92 -3.76 52.04
C VAL B 50 15.04 -2.34 52.54
N TRP B 51 16.22 -1.72 52.38
CA TRP B 51 16.41 -0.33 52.79
C TRP B 51 16.00 0.74 51.77
N GLU B 52 15.47 0.36 50.60
CA GLU B 52 14.97 1.35 49.65
C GLU B 52 13.80 2.15 50.22
N GLU B 53 12.82 1.45 50.79
CA GLU B 53 11.64 2.06 51.41
C GLU B 53 11.60 1.57 52.86
N PRO B 54 12.34 2.25 53.74
CA PRO B 54 12.68 1.71 55.06
C PRO B 54 11.68 1.98 56.18
N ARG B 55 10.52 2.57 55.90
CA ARG B 55 9.61 2.94 56.97
C ARG B 55 8.16 2.93 56.52
N LEU B 56 7.29 2.45 57.39
CA LEU B 56 5.85 2.53 57.23
C LEU B 56 5.33 3.43 58.35
N ILE B 57 4.23 4.14 58.09
CA ILE B 57 3.75 5.12 59.06
C ILE B 57 2.23 5.14 59.03
N LEU B 58 1.60 4.80 60.15
CA LEU B 58 0.20 5.10 60.35
C LEU B 58 0.06 6.37 61.17
N ASP B 59 -1.11 7.00 61.06
CA ASP B 59 -1.33 8.27 61.74
C ASP B 59 -2.81 8.50 61.99
N GLN B 60 -3.10 9.17 63.11
CA GLN B 60 -4.43 9.70 63.42
C GLN B 60 -4.23 10.81 64.44
N PRO B 61 -4.62 12.05 64.11
CA PRO B 61 -4.38 13.16 65.05
C PRO B 61 -5.48 13.42 66.07
N ALA B 62 -6.75 13.23 65.69
CA ALA B 62 -7.83 13.80 66.48
C ALA B 62 -9.21 13.49 65.92
N GLN B 63 -10.24 13.94 66.63
CA GLN B 63 -11.64 13.92 66.17
C GLN B 63 -12.10 12.50 65.85
N HIS B 64 -12.14 11.67 66.89
CA HIS B 64 -12.72 10.34 66.81
C HIS B 64 -13.76 10.16 67.90
N THR B 65 -14.68 11.13 67.98
CA THR B 65 -15.78 11.13 68.95
C THR B 65 -15.24 11.08 70.39
N ASN B 66 -14.20 11.85 70.65
CA ASN B 66 -13.68 11.99 72.00
C ASN B 66 -14.11 13.34 72.59
N GLU B 67 -13.57 13.66 73.77
CA GLU B 67 -13.93 14.88 74.49
C GLU B 67 -12.94 16.00 74.15
N LYS B 68 -12.82 16.26 72.85
CA LYS B 68 -11.90 17.25 72.28
C LYS B 68 -10.44 16.96 72.59
N ASP B 69 -10.12 15.81 73.19
CA ASP B 69 -8.74 15.49 73.54
C ASP B 69 -8.02 14.94 72.33
N ASN B 70 -6.94 15.61 71.92
CA ASN B 70 -6.21 15.28 70.69
C ASN B 70 -4.79 14.82 71.00
N ILE B 71 -4.38 13.73 70.35
CA ILE B 71 -3.04 13.18 70.48
C ILE B 71 -2.55 12.72 69.11
N ASN B 72 -1.32 13.08 68.76
CA ASN B 72 -0.71 12.61 67.52
C ASN B 72 -0.07 11.26 67.78
N LYS B 73 -0.46 10.26 67.01
CA LYS B 73 -0.10 8.86 67.29
C LYS B 73 0.48 8.27 66.02
N ARG B 74 1.78 8.02 66.02
CA ARG B 74 2.47 7.41 64.89
C ARG B 74 2.84 5.98 65.29
N TYR B 75 2.39 5.03 64.47
CA TYR B 75 2.85 3.65 64.55
C TYR B 75 3.83 3.39 63.42
N GLU B 76 4.94 2.73 63.74
CA GLU B 76 6.09 2.66 62.87
C GLU B 76 6.87 1.39 63.14
N ILE B 77 7.39 0.78 62.08
CA ILE B 77 8.25 -0.39 62.17
C ILE B 77 9.55 -0.15 61.41
N ARG B 78 10.66 -0.62 61.97
CA ARG B 78 11.99 -0.52 61.36
C ARG B 78 12.59 -1.87 61.01
N PHE B 79 12.79 -2.06 59.70
CA PHE B 79 13.44 -3.24 59.16
C PHE B 79 14.92 -3.23 59.51
N GLY B 80 15.45 -4.37 59.91
CA GLY B 80 16.85 -4.38 60.26
C GLY B 80 17.66 -5.23 59.30
N LYS B 81 18.64 -5.97 59.84
CA LYS B 81 19.54 -6.76 59.02
C LYS B 81 18.82 -7.91 58.32
N ILE B 82 19.41 -8.40 57.24
CA ILE B 82 18.98 -9.62 56.58
C ILE B 82 19.93 -10.72 57.03
N TYR B 83 19.37 -11.86 57.40
CA TYR B 83 20.16 -13.02 57.78
C TYR B 83 19.96 -14.14 56.76
N LEU B 84 21.06 -14.69 56.26
CA LEU B 84 21.02 -15.69 55.21
C LEU B 84 21.64 -16.95 55.77
N SER B 85 20.86 -18.02 55.80
CA SER B 85 21.26 -19.30 56.35
C SER B 85 21.40 -20.32 55.22
N ARG B 86 22.02 -21.45 55.53
CA ARG B 86 22.16 -22.49 54.54
C ARG B 86 20.79 -23.06 54.21
N PRO B 87 20.63 -23.60 53.01
CA PRO B 87 19.34 -24.21 52.66
C PRO B 87 18.98 -25.33 53.63
N THR B 88 17.75 -25.28 54.12
CA THR B 88 17.26 -26.28 55.06
C THR B 88 15.97 -26.90 54.53
N MET B 89 15.65 -28.07 55.05
CA MET B 89 14.43 -28.79 54.69
C MET B 89 13.59 -29.02 55.93
N THR B 90 12.28 -28.80 55.81
CA THR B 90 11.34 -28.99 56.89
C THR B 90 10.31 -30.04 56.48
N GLU B 91 10.17 -31.07 57.29
CA GLU B 91 9.27 -32.17 57.01
C GLU B 91 7.89 -31.90 57.60
N ALA B 92 6.91 -32.70 57.17
CA ALA B 92 5.56 -32.57 57.69
C ALA B 92 5.50 -32.88 59.18
N ASP B 93 6.51 -33.59 59.70
CA ASP B 93 6.63 -33.74 61.14
C ASP B 93 6.99 -32.42 61.80
N GLY B 94 7.76 -31.58 61.10
CA GLY B 94 8.38 -30.40 61.69
C GLY B 94 9.86 -30.52 61.97
N THR B 95 10.42 -31.72 61.84
CA THR B 95 11.87 -31.89 61.95
C THR B 95 12.58 -31.18 60.80
N THR B 96 13.80 -30.71 61.07
CA THR B 96 14.60 -29.99 60.10
C THR B 96 16.00 -30.60 60.06
N HIS B 97 16.72 -30.28 58.98
CA HIS B 97 18.05 -30.80 58.71
C HIS B 97 18.58 -30.11 57.46
N ALA B 98 19.86 -30.34 57.17
CA ALA B 98 20.47 -29.73 56.01
C ALA B 98 19.90 -30.32 54.73
N MET B 99 19.78 -29.48 53.71
CA MET B 99 19.25 -29.86 52.41
C MET B 99 20.32 -29.71 51.36
N PHE B 100 20.47 -30.73 50.52
CA PHE B 100 21.47 -30.73 49.47
C PHE B 100 20.80 -30.80 48.10
N PRO B 101 21.45 -30.32 47.05
CA PRO B 101 20.78 -30.23 45.73
C PRO B 101 20.26 -31.57 45.22
N GLN B 102 20.92 -32.67 45.52
CA GLN B 102 20.43 -33.95 45.01
C GLN B 102 19.12 -34.34 45.65
N GLU B 103 18.97 -34.12 46.97
CA GLU B 103 17.70 -34.39 47.61
C GLU B 103 16.59 -33.49 47.06
N ALA B 104 16.89 -32.20 46.87
CA ALA B 104 15.91 -31.31 46.25
C ALA B 104 15.53 -31.76 44.85
N ARG B 105 16.48 -32.36 44.12
CA ARG B 105 16.18 -32.82 42.77
C ARG B 105 15.32 -34.08 42.81
N LEU B 106 15.59 -34.97 43.76
CA LEU B 106 14.89 -36.24 43.79
C LEU B 106 13.46 -36.10 44.27
N ARG B 107 13.22 -35.26 45.27
CA ARG B 107 11.91 -35.12 45.88
C ARG B 107 11.10 -33.94 45.31
N ASN B 108 11.52 -33.40 44.17
CA ASN B 108 10.83 -32.29 43.52
C ASN B 108 10.65 -31.10 44.46
N LEU B 109 11.71 -30.78 45.19
CA LEU B 109 11.72 -29.64 46.08
C LEU B 109 12.36 -28.42 45.42
N THR B 110 12.22 -27.28 46.09
CA THR B 110 12.87 -26.05 45.71
C THR B 110 14.06 -25.86 46.63
N TYR B 111 15.21 -25.51 46.06
CA TYR B 111 16.46 -25.45 46.80
C TYR B 111 16.67 -23.99 47.20
N SER B 112 16.21 -23.65 48.40
CA SER B 112 16.16 -22.27 48.84
C SER B 112 16.56 -22.15 50.29
N SER B 113 17.02 -20.94 50.66
CA SER B 113 17.49 -20.49 51.97
C SER B 113 16.44 -19.61 52.65
N PRO B 114 16.33 -19.66 53.97
CA PRO B 114 15.40 -18.76 54.65
C PRO B 114 15.99 -17.38 54.82
N VAL B 115 15.15 -16.37 54.65
CA VAL B 115 15.56 -14.97 54.77
C VAL B 115 14.81 -14.39 55.96
N TYR B 116 15.55 -13.85 56.92
CA TYR B 116 14.99 -13.22 58.10
C TYR B 116 15.23 -11.71 58.08
N LEU B 117 14.23 -10.95 58.52
CA LEU B 117 14.32 -9.50 58.57
C LEU B 117 13.95 -9.04 59.98
N ASP B 118 14.93 -8.50 60.70
CA ASP B 118 14.66 -7.93 62.01
C ASP B 118 13.73 -6.73 61.89
N MET B 119 12.71 -6.69 62.75
CA MET B 119 11.79 -5.56 62.77
C MET B 119 11.68 -5.04 64.20
N GLU B 120 11.85 -3.73 64.36
CA GLU B 120 11.76 -3.08 65.67
C GLU B 120 10.68 -2.01 65.58
N LYS B 121 9.49 -2.33 66.09
CA LYS B 121 8.36 -1.43 66.03
C LYS B 121 8.52 -0.35 67.11
N SER B 122 8.39 0.92 66.70
CA SER B 122 8.46 2.04 67.63
C SER B 122 7.18 2.88 67.53
N MET B 123 6.86 3.55 68.64
CA MET B 123 5.73 4.47 68.68
C MET B 123 6.08 5.77 69.39
N PHE B 124 5.57 6.87 68.86
CA PHE B 124 5.66 8.19 69.47
C PHE B 124 4.26 8.75 69.57
N THR B 125 3.94 9.35 70.72
CA THR B 125 2.60 9.87 71.00
C THR B 125 2.72 11.26 71.60
N SER B 126 2.40 12.27 70.81
CA SER B 126 2.42 13.66 71.25
C SER B 126 1.01 14.22 71.26
N ILE B 127 0.62 14.85 72.38
CA ILE B 127 -0.77 15.27 72.60
C ILE B 127 -0.90 16.68 72.06
N ASP B 128 -1.17 16.77 70.76
CA ASP B 128 -1.58 18.03 70.12
C ASP B 128 -2.04 17.77 68.69
N GLY B 153 9.32 -8.40 68.36
CA GLY B 153 10.29 -8.01 67.36
C GLY B 153 11.55 -8.85 67.38
N ASN B 154 11.55 -9.90 66.57
CA ASN B 154 12.68 -10.82 66.49
C ASN B 154 12.93 -11.12 65.02
N LYS B 155 13.68 -12.18 64.73
CA LYS B 155 13.97 -12.53 63.35
C LYS B 155 12.73 -13.09 62.65
N VAL B 156 11.90 -12.19 62.13
CA VAL B 156 10.71 -12.57 61.39
C VAL B 156 11.10 -13.26 60.09
N HIS B 157 10.52 -14.43 59.84
CA HIS B 157 10.75 -15.16 58.60
C HIS B 157 9.92 -14.55 57.48
N ILE B 158 10.58 -13.93 56.50
CA ILE B 158 9.87 -13.24 55.42
C ILE B 158 9.81 -14.01 54.11
N GLY B 159 10.51 -15.12 53.98
CA GLY B 159 10.39 -15.95 52.79
C GLY B 159 11.65 -16.73 52.52
N LYS B 160 11.55 -17.61 51.54
CA LYS B 160 12.66 -18.45 51.10
C LYS B 160 13.12 -18.04 49.70
N VAL B 161 14.41 -17.78 49.56
CA VAL B 161 15.00 -17.35 48.29
C VAL B 161 15.69 -18.56 47.66
N PRO B 162 15.34 -18.94 46.43
CA PRO B 162 16.09 -20.04 45.78
C PRO B 162 17.56 -19.71 45.63
N ILE B 163 18.39 -20.75 45.69
CA ILE B 163 19.85 -20.60 45.70
C ILE B 163 20.43 -21.08 44.39
N MET B 164 21.38 -20.30 43.85
CA MET B 164 22.10 -20.68 42.65
C MET B 164 23.17 -21.69 43.02
N LEU B 165 23.15 -22.85 42.37
CA LEU B 165 24.10 -23.90 42.69
C LEU B 165 25.53 -23.49 42.38
N ARG B 166 26.44 -23.90 43.27
CA ARG B 166 27.87 -23.61 43.20
C ARG B 166 28.17 -22.14 43.47
N SER B 167 27.24 -21.41 44.08
CA SER B 167 27.51 -20.04 44.50
C SER B 167 27.91 -20.02 45.98
N LYS B 168 28.22 -18.82 46.46
CA LYS B 168 28.80 -18.69 47.79
C LYS B 168 27.81 -19.10 48.88
N PHE B 169 26.52 -19.15 48.57
CA PHE B 169 25.51 -19.56 49.52
C PHE B 169 25.02 -20.98 49.30
N CYS B 170 25.45 -21.64 48.24
CA CYS B 170 25.15 -23.05 48.04
C CYS B 170 25.92 -23.87 49.07
N SER B 171 25.34 -25.00 49.44
CA SER B 171 26.00 -25.92 50.37
C SER B 171 27.05 -26.78 49.69
N LEU B 172 27.23 -26.65 48.38
CA LEU B 172 28.28 -27.36 47.66
C LEU B 172 29.50 -26.50 47.42
N ARG B 173 29.52 -25.25 47.89
CA ARG B 173 30.62 -24.35 47.59
C ARG B 173 31.90 -24.87 48.21
N THR B 174 31.82 -25.33 49.46
CA THR B 174 32.87 -26.08 50.13
C THR B 174 32.83 -27.53 49.67
N LEU B 175 33.38 -28.45 50.48
CA LEU B 175 33.31 -29.87 50.16
C LEU B 175 34.11 -30.19 48.90
N ASP B 176 35.43 -30.14 49.00
CA ASP B 176 36.30 -30.56 47.91
C ASP B 176 35.93 -31.96 47.42
N GLU B 177 36.48 -32.33 46.26
CA GLU B 177 35.98 -33.39 45.39
C GLU B 177 35.46 -34.64 46.08
N VAL B 178 36.10 -35.06 47.19
CA VAL B 178 35.70 -36.31 47.85
C VAL B 178 34.26 -36.22 48.34
N ASP B 179 33.95 -35.15 49.08
CA ASP B 179 32.60 -35.02 49.63
C ASP B 179 31.59 -34.65 48.56
N LEU B 180 32.04 -33.99 47.49
CA LEU B 180 31.17 -33.83 46.33
C LEU B 180 30.75 -35.19 45.78
N TYR B 181 31.70 -36.12 45.66
CA TYR B 181 31.35 -37.47 45.24
C TYR B 181 30.40 -38.12 46.24
N LYS B 182 30.62 -37.91 47.54
CA LYS B 182 29.73 -38.50 48.51
C LYS B 182 28.33 -37.88 48.49
N MET B 183 28.20 -36.64 48.03
CA MET B 183 26.90 -36.00 47.93
C MET B 183 26.23 -36.20 46.58
N LYS B 184 26.75 -37.12 45.76
CA LYS B 184 26.18 -37.50 44.47
C LYS B 184 26.26 -36.39 43.44
N GLU B 185 27.17 -35.44 43.62
CA GLU B 185 27.32 -34.32 42.71
C GLU B 185 28.48 -34.55 41.75
N CYS B 186 28.26 -34.26 40.48
CA CYS B 186 29.31 -34.40 39.48
C CYS B 186 30.30 -33.25 39.59
N PRO B 187 31.60 -33.52 39.67
CA PRO B 187 32.58 -32.43 39.73
C PRO B 187 32.60 -31.57 38.47
N TYR B 188 32.16 -32.09 37.33
CA TYR B 188 32.12 -31.30 36.10
C TYR B 188 30.98 -30.31 36.08
N ASP B 189 29.87 -30.63 36.76
CA ASP B 189 28.76 -29.70 36.92
C ASP B 189 29.25 -28.36 37.46
N MET B 190 29.03 -27.29 36.69
CA MET B 190 29.55 -25.99 37.04
C MET B 190 28.56 -25.10 37.79
N GLY B 191 27.31 -25.52 37.96
CA GLY B 191 26.36 -24.66 38.61
C GLY B 191 25.80 -23.60 37.68
N GLY B 192 25.49 -22.43 38.27
CA GLY B 192 24.96 -21.31 37.52
C GLY B 192 23.46 -21.32 37.32
N TYR B 193 22.78 -22.33 37.85
CA TYR B 193 21.34 -22.49 37.69
C TYR B 193 20.67 -22.64 39.05
N PHE B 194 19.34 -22.65 39.04
CA PHE B 194 18.52 -22.79 40.23
C PHE B 194 17.77 -24.11 40.18
N VAL B 195 17.32 -24.58 41.34
CA VAL B 195 16.49 -25.77 41.44
C VAL B 195 15.14 -25.38 42.04
N ILE B 196 14.10 -25.38 41.22
CA ILE B 196 12.73 -25.08 41.64
C ILE B 196 11.88 -26.31 41.41
N ASN B 197 11.29 -26.85 42.48
CA ASN B 197 10.50 -28.07 42.43
C ASN B 197 11.28 -29.21 41.76
N GLY B 198 12.56 -29.29 42.08
CA GLY B 198 13.39 -30.34 41.55
C GLY B 198 13.76 -30.18 40.10
N SER B 199 13.52 -29.02 39.51
CA SER B 199 13.81 -28.75 38.12
C SER B 199 14.87 -27.67 38.03
N GLU B 200 15.92 -27.94 37.25
CA GLU B 200 17.00 -26.98 37.07
C GLU B 200 16.55 -25.86 36.15
N LYS B 201 16.73 -24.63 36.58
CA LYS B 201 16.31 -23.47 35.81
C LYS B 201 17.49 -22.54 35.66
N VAL B 202 17.66 -22.01 34.45
CA VAL B 202 18.75 -21.09 34.13
C VAL B 202 18.13 -19.77 33.69
N LEU B 203 18.71 -18.67 34.17
CA LEU B 203 18.23 -17.34 33.82
C LEU B 203 18.97 -16.85 32.58
N ILE B 204 18.21 -16.57 31.52
CA ILE B 204 18.81 -16.08 30.29
C ILE B 204 19.04 -14.59 30.42
N ALA B 205 20.25 -14.16 30.04
CA ALA B 205 20.56 -12.75 30.14
C ALA B 205 19.69 -11.96 29.20
N GLN B 206 19.17 -10.83 29.67
CA GLN B 206 18.28 -10.01 28.89
C GLN B 206 19.08 -8.82 28.35
N GLU B 207 18.92 -8.55 27.08
CA GLU B 207 19.64 -7.49 26.41
C GLU B 207 18.75 -6.26 26.33
N ARG B 208 19.29 -5.12 26.72
CA ARG B 208 18.53 -3.88 26.73
C ARG B 208 19.44 -2.73 26.36
N SER B 209 18.86 -1.68 25.78
CA SER B 209 19.64 -0.48 25.53
C SER B 209 20.14 0.10 26.84
N ALA B 210 21.29 0.76 26.80
CA ALA B 210 21.85 1.33 27.99
C ALA B 210 20.95 2.42 28.55
N ALA B 211 21.27 2.86 29.75
CA ALA B 211 20.50 3.89 30.44
C ALA B 211 21.37 5.11 30.68
N ASN B 212 20.74 6.28 30.67
CA ASN B 212 21.39 7.57 30.92
C ASN B 212 22.34 7.97 29.81
N ILE B 213 22.01 7.62 28.57
CA ILE B 213 22.79 8.03 27.41
C ILE B 213 21.85 8.69 26.40
N VAL B 214 22.32 9.76 25.78
CA VAL B 214 21.51 10.48 24.79
C VAL B 214 21.79 9.89 23.41
N GLN B 215 20.72 9.52 22.72
CA GLN B 215 20.80 9.01 21.36
C GLN B 215 19.85 9.80 20.48
N VAL B 216 20.30 10.16 19.27
CA VAL B 216 19.55 11.02 18.37
C VAL B 216 19.28 10.28 17.06
N PHE B 217 18.01 10.24 16.66
CA PHE B 217 17.53 9.41 15.56
C PHE B 217 16.89 10.27 14.49
N LYS B 218 17.09 9.91 13.23
CA LYS B 218 16.31 10.50 12.14
C LYS B 218 14.90 9.95 12.16
N LYS B 219 14.00 10.62 11.42
CA LYS B 219 12.61 10.20 11.35
C LYS B 219 12.18 10.07 9.90
N ALA B 220 10.88 9.85 9.67
CA ALA B 220 10.38 9.44 8.36
C ALA B 220 9.69 10.60 7.64
N ALA B 221 9.45 10.38 6.35
CA ALA B 221 8.96 11.45 5.48
C ALA B 221 7.57 11.93 5.87
N PRO B 222 6.56 11.06 6.06
CA PRO B 222 5.24 11.56 6.48
C PRO B 222 5.15 11.78 7.98
N SER B 223 6.18 12.40 8.55
CA SER B 223 6.24 12.70 9.96
C SER B 223 6.65 14.16 10.13
N PRO B 224 5.87 14.97 10.86
CA PRO B 224 6.31 16.34 11.14
C PRO B 224 7.60 16.37 11.93
N ILE B 225 7.82 15.38 12.80
CA ILE B 225 9.04 15.29 13.58
C ILE B 225 10.14 14.75 12.68
N SER B 226 11.31 15.39 12.71
CA SER B 226 12.45 14.94 11.92
C SER B 226 13.58 14.35 12.74
N HIS B 227 13.90 14.94 13.88
CA HIS B 227 15.04 14.52 14.69
C HIS B 227 14.59 14.38 16.14
N VAL B 228 14.95 13.27 16.77
CA VAL B 228 14.48 12.96 18.12
C VAL B 228 15.66 12.52 18.97
N ALA B 229 15.89 13.23 20.07
CA ALA B 229 16.87 12.83 21.08
C ALA B 229 16.12 12.15 22.22
N GLU B 230 16.43 10.88 22.46
CA GLU B 230 15.76 10.07 23.46
C GLU B 230 16.75 9.64 24.54
N ILE B 231 16.39 9.85 25.81
CA ILE B 231 17.19 9.38 26.93
C ILE B 231 16.29 8.66 27.92
N ARG B 232 16.70 7.49 28.37
CA ARG B 232 16.07 6.81 29.49
C ARG B 232 16.92 7.00 30.73
N SER B 233 16.27 7.20 31.87
CA SER B 233 16.95 7.59 33.10
C SER B 233 16.83 6.48 34.14
N ALA B 234 17.89 6.37 34.95
CA ALA B 234 17.98 5.35 35.99
C ALA B 234 18.96 5.84 37.04
N LEU B 235 18.92 5.21 38.21
CA LEU B 235 19.71 5.64 39.34
C LEU B 235 20.87 4.69 39.59
N GLU B 236 21.97 5.24 40.12
CA GLU B 236 23.14 4.43 40.41
C GLU B 236 22.85 3.38 41.47
N LYS B 237 21.90 3.65 42.36
CA LYS B 237 21.50 2.69 43.38
C LYS B 237 20.22 2.02 42.91
N GLY B 238 20.27 0.70 42.73
CA GLY B 238 19.16 -0.06 42.24
C GLY B 238 19.22 -0.34 40.75
N SER B 239 19.76 0.59 39.98
CA SER B 239 19.88 0.46 38.52
C SER B 239 18.53 0.17 37.88
N ARG B 240 17.51 0.89 38.34
CA ARG B 240 16.15 0.74 37.83
C ARG B 240 15.74 1.99 37.05
N LEU B 241 15.01 1.78 35.95
CA LEU B 241 14.43 2.88 35.20
C LEU B 241 13.50 3.73 36.06
N ILE B 242 13.49 5.04 35.78
CA ILE B 242 12.60 5.95 36.48
C ILE B 242 11.73 6.70 35.47
N SER B 243 12.37 7.42 34.55
CA SER B 243 11.62 8.27 33.63
C SER B 243 12.38 8.46 32.32
N THR B 244 11.65 8.87 31.29
CA THR B 244 12.16 9.08 29.95
C THR B 244 11.68 10.45 29.47
N MET B 245 12.50 11.11 28.65
CA MET B 245 12.24 12.50 28.30
C MET B 245 12.88 12.77 26.94
N GLN B 246 12.05 12.90 25.92
CA GLN B 246 12.45 13.22 24.55
C GLN B 246 12.43 14.71 24.25
N ILE B 247 13.25 15.11 23.26
CA ILE B 247 13.29 16.49 22.75
C ILE B 247 13.23 16.39 21.23
N LYS B 248 12.04 16.63 20.66
CA LYS B 248 11.81 16.41 19.24
C LYS B 248 12.01 17.69 18.45
N LEU B 249 12.30 17.52 17.16
CA LEU B 249 12.47 18.64 16.21
C LEU B 249 11.31 18.63 15.22
N TYR B 250 10.32 19.49 15.46
CA TYR B 250 9.21 19.62 14.54
C TYR B 250 9.65 20.40 13.32
N GLY B 251 9.02 20.10 12.18
CA GLY B 251 9.41 20.74 10.94
C GLY B 251 10.24 19.85 10.03
N ARG B 252 9.67 19.48 8.89
CA ARG B 252 10.39 18.65 7.92
C ARG B 252 11.33 19.54 7.09
N GLU B 253 12.18 18.89 6.30
CA GLU B 253 12.99 19.61 5.32
C GLU B 253 12.09 20.29 4.30
N ASP B 254 12.17 21.63 4.27
CA ASP B 254 11.45 22.51 3.34
C ASP B 254 9.95 22.57 3.59
N LYS B 255 9.43 21.83 4.56
CA LYS B 255 8.02 21.85 4.89
C LYS B 255 7.88 21.89 6.40
N GLY B 256 6.73 22.37 6.88
CA GLY B 256 6.62 22.60 8.31
C GLY B 256 7.48 23.78 8.72
N THR B 257 7.05 24.99 8.36
CA THR B 257 7.91 26.17 8.41
C THR B 257 8.56 26.35 9.78
N GLY B 258 7.85 26.02 10.84
CA GLY B 258 8.44 26.13 12.16
C GLY B 258 9.36 24.98 12.50
N ARG B 259 10.67 25.22 12.46
CA ARG B 259 11.67 24.23 12.87
C ARG B 259 12.04 24.43 14.34
N THR B 260 11.01 24.42 15.18
CA THR B 260 11.20 24.52 16.62
C THR B 260 11.57 23.16 17.22
N ILE B 261 12.05 23.20 18.46
CA ILE B 261 12.33 22.00 19.24
C ILE B 261 11.46 22.04 20.49
N LYS B 262 10.73 20.95 20.75
CA LYS B 262 9.80 20.90 21.86
C LYS B 262 10.07 19.63 22.67
N ALA B 263 10.20 19.79 23.99
CA ALA B 263 10.43 18.67 24.89
C ALA B 263 9.18 17.83 25.09
N THR B 264 9.34 16.73 25.83
CA THR B 264 8.25 15.86 26.28
C THR B 264 8.59 15.41 27.70
N LEU B 265 8.12 16.16 28.68
CA LEU B 265 8.34 15.77 30.07
C LEU B 265 7.43 14.59 30.44
N PRO B 266 7.91 13.71 31.30
CA PRO B 266 7.03 12.66 31.84
C PRO B 266 5.95 13.27 32.71
N TYR B 267 4.79 12.62 32.73
CA TYR B 267 3.64 13.01 33.53
C TYR B 267 3.00 14.30 33.05
N VAL B 268 3.23 14.68 31.79
CA VAL B 268 2.52 15.77 31.15
C VAL B 268 2.02 15.31 29.78
N LYS B 269 0.81 15.73 29.42
CA LYS B 269 0.17 15.21 28.20
C LYS B 269 0.67 15.91 26.95
N GLN B 270 0.91 17.21 27.01
CA GLN B 270 1.30 17.98 25.85
C GLN B 270 2.75 18.45 25.95
N ASP B 271 3.39 18.55 24.80
CA ASP B 271 4.82 18.75 24.73
C ASP B 271 5.18 20.22 24.93
N ILE B 272 6.08 20.51 25.86
CA ILE B 272 6.42 21.89 26.22
C ILE B 272 7.60 22.38 25.38
N PRO B 273 7.57 23.61 24.88
CA PRO B 273 8.77 24.18 24.24
C PRO B 273 9.95 24.23 25.20
N ILE B 274 11.15 24.29 24.61
CA ILE B 274 12.37 24.16 25.38
C ILE B 274 12.68 25.42 26.18
N VAL B 275 12.52 26.60 25.56
CA VAL B 275 12.82 27.82 26.31
C VAL B 275 11.93 27.96 27.54
N ILE B 276 10.71 27.42 27.46
CA ILE B 276 9.80 27.48 28.61
C ILE B 276 10.37 26.69 29.78
N VAL B 277 10.92 25.50 29.52
CA VAL B 277 11.42 24.69 30.61
C VAL B 277 12.78 25.21 31.09
N PHE B 278 13.60 25.75 30.19
CA PHE B 278 14.80 26.45 30.65
C PHE B 278 14.49 27.61 31.57
N ARG B 279 13.44 28.38 31.27
CA ARG B 279 13.05 29.46 32.17
C ARG B 279 12.48 28.91 33.47
N ALA B 280 11.67 27.86 33.37
CA ALA B 280 11.09 27.23 34.54
C ALA B 280 12.14 26.66 35.48
N LEU B 281 13.30 26.28 34.94
CA LEU B 281 14.34 25.72 35.79
C LEU B 281 15.24 26.78 36.41
N GLY B 282 15.11 28.04 36.01
CA GLY B 282 15.73 29.11 36.76
C GLY B 282 16.82 29.89 36.05
N VAL B 283 16.79 29.91 34.71
CA VAL B 283 17.70 30.75 33.93
C VAL B 283 16.85 31.51 32.90
N VAL B 284 16.45 32.73 33.26
CA VAL B 284 15.57 33.54 32.43
C VAL B 284 16.25 34.26 31.26
N PRO B 285 17.42 34.90 31.41
CA PRO B 285 17.93 35.73 30.32
C PRO B 285 18.30 34.92 29.09
N ASP B 286 17.78 35.36 27.94
CA ASP B 286 17.98 34.61 26.70
C ASP B 286 19.44 34.45 26.34
N GLY B 287 20.30 35.42 26.71
CA GLY B 287 21.72 35.25 26.50
C GLY B 287 22.27 34.02 27.21
N GLU B 288 21.82 33.80 28.44
CA GLU B 288 22.28 32.65 29.21
C GLU B 288 21.70 31.36 28.67
N ILE B 289 20.44 31.41 28.21
CA ILE B 289 19.82 30.26 27.57
C ILE B 289 20.63 29.83 26.34
N LEU B 290 20.93 30.80 25.48
CA LEU B 290 21.73 30.51 24.29
C LEU B 290 23.10 29.99 24.67
N GLN B 291 23.71 30.55 25.70
CA GLN B 291 25.04 30.12 26.08
C GLN B 291 25.03 28.70 26.62
N HIS B 292 23.99 28.34 27.38
CA HIS B 292 23.79 26.94 27.74
C HIS B 292 23.59 26.07 26.51
N ILE B 293 23.07 26.63 25.42
CA ILE B 293 22.94 25.85 24.19
C ILE B 293 24.18 25.99 23.31
N CYS B 294 24.70 27.20 23.18
CA CYS B 294 25.78 27.52 22.26
C CYS B 294 27.07 27.67 23.05
N TYR B 295 28.02 26.75 22.84
CA TYR B 295 29.35 26.88 23.42
C TYR B 295 30.25 27.83 22.65
N ASP B 296 29.97 28.08 21.37
CA ASP B 296 30.84 28.86 20.50
C ASP B 296 29.98 29.87 19.74
N GLU B 297 30.01 31.13 20.18
CA GLU B 297 29.21 32.18 19.56
C GLU B 297 29.55 32.38 18.10
N ASN B 298 30.80 32.10 17.71
CA ASN B 298 31.21 32.34 16.32
C ASN B 298 30.41 31.49 15.34
N ASP B 299 30.08 30.26 15.71
CA ASP B 299 29.24 29.44 14.84
C ASP B 299 27.92 30.16 14.58
N TRP B 300 27.43 30.08 13.34
CA TRP B 300 26.27 30.86 12.94
C TRP B 300 25.10 30.07 12.37
N GLN B 301 25.35 28.93 11.71
CA GLN B 301 24.23 28.17 11.14
C GLN B 301 23.30 27.65 12.23
N MET B 302 23.88 27.12 13.32
CA MET B 302 23.08 26.61 14.41
C MET B 302 22.28 27.74 15.07
N LEU B 303 22.92 28.90 15.25
CA LEU B 303 22.19 30.03 15.80
C LEU B 303 21.08 30.49 14.87
N GLU B 304 21.25 30.30 13.55
CA GLU B 304 20.19 30.63 12.61
C GLU B 304 19.06 29.62 12.65
N MET B 305 19.32 28.39 13.08
CA MET B 305 18.29 27.38 13.25
C MET B 305 17.64 27.42 14.64
N LEU B 306 18.12 28.30 15.53
CA LEU B 306 17.62 28.40 16.90
C LEU B 306 16.58 29.50 17.11
N LYS B 307 16.46 30.44 16.19
CA LYS B 307 15.52 31.55 16.38
C LYS B 307 14.05 31.12 16.52
N PRO B 308 13.49 30.21 15.71
CA PRO B 308 12.05 29.93 15.88
C PRO B 308 11.67 29.44 17.26
N CYS B 309 12.57 28.74 17.96
CA CYS B 309 12.30 28.37 19.35
C CYS B 309 12.18 29.61 20.23
N ILE B 310 13.14 30.53 20.09
CA ILE B 310 13.14 31.76 20.88
C ILE B 310 11.86 32.54 20.62
N GLU B 311 11.40 32.55 19.36
CA GLU B 311 10.21 33.30 19.02
C GLU B 311 8.96 32.64 19.57
N GLU B 312 8.87 31.31 19.46
CA GLU B 312 7.71 30.60 19.99
C GLU B 312 7.69 30.60 21.51
N GLY B 313 8.80 30.92 22.17
CA GLY B 313 8.74 31.06 23.61
C GLY B 313 9.15 32.42 24.15
N PHE B 314 8.83 33.48 23.42
CA PHE B 314 9.17 34.83 23.87
C PHE B 314 8.21 35.33 24.93
N VAL B 315 7.00 34.77 25.01
CA VAL B 315 5.96 35.29 25.89
C VAL B 315 6.44 35.29 27.33
N ILE B 316 7.07 34.20 27.77
CA ILE B 316 7.41 34.04 29.18
C ILE B 316 8.62 34.91 29.49
N GLN B 317 8.65 35.49 30.68
CA GLN B 317 9.82 36.23 31.13
C GLN B 317 10.25 35.95 32.55
N ASP B 318 9.53 35.10 33.29
CA ASP B 318 9.92 34.75 34.64
C ASP B 318 9.62 33.28 34.89
N LYS B 319 10.12 32.78 36.03
CA LYS B 319 10.09 31.35 36.30
C LYS B 319 8.67 30.90 36.67
N GLU B 320 7.95 31.71 37.43
CA GLU B 320 6.64 31.29 37.94
C GLU B 320 5.64 31.06 36.82
N VAL B 321 5.60 31.97 35.84
CA VAL B 321 4.61 31.87 34.78
C VAL B 321 4.89 30.67 33.88
N ALA B 322 6.16 30.47 33.52
CA ALA B 322 6.52 29.29 32.72
C ALA B 322 6.25 28.01 33.48
N LEU B 323 6.52 28.02 34.79
CA LEU B 323 6.34 26.79 35.56
C LEU B 323 4.86 26.47 35.72
N ASP B 324 4.01 27.49 35.79
CA ASP B 324 2.56 27.28 35.68
C ASP B 324 2.14 26.78 34.30
N PHE B 325 2.71 27.38 33.24
CA PHE B 325 2.41 26.94 31.89
C PHE B 325 2.68 25.45 31.73
N ILE B 326 3.77 24.98 32.34
CA ILE B 326 4.01 23.54 32.44
C ILE B 326 2.94 22.88 33.29
N GLY B 327 2.59 23.51 34.42
CA GLY B 327 1.63 22.92 35.34
C GLY B 327 0.25 22.76 34.72
N ARG B 328 -0.15 23.67 33.85
CA ARG B 328 -1.46 23.62 33.21
C ARG B 328 -1.61 22.38 32.33
N ARG B 329 -0.54 21.60 32.21
CA ARG B 329 -0.51 20.43 31.34
C ARG B 329 -0.18 19.16 32.12
N GLY B 330 -0.03 19.25 33.44
CA GLY B 330 0.48 18.16 34.25
C GLY B 330 -0.40 16.94 34.40
N SER B 331 -1.48 16.88 33.62
CA SER B 331 -2.39 15.74 33.57
C SER B 331 -3.07 15.44 34.89
N ALA B 332 -3.00 16.35 35.85
CA ALA B 332 -3.65 16.15 37.14
C ALA B 332 -5.13 16.50 37.03
N ALA B 333 -5.81 16.52 38.18
CA ALA B 333 -7.21 16.92 38.26
C ALA B 333 -7.41 18.34 37.73
N LEU B 334 -8.66 18.71 37.53
CA LEU B 334 -8.99 20.01 36.94
C LEU B 334 -9.11 21.07 38.02
N GLY B 335 -8.61 22.27 37.70
CA GLY B 335 -8.92 23.46 38.46
C GLY B 335 -8.09 23.74 39.69
N ILE B 336 -6.85 23.20 39.76
CA ILE B 336 -5.96 23.54 40.87
C ILE B 336 -5.54 25.00 40.77
N ARG B 337 -5.54 25.67 41.92
CA ARG B 337 -5.12 27.06 42.02
C ARG B 337 -3.62 27.21 41.81
N ARG B 338 -3.22 28.43 41.46
CA ARG B 338 -1.86 28.70 40.98
C ARG B 338 -0.81 28.26 42.00
N GLU B 339 -1.01 28.58 43.28
CA GLU B 339 0.04 28.39 44.27
C GLU B 339 0.43 26.93 44.44
N LYS B 340 -0.48 26.00 44.16
CA LYS B 340 -0.14 24.58 44.28
C LYS B 340 -0.01 23.88 42.95
N ARG B 341 -0.59 24.42 41.87
CA ARG B 341 -0.16 24.04 40.54
C ARG B 341 1.33 24.26 40.35
N ILE B 342 1.84 25.38 40.88
CA ILE B 342 3.27 25.65 40.88
C ILE B 342 4.03 24.57 41.64
N GLN B 343 3.52 24.17 42.83
CA GLN B 343 4.22 23.16 43.59
C GLN B 343 4.25 21.82 42.86
N TYR B 344 3.14 21.44 42.24
CA TYR B 344 3.08 20.20 41.47
C TYR B 344 4.09 20.23 40.32
N ALA B 345 4.11 21.33 39.56
CA ALA B 345 5.03 21.44 38.43
C ALA B 345 6.48 21.49 38.89
N LYS B 346 6.75 22.19 40.00
CA LYS B 346 8.11 22.23 40.53
C LYS B 346 8.57 20.86 41.00
N ASP B 347 7.65 20.07 41.56
CA ASP B 347 7.99 18.71 41.94
C ASP B 347 8.34 17.88 40.70
N ILE B 348 7.57 18.03 39.63
CA ILE B 348 7.89 17.32 38.39
C ILE B 348 9.25 17.74 37.85
N LEU B 349 9.52 19.06 37.84
CA LEU B 349 10.81 19.54 37.37
C LEU B 349 11.97 19.08 38.25
N GLN B 350 11.71 18.82 39.53
CA GLN B 350 12.79 18.40 40.43
C GLN B 350 13.02 16.89 40.37
N LYS B 351 11.97 16.12 40.61
CA LYS B 351 12.01 14.66 40.53
C LYS B 351 11.14 14.17 39.39
N GLU B 352 11.58 13.10 38.73
CA GLU B 352 11.11 12.54 37.45
C GLU B 352 11.67 13.30 36.25
N LEU B 353 12.51 14.32 36.45
CA LEU B 353 13.26 14.95 35.37
C LEU B 353 14.73 14.67 35.61
N LEU B 354 15.29 13.75 34.82
CA LEU B 354 16.69 13.35 34.93
C LEU B 354 17.09 12.97 36.36
N PRO B 355 16.46 11.92 36.93
CA PRO B 355 16.86 11.51 38.28
C PRO B 355 18.31 11.10 38.38
N HIS B 356 18.92 10.66 37.27
CA HIS B 356 20.34 10.30 37.31
C HIS B 356 21.22 11.50 37.58
N ILE B 357 20.81 12.69 37.15
CA ILE B 357 21.59 13.90 37.44
C ILE B 357 21.61 14.14 38.95
N THR B 358 20.45 14.39 39.53
CA THR B 358 20.23 14.43 40.97
C THR B 358 18.74 14.66 41.23
N GLN B 359 18.24 14.20 42.37
CA GLN B 359 16.84 14.38 42.73
C GLN B 359 16.64 15.37 43.88
N GLU B 360 17.68 16.08 44.29
CA GLU B 360 17.52 17.08 45.34
C GLU B 360 17.48 18.49 44.74
N GLU B 361 16.96 19.41 45.54
CA GLU B 361 16.72 20.78 45.08
C GLU B 361 17.98 21.62 45.27
N GLY B 362 18.03 22.73 44.54
CA GLY B 362 19.15 23.64 44.61
C GLY B 362 20.29 23.32 43.65
N PHE B 363 20.08 22.41 42.72
CA PHE B 363 21.09 22.02 41.74
C PHE B 363 20.49 22.01 40.34
N GLU B 364 19.65 23.00 40.04
CA GLU B 364 18.98 23.06 38.75
C GLU B 364 19.94 23.40 37.62
N THR B 365 21.06 24.06 37.93
CA THR B 365 21.99 24.46 36.89
C THR B 365 22.55 23.24 36.16
N ARG B 366 22.81 22.15 36.89
CA ARG B 366 23.36 20.96 36.25
C ARG B 366 22.34 20.33 35.30
N LYS B 367 21.06 20.34 35.67
CA LYS B 367 20.03 19.86 34.77
C LYS B 367 19.91 20.76 33.54
N THR B 368 20.05 22.07 33.73
CA THR B 368 20.02 22.97 32.58
C THR B 368 21.18 22.68 31.64
N PHE B 369 22.37 22.41 32.20
CA PHE B 369 23.52 22.09 31.35
C PHE B 369 23.31 20.78 30.58
N PHE B 370 22.74 19.76 31.23
CA PHE B 370 22.47 18.54 30.49
C PHE B 370 21.42 18.76 29.40
N LEU B 371 20.42 19.60 29.66
CA LEU B 371 19.46 19.94 28.62
C LEU B 371 20.12 20.66 27.47
N GLY B 372 21.05 21.57 27.77
CA GLY B 372 21.79 22.24 26.72
C GLY B 372 22.58 21.25 25.89
N TYR B 373 23.22 20.28 26.55
CA TYR B 373 23.93 19.24 25.81
C TYR B 373 23.01 18.43 24.91
N MET B 374 21.84 18.05 25.42
CA MET B 374 20.94 17.26 24.59
C MET B 374 20.44 18.06 23.39
N VAL B 375 20.13 19.34 23.60
CA VAL B 375 19.70 20.18 22.49
C VAL B 375 20.82 20.37 21.48
N ASN B 376 22.06 20.55 21.97
CA ASN B 376 23.18 20.71 21.07
C ASN B 376 23.42 19.45 20.23
N ARG B 377 23.33 18.27 20.84
CA ARG B 377 23.47 17.05 20.05
C ARG B 377 22.34 16.92 19.04
N LEU B 378 21.13 17.30 19.45
CA LEU B 378 20.01 17.32 18.51
C LEU B 378 20.34 18.16 17.29
N LEU B 379 20.84 19.38 17.52
CA LEU B 379 21.11 20.29 16.40
C LEU B 379 22.27 19.78 15.56
N LEU B 380 23.31 19.24 16.19
CA LEU B 380 24.41 18.63 15.44
C LEU B 380 23.90 17.54 14.51
N CYS B 381 22.97 16.71 14.98
CA CYS B 381 22.39 15.72 14.08
C CYS B 381 21.50 16.36 13.03
N ALA B 382 20.82 17.46 13.36
CA ALA B 382 19.94 18.10 12.40
C ALA B 382 20.69 18.92 11.35
N LEU B 383 21.82 19.52 11.74
CA LEU B 383 22.63 20.33 10.84
C LEU B 383 23.67 19.51 10.10
N GLU B 384 23.58 18.18 10.19
CA GLU B 384 24.46 17.24 9.52
C GLU B 384 25.91 17.35 9.94
N ARG B 385 26.20 18.09 11.01
CA ARG B 385 27.57 18.22 11.49
C ARG B 385 28.02 17.01 12.31
N LYS B 386 27.10 16.08 12.62
CA LYS B 386 27.44 14.83 13.30
C LYS B 386 26.46 13.76 12.88
N ASP B 387 26.94 12.53 12.81
CA ASP B 387 26.11 11.41 12.36
C ASP B 387 25.12 10.94 13.43
N GLN B 388 24.06 10.30 12.95
CA GLN B 388 23.02 9.81 13.83
C GLN B 388 23.52 8.61 14.63
N ASP B 389 22.94 8.42 15.81
CA ASP B 389 23.43 7.38 16.71
C ASP B 389 23.09 6.01 16.16
N ASP B 390 23.96 5.04 16.41
CA ASP B 390 23.81 3.70 15.87
C ASP B 390 23.00 2.86 16.83
N ARG B 391 21.84 2.38 16.35
CA ARG B 391 21.00 1.54 17.20
C ARG B 391 21.65 0.19 17.47
N ASP B 392 22.36 -0.36 16.49
CA ASP B 392 22.88 -1.71 16.63
C ASP B 392 24.24 -1.78 17.29
N HIS B 393 24.88 -0.65 17.54
CA HIS B 393 26.14 -0.60 18.26
C HIS B 393 26.03 -1.35 19.58
N PHE B 394 26.89 -2.34 19.79
CA PHE B 394 26.82 -3.20 20.96
C PHE B 394 27.36 -2.53 22.22
N GLY B 395 28.06 -1.41 22.08
CA GLY B 395 28.51 -0.66 23.23
C GLY B 395 27.42 0.13 23.92
N LYS B 396 26.31 0.37 23.24
CA LYS B 396 25.17 1.05 23.83
C LYS B 396 24.10 0.07 24.30
N LYS B 397 24.51 -1.12 24.73
CA LYS B 397 23.58 -2.11 25.23
C LYS B 397 24.12 -2.69 26.54
N ARG B 398 23.20 -3.20 27.36
CA ARG B 398 23.55 -3.79 28.64
C ARG B 398 22.92 -5.17 28.75
N LEU B 399 23.55 -6.03 29.55
CA LEU B 399 23.09 -7.39 29.77
C LEU B 399 22.69 -7.55 31.24
N ASP B 400 21.44 -7.96 31.46
CA ASP B 400 20.89 -8.12 32.79
C ASP B 400 20.98 -9.59 33.16
N LEU B 401 21.86 -9.90 34.11
CA LEU B 401 22.07 -11.26 34.57
C LEU B 401 21.17 -11.53 35.77
N ALA B 402 21.46 -12.61 36.51
CA ALA B 402 20.61 -13.03 37.62
C ALA B 402 20.43 -11.92 38.66
N GLY B 403 21.49 -11.16 38.91
CA GLY B 403 21.45 -10.12 39.91
C GLY B 403 20.34 -9.11 39.71
N PRO B 404 20.43 -8.29 38.66
CA PRO B 404 19.37 -7.31 38.41
C PRO B 404 17.98 -7.88 38.18
N LEU B 405 17.87 -9.05 37.55
CA LEU B 405 16.55 -9.64 37.35
C LEU B 405 15.89 -10.01 38.67
N LEU B 406 16.63 -10.71 39.53
CA LEU B 406 16.12 -11.02 40.85
C LEU B 406 15.91 -9.77 41.68
N ALA B 407 16.71 -8.73 41.45
CA ALA B 407 16.49 -7.48 42.18
C ALA B 407 15.14 -6.87 41.82
N ASN B 408 14.83 -6.82 40.52
CA ASN B 408 13.54 -6.29 40.09
C ASN B 408 12.39 -7.10 40.69
N LEU B 409 12.46 -8.42 40.53
CA LEU B 409 11.37 -9.26 41.01
C LEU B 409 11.21 -9.16 42.52
N PHE B 410 12.32 -9.17 43.26
CA PHE B 410 12.27 -9.05 44.70
C PHE B 410 11.72 -7.70 45.13
N ARG B 411 12.07 -6.62 44.42
CA ARG B 411 11.51 -5.33 44.76
C ARG B 411 9.99 -5.34 44.63
N ILE B 412 9.50 -5.89 43.51
CA ILE B 412 8.04 -5.97 43.33
C ILE B 412 7.39 -6.76 44.46
N LEU B 413 7.91 -7.96 44.74
CA LEU B 413 7.27 -8.82 45.72
C LEU B 413 7.40 -8.28 47.14
N PHE B 414 8.49 -7.58 47.45
CA PHE B 414 8.65 -7.06 48.80
C PHE B 414 7.83 -5.81 49.01
N ARG B 415 7.59 -5.02 47.96
CA ARG B 415 6.62 -3.94 48.09
C ARG B 415 5.22 -4.51 48.28
N LYS B 416 4.91 -5.62 47.60
CA LYS B 416 3.69 -6.36 47.91
C LYS B 416 3.62 -6.70 49.40
N LEU B 417 4.70 -7.26 49.94
CA LEU B 417 4.71 -7.67 51.34
C LEU B 417 4.51 -6.47 52.27
N THR B 418 5.17 -5.34 51.98
CA THR B 418 5.01 -4.19 52.86
C THR B 418 3.60 -3.62 52.76
N ARG B 419 2.98 -3.68 51.59
CA ARG B 419 1.57 -3.29 51.48
C ARG B 419 0.69 -4.22 52.32
N GLU B 420 1.02 -5.52 52.35
CA GLU B 420 0.29 -6.44 53.22
C GLU B 420 0.47 -6.07 54.68
N ILE B 421 1.69 -5.67 55.07
CA ILE B 421 1.95 -5.28 56.45
C ILE B 421 1.11 -4.06 56.81
N TYR B 422 1.03 -3.10 55.89
CA TYR B 422 0.19 -1.93 56.10
C TYR B 422 -1.28 -2.31 56.22
N ARG B 423 -1.75 -3.18 55.33
CA ARG B 423 -3.15 -3.61 55.31
C ARG B 423 -3.50 -4.47 56.51
N TYR B 424 -2.51 -4.97 57.24
CA TYR B 424 -2.75 -5.67 58.49
C TYR B 424 -2.69 -4.70 59.67
N MET B 425 -1.73 -3.75 59.64
CA MET B 425 -1.62 -2.78 60.72
C MET B 425 -2.74 -1.75 60.71
N GLN B 426 -3.48 -1.61 59.61
CA GLN B 426 -4.68 -0.79 59.67
C GLN B 426 -5.74 -1.42 60.58
N ARG B 427 -5.95 -2.74 60.47
CA ARG B 427 -6.98 -3.40 61.25
C ARG B 427 -6.51 -3.69 62.67
N CYS B 428 -5.39 -4.42 62.82
CA CYS B 428 -5.04 -4.96 64.12
C CYS B 428 -4.80 -3.86 65.15
N ILE B 429 -4.22 -2.73 64.74
CA ILE B 429 -3.95 -1.66 65.69
C ILE B 429 -5.25 -1.10 66.26
N GLU B 430 -6.32 -1.12 65.47
CA GLU B 430 -7.64 -0.69 65.97
C GLU B 430 -8.02 -1.44 67.25
N THR B 431 -7.69 -2.73 67.31
CA THR B 431 -8.00 -3.52 68.52
C THR B 431 -7.24 -3.03 69.74
N ASP B 432 -6.21 -2.20 69.56
CA ASP B 432 -5.36 -1.72 70.66
C ASP B 432 -4.77 -2.88 71.45
N ARG B 433 -3.94 -3.66 70.77
CA ARG B 433 -3.26 -4.79 71.41
C ARG B 433 -1.79 -4.80 70.98
N ASP B 434 -0.95 -5.38 71.83
CA ASP B 434 0.42 -5.67 71.43
C ASP B 434 0.44 -6.91 70.53
N PHE B 435 1.21 -6.81 69.45
CA PHE B 435 1.32 -7.89 68.46
C PHE B 435 2.79 -8.17 68.18
N ASN B 436 3.09 -9.44 67.95
CA ASN B 436 4.46 -9.94 67.90
C ASN B 436 5.03 -10.00 66.49
N LEU B 437 4.25 -9.59 65.49
CA LEU B 437 4.73 -9.38 64.12
C LEU B 437 5.03 -10.70 63.42
N ASN B 438 4.93 -11.82 64.13
CA ASN B 438 5.11 -13.13 63.51
C ASN B 438 3.82 -13.67 62.91
N LEU B 439 2.69 -13.00 63.15
CA LEU B 439 1.47 -13.23 62.41
C LEU B 439 1.16 -12.09 61.47
N ALA B 440 2.03 -11.08 61.41
CA ALA B 440 1.82 -9.93 60.55
C ALA B 440 2.48 -10.07 59.20
N VAL B 441 3.46 -10.96 59.08
CA VAL B 441 4.16 -11.20 57.82
C VAL B 441 3.70 -12.53 57.27
N LYS B 442 3.07 -12.50 56.10
CA LYS B 442 2.73 -13.70 55.35
C LYS B 442 3.94 -14.05 54.50
N SER B 443 4.79 -14.93 55.02
CA SER B 443 6.04 -15.26 54.35
C SER B 443 5.83 -15.88 52.98
N THR B 444 4.65 -16.45 52.73
CA THR B 444 4.41 -17.16 51.47
C THR B 444 4.40 -16.25 50.24
N THR B 445 4.38 -14.93 50.42
CA THR B 445 4.28 -14.04 49.27
C THR B 445 5.59 -14.02 48.48
N ILE B 446 6.72 -13.82 49.14
CA ILE B 446 8.01 -13.77 48.46
C ILE B 446 8.34 -15.15 47.89
N THR B 447 8.07 -16.20 48.68
CA THR B 447 8.36 -17.55 48.24
C THR B 447 7.54 -17.91 46.99
N SER B 448 6.23 -17.68 47.05
CA SER B 448 5.39 -18.00 45.91
C SER B 448 5.73 -17.16 44.69
N GLY B 449 6.08 -15.88 44.89
CA GLY B 449 6.41 -15.05 43.74
C GLY B 449 7.70 -15.46 43.05
N LEU B 450 8.78 -15.60 43.83
CA LEU B 450 10.05 -16.06 43.27
C LEU B 450 9.89 -17.42 42.60
N LYS B 451 9.19 -18.35 43.25
CA LYS B 451 9.01 -19.67 42.67
C LYS B 451 8.20 -19.62 41.39
N TYR B 452 7.15 -18.81 41.34
CA TYR B 452 6.34 -18.71 40.14
C TYR B 452 7.14 -18.14 38.98
N SER B 453 7.92 -17.10 39.24
CA SER B 453 8.66 -16.48 38.16
C SER B 453 9.77 -17.39 37.66
N LEU B 454 10.51 -18.02 38.57
CA LEU B 454 11.59 -18.89 38.15
C LEU B 454 11.08 -20.19 37.53
N ALA B 455 9.85 -20.61 37.86
CA ALA B 455 9.32 -21.84 37.29
C ALA B 455 8.59 -21.63 35.98
N THR B 456 8.07 -20.43 35.74
CA THR B 456 7.39 -20.17 34.47
C THR B 456 8.23 -19.33 33.51
N GLY B 457 9.10 -18.46 34.04
CA GLY B 457 9.85 -17.54 33.21
C GLY B 457 9.21 -16.19 33.04
N ASN B 458 7.90 -16.09 33.23
CA ASN B 458 7.21 -14.81 33.15
C ASN B 458 7.71 -13.90 34.27
N TRP B 459 8.43 -12.84 33.90
CA TRP B 459 9.13 -12.00 34.87
C TRP B 459 8.21 -10.87 35.28
N GLY B 460 7.50 -11.07 36.37
CA GLY B 460 6.54 -10.10 36.85
C GLY B 460 5.52 -10.76 37.76
N GLU B 461 4.59 -9.94 38.24
CA GLU B 461 3.51 -10.45 39.08
C GLU B 461 2.69 -11.47 38.32
N GLN B 462 2.16 -12.45 39.06
CA GLN B 462 1.47 -13.57 38.44
C GLN B 462 0.20 -13.12 37.72
N LYS B 463 -0.54 -12.19 38.31
CA LYS B 463 -1.76 -11.68 37.71
C LYS B 463 -1.53 -10.70 36.57
N LYS B 464 -0.28 -10.32 36.32
CA LYS B 464 0.11 -9.48 35.20
C LYS B 464 1.01 -10.24 34.23
N ALA B 465 0.65 -11.48 33.92
CA ALA B 465 1.47 -12.28 33.02
C ALA B 465 1.59 -11.66 31.63
N MET B 466 0.47 -11.16 31.09
CA MET B 466 0.57 -10.26 29.96
C MET B 466 1.17 -8.92 30.38
N SER B 467 1.93 -8.32 29.46
CA SER B 467 2.78 -7.15 29.65
C SER B 467 4.04 -7.45 30.46
N SER B 468 4.28 -8.72 30.82
CA SER B 468 5.51 -9.14 31.46
C SER B 468 6.38 -9.90 30.47
N ARG B 469 7.69 -9.80 30.65
CA ARG B 469 8.63 -10.51 29.80
C ARG B 469 8.50 -12.02 30.01
N ALA B 470 8.40 -12.76 28.91
CA ALA B 470 8.38 -14.21 28.94
C ALA B 470 9.77 -14.78 28.67
N GLY B 471 9.93 -16.07 28.96
CA GLY B 471 11.15 -16.78 28.64
C GLY B 471 12.39 -16.26 29.31
N VAL B 472 12.27 -15.50 30.41
CA VAL B 472 13.46 -15.04 31.12
C VAL B 472 14.13 -16.19 31.85
N SER B 473 13.36 -17.18 32.27
CA SER B 473 13.89 -18.41 32.84
C SER B 473 13.54 -19.58 31.94
N GLN B 474 14.49 -20.50 31.77
CA GLN B 474 14.28 -21.63 30.89
C GLN B 474 14.81 -22.88 31.56
N VAL B 475 14.29 -24.03 31.13
CA VAL B 475 14.75 -25.30 31.67
C VAL B 475 16.15 -25.59 31.15
N LEU B 476 17.09 -25.76 32.06
CA LEU B 476 18.48 -25.98 31.67
C LEU B 476 18.58 -27.21 30.77
N ASN B 477 19.26 -27.03 29.64
CA ASN B 477 19.41 -28.08 28.64
C ASN B 477 20.54 -29.01 29.06
N ARG B 478 20.19 -30.26 29.37
CA ARG B 478 21.16 -31.25 29.81
C ARG B 478 21.29 -32.39 28.80
N TYR B 479 21.04 -32.13 27.53
CA TYR B 479 21.14 -33.19 26.54
C TYR B 479 22.58 -33.65 26.37
N THR B 480 23.51 -32.71 26.27
CA THR B 480 24.93 -33.02 26.26
C THR B 480 25.66 -31.90 26.99
N TYR B 481 26.96 -32.11 27.22
CA TYR B 481 27.68 -31.21 28.10
C TYR B 481 27.85 -29.83 27.46
N SER B 482 28.19 -29.80 26.18
CA SER B 482 28.39 -28.52 25.50
C SER B 482 27.07 -27.77 25.37
N SER B 483 25.96 -28.50 25.23
CA SER B 483 24.66 -27.83 25.20
C SER B 483 24.38 -27.14 26.53
N THR B 484 24.76 -27.77 27.64
CA THR B 484 24.62 -27.13 28.94
C THR B 484 25.51 -25.89 29.04
N LEU B 485 26.78 -26.04 28.62
CA LEU B 485 27.70 -24.92 28.68
C LEU B 485 27.23 -23.76 27.82
N SER B 486 26.60 -24.04 26.68
CA SER B 486 26.10 -22.96 25.82
C SER B 486 24.85 -22.33 26.41
N HIS B 487 23.93 -23.15 26.91
CA HIS B 487 22.72 -22.62 27.53
C HIS B 487 23.04 -21.72 28.70
N LEU B 488 24.10 -22.02 29.44
CA LEU B 488 24.47 -21.17 30.56
C LEU B 488 25.09 -19.85 30.12
N ARG B 489 25.38 -19.67 28.83
CA ARG B 489 26.01 -18.45 28.34
C ARG B 489 25.19 -17.75 27.28
N ARG B 490 23.88 -18.01 27.23
CA ARG B 490 23.00 -17.50 26.18
C ARG B 490 22.46 -16.12 26.52
N THR B 491 22.04 -15.41 25.48
CA THR B 491 21.60 -14.02 25.59
C THR B 491 20.36 -13.86 24.72
N ASN B 492 19.49 -12.93 25.09
CA ASN B 492 18.22 -12.76 24.40
C ASN B 492 17.89 -11.28 24.38
N THR B 493 17.68 -10.72 23.20
CA THR B 493 17.17 -9.36 23.10
C THR B 493 15.67 -9.39 22.92
N PRO B 494 14.89 -8.83 23.83
CA PRO B 494 13.42 -8.97 23.79
C PRO B 494 12.77 -7.98 22.85
N ILE B 495 13.30 -7.88 21.63
CA ILE B 495 12.71 -7.03 20.60
C ILE B 495 11.33 -7.55 20.25
N GLY B 496 11.22 -8.86 20.10
CA GLY B 496 10.01 -9.48 19.62
C GLY B 496 9.96 -9.61 18.11
N ARG B 497 9.15 -10.56 17.67
CA ARG B 497 8.94 -10.89 16.29
C ARG B 497 7.85 -10.06 15.61
N ASP B 498 7.13 -9.23 16.37
CA ASP B 498 6.18 -8.28 15.79
C ASP B 498 6.97 -7.13 15.19
N GLY B 499 7.35 -7.28 13.93
CA GLY B 499 8.16 -6.29 13.27
C GLY B 499 9.25 -6.92 12.42
N LYS B 500 9.34 -6.52 11.16
CA LYS B 500 10.26 -7.14 10.21
C LYS B 500 11.55 -6.36 10.05
N LEU B 501 11.91 -5.53 11.02
CA LEU B 501 13.17 -4.82 10.96
C LEU B 501 14.30 -5.84 11.05
N ALA B 502 14.98 -6.07 9.93
CA ALA B 502 16.09 -7.02 9.88
C ALA B 502 17.38 -6.43 10.42
N LYS B 503 17.39 -5.15 10.77
CA LYS B 503 18.61 -4.52 11.23
C LYS B 503 19.10 -5.10 12.56
N PRO B 504 18.28 -5.22 13.61
CA PRO B 504 18.80 -5.77 14.87
C PRO B 504 19.14 -7.26 14.82
N ARG B 505 18.76 -7.96 13.77
CA ARG B 505 19.12 -9.37 13.63
C ARG B 505 20.48 -9.57 13.00
N GLN B 506 21.14 -8.50 12.59
CA GLN B 506 22.33 -8.58 11.75
C GLN B 506 23.58 -8.70 12.62
N LEU B 507 24.52 -9.54 12.19
CA LEU B 507 25.82 -9.55 12.84
C LEU B 507 26.49 -8.23 12.56
N HIS B 508 26.95 -7.58 13.61
CA HIS B 508 27.44 -6.22 13.54
C HIS B 508 28.94 -6.18 13.82
N ASN B 509 29.59 -5.12 13.35
CA ASN B 509 31.02 -4.98 13.56
C ASN B 509 31.35 -4.99 15.04
N THR B 510 30.55 -4.32 15.85
CA THR B 510 30.85 -4.22 17.27
C THR B 510 30.67 -5.55 18.00
N HIS B 511 30.09 -6.55 17.33
CA HIS B 511 29.97 -7.87 17.93
C HIS B 511 31.30 -8.58 18.06
N TRP B 512 32.36 -8.07 17.44
CA TRP B 512 33.65 -8.75 17.46
C TRP B 512 34.16 -8.96 18.87
N GLY B 513 34.54 -10.20 19.18
CA GLY B 513 35.12 -10.54 20.45
C GLY B 513 34.15 -10.66 21.59
N LEU B 514 32.89 -10.25 21.40
CA LEU B 514 31.92 -10.18 22.47
C LEU B 514 30.85 -11.27 22.39
N VAL B 515 30.30 -11.51 21.21
CA VAL B 515 29.34 -12.59 21.01
C VAL B 515 29.78 -13.40 19.79
N CYS B 516 29.52 -14.69 19.85
CA CYS B 516 29.98 -15.60 18.82
C CYS B 516 29.39 -15.21 17.46
N PRO B 517 30.21 -15.07 16.41
CA PRO B 517 29.68 -14.72 15.10
C PRO B 517 28.94 -15.84 14.41
N ALA B 518 28.97 -17.05 14.93
CA ALA B 518 28.39 -18.19 14.25
C ALA B 518 27.21 -18.82 14.98
N GLU B 519 27.17 -18.77 16.30
CA GLU B 519 26.14 -19.46 17.07
C GLU B 519 24.94 -18.53 17.21
N THR B 520 23.84 -18.87 16.54
CA THR B 520 22.59 -18.15 16.60
C THR B 520 21.50 -19.10 16.13
N PRO B 521 20.30 -19.07 16.70
CA PRO B 521 19.27 -20.01 16.28
C PRO B 521 18.85 -19.77 14.84
N GLU B 522 18.41 -20.85 14.20
CA GLU B 522 17.78 -20.73 12.90
C GLU B 522 16.34 -20.24 13.06
N GLY B 523 15.83 -19.62 12.00
CA GLY B 523 14.42 -19.27 11.97
C GLY B 523 14.08 -17.90 12.51
N GLN B 524 12.98 -17.84 13.25
CA GLN B 524 12.40 -16.59 13.69
C GLN B 524 13.15 -15.95 14.86
N ALA B 525 14.04 -16.67 15.51
CA ALA B 525 14.91 -16.15 16.56
C ALA B 525 16.29 -15.77 16.06
N CYS B 526 16.53 -15.87 14.76
CA CYS B 526 17.82 -15.58 14.16
C CYS B 526 18.27 -14.15 14.42
N GLY B 527 19.45 -14.01 15.02
CA GLY B 527 20.02 -12.71 15.31
C GLY B 527 19.55 -12.07 16.59
N LEU B 528 18.45 -12.52 17.17
CA LEU B 528 17.98 -11.96 18.42
C LEU B 528 18.55 -12.69 19.63
N VAL B 529 18.71 -14.01 19.53
CA VAL B 529 19.34 -14.81 20.58
C VAL B 529 20.82 -14.97 20.24
N LYS B 530 21.67 -14.42 21.10
CA LYS B 530 23.12 -14.42 20.92
C LYS B 530 23.79 -15.32 21.95
N ASN B 531 25.06 -15.61 21.71
CA ASN B 531 25.86 -16.50 22.55
C ASN B 531 27.18 -15.82 22.86
N LEU B 532 27.57 -15.81 24.12
CA LEU B 532 28.79 -15.13 24.53
C LEU B 532 30.04 -15.76 23.94
N SER B 533 31.00 -14.92 23.56
CA SER B 533 32.34 -15.38 23.18
C SER B 533 33.07 -15.96 24.40
N LEU B 534 34.03 -16.83 24.13
CA LEU B 534 34.67 -17.60 25.21
C LEU B 534 35.33 -16.70 26.24
N LEU B 535 35.95 -15.61 25.82
CA LEU B 535 36.61 -14.72 26.76
C LEU B 535 35.75 -13.54 27.15
N SER B 536 34.47 -13.55 26.78
CA SER B 536 33.58 -12.47 27.16
C SER B 536 33.33 -12.50 28.66
N GLY B 537 33.00 -11.34 29.19
CA GLY B 537 32.64 -11.23 30.59
C GLY B 537 31.71 -10.07 30.77
N ILE B 538 30.83 -10.18 31.76
CA ILE B 538 29.79 -9.19 32.01
C ILE B 538 30.16 -8.45 33.29
N SER B 539 30.09 -7.12 33.24
CA SER B 539 30.44 -6.32 34.40
C SER B 539 29.43 -6.51 35.53
N ILE B 540 29.94 -6.42 36.76
CA ILE B 540 29.12 -6.56 37.96
C ILE B 540 28.61 -5.22 38.46
N GLY B 541 29.14 -4.13 37.97
CA GLY B 541 28.86 -2.84 38.57
C GLY B 541 29.82 -2.52 39.69
N SER B 542 30.02 -1.22 39.92
CA SER B 542 31.04 -0.75 40.82
C SER B 542 30.64 0.62 41.34
N PRO B 543 30.99 0.97 42.57
CA PRO B 543 30.66 2.30 43.06
C PRO B 543 31.40 3.36 42.28
N SER B 544 30.72 4.47 42.00
CA SER B 544 31.29 5.57 41.25
C SER B 544 31.98 6.60 42.11
N GLU B 545 31.94 6.45 43.44
CA GLU B 545 32.59 7.42 44.32
C GLU B 545 34.10 7.50 44.14
N PRO B 546 34.86 6.39 44.12
CA PRO B 546 36.31 6.54 43.89
C PRO B 546 36.66 7.13 42.56
N ILE B 547 35.87 6.83 41.53
CA ILE B 547 36.09 7.42 40.21
C ILE B 547 35.98 8.93 40.31
N ILE B 548 34.90 9.41 40.91
CA ILE B 548 34.70 10.86 41.06
C ILE B 548 35.83 11.48 41.86
N ASN B 549 36.29 10.80 42.92
CA ASN B 549 37.37 11.35 43.73
C ASN B 549 38.66 11.47 42.93
N PHE B 550 39.00 10.43 42.16
CA PHE B 550 40.20 10.48 41.32
C PHE B 550 40.08 11.60 40.31
N LEU B 551 38.90 11.76 39.71
CA LEU B 551 38.68 12.83 38.74
C LEU B 551 38.86 14.19 39.38
N GLU B 552 38.33 14.37 40.60
CA GLU B 552 38.44 15.65 41.29
C GLU B 552 39.89 15.96 41.63
N GLU B 553 40.67 14.94 41.99
CA GLU B 553 42.06 15.18 42.34
C GLU B 553 42.85 15.71 41.14
N TRP B 554 42.74 15.05 39.99
CA TRP B 554 43.67 15.33 38.90
C TRP B 554 43.35 16.62 38.15
N GLY B 555 42.24 17.29 38.44
CA GLY B 555 42.06 18.61 37.87
C GLY B 555 40.73 18.93 37.21
N MET B 556 39.77 18.01 37.25
CA MET B 556 38.47 18.32 36.67
C MET B 556 37.83 19.49 37.39
N GLU B 557 37.31 20.44 36.63
CA GLU B 557 36.62 21.60 37.19
C GLU B 557 35.11 21.42 37.09
N PRO B 558 34.34 21.88 38.06
CA PRO B 558 32.92 21.54 38.11
C PRO B 558 32.12 22.40 37.15
N LEU B 559 30.83 22.06 37.04
CA LEU B 559 29.87 22.80 36.23
C LEU B 559 29.23 23.97 36.97
N GLU B 560 29.47 24.11 38.28
CA GLU B 560 29.13 25.38 38.93
C GLU B 560 30.20 26.44 38.75
N ASP B 561 31.30 26.13 38.06
CA ASP B 561 32.33 27.08 37.66
C ASP B 561 32.55 27.00 36.16
N TYR B 562 31.47 26.84 35.40
CA TYR B 562 31.53 26.63 33.96
C TYR B 562 30.98 27.85 33.22
N ASP B 563 31.69 28.24 32.16
CA ASP B 563 31.32 29.42 31.39
C ASP B 563 31.80 29.24 29.95
N PRO B 564 30.91 28.75 29.07
CA PRO B 564 31.34 28.42 27.69
C PRO B 564 31.80 29.63 26.88
N ALA B 565 31.68 30.85 27.41
CA ALA B 565 32.32 31.98 26.75
C ALA B 565 33.84 31.84 26.79
N GLN B 566 34.38 31.37 27.92
CA GLN B 566 35.81 31.14 28.06
C GLN B 566 36.21 29.74 27.61
N HIS B 567 35.49 28.72 28.10
CA HIS B 567 35.86 27.32 27.88
C HIS B 567 35.44 26.92 26.47
N THR B 568 36.20 27.40 25.48
CA THR B 568 35.99 26.98 24.10
C THR B 568 36.85 25.79 23.69
N LYS B 569 37.88 25.45 24.45
CA LYS B 569 38.76 24.34 24.11
C LYS B 569 38.67 23.20 25.10
N SER B 570 37.95 23.37 26.20
CA SER B 570 37.90 22.39 27.27
C SER B 570 37.19 21.12 26.82
N THR B 571 37.62 19.99 27.38
CA THR B 571 37.02 18.69 27.07
C THR B 571 36.08 18.30 28.19
N ARG B 572 34.86 17.94 27.81
CA ARG B 572 33.79 17.60 28.74
C ARG B 572 33.80 16.12 29.14
N ILE B 573 33.56 15.89 30.42
CA ILE B 573 33.74 14.58 31.05
C ILE B 573 32.40 14.00 31.45
N PHE B 574 32.04 12.85 30.90
CA PHE B 574 30.83 12.13 31.27
C PHE B 574 31.22 10.97 32.16
N VAL B 575 30.45 10.74 33.22
CA VAL B 575 30.66 9.61 34.12
C VAL B 575 29.36 8.82 34.26
N ASN B 576 29.32 7.63 33.67
CA ASN B 576 28.13 6.78 33.67
C ASN B 576 26.97 7.45 32.95
N GLY B 577 27.28 8.21 31.91
CA GLY B 577 26.28 8.93 31.16
C GLY B 577 25.87 10.25 31.77
N VAL B 578 26.53 10.65 32.85
CA VAL B 578 26.22 11.89 33.56
C VAL B 578 27.36 12.85 33.28
N TRP B 579 27.04 14.03 32.74
CA TRP B 579 28.07 15.02 32.50
C TRP B 579 28.42 15.68 33.82
N THR B 580 29.67 15.50 34.27
CA THR B 580 30.07 15.93 35.60
C THR B 580 31.12 17.02 35.62
N GLY B 581 31.69 17.40 34.49
CA GLY B 581 32.69 18.44 34.49
C GLY B 581 33.44 18.49 33.18
N ILE B 582 34.47 19.33 33.17
CA ILE B 582 35.32 19.55 32.00
C ILE B 582 36.78 19.59 32.46
N HIS B 583 37.68 19.31 31.52
CA HIS B 583 39.11 19.29 31.79
C HIS B 583 39.86 20.09 30.74
N ARG B 584 40.98 20.70 31.16
CA ARG B 584 41.82 21.45 30.24
C ARG B 584 42.72 20.56 29.38
N ASP B 585 42.91 19.31 29.75
CA ASP B 585 43.97 18.50 29.16
C ASP B 585 43.64 17.02 29.37
N PRO B 586 42.82 16.43 28.50
CA PRO B 586 42.41 15.03 28.71
C PRO B 586 43.55 14.04 28.64
N SER B 587 44.70 14.42 28.08
CA SER B 587 45.76 13.45 27.83
C SER B 587 46.28 12.86 29.13
N MET B 588 46.69 13.72 30.07
CA MET B 588 47.24 13.20 31.31
C MET B 588 46.16 12.58 32.17
N LEU B 589 44.91 13.01 32.05
CA LEU B 589 43.85 12.39 32.83
C LEU B 589 43.57 10.98 32.36
N VAL B 590 43.50 10.75 31.05
CA VAL B 590 43.31 9.39 30.56
C VAL B 590 44.53 8.53 30.84
N SER B 591 45.73 9.09 30.70
CA SER B 591 46.91 8.30 31.02
C SER B 591 46.92 7.87 32.49
N THR B 592 46.62 8.79 33.41
CA THR B 592 46.63 8.44 34.82
C THR B 592 45.50 7.49 35.17
N MET B 593 44.32 7.68 34.57
CA MET B 593 43.20 6.77 34.83
C MET B 593 43.53 5.37 34.34
N ARG B 594 44.14 5.25 33.16
CA ARG B 594 44.51 3.94 32.65
C ARG B 594 45.57 3.29 33.52
N ASP B 595 46.54 4.08 34.00
CA ASP B 595 47.54 3.53 34.90
C ASP B 595 46.92 3.08 36.21
N LEU B 596 45.95 3.84 36.73
CA LEU B 596 45.28 3.41 37.96
C LEU B 596 44.50 2.11 37.76
N ARG B 597 43.84 1.98 36.61
CA ARG B 597 43.11 0.74 36.34
C ARG B 597 44.07 -0.43 36.15
N ARG B 598 45.19 -0.20 35.48
CA ARG B 598 46.19 -1.24 35.25
C ARG B 598 47.05 -1.52 36.48
N SER B 599 46.93 -0.71 37.53
CA SER B 599 47.62 -1.00 38.78
C SER B 599 46.72 -1.67 39.81
N GLY B 600 45.42 -1.75 39.56
CA GLY B 600 44.49 -2.35 40.47
C GLY B 600 43.73 -1.37 41.35
N ALA B 601 44.13 -0.10 41.35
CA ALA B 601 43.45 0.89 42.19
C ALA B 601 42.02 1.12 41.76
N ILE B 602 41.72 0.94 40.48
CA ILE B 602 40.37 1.04 39.93
C ILE B 602 39.94 -0.34 39.49
N SER B 603 38.65 -0.61 39.58
CA SER B 603 38.15 -1.93 39.23
C SER B 603 38.51 -2.22 37.78
N PRO B 604 39.10 -3.38 37.47
CA PRO B 604 39.55 -3.65 36.10
C PRO B 604 38.45 -3.63 35.06
N GLU B 605 37.18 -3.75 35.46
CA GLU B 605 36.07 -3.77 34.51
C GLU B 605 35.43 -2.40 34.32
N VAL B 606 36.22 -1.33 34.45
CA VAL B 606 35.73 0.04 34.35
C VAL B 606 36.24 0.63 33.04
N SER B 607 35.31 1.09 32.22
CA SER B 607 35.65 1.70 30.93
C SER B 607 36.26 3.08 31.11
N ILE B 608 37.31 3.37 30.34
CA ILE B 608 37.98 4.67 30.34
C ILE B 608 38.09 5.05 28.87
N ILE B 609 37.17 5.88 28.40
CA ILE B 609 36.93 6.06 26.98
C ILE B 609 37.15 7.53 26.62
N ARG B 610 38.29 7.84 25.99
CA ARG B 610 38.49 9.18 25.45
C ARG B 610 37.98 9.26 24.02
N ASP B 611 37.22 10.31 23.73
CA ASP B 611 36.81 10.64 22.37
C ASP B 611 37.52 11.94 22.01
N ILE B 612 38.15 11.96 20.85
CA ILE B 612 39.07 13.05 20.51
C ILE B 612 38.43 14.10 19.61
N ARG B 613 37.67 13.71 18.58
CA ARG B 613 37.00 14.73 17.77
C ARG B 613 35.91 15.45 18.55
N GLU B 614 35.22 14.78 19.45
CA GLU B 614 34.11 15.40 20.17
C GLU B 614 34.55 16.02 21.49
N ARG B 615 35.83 15.92 21.83
CA ARG B 615 36.38 16.51 23.04
C ARG B 615 35.62 16.07 24.29
N GLU B 616 35.51 14.76 24.46
CA GLU B 616 34.75 14.21 25.57
C GLU B 616 35.59 13.12 26.20
N PHE B 617 35.31 12.84 27.47
CA PHE B 617 35.96 11.76 28.20
C PHE B 617 34.88 11.02 28.99
N LYS B 618 34.61 9.78 28.61
CA LYS B 618 33.53 9.02 29.20
C LYS B 618 34.11 7.86 30.00
N ILE B 619 33.78 7.83 31.29
CA ILE B 619 34.15 6.72 32.16
C ILE B 619 32.86 6.03 32.55
N PHE B 620 32.82 4.71 32.38
CA PHE B 620 31.64 3.93 32.73
C PHE B 620 31.99 2.92 33.80
N THR B 621 31.14 2.83 34.83
CA THR B 621 31.20 1.76 35.81
C THR B 621 29.85 1.05 35.92
N ASP B 622 29.10 1.03 34.82
CA ASP B 622 27.77 0.44 34.78
C ASP B 622 27.85 -1.08 34.92
N VAL B 623 26.75 -1.66 35.37
CA VAL B 623 26.61 -3.10 35.44
C VAL B 623 25.95 -3.59 34.16
N GLY B 624 26.39 -4.74 33.68
CA GLY B 624 25.81 -5.38 32.51
C GLY B 624 26.57 -5.15 31.22
N ARG B 625 27.63 -4.35 31.23
CA ARG B 625 28.46 -4.18 30.05
C ARG B 625 29.23 -5.45 29.76
N VAL B 626 29.30 -5.82 28.49
CA VAL B 626 30.07 -6.96 28.04
C VAL B 626 31.48 -6.51 27.72
N TYR B 627 32.47 -7.29 28.12
CA TYR B 627 33.87 -6.91 27.93
C TYR B 627 34.71 -8.15 27.66
N ARG B 628 35.91 -7.92 27.14
CA ARG B 628 36.83 -8.98 26.75
C ARG B 628 38.26 -8.54 27.03
N PRO B 629 39.14 -9.47 27.36
CA PRO B 629 40.54 -9.11 27.63
C PRO B 629 41.39 -9.04 26.38
N LEU B 630 42.42 -8.21 26.46
CA LEU B 630 43.39 -8.05 25.39
C LEU B 630 44.78 -7.95 25.97
N PHE B 631 45.79 -8.29 25.17
CA PHE B 631 47.15 -7.93 25.55
C PHE B 631 47.34 -6.43 25.44
N ILE B 632 48.24 -5.90 26.24
CA ILE B 632 48.56 -4.48 26.23
C ILE B 632 49.92 -4.31 25.57
N VAL B 633 49.94 -3.71 24.39
CA VAL B 633 51.19 -3.33 23.73
C VAL B 633 51.70 -2.05 24.35
N GLU B 634 52.98 -2.04 24.71
CA GLU B 634 53.59 -0.82 25.24
C GLU B 634 53.59 0.28 24.18
N ASP B 635 52.90 1.38 24.47
CA ASP B 635 52.71 2.46 23.52
C ASP B 635 53.33 3.79 23.95
N ASP B 636 53.86 3.89 25.17
CA ASP B 636 54.60 5.08 25.57
C ASP B 636 55.80 5.28 24.68
N GLU B 637 55.87 6.44 24.03
CA GLU B 637 56.85 6.70 22.99
C GLU B 637 58.12 7.30 23.58
N SER B 638 58.67 6.63 24.59
CA SER B 638 59.83 7.17 25.29
C SER B 638 60.86 6.11 25.67
N LYS B 639 60.61 4.83 25.40
CA LYS B 639 61.50 3.77 25.85
C LYS B 639 61.67 2.74 24.74
N ASP B 640 62.81 2.03 24.80
CA ASP B 640 63.09 0.97 23.84
C ASP B 640 62.06 -0.16 23.89
N ASN B 641 61.33 -0.29 24.99
CA ASN B 641 60.26 -1.26 25.12
C ASN B 641 58.99 -0.85 24.39
N LYS B 642 59.05 0.14 23.52
CA LYS B 642 57.87 0.63 22.83
C LYS B 642 57.52 -0.26 21.65
N GLY B 643 56.23 -0.52 21.47
CA GLY B 643 55.74 -1.22 20.30
C GLY B 643 55.68 -2.73 20.37
N GLU B 644 56.09 -3.35 21.46
CA GLU B 644 55.93 -4.79 21.60
C GLU B 644 55.18 -5.12 22.88
N LEU B 645 54.74 -6.37 22.96
CA LEU B 645 53.90 -6.83 24.06
C LEU B 645 54.58 -6.65 25.40
N ARG B 646 53.80 -6.20 26.39
CA ARG B 646 54.32 -6.09 27.75
C ARG B 646 54.44 -7.43 28.43
N ILE B 647 53.71 -8.44 27.98
CA ILE B 647 53.84 -9.78 28.56
C ILE B 647 55.10 -10.43 28.02
N THR B 648 55.86 -11.07 28.91
CA THR B 648 57.14 -11.66 28.57
C THR B 648 57.23 -13.12 29.02
N LYS B 649 58.41 -13.72 28.95
CA LYS B 649 58.56 -15.10 29.37
C LYS B 649 58.64 -15.29 30.88
N GLU B 650 58.96 -14.25 31.64
CA GLU B 650 58.85 -14.39 33.09
C GLU B 650 57.41 -14.59 33.52
N HIS B 651 56.46 -13.90 32.87
CA HIS B 651 55.05 -14.07 33.23
C HIS B 651 54.56 -15.49 32.94
N ILE B 652 54.97 -16.07 31.81
CA ILE B 652 54.57 -17.44 31.51
C ILE B 652 55.24 -18.41 32.48
N ARG B 653 56.51 -18.15 32.83
CA ARG B 653 57.18 -18.97 33.84
C ARG B 653 56.47 -18.91 35.17
N LYS B 654 55.99 -17.73 35.55
CA LYS B 654 55.24 -17.60 36.80
C LYS B 654 53.92 -18.34 36.73
N ILE B 655 53.25 -18.29 35.58
CA ILE B 655 51.96 -18.96 35.45
C ILE B 655 52.12 -20.47 35.52
N GLN B 656 53.19 -21.00 34.90
CA GLN B 656 53.44 -22.44 35.00
C GLN B 656 53.89 -22.83 36.40
N GLN B 657 54.73 -21.99 37.02
CA GLN B 657 55.15 -22.23 38.40
C GLN B 657 53.95 -22.24 39.33
N GLY B 658 53.09 -21.24 39.22
CA GLY B 658 51.98 -21.06 40.14
C GLY B 658 52.25 -20.07 41.25
N TYR B 659 53.32 -19.30 41.17
CA TYR B 659 53.64 -18.31 42.18
C TYR B 659 54.68 -17.36 41.62
N ASP B 660 54.71 -16.15 42.18
CA ASP B 660 55.71 -15.16 41.83
C ASP B 660 56.98 -15.39 42.64
N ASP B 661 58.11 -14.98 42.08
CA ASP B 661 59.40 -15.08 42.78
C ASP B 661 59.61 -13.80 43.60
N ASP B 662 58.96 -13.77 44.75
CA ASP B 662 58.97 -12.61 45.65
C ASP B 662 58.60 -11.32 44.94
N VAL B 675 49.44 -17.37 45.29
CA VAL B 675 49.01 -17.93 44.01
C VAL B 675 49.05 -16.85 42.93
N TYR B 676 49.80 -17.13 41.86
CA TYR B 676 49.92 -16.24 40.72
C TYR B 676 49.08 -16.80 39.58
N GLY B 677 47.94 -16.17 39.33
CA GLY B 677 47.03 -16.60 38.29
C GLY B 677 46.68 -15.45 37.36
N TRP B 678 45.47 -15.55 36.79
CA TRP B 678 45.03 -14.55 35.82
C TRP B 678 44.93 -13.16 36.43
N SER B 679 44.37 -13.08 37.64
CA SER B 679 44.16 -11.78 38.26
C SER B 679 45.48 -11.06 38.51
N SER B 680 46.57 -11.79 38.74
CA SER B 680 47.86 -11.13 38.90
C SER B 680 48.34 -10.51 37.59
N LEU B 681 48.06 -11.16 36.45
CA LEU B 681 48.35 -10.54 35.16
C LEU B 681 47.51 -9.28 34.98
N VAL B 682 46.22 -9.36 35.29
CA VAL B 682 45.36 -8.21 35.11
C VAL B 682 45.83 -7.05 35.99
N THR B 683 46.25 -7.33 37.21
CA THR B 683 46.68 -6.27 38.12
C THR B 683 48.11 -5.81 37.89
N SER B 684 48.92 -6.55 37.15
CA SER B 684 50.26 -6.11 36.81
C SER B 684 50.30 -5.25 35.55
N GLY B 685 49.16 -4.98 34.92
CA GLY B 685 49.13 -4.11 33.78
C GLY B 685 49.59 -4.71 32.48
N VAL B 686 49.45 -6.02 32.30
CA VAL B 686 49.79 -6.69 31.05
C VAL B 686 48.58 -7.19 30.28
N ILE B 687 47.42 -7.29 30.92
CA ILE B 687 46.14 -7.57 30.26
C ILE B 687 45.11 -6.64 30.86
N GLU B 688 44.23 -6.10 30.03
CA GLU B 688 43.12 -5.30 30.51
C GLU B 688 41.84 -5.67 29.79
N TYR B 689 40.73 -5.24 30.35
CA TYR B 689 39.41 -5.52 29.81
C TYR B 689 38.92 -4.31 29.02
N VAL B 690 38.25 -4.57 27.89
CA VAL B 690 37.66 -3.52 27.07
C VAL B 690 36.25 -3.91 26.67
N ASP B 691 35.31 -3.00 26.82
CA ASP B 691 33.97 -3.19 26.31
C ASP B 691 33.85 -2.61 24.89
N GLY B 692 32.66 -2.72 24.31
CA GLY B 692 32.46 -2.29 22.93
C GLY B 692 32.76 -0.83 22.70
N GLU B 693 32.38 0.03 23.65
CA GLU B 693 32.59 1.46 23.49
C GLU B 693 34.07 1.81 23.51
N GLU B 694 34.81 1.27 24.48
CA GLU B 694 36.24 1.53 24.54
C GLU B 694 36.94 0.97 23.32
N GLU B 695 36.38 -0.09 22.74
CA GLU B 695 36.95 -0.73 21.55
C GLU B 695 37.00 0.24 20.37
N GLU B 696 36.13 1.25 20.37
CA GLU B 696 36.14 2.26 19.31
C GLU B 696 37.48 2.95 19.18
N THR B 697 38.19 3.16 20.29
CA THR B 697 39.36 4.02 20.31
C THR B 697 40.69 3.27 20.21
N ILE B 698 40.69 1.97 20.01
CA ILE B 698 41.92 1.19 20.10
C ILE B 698 42.22 0.55 18.74
N MET B 699 43.48 0.14 18.59
CA MET B 699 44.03 -0.46 17.39
C MET B 699 44.59 -1.82 17.78
N ILE B 700 43.88 -2.88 17.41
CA ILE B 700 44.19 -4.20 17.94
C ILE B 700 44.99 -4.96 16.90
N ALA B 701 46.19 -5.40 17.27
CA ALA B 701 46.95 -6.30 16.40
C ALA B 701 46.38 -7.71 16.49
N MET B 702 46.30 -8.38 15.34
CA MET B 702 45.61 -9.66 15.31
C MET B 702 46.45 -10.77 15.93
N THR B 703 47.74 -10.77 15.66
CA THR B 703 48.67 -11.75 16.22
C THR B 703 49.92 -11.02 16.69
N PRO B 704 50.68 -11.62 17.60
CA PRO B 704 51.92 -10.97 18.05
C PRO B 704 52.93 -10.73 16.95
N GLU B 705 52.85 -11.44 15.83
CA GLU B 705 53.75 -11.17 14.71
C GLU B 705 53.35 -9.91 13.95
N ASP B 706 52.07 -9.56 13.92
CA ASP B 706 51.64 -8.36 13.21
C ASP B 706 52.24 -7.09 13.81
N LEU B 707 52.78 -7.16 15.04
CA LEU B 707 53.38 -5.98 15.64
C LEU B 707 54.63 -5.50 14.91
N GLN B 708 55.26 -6.35 14.11
CA GLN B 708 56.41 -5.96 13.32
C GLN B 708 56.24 -6.38 11.87
N THR B 709 56.58 -5.48 10.95
CA THR B 709 56.51 -5.77 9.53
C THR B 709 57.64 -6.72 9.13
N ARG B 710 57.27 -7.81 8.46
CA ARG B 710 58.25 -8.77 7.97
C ARG B 710 58.90 -8.28 6.67
N SER B 711 60.03 -8.90 6.34
CA SER B 711 60.82 -8.51 5.18
C SER B 711 60.10 -8.86 3.88
N LEU B 719 59.42 -15.27 2.60
CA LEU B 719 57.97 -15.31 2.42
C LEU B 719 57.57 -16.16 1.22
N ASN B 720 56.74 -15.56 0.35
CA ASN B 720 56.46 -16.10 -0.97
C ASN B 720 55.96 -17.54 -0.91
N ASP B 721 55.25 -17.88 0.17
CA ASP B 721 54.77 -19.24 0.41
C ASP B 721 53.42 -19.42 -0.26
N THR B 722 53.37 -20.23 -1.32
CA THR B 722 52.15 -20.47 -2.06
C THR B 722 51.12 -21.27 -1.26
N ALA B 723 51.49 -21.81 -0.10
CA ALA B 723 50.57 -22.60 0.72
C ALA B 723 49.98 -21.83 1.88
N LYS B 724 50.81 -21.18 2.69
CA LYS B 724 50.30 -20.38 3.80
C LYS B 724 49.55 -19.16 3.29
N ARG B 725 48.47 -18.80 3.98
CA ARG B 725 47.62 -17.72 3.52
C ARG B 725 48.31 -16.38 3.67
N ILE B 726 48.10 -15.50 2.70
CA ILE B 726 48.76 -14.20 2.65
C ILE B 726 48.21 -13.32 3.77
N LYS B 727 49.03 -13.05 4.77
CA LYS B 727 48.65 -12.07 5.77
C LYS B 727 48.55 -10.70 5.11
N PRO B 728 47.50 -9.93 5.40
CA PRO B 728 47.16 -8.80 4.52
C PRO B 728 48.29 -7.80 4.41
N GLU B 729 48.38 -7.16 3.23
CA GLU B 729 49.50 -6.29 2.94
C GLU B 729 49.60 -5.14 3.94
N MET B 730 48.49 -4.41 4.13
CA MET B 730 48.45 -3.24 5.00
C MET B 730 49.59 -2.27 4.65
N SER B 731 49.42 -1.65 3.48
CA SER B 731 50.43 -0.78 2.90
C SER B 731 50.07 0.70 2.98
N THR B 732 48.80 1.03 3.18
CA THR B 732 48.37 2.43 3.12
C THR B 732 49.01 3.23 4.25
N SER B 733 49.18 2.61 5.41
CA SER B 733 49.57 3.30 6.62
C SER B 733 51.08 3.17 6.77
N SER B 734 51.75 4.31 6.96
CA SER B 734 53.22 4.32 7.01
C SER B 734 53.74 3.62 8.25
N HIS B 735 53.21 3.98 9.42
CA HIS B 735 53.71 3.48 10.69
C HIS B 735 52.53 3.16 11.59
N HIS B 736 52.41 1.89 12.01
CA HIS B 736 51.32 1.49 12.89
C HIS B 736 51.68 1.72 14.34
N THR B 737 50.74 2.27 15.10
CA THR B 737 50.83 2.46 16.53
C THR B 737 49.76 1.60 17.22
N PHE B 738 50.11 0.35 17.48
CA PHE B 738 49.19 -0.59 18.10
C PHE B 738 49.06 -0.32 19.60
N THR B 739 47.85 -0.52 20.11
CA THR B 739 47.58 -0.38 21.54
C THR B 739 47.21 -1.70 22.19
N HIS B 740 46.79 -2.70 21.41
CA HIS B 740 46.34 -3.96 21.95
C HIS B 740 46.63 -5.06 20.93
N CYS B 741 46.63 -6.30 21.42
CA CYS B 741 46.78 -7.49 20.61
C CYS B 741 45.76 -8.52 21.05
N GLU B 742 45.23 -9.28 20.10
CA GLU B 742 44.39 -10.40 20.47
C GLU B 742 45.21 -11.44 21.19
N ILE B 743 44.63 -12.03 22.25
CA ILE B 743 45.30 -13.14 22.93
C ILE B 743 45.39 -14.33 21.99
N HIS B 744 44.27 -14.69 21.38
CA HIS B 744 44.26 -15.61 20.26
C HIS B 744 42.98 -15.36 19.46
N PRO B 745 43.10 -15.25 18.14
CA PRO B 745 41.92 -14.90 17.32
C PRO B 745 40.80 -15.93 17.37
N SER B 746 41.07 -17.18 17.69
CA SER B 746 40.00 -18.17 17.76
C SER B 746 39.04 -17.92 18.92
N MET B 747 39.38 -17.05 19.86
CA MET B 747 38.54 -16.74 21.00
C MET B 747 37.31 -15.91 20.66
N ILE B 748 37.20 -15.41 19.42
CA ILE B 748 36.00 -14.71 19.02
C ILE B 748 34.80 -15.66 18.95
N LEU B 749 35.04 -16.95 18.78
CA LEU B 749 33.99 -17.94 18.72
C LEU B 749 33.47 -18.26 20.13
N GLY B 750 32.28 -18.83 20.19
CA GLY B 750 31.67 -19.19 21.44
C GLY B 750 31.90 -20.65 21.78
N VAL B 751 31.05 -21.17 22.66
CA VAL B 751 31.20 -22.54 23.13
C VAL B 751 30.93 -23.53 22.00
N ALA B 752 29.83 -23.35 21.28
CA ALA B 752 29.44 -24.33 20.27
C ALA B 752 30.31 -24.23 19.03
N ALA B 753 30.68 -23.02 18.64
CA ALA B 753 31.53 -22.84 17.47
C ALA B 753 32.96 -23.31 17.72
N SER B 754 33.35 -23.48 18.97
CA SER B 754 34.72 -23.87 19.31
C SER B 754 34.99 -25.34 19.05
N ILE B 755 33.95 -26.15 18.86
CA ILE B 755 34.16 -27.55 18.56
C ILE B 755 34.61 -27.73 17.12
N ILE B 756 34.24 -26.80 16.24
CA ILE B 756 34.47 -26.95 14.80
C ILE B 756 35.97 -26.96 14.51
N PRO B 757 36.48 -27.94 13.77
CA PRO B 757 37.88 -27.92 13.34
C PRO B 757 38.05 -27.17 12.04
N PHE B 758 39.01 -26.25 11.99
CA PHE B 758 39.25 -25.39 10.83
C PHE B 758 37.99 -24.65 10.40
N PRO B 759 37.36 -23.89 11.30
CA PRO B 759 36.15 -23.15 10.89
C PRO B 759 36.43 -22.06 9.87
N ASP B 760 37.68 -21.67 9.68
CA ASP B 760 38.05 -20.66 8.70
C ASP B 760 38.16 -21.24 7.30
N HIS B 761 37.84 -22.51 7.09
CA HIS B 761 37.80 -23.11 5.77
C HIS B 761 36.38 -23.43 5.34
N ASN B 762 35.39 -22.92 6.04
CA ASN B 762 33.99 -23.18 5.77
C ASN B 762 33.29 -21.88 5.42
N GLN B 763 32.25 -21.97 4.59
CA GLN B 763 31.33 -20.86 4.45
C GLN B 763 30.47 -20.73 5.70
N SER B 764 30.23 -19.48 6.12
CA SER B 764 29.67 -19.22 7.44
C SER B 764 28.32 -19.91 7.72
N PRO B 765 27.39 -20.04 6.76
CA PRO B 765 26.15 -20.77 7.10
C PRO B 765 26.40 -22.17 7.60
N ARG B 766 27.43 -22.86 7.11
CA ARG B 766 27.71 -24.20 7.61
C ARG B 766 28.22 -24.17 9.03
N ASN B 767 29.03 -23.17 9.37
CA ASN B 767 29.44 -23.01 10.76
C ASN B 767 28.24 -22.73 11.66
N THR B 768 27.28 -21.93 11.19
CA THR B 768 26.06 -21.71 11.97
C THR B 768 25.26 -22.98 12.14
N TYR B 769 25.11 -23.78 11.07
CA TYR B 769 24.37 -25.02 11.19
C TYR B 769 25.03 -25.96 12.18
N GLN B 770 26.36 -26.04 12.16
CA GLN B 770 27.04 -26.87 13.16
C GLN B 770 26.87 -26.32 14.56
N SER B 771 26.95 -25.00 14.74
CA SER B 771 26.71 -24.42 16.05
C SER B 771 25.33 -24.79 16.57
N ALA B 772 24.33 -24.89 15.70
CA ALA B 772 23.01 -25.32 16.13
C ALA B 772 22.96 -26.82 16.41
N MET B 773 23.56 -27.63 15.54
CA MET B 773 23.40 -29.07 15.55
C MET B 773 24.28 -29.76 16.59
N GLY B 774 25.39 -29.16 16.99
CA GLY B 774 26.27 -29.76 17.98
C GLY B 774 25.66 -29.84 19.35
N LYS B 775 24.65 -29.01 19.62
CA LYS B 775 23.89 -29.07 20.85
C LYS B 775 22.92 -30.24 20.90
N GLN B 776 22.67 -30.89 19.77
CA GLN B 776 21.80 -32.05 19.71
C GLN B 776 22.56 -33.37 19.62
N ALA B 777 23.82 -33.39 20.03
CA ALA B 777 24.70 -34.53 19.81
C ALA B 777 24.81 -35.36 21.07
N MET B 778 24.56 -36.67 20.93
CA MET B 778 24.60 -37.58 22.06
C MET B 778 26.01 -37.70 22.61
N GLY B 779 26.14 -37.57 23.93
CA GLY B 779 27.40 -37.73 24.59
C GLY B 779 27.23 -38.23 26.00
N VAL B 780 27.94 -37.62 26.94
CA VAL B 780 27.78 -37.89 28.37
C VAL B 780 27.62 -36.54 29.03
N PHE B 781 26.37 -36.14 29.31
CA PHE B 781 26.14 -34.81 29.85
C PHE B 781 26.75 -34.65 31.24
N LEU B 782 26.65 -35.67 32.08
CA LEU B 782 27.27 -35.64 33.39
C LEU B 782 27.73 -37.04 33.74
N THR B 783 28.68 -37.11 34.67
CA THR B 783 29.18 -38.40 35.14
C THR B 783 28.30 -39.03 36.21
N ASN B 784 27.38 -38.28 36.80
CA ASN B 784 26.46 -38.82 37.79
C ASN B 784 25.07 -39.06 37.21
N TYR B 785 24.99 -39.40 35.93
CA TYR B 785 23.71 -39.62 35.28
C TYR B 785 22.96 -40.79 35.87
N ASN B 786 23.63 -41.62 36.67
CA ASN B 786 23.02 -42.82 37.22
C ASN B 786 22.33 -42.59 38.55
N VAL B 787 22.64 -41.47 39.22
CA VAL B 787 21.97 -41.10 40.46
C VAL B 787 21.04 -39.91 40.25
N ARG B 788 20.85 -39.49 39.01
CA ARG B 788 19.92 -38.42 38.67
C ARG B 788 18.67 -39.03 38.04
N MET B 789 17.54 -38.31 38.18
CA MET B 789 16.27 -38.78 37.66
C MET B 789 15.65 -37.67 36.81
N ASP B 790 15.90 -37.73 35.50
CA ASP B 790 15.41 -36.73 34.56
C ASP B 790 14.42 -37.36 33.59
N THR B 791 13.63 -36.50 32.94
CA THR B 791 12.60 -36.97 32.02
C THR B 791 13.20 -37.77 30.88
N MET B 792 14.35 -37.34 30.37
CA MET B 792 15.01 -37.98 29.25
C MET B 792 16.51 -37.82 29.42
N ALA B 793 17.26 -38.84 29.03
CA ALA B 793 18.72 -38.78 29.05
C ALA B 793 19.26 -39.73 27.99
N ASN B 794 20.32 -39.30 27.30
CA ASN B 794 20.98 -40.10 26.29
C ASN B 794 22.47 -40.15 26.62
N ILE B 795 23.02 -41.36 26.64
CA ILE B 795 24.43 -41.57 26.91
C ILE B 795 25.00 -42.43 25.79
N LEU B 796 26.06 -41.94 25.16
CA LEU B 796 26.75 -42.73 24.15
C LEU B 796 27.47 -43.89 24.83
N TYR B 797 27.40 -45.07 24.21
CA TYR B 797 28.08 -46.24 24.76
C TYR B 797 29.58 -46.00 24.87
N TYR B 798 30.21 -45.59 23.77
CA TYR B 798 31.66 -45.58 23.66
C TYR B 798 32.12 -44.23 23.13
N PRO B 799 32.01 -43.18 23.95
CA PRO B 799 32.47 -41.87 23.49
C PRO B 799 33.96 -41.89 23.18
N GLN B 800 34.35 -41.17 22.15
CA GLN B 800 35.73 -41.05 21.73
C GLN B 800 36.10 -39.59 21.59
N LYS B 801 37.31 -39.23 22.04
CA LYS B 801 37.78 -37.89 21.76
C LYS B 801 38.11 -37.77 20.27
N PRO B 802 38.03 -36.57 19.71
CA PRO B 802 38.27 -36.41 18.28
C PRO B 802 39.75 -36.46 17.92
N LEU B 803 40.01 -36.97 16.72
CA LEU B 803 41.38 -37.03 16.23
C LEU B 803 41.87 -35.66 15.80
N ALA B 804 40.98 -34.79 15.34
CA ALA B 804 41.30 -33.42 15.03
C ALA B 804 40.60 -32.55 16.06
N LYS B 805 41.38 -31.80 16.83
CA LYS B 805 40.88 -31.14 18.02
C LYS B 805 41.33 -29.69 18.04
N THR B 806 40.51 -28.84 18.63
CA THR B 806 40.84 -27.44 18.82
C THR B 806 41.39 -27.23 20.23
N GLN B 807 42.17 -26.16 20.38
CA GLN B 807 42.75 -25.85 21.68
C GLN B 807 41.66 -25.55 22.71
N ALA B 808 40.53 -24.99 22.27
CA ALA B 808 39.48 -24.58 23.20
C ALA B 808 38.84 -25.77 23.89
N MET B 809 38.88 -26.93 23.24
CA MET B 809 38.18 -28.07 23.82
C MET B 809 38.87 -28.58 25.07
N GLU B 810 40.11 -28.18 25.30
CA GLU B 810 40.73 -28.49 26.58
C GLU B 810 39.97 -27.81 27.70
N TYR B 811 39.40 -26.63 27.42
CA TYR B 811 38.64 -25.89 28.40
C TYR B 811 37.15 -26.22 28.35
N LEU B 812 36.68 -26.83 27.27
CA LEU B 812 35.28 -27.20 27.19
C LEU B 812 35.02 -28.63 27.68
N LYS B 813 36.06 -29.36 28.04
CA LYS B 813 35.97 -30.75 28.52
C LYS B 813 35.43 -31.68 27.45
N PHE B 814 35.54 -31.32 26.17
CA PHE B 814 34.99 -32.20 25.14
C PHE B 814 35.80 -33.48 25.04
N ARG B 815 37.08 -33.43 25.42
CA ARG B 815 37.88 -34.65 25.45
C ARG B 815 37.68 -35.45 26.73
N GLU B 816 37.10 -34.84 27.76
CA GLU B 816 36.78 -35.60 28.96
C GLU B 816 35.40 -36.21 28.90
N LEU B 817 34.45 -35.54 28.24
CA LEU B 817 33.09 -36.03 28.08
C LEU B 817 32.69 -35.88 26.61
N PRO B 818 33.27 -36.69 25.72
CA PRO B 818 33.01 -36.51 24.29
C PRO B 818 31.58 -36.87 23.92
N ALA B 819 31.18 -36.39 22.75
CA ALA B 819 29.82 -36.55 22.24
C ALA B 819 29.86 -36.96 20.77
N GLY B 820 30.68 -37.95 20.47
CA GLY B 820 30.80 -38.41 19.10
C GLY B 820 31.76 -39.56 19.02
N GLN B 821 32.01 -40.01 17.80
CA GLN B 821 32.92 -41.11 17.54
C GLN B 821 33.66 -40.85 16.24
N ASN B 822 34.95 -41.21 16.21
CA ASN B 822 35.76 -41.08 15.00
C ASN B 822 35.44 -42.25 14.08
N ALA B 823 34.55 -42.03 13.12
CA ALA B 823 34.26 -43.03 12.11
C ALA B 823 35.24 -42.92 10.95
N ILE B 824 35.44 -44.03 10.25
CA ILE B 824 36.20 -44.02 9.00
C ILE B 824 35.24 -43.72 7.86
N VAL B 825 35.51 -42.63 7.14
CA VAL B 825 34.59 -42.09 6.14
C VAL B 825 35.24 -42.13 4.77
N ALA B 826 34.56 -42.72 3.81
CA ALA B 826 34.91 -42.56 2.40
C ALA B 826 33.95 -41.59 1.73
N ILE B 827 34.47 -40.81 0.79
CA ILE B 827 33.67 -39.90 -0.03
C ILE B 827 33.63 -40.50 -1.42
N ALA B 828 32.49 -41.11 -1.76
CA ALA B 828 32.36 -41.82 -3.02
C ALA B 828 30.91 -41.87 -3.43
N CYS B 829 30.68 -41.98 -4.74
CA CYS B 829 29.36 -42.31 -5.26
C CYS B 829 29.29 -43.84 -5.37
N TYR B 830 29.13 -44.48 -4.22
CA TYR B 830 29.31 -45.93 -4.20
C TYR B 830 28.16 -46.66 -4.86
N SER B 831 26.97 -46.60 -4.29
CA SER B 831 25.84 -47.31 -4.86
C SER B 831 24.63 -46.43 -5.14
N GLY B 832 24.70 -45.14 -4.86
CA GLY B 832 23.60 -44.24 -5.10
C GLY B 832 22.67 -44.04 -3.93
N TYR B 833 22.93 -44.70 -2.81
CA TYR B 833 22.11 -44.58 -1.61
C TYR B 833 22.58 -43.48 -0.68
N ASN B 834 23.59 -42.71 -1.07
CA ASN B 834 24.10 -41.62 -0.24
C ASN B 834 23.87 -40.26 -0.90
N GLN B 835 22.93 -40.16 -1.83
CA GLN B 835 22.71 -38.91 -2.55
C GLN B 835 21.79 -37.98 -1.76
N GLU B 836 21.95 -36.68 -2.01
CA GLU B 836 21.14 -35.64 -1.40
C GLU B 836 21.17 -35.72 0.12
N ASP B 837 22.38 -35.75 0.67
CA ASP B 837 22.64 -35.81 2.11
C ASP B 837 22.16 -37.10 2.74
N SER B 838 22.02 -38.17 1.98
CA SER B 838 21.98 -39.49 2.59
C SER B 838 23.40 -39.98 2.80
N MET B 839 23.54 -41.14 3.44
CA MET B 839 24.86 -41.61 3.86
C MET B 839 24.79 -43.07 4.23
N ILE B 840 25.73 -43.85 3.72
CA ILE B 840 25.78 -45.28 3.93
C ILE B 840 26.66 -45.55 5.15
N MET B 841 26.18 -46.41 6.04
CA MET B 841 26.92 -46.74 7.24
C MET B 841 27.15 -48.24 7.28
N ASN B 842 28.28 -48.64 7.86
CA ASN B 842 28.63 -50.05 7.95
C ASN B 842 27.77 -50.75 8.99
N GLN B 843 27.09 -51.81 8.58
CA GLN B 843 26.28 -52.57 9.51
C GLN B 843 27.16 -53.31 10.51
N SER B 844 28.32 -53.79 10.07
CA SER B 844 29.21 -54.49 11.00
C SER B 844 29.73 -53.54 12.08
N SER B 845 30.08 -52.31 11.70
CA SER B 845 30.51 -51.34 12.70
C SER B 845 29.40 -51.01 13.68
N ILE B 846 28.16 -50.95 13.21
CA ILE B 846 27.02 -50.79 14.12
C ILE B 846 26.94 -51.98 15.06
N ASP B 847 27.16 -53.18 14.51
CA ASP B 847 27.09 -54.39 15.30
C ASP B 847 28.18 -54.43 16.37
N ARG B 848 29.30 -53.77 16.13
CA ARG B 848 30.39 -53.74 17.09
C ARG B 848 30.29 -52.58 18.07
N GLY B 849 29.27 -51.73 17.96
CA GLY B 849 28.98 -50.73 18.95
C GLY B 849 29.16 -49.28 18.53
N LEU B 850 29.27 -49.00 17.23
CA LEU B 850 29.47 -47.64 16.76
C LEU B 850 28.19 -46.84 16.91
N PHE B 851 28.28 -45.68 17.57
CA PHE B 851 27.16 -44.75 17.74
C PHE B 851 25.97 -45.39 18.45
N ARG B 852 26.26 -46.25 19.42
CA ARG B 852 25.24 -46.91 20.22
C ARG B 852 25.03 -46.10 21.49
N SER B 853 23.76 -45.93 21.89
CA SER B 853 23.49 -45.07 23.04
C SER B 853 22.40 -45.63 23.93
N LEU B 854 22.53 -45.32 25.23
CA LEU B 854 21.54 -45.61 26.25
C LEU B 854 20.53 -44.48 26.34
N PHE B 855 19.29 -44.85 26.69
CA PHE B 855 18.22 -43.87 26.86
C PHE B 855 17.55 -44.11 28.21
N PHE B 856 17.30 -43.03 28.95
CA PHE B 856 16.65 -43.11 30.26
C PHE B 856 15.44 -42.19 30.25
N ARG B 857 14.27 -42.74 30.54
CA ARG B 857 13.05 -41.96 30.73
C ARG B 857 12.52 -42.15 32.14
N SER B 858 12.18 -41.06 32.80
CA SER B 858 11.67 -41.10 34.17
C SER B 858 10.24 -40.57 34.22
N TYR B 859 9.34 -41.38 34.77
CA TYR B 859 7.96 -40.98 35.00
C TYR B 859 7.79 -40.62 36.47
N MET B 860 6.92 -39.66 36.74
CA MET B 860 6.68 -39.17 38.08
C MET B 860 5.19 -39.24 38.38
N ASP B 861 4.87 -39.39 39.67
CA ASP B 861 3.50 -39.42 40.14
C ASP B 861 3.52 -39.31 41.66
N GLN B 862 2.44 -38.79 42.23
CA GLN B 862 2.34 -38.64 43.67
C GLN B 862 0.88 -38.73 44.08
N GLU B 863 0.64 -38.69 45.39
CA GLU B 863 -0.70 -38.74 45.94
C GLU B 863 -1.12 -37.34 46.35
N LYS B 864 -2.33 -36.95 45.98
CA LYS B 864 -2.88 -35.66 46.34
C LYS B 864 -3.84 -35.83 47.51
N ARG B 865 -4.15 -34.70 48.17
CA ARG B 865 -5.09 -34.70 49.27
C ARG B 865 -6.28 -33.82 48.86
N PHE B 866 -7.40 -34.46 48.57
CA PHE B 866 -8.61 -33.77 48.14
C PHE B 866 -9.49 -33.34 49.31
N GLY B 867 -9.07 -33.56 50.55
CA GLY B 867 -9.91 -33.22 51.69
C GLY B 867 -9.32 -33.61 53.03
N ILE B 868 -10.14 -34.24 53.87
CA ILE B 868 -9.70 -34.64 55.21
C ILE B 868 -9.15 -36.06 55.14
N SER B 869 -10.02 -37.01 54.79
CA SER B 869 -9.65 -38.41 54.67
C SER B 869 -9.75 -38.91 53.24
N ILE B 870 -9.87 -38.01 52.28
CA ILE B 870 -9.93 -38.37 50.87
C ILE B 870 -8.56 -38.07 50.28
N VAL B 871 -7.85 -39.13 49.89
CA VAL B 871 -6.53 -39.04 49.29
C VAL B 871 -6.41 -40.16 48.26
N GLU B 872 -5.37 -40.08 47.44
CA GLU B 872 -5.08 -41.16 46.51
C GLU B 872 -4.15 -42.17 47.17
N GLU B 873 -4.00 -43.32 46.50
CA GLU B 873 -3.20 -44.41 47.06
C GLU B 873 -2.47 -45.11 45.92
N PHE B 874 -1.22 -45.45 46.15
CA PHE B 874 -0.50 -46.34 45.27
C PHE B 874 -0.87 -47.79 45.62
N GLU B 875 -1.49 -48.47 44.67
CA GLU B 875 -1.99 -49.82 44.90
C GLU B 875 -2.40 -50.42 43.56
N LYS B 876 -2.24 -51.73 43.45
CA LYS B 876 -2.68 -52.40 42.24
C LYS B 876 -4.21 -52.40 42.24
N PRO B 877 -4.85 -51.79 41.25
CA PRO B 877 -6.32 -51.64 41.30
C PRO B 877 -6.99 -52.93 40.83
N THR B 878 -7.70 -53.57 41.74
CA THR B 878 -8.49 -54.75 41.39
C THR B 878 -9.72 -54.34 40.59
N ARG B 879 -10.12 -55.22 39.68
CA ARG B 879 -11.20 -54.90 38.76
C ARG B 879 -12.53 -54.72 39.48
N ALA B 880 -12.76 -55.47 40.55
CA ALA B 880 -14.07 -55.43 41.22
C ALA B 880 -14.34 -54.06 41.81
N THR B 881 -13.41 -53.53 42.60
CA THR B 881 -13.63 -52.26 43.30
C THR B 881 -13.31 -51.03 42.46
N THR B 882 -12.75 -51.19 41.26
CA THR B 882 -12.32 -50.07 40.45
C THR B 882 -13.07 -50.07 39.12
N LEU B 883 -13.11 -48.90 38.49
CA LEU B 883 -13.75 -48.72 37.19
C LEU B 883 -12.86 -47.88 36.30
N ARG B 884 -13.17 -47.90 34.99
CA ARG B 884 -12.43 -47.17 33.96
C ARG B 884 -10.95 -47.54 33.91
N LEU B 885 -10.63 -48.80 34.19
CA LEU B 885 -9.25 -49.26 34.14
C LEU B 885 -8.68 -49.15 32.73
N LYS B 886 -7.40 -48.78 32.66
CA LYS B 886 -6.72 -48.63 31.38
C LYS B 886 -6.70 -49.95 30.62
N HIS B 887 -6.45 -49.85 29.31
CA HIS B 887 -6.43 -51.03 28.45
C HIS B 887 -5.11 -51.78 28.50
N GLY B 888 -4.11 -51.27 29.22
CA GLY B 888 -2.88 -51.99 29.38
C GLY B 888 -3.00 -53.09 30.40
N THR B 889 -1.91 -53.82 30.58
CA THR B 889 -1.88 -54.92 31.54
C THR B 889 -1.41 -54.42 32.91
N TYR B 890 -2.02 -54.95 33.95
CA TYR B 890 -1.68 -54.59 35.32
C TYR B 890 -0.91 -55.70 36.01
N GLU B 891 -0.59 -56.78 35.30
CA GLU B 891 -0.04 -57.98 35.90
C GLU B 891 1.42 -57.82 36.30
N LYS B 892 2.00 -56.63 36.12
CA LYS B 892 3.40 -56.40 36.44
C LYS B 892 3.59 -55.66 37.75
N LEU B 893 2.54 -55.06 38.31
CA LEU B 893 2.66 -54.34 39.57
C LEU B 893 2.75 -55.30 40.74
N ASP B 894 3.63 -54.99 41.69
CA ASP B 894 3.65 -55.68 42.97
C ASP B 894 2.44 -55.27 43.80
N GLU B 895 2.37 -55.79 45.03
CA GLU B 895 1.24 -55.50 45.89
C GLU B 895 1.19 -54.04 46.35
N ASP B 896 2.26 -53.28 46.15
CA ASP B 896 2.30 -51.88 46.56
C ASP B 896 1.96 -50.92 45.43
N GLY B 897 1.50 -51.44 44.30
CA GLY B 897 1.17 -50.58 43.17
C GLY B 897 2.36 -50.11 42.38
N LEU B 898 3.55 -50.66 42.63
CA LEU B 898 4.77 -50.23 41.95
C LEU B 898 5.40 -51.42 41.25
N ILE B 899 5.90 -51.19 40.05
CA ILE B 899 6.61 -52.25 39.33
C ILE B 899 8.03 -52.36 39.88
N ALA B 900 8.67 -53.51 39.65
CA ALA B 900 9.99 -53.54 40.26
C ALA B 900 11.08 -53.32 39.21
N PRO B 901 12.22 -52.74 39.61
CA PRO B 901 13.33 -52.61 38.66
C PRO B 901 13.82 -53.97 38.22
N GLY B 902 14.18 -54.08 36.93
CA GLY B 902 14.62 -55.34 36.39
C GLY B 902 13.58 -56.05 35.56
N VAL B 903 12.40 -55.46 35.38
CA VAL B 903 11.28 -56.08 34.71
C VAL B 903 11.15 -55.50 33.31
N ARG B 904 11.03 -56.37 32.32
CA ARG B 904 10.79 -55.89 30.96
C ARG B 904 9.41 -55.28 30.85
N VAL B 905 9.32 -54.14 30.16
CA VAL B 905 8.08 -53.39 29.99
C VAL B 905 7.91 -53.04 28.53
N SER B 906 6.69 -53.22 28.02
CA SER B 906 6.35 -52.82 26.67
C SER B 906 5.48 -51.57 26.69
N GLY B 907 5.09 -51.11 25.51
CA GLY B 907 4.22 -49.96 25.43
C GLY B 907 2.83 -50.26 25.97
N ASP B 908 2.19 -49.22 26.53
CA ASP B 908 0.87 -49.25 27.12
C ASP B 908 0.82 -50.00 28.45
N ASP B 909 1.96 -50.48 28.96
CA ASP B 909 1.97 -51.16 30.23
C ASP B 909 2.00 -50.17 31.39
N ILE B 910 1.30 -50.51 32.47
CA ILE B 910 1.20 -49.66 33.64
C ILE B 910 2.45 -49.84 34.50
N ILE B 911 3.05 -48.73 34.90
CA ILE B 911 4.22 -48.78 35.78
C ILE B 911 3.94 -48.18 37.16
N ILE B 912 2.89 -47.39 37.33
CA ILE B 912 2.51 -46.86 38.63
C ILE B 912 0.99 -46.96 38.73
N GLY B 913 0.51 -47.86 39.59
CA GLY B 913 -0.92 -47.99 39.82
C GLY B 913 -1.36 -47.02 40.89
N LYS B 914 -2.44 -46.30 40.61
CA LYS B 914 -2.96 -45.33 41.56
C LYS B 914 -4.48 -45.26 41.41
N THR B 915 -5.16 -45.08 42.55
CA THR B 915 -6.60 -44.99 42.60
C THR B 915 -7.02 -43.68 43.26
N THR B 916 -8.08 -43.07 42.71
CA THR B 916 -8.68 -41.86 43.28
C THR B 916 -10.06 -42.21 43.80
N PRO B 917 -10.37 -41.94 45.06
CA PRO B 917 -11.66 -42.37 45.61
C PRO B 917 -12.83 -41.63 44.99
N ILE B 918 -13.96 -42.33 44.93
CA ILE B 918 -15.21 -41.77 44.42
C ILE B 918 -15.90 -41.03 45.57
N PRO B 919 -16.21 -39.74 45.42
CA PRO B 919 -16.93 -39.03 46.48
C PRO B 919 -18.35 -39.58 46.62
N PRO B 920 -19.00 -39.33 47.77
CA PRO B 920 -20.37 -39.84 47.99
C PRO B 920 -21.42 -39.11 47.15
N TYR B 931 -20.71 -51.79 46.93
CA TYR B 931 -19.31 -51.38 46.92
C TYR B 931 -18.96 -50.60 45.64
N HIS B 932 -17.80 -50.92 45.07
CA HIS B 932 -17.41 -50.46 43.72
C HIS B 932 -17.35 -48.94 43.67
N THR B 933 -16.46 -48.38 44.50
CA THR B 933 -16.43 -46.95 44.76
C THR B 933 -15.08 -46.32 44.44
N LYS B 934 -14.32 -46.86 43.49
CA LYS B 934 -13.02 -46.27 43.18
C LYS B 934 -12.81 -46.16 41.68
N ARG B 935 -12.16 -45.08 41.27
CA ARG B 935 -11.64 -44.91 39.91
C ARG B 935 -10.11 -44.92 39.94
N ASP B 936 -9.50 -45.29 38.81
CA ASP B 936 -8.06 -45.42 38.74
C ASP B 936 -7.44 -44.16 38.13
N ALA B 937 -6.22 -43.87 38.55
CA ALA B 937 -5.44 -42.76 38.00
C ALA B 937 -4.01 -43.23 37.74
N SER B 938 -3.90 -44.39 37.10
CA SER B 938 -2.63 -45.07 36.90
C SER B 938 -1.87 -44.44 35.74
N THR B 939 -0.55 -44.52 35.81
CA THR B 939 0.31 -43.93 34.78
C THR B 939 0.81 -45.06 33.90
N PRO B 940 0.37 -45.17 32.65
CA PRO B 940 0.92 -46.16 31.74
C PRO B 940 2.24 -45.70 31.14
N LEU B 941 2.91 -46.67 30.50
CA LEU B 941 4.06 -46.36 29.65
C LEU B 941 3.61 -45.76 28.33
N ARG B 942 4.50 -44.96 27.73
CA ARG B 942 4.23 -44.35 26.43
C ARG B 942 4.02 -45.43 25.37
N SER B 943 3.04 -45.19 24.49
CA SER B 943 2.62 -46.22 23.54
C SER B 943 3.72 -46.59 22.55
N THR B 944 4.76 -45.78 22.42
CA THR B 944 5.81 -46.06 21.43
C THR B 944 7.00 -46.82 21.98
N GLU B 945 7.32 -46.68 23.27
CA GLU B 945 8.62 -47.08 23.79
C GLU B 945 8.60 -48.46 24.41
N ASN B 946 9.67 -49.21 24.18
CA ASN B 946 9.98 -50.44 24.89
C ASN B 946 11.02 -50.11 25.96
N GLY B 947 11.52 -51.12 26.65
CA GLY B 947 12.65 -50.91 27.53
C GLY B 947 12.58 -51.77 28.79
N ILE B 948 13.44 -51.43 29.74
CA ILE B 948 13.59 -52.17 30.99
C ILE B 948 13.61 -51.20 32.16
N VAL B 949 12.82 -51.50 33.19
CA VAL B 949 12.79 -50.63 34.36
C VAL B 949 14.15 -50.63 35.04
N ASP B 950 14.63 -49.44 35.40
CA ASP B 950 15.97 -49.29 35.95
C ASP B 950 15.99 -48.98 37.44
N GLN B 951 15.21 -47.99 37.87
CA GLN B 951 15.35 -47.46 39.23
C GLN B 951 14.00 -46.89 39.66
N VAL B 952 13.29 -47.63 40.50
CA VAL B 952 12.01 -47.17 41.03
C VAL B 952 12.26 -46.51 42.38
N LEU B 953 12.16 -45.19 42.43
CA LEU B 953 12.38 -44.43 43.65
C LEU B 953 11.06 -44.18 44.37
N LEU B 954 11.13 -44.10 45.69
CA LEU B 954 9.93 -43.86 46.50
C LEU B 954 10.32 -42.98 47.69
N THR B 955 9.65 -41.85 47.84
CA THR B 955 9.88 -40.91 48.95
C THR B 955 8.56 -40.19 49.23
N THR B 956 8.66 -39.08 49.97
CA THR B 956 7.50 -38.23 50.23
C THR B 956 7.78 -36.80 49.78
N ASN B 957 6.72 -36.11 49.40
CA ASN B 957 6.81 -34.80 48.79
C ASN B 957 6.94 -33.73 49.87
N GLN B 958 6.77 -32.47 49.48
CA GLN B 958 6.84 -31.37 50.44
C GLN B 958 5.83 -31.52 51.57
N GLU B 959 4.64 -32.05 51.27
CA GLU B 959 3.56 -32.13 52.26
C GLU B 959 3.46 -33.50 52.93
N GLY B 960 4.46 -34.35 52.77
CA GLY B 960 4.48 -35.62 53.46
C GLY B 960 3.65 -36.73 52.84
N LEU B 961 3.12 -36.52 51.63
CA LEU B 961 2.37 -37.57 50.95
C LEU B 961 3.34 -38.38 50.08
N LYS B 962 2.96 -39.62 49.80
CA LYS B 962 3.89 -40.52 49.14
C LYS B 962 4.21 -40.04 47.74
N PHE B 963 5.46 -40.24 47.34
CA PHE B 963 6.04 -39.69 46.13
C PHE B 963 6.84 -40.77 45.45
N VAL B 964 6.66 -40.93 44.14
CA VAL B 964 7.33 -42.00 43.41
C VAL B 964 7.92 -41.45 42.11
N LYS B 965 9.15 -41.87 41.83
CA LYS B 965 9.83 -41.61 40.56
C LYS B 965 10.33 -42.95 40.02
N VAL B 966 10.06 -43.21 38.75
CA VAL B 966 10.43 -44.47 38.12
C VAL B 966 11.27 -44.16 36.89
N ARG B 967 12.53 -44.57 36.89
CA ARG B 967 13.40 -44.35 35.75
C ARG B 967 13.47 -45.64 34.95
N MET B 968 13.09 -45.55 33.69
CA MET B 968 13.22 -46.64 32.73
C MET B 968 14.54 -46.53 31.97
N ARG B 969 14.96 -47.67 31.39
CA ARG B 969 16.16 -47.71 30.58
C ARG B 969 15.91 -48.49 29.29
N THR B 970 16.64 -48.10 28.25
CA THR B 970 16.60 -48.79 26.96
C THR B 970 17.87 -48.45 26.20
N THR B 971 18.07 -49.15 25.09
CA THR B 971 19.22 -48.94 24.21
C THR B 971 18.74 -48.64 22.80
N LYS B 972 19.32 -47.61 22.18
CA LYS B 972 18.96 -47.21 20.84
C LYS B 972 20.14 -47.48 19.90
N VAL B 973 19.91 -48.33 18.90
CA VAL B 973 20.93 -48.74 17.94
C VAL B 973 20.69 -48.01 16.63
N PRO B 974 21.72 -47.44 16.00
CA PRO B 974 21.50 -46.68 14.76
C PRO B 974 20.87 -47.54 13.67
N GLN B 975 19.97 -46.95 12.90
CA GLN B 975 19.32 -47.66 11.81
C GLN B 975 19.03 -46.67 10.68
N ILE B 976 18.35 -47.16 9.65
CA ILE B 976 18.00 -46.31 8.52
C ILE B 976 17.09 -45.18 8.97
N GLY B 977 17.48 -43.95 8.65
CA GLY B 977 16.67 -42.79 8.97
C GLY B 977 17.13 -42.01 10.17
N ASP B 978 18.14 -42.48 10.88
CA ASP B 978 18.71 -41.71 11.97
C ASP B 978 19.62 -40.63 11.42
N LYS B 979 19.71 -39.52 12.15
CA LYS B 979 20.34 -38.32 11.63
C LYS B 979 21.72 -38.21 12.24
N PHE B 980 22.71 -37.97 11.40
CA PHE B 980 24.11 -37.88 11.79
C PHE B 980 24.71 -36.66 11.13
N ALA B 981 25.73 -36.11 11.76
CA ALA B 981 26.40 -34.96 11.18
C ALA B 981 27.87 -34.98 11.55
N SER B 982 28.68 -34.36 10.70
CA SER B 982 30.03 -34.02 11.07
C SER B 982 30.02 -32.59 11.58
N ARG B 983 31.18 -32.12 12.01
CA ARG B 983 31.27 -30.82 12.65
C ARG B 983 31.40 -29.68 11.67
N HIS B 984 30.97 -29.86 10.42
CA HIS B 984 31.08 -28.82 9.40
C HIS B 984 29.76 -28.62 8.69
N GLY B 985 28.65 -28.73 9.40
CA GLY B 985 27.35 -28.50 8.78
C GLY B 985 26.90 -29.56 7.82
N GLN B 986 27.57 -30.71 7.78
CA GLN B 986 27.27 -31.76 6.82
C GLN B 986 26.35 -32.76 7.52
N LYS B 987 25.07 -32.43 7.57
CA LYS B 987 24.11 -33.33 8.17
C LYS B 987 23.52 -34.27 7.14
N GLY B 988 23.05 -35.42 7.62
CA GLY B 988 22.43 -36.38 6.74
C GLY B 988 21.92 -37.55 7.53
N THR B 989 21.05 -38.31 6.86
CA THR B 989 20.45 -39.49 7.46
C THR B 989 20.99 -40.74 6.77
N ILE B 990 20.90 -41.86 7.49
CA ILE B 990 21.35 -43.12 6.92
C ILE B 990 20.34 -43.58 5.86
N GLY B 991 20.84 -43.84 4.66
CA GLY B 991 20.00 -44.34 3.61
C GLY B 991 19.94 -45.84 3.58
N VAL B 992 21.08 -46.48 3.81
CA VAL B 992 21.17 -47.94 3.78
C VAL B 992 22.34 -48.33 4.66
N THR B 993 22.41 -49.61 5.02
CA THR B 993 23.57 -50.16 5.71
C THR B 993 24.10 -51.35 4.95
N TYR B 994 25.42 -51.46 4.88
CA TYR B 994 26.09 -52.58 4.26
C TYR B 994 26.96 -53.28 5.28
N ARG B 995 27.13 -54.57 5.10
CA ARG B 995 27.95 -55.38 5.99
C ARG B 995 29.43 -55.20 5.66
N HIS B 996 30.29 -55.89 6.40
CA HIS B 996 31.73 -55.73 6.22
C HIS B 996 32.16 -56.13 4.82
N GLU B 997 31.66 -57.25 4.32
CA GLU B 997 32.12 -57.75 3.04
C GLU B 997 31.57 -56.97 1.86
N ASP B 998 30.47 -56.25 2.03
CA ASP B 998 29.89 -55.47 0.95
C ASP B 998 30.50 -54.09 0.81
N MET B 999 31.23 -53.66 1.71
CA MET B 999 31.67 -52.29 1.59
C MET B 999 32.98 -52.25 0.80
N PRO B 1000 33.30 -51.14 0.13
CA PRO B 1000 34.58 -51.06 -0.57
C PRO B 1000 35.73 -51.09 0.41
N PHE B 1001 36.84 -51.70 0.00
CA PHE B 1001 37.99 -51.83 0.87
C PHE B 1001 39.25 -51.35 0.18
N SER B 1002 40.18 -50.85 0.98
CA SER B 1002 41.52 -50.55 0.50
C SER B 1002 42.36 -51.81 0.51
N ALA B 1003 43.55 -51.72 -0.09
CA ALA B 1003 44.42 -52.88 -0.20
C ALA B 1003 44.86 -53.42 1.15
N GLU B 1004 44.81 -52.60 2.20
CA GLU B 1004 45.13 -53.08 3.54
C GLU B 1004 43.93 -53.73 4.22
N GLY B 1005 42.79 -53.80 3.55
CA GLY B 1005 41.59 -54.34 4.12
C GLY B 1005 40.78 -53.39 4.97
N ILE B 1006 41.19 -52.12 5.08
CA ILE B 1006 40.41 -51.15 5.82
C ILE B 1006 39.13 -50.84 5.07
N VAL B 1007 38.01 -50.90 5.76
CA VAL B 1007 36.73 -50.54 5.15
C VAL B 1007 36.13 -49.36 5.90
N PRO B 1008 35.32 -48.54 5.25
CA PRO B 1008 34.76 -47.36 5.93
C PRO B 1008 33.58 -47.71 6.80
N ASP B 1009 33.45 -46.99 7.90
CA ASP B 1009 32.21 -47.00 8.67
C ASP B 1009 31.09 -46.28 7.93
N LEU B 1010 31.42 -45.42 6.99
CA LEU B 1010 30.50 -44.39 6.50
C LEU B 1010 30.93 -43.96 5.11
N ILE B 1011 29.97 -43.87 4.19
CA ILE B 1011 30.22 -43.40 2.82
C ILE B 1011 29.27 -42.25 2.55
N ILE B 1012 29.83 -41.04 2.42
CA ILE B 1012 29.08 -39.86 2.05
C ILE B 1012 29.32 -39.55 0.58
N ASN B 1013 28.44 -38.72 0.01
CA ASN B 1013 28.42 -38.43 -1.43
C ASN B 1013 29.31 -37.23 -1.74
N PRO B 1014 30.07 -37.31 -2.84
CA PRO B 1014 30.94 -36.19 -3.22
C PRO B 1014 30.20 -34.90 -3.52
N HIS B 1015 28.94 -34.98 -3.93
CA HIS B 1015 28.19 -33.79 -4.33
C HIS B 1015 27.78 -32.93 -3.21
N ALA B 1016 28.27 -33.12 -1.99
CA ALA B 1016 27.95 -32.23 -0.90
C ALA B 1016 29.06 -31.24 -0.62
N ILE B 1017 30.24 -31.45 -1.19
CA ILE B 1017 31.38 -30.57 -0.98
C ILE B 1017 31.34 -29.34 -1.88
N PRO B 1018 31.13 -29.47 -3.21
CA PRO B 1018 31.42 -28.34 -4.10
C PRO B 1018 30.54 -27.12 -3.89
N SER B 1019 29.21 -27.30 -3.91
CA SER B 1019 28.34 -26.14 -3.77
C SER B 1019 28.19 -25.68 -2.33
N ARG B 1020 28.53 -26.52 -1.36
CA ARG B 1020 28.53 -26.12 0.03
C ARG B 1020 29.87 -25.56 0.48
N MET B 1021 30.93 -25.87 -0.26
CA MET B 1021 32.28 -25.38 0.00
C MET B 1021 32.68 -25.63 1.45
N THR B 1022 32.56 -26.89 1.87
CA THR B 1022 33.04 -27.33 3.18
C THR B 1022 34.42 -27.95 3.00
N VAL B 1023 35.40 -27.07 2.76
CA VAL B 1023 36.77 -27.54 2.56
C VAL B 1023 37.34 -28.03 3.87
N ALA B 1024 36.91 -27.44 4.99
CA ALA B 1024 37.37 -27.88 6.30
C ALA B 1024 37.04 -29.34 6.55
N HIS B 1025 35.96 -29.85 5.95
CA HIS B 1025 35.63 -31.26 6.11
C HIS B 1025 36.74 -32.14 5.55
N LEU B 1026 37.18 -31.84 4.33
CA LEU B 1026 38.25 -32.61 3.69
C LEU B 1026 39.58 -32.41 4.42
N ILE B 1027 39.90 -31.18 4.80
CA ILE B 1027 41.14 -30.92 5.53
C ILE B 1027 41.15 -31.69 6.84
N GLU B 1028 40.01 -31.75 7.52
CA GLU B 1028 39.94 -32.43 8.80
C GLU B 1028 40.04 -33.94 8.64
N CYS B 1029 39.45 -34.48 7.57
CA CYS B 1029 39.67 -35.89 7.26
C CYS B 1029 41.16 -36.20 7.04
N LEU B 1030 41.85 -35.34 6.30
CA LEU B 1030 43.27 -35.56 6.04
C LEU B 1030 44.09 -35.48 7.31
N LEU B 1031 43.86 -34.43 8.12
CA LEU B 1031 44.57 -34.28 9.38
C LEU B 1031 44.30 -35.45 10.31
N SER B 1032 43.06 -35.93 10.36
CA SER B 1032 42.73 -37.04 11.24
C SER B 1032 43.42 -38.32 10.78
N LYS B 1033 43.49 -38.55 9.47
CA LYS B 1033 44.25 -39.69 8.96
C LYS B 1033 45.70 -39.63 9.39
N VAL B 1034 46.33 -38.47 9.23
CA VAL B 1034 47.74 -38.34 9.62
C VAL B 1034 47.91 -38.55 11.11
N GLY B 1035 47.03 -37.96 11.92
CA GLY B 1035 47.12 -38.11 13.36
C GLY B 1035 46.96 -39.55 13.81
N SER B 1036 46.03 -40.28 13.20
CA SER B 1036 45.84 -41.68 13.57
C SER B 1036 47.01 -42.54 13.12
N ILE B 1037 47.64 -42.20 11.99
CA ILE B 1037 48.80 -42.96 11.54
C ILE B 1037 49.99 -42.70 12.46
N ARG B 1038 50.22 -41.45 12.84
CA ARG B 1038 51.37 -41.11 13.66
C ARG B 1038 51.09 -41.15 15.15
N GLY B 1039 49.87 -41.51 15.54
CA GLY B 1039 49.53 -41.68 16.94
C GLY B 1039 49.54 -40.43 17.81
N TYR B 1040 48.96 -39.34 17.31
CA TYR B 1040 48.69 -38.17 18.14
C TYR B 1040 47.40 -37.53 17.63
N GLU B 1041 47.04 -36.40 18.24
CA GLU B 1041 45.84 -35.68 17.86
C GLU B 1041 46.26 -34.49 17.03
N GLY B 1042 45.62 -34.31 15.88
CA GLY B 1042 45.92 -33.17 15.03
C GLY B 1042 45.35 -31.91 15.64
N ASP B 1043 46.07 -30.81 15.48
CA ASP B 1043 45.62 -29.53 15.98
C ASP B 1043 44.90 -28.80 14.85
N ALA B 1044 43.62 -28.57 15.03
CA ALA B 1044 42.79 -27.91 14.03
C ALA B 1044 42.24 -26.59 14.55
N THR B 1045 42.97 -25.95 15.44
CA THR B 1045 42.61 -24.62 15.89
C THR B 1045 42.58 -23.66 14.70
N PRO B 1046 41.56 -22.82 14.58
CA PRO B 1046 41.51 -21.87 13.47
C PRO B 1046 42.58 -20.80 13.60
N PHE B 1047 42.95 -20.24 12.45
CA PHE B 1047 43.83 -19.07 12.37
C PHE B 1047 45.24 -19.41 12.86
N THR B 1048 45.70 -20.60 12.54
CA THR B 1048 47.05 -21.05 12.79
C THR B 1048 47.82 -21.19 11.48
N ASP B 1049 49.12 -21.40 11.60
CA ASP B 1049 50.01 -21.46 10.46
C ASP B 1049 50.09 -22.85 9.83
N LEU B 1050 49.09 -23.70 10.07
CA LEU B 1050 49.06 -25.00 9.43
C LEU B 1050 48.49 -24.87 8.03
N THR B 1051 48.98 -25.73 7.13
CA THR B 1051 48.59 -25.70 5.73
C THR B 1051 48.29 -27.13 5.27
N VAL B 1052 47.55 -27.22 4.17
CA VAL B 1052 47.24 -28.53 3.62
C VAL B 1052 48.51 -29.18 3.10
N ASP B 1053 49.44 -28.38 2.58
CA ASP B 1053 50.66 -28.92 2.01
C ASP B 1053 51.50 -29.63 3.07
N ALA B 1054 51.62 -29.05 4.26
CA ALA B 1054 52.37 -29.70 5.33
C ALA B 1054 51.73 -31.02 5.73
N VAL B 1055 50.40 -31.03 5.83
CA VAL B 1055 49.69 -32.26 6.18
C VAL B 1055 49.91 -33.32 5.10
N SER B 1056 49.86 -32.92 3.83
CA SER B 1056 50.11 -33.86 2.75
C SER B 1056 51.54 -34.37 2.76
N ASN B 1057 52.50 -33.52 3.13
CA ASN B 1057 53.88 -33.97 3.25
C ASN B 1057 54.01 -35.03 4.33
N LEU B 1058 53.40 -34.79 5.49
CA LEU B 1058 53.40 -35.80 6.55
C LEU B 1058 52.76 -37.09 6.07
N LEU B 1059 51.60 -37.00 5.41
CA LEU B 1059 50.90 -38.19 4.98
C LEU B 1059 51.74 -38.98 3.98
N ARG B 1060 52.39 -38.29 3.04
CA ARG B 1060 53.25 -38.97 2.08
C ARG B 1060 54.48 -39.57 2.75
N ASP B 1061 55.06 -38.87 3.73
CA ASP B 1061 56.16 -39.44 4.50
C ASP B 1061 55.75 -40.68 5.27
N ASN B 1062 54.46 -40.83 5.55
CA ASN B 1062 53.94 -42.03 6.18
C ASN B 1062 53.58 -43.12 5.18
N GLY B 1063 53.89 -42.93 3.90
CA GLY B 1063 53.67 -43.97 2.92
C GLY B 1063 52.30 -43.99 2.29
N TYR B 1064 51.56 -42.90 2.37
CA TYR B 1064 50.22 -42.80 1.79
C TYR B 1064 50.20 -41.70 0.75
N GLN B 1065 49.33 -41.84 -0.23
CA GLN B 1065 49.10 -40.78 -1.21
C GLN B 1065 48.81 -39.45 -0.51
N SER B 1066 49.55 -38.41 -0.88
CA SER B 1066 49.59 -37.19 -0.09
C SER B 1066 48.27 -36.43 -0.06
N ARG B 1067 47.35 -36.70 -0.97
CA ARG B 1067 46.08 -35.98 -1.02
C ARG B 1067 44.94 -36.77 -0.41
N GLY B 1068 45.22 -37.85 0.28
CA GLY B 1068 44.20 -38.63 0.95
C GLY B 1068 43.45 -39.58 0.06
N PHE B 1069 43.84 -39.70 -1.19
CA PHE B 1069 43.26 -40.69 -2.09
C PHE B 1069 43.88 -42.04 -1.83
N GLU B 1070 43.09 -43.09 -2.02
CA GLU B 1070 43.59 -44.44 -1.89
C GLU B 1070 43.01 -45.28 -3.01
N VAL B 1071 43.75 -46.31 -3.41
CA VAL B 1071 43.22 -47.26 -4.37
C VAL B 1071 42.32 -48.21 -3.60
N MET B 1072 41.03 -48.17 -3.89
CA MET B 1072 40.09 -49.04 -3.22
C MET B 1072 39.46 -49.99 -4.23
N TYR B 1073 38.94 -51.08 -3.71
CA TYR B 1073 38.38 -52.13 -4.53
C TYR B 1073 36.89 -52.22 -4.31
N ASN B 1074 36.19 -52.71 -5.32
CA ASN B 1074 34.75 -52.88 -5.19
C ASN B 1074 34.46 -54.08 -4.31
N GLY B 1075 33.61 -53.89 -3.30
CA GLY B 1075 33.30 -54.98 -2.41
C GLY B 1075 32.58 -56.11 -3.12
N HIS B 1076 31.73 -55.77 -4.09
CA HIS B 1076 30.96 -56.81 -4.78
C HIS B 1076 31.82 -57.66 -5.70
N THR B 1077 32.84 -57.09 -6.33
CA THR B 1077 33.57 -57.79 -7.37
C THR B 1077 35.07 -57.91 -7.10
N GLY B 1078 35.61 -57.17 -6.13
CA GLY B 1078 37.03 -57.13 -5.89
C GLY B 1078 37.83 -56.43 -6.95
N LYS B 1079 37.22 -56.03 -8.06
CA LYS B 1079 37.90 -55.28 -9.08
C LYS B 1079 38.27 -53.90 -8.55
N LYS B 1080 39.41 -53.39 -8.99
CA LYS B 1080 39.80 -52.03 -8.62
C LYS B 1080 38.76 -51.05 -9.13
N LEU B 1081 38.57 -49.97 -8.39
CA LEU B 1081 37.78 -48.86 -8.88
C LEU B 1081 38.61 -47.97 -9.80
N MET B 1082 38.00 -47.55 -10.90
CA MET B 1082 38.70 -46.71 -11.86
C MET B 1082 39.12 -45.38 -11.25
N ALA B 1083 38.34 -44.87 -10.31
CA ALA B 1083 38.66 -43.64 -9.60
C ALA B 1083 39.16 -43.97 -8.20
N GLN B 1084 39.98 -43.08 -7.66
CA GLN B 1084 40.48 -43.24 -6.30
C GLN B 1084 39.56 -42.51 -5.34
N VAL B 1085 39.55 -42.96 -4.09
CA VAL B 1085 38.51 -42.58 -3.14
C VAL B 1085 39.17 -41.83 -2.00
N PHE B 1086 38.62 -40.67 -1.66
CA PHE B 1086 39.09 -39.90 -0.52
C PHE B 1086 38.69 -40.60 0.77
N PHE B 1087 39.67 -40.99 1.57
CA PHE B 1087 39.46 -41.99 2.60
C PHE B 1087 40.19 -41.58 3.87
N GLY B 1088 39.52 -41.75 5.02
CA GLY B 1088 40.11 -41.44 6.30
C GLY B 1088 39.11 -41.25 7.42
N PRO B 1089 39.62 -41.05 8.63
CA PRO B 1089 38.73 -40.85 9.79
C PRO B 1089 38.16 -39.45 9.87
N THR B 1090 36.92 -39.37 10.35
CA THR B 1090 36.25 -38.10 10.58
C THR B 1090 35.34 -38.23 11.80
N TYR B 1091 35.25 -37.17 12.59
CA TYR B 1091 34.47 -37.17 13.82
C TYR B 1091 33.01 -36.89 13.49
N TYR B 1092 32.15 -37.86 13.71
CA TYR B 1092 30.72 -37.70 13.43
C TYR B 1092 29.93 -37.66 14.73
N GLN B 1093 28.71 -37.12 14.65
CA GLN B 1093 27.84 -36.94 15.80
C GLN B 1093 26.51 -37.64 15.59
N ARG B 1094 25.97 -38.15 16.69
CA ARG B 1094 24.66 -38.81 16.74
C ARG B 1094 23.62 -37.80 17.23
N LEU B 1095 22.81 -37.27 16.31
CA LEU B 1095 21.87 -36.25 16.69
C LEU B 1095 20.60 -36.86 17.29
N ARG B 1096 19.86 -36.05 18.02
CA ARG B 1096 18.72 -36.50 18.80
C ARG B 1096 17.53 -36.88 17.93
N HIS B 1097 17.57 -36.60 16.64
CA HIS B 1097 16.42 -36.80 15.76
C HIS B 1097 16.53 -38.22 15.21
N MET B 1098 15.74 -39.11 15.78
CA MET B 1098 15.63 -40.50 15.34
C MET B 1098 14.31 -40.74 14.65
N VAL B 1099 14.33 -41.60 13.64
CA VAL B 1099 13.11 -41.85 12.87
C VAL B 1099 12.04 -42.46 13.77
N ASP B 1100 12.46 -43.32 14.70
CA ASP B 1100 11.50 -43.99 15.57
C ASP B 1100 10.81 -43.02 16.53
N ASP B 1101 11.36 -41.81 16.71
CA ASP B 1101 10.69 -40.77 17.46
C ASP B 1101 9.80 -39.89 16.60
N LYS B 1102 9.67 -40.20 15.31
CA LYS B 1102 8.95 -39.31 14.39
C LYS B 1102 7.90 -40.07 13.60
N ILE B 1103 8.14 -41.35 13.34
CA ILE B 1103 7.20 -42.13 12.54
C ILE B 1103 5.86 -42.18 13.25
N HIS B 1104 4.82 -41.72 12.56
CA HIS B 1104 3.48 -41.72 13.10
C HIS B 1104 2.48 -42.02 12.01
N ALA B 1105 1.51 -42.87 12.32
CA ALA B 1105 0.39 -43.12 11.42
C ALA B 1105 -0.88 -43.11 12.26
N ARG B 1106 -2.00 -42.80 11.60
CA ARG B 1106 -3.28 -42.76 12.32
C ARG B 1106 -4.37 -43.21 11.36
N ALA B 1107 -5.13 -44.23 11.74
CA ALA B 1107 -6.30 -44.61 10.98
C ALA B 1107 -7.55 -43.95 11.53
N ARG B 1108 -7.89 -44.25 12.79
CA ARG B 1108 -8.93 -43.55 13.51
C ARG B 1108 -8.52 -43.49 14.97
N GLY B 1109 -8.99 -42.47 15.67
CA GLY B 1109 -8.54 -42.27 17.03
C GLY B 1109 -9.35 -41.22 17.76
N PRO B 1110 -8.79 -40.72 18.86
CA PRO B 1110 -9.51 -39.73 19.66
C PRO B 1110 -9.70 -38.44 18.89
N VAL B 1111 -10.82 -37.77 19.17
CA VAL B 1111 -11.16 -36.50 18.55
C VAL B 1111 -11.24 -35.46 19.66
N GLN B 1112 -11.27 -34.20 19.25
CA GLN B 1112 -11.42 -33.12 20.21
C GLN B 1112 -12.87 -33.04 20.69
N VAL B 1113 -13.04 -32.59 21.93
CA VAL B 1113 -14.37 -32.47 22.50
C VAL B 1113 -15.16 -31.40 21.75
N LEU B 1114 -14.54 -30.23 21.54
CA LEU B 1114 -15.28 -29.10 20.99
C LEU B 1114 -15.55 -29.28 19.50
N THR B 1115 -14.50 -29.52 18.70
CA THR B 1115 -14.67 -29.55 17.26
C THR B 1115 -14.95 -30.95 16.71
N ARG B 1116 -14.71 -32.00 17.48
CA ARG B 1116 -14.88 -33.38 17.05
C ARG B 1116 -13.98 -33.74 15.88
N GLN B 1117 -12.86 -33.05 15.72
CA GLN B 1117 -11.81 -33.25 14.75
C GLN B 1117 -10.63 -33.98 15.38
N PRO B 1118 -9.86 -34.71 14.57
CA PRO B 1118 -8.71 -35.43 15.11
C PRO B 1118 -7.88 -34.56 16.03
N VAL B 1119 -7.39 -35.16 17.12
CA VAL B 1119 -6.61 -34.42 18.10
C VAL B 1119 -5.24 -34.07 17.50
N GLU B 1120 -4.50 -33.21 18.18
CA GLU B 1120 -3.19 -32.76 17.72
C GLU B 1120 -2.09 -33.44 18.53
N GLY B 1121 -1.16 -34.08 17.85
CA GLY B 1121 -0.01 -34.63 18.54
C GLY B 1121 0.35 -36.04 18.18
N ARG B 1122 1.63 -36.30 17.92
CA ARG B 1122 2.10 -37.67 17.75
C ARG B 1122 1.90 -38.48 19.01
N SER B 1123 2.20 -37.88 20.17
CA SER B 1123 2.05 -38.59 21.43
C SER B 1123 0.60 -38.88 21.76
N ARG B 1124 -0.31 -38.04 21.26
CA ARG B 1124 -1.73 -38.19 21.53
C ARG B 1124 -2.45 -38.99 20.44
N ASP B 1125 -1.70 -39.53 19.48
CA ASP B 1125 -2.25 -40.28 18.34
C ASP B 1125 -3.13 -39.37 17.48
N GLY B 1126 -2.62 -38.17 17.20
CA GLY B 1126 -3.35 -37.18 16.46
C GLY B 1126 -3.31 -37.40 14.97
N GLY B 1127 -3.90 -36.44 14.24
CA GLY B 1127 -3.89 -36.44 12.80
C GLY B 1127 -3.11 -35.27 12.23
N LEU B 1128 -2.84 -35.35 10.93
CA LEU B 1128 -2.07 -34.34 10.23
C LEU B 1128 -3.00 -33.28 9.68
N ARG B 1129 -2.53 -32.04 9.72
CA ARG B 1129 -3.32 -30.91 9.24
C ARG B 1129 -3.30 -30.85 7.72
N PHE B 1130 -4.49 -30.86 7.12
CA PHE B 1130 -4.68 -30.67 5.69
C PHE B 1130 -5.02 -29.20 5.46
N GLY B 1131 -4.00 -28.35 5.56
CA GLY B 1131 -4.19 -26.92 5.61
C GLY B 1131 -4.69 -26.33 4.30
N GLU B 1132 -4.57 -25.00 4.23
CA GLU B 1132 -5.12 -24.25 3.11
C GLU B 1132 -4.34 -24.48 1.83
N MET B 1133 -3.02 -24.56 1.92
CA MET B 1133 -2.22 -24.74 0.71
C MET B 1133 -2.39 -26.13 0.13
N GLU B 1134 -2.64 -27.13 0.96
CA GLU B 1134 -3.00 -28.44 0.45
C GLU B 1134 -4.31 -28.38 -0.32
N ARG B 1135 -5.26 -27.59 0.18
CA ARG B 1135 -6.50 -27.38 -0.54
C ARG B 1135 -6.26 -26.68 -1.87
N ASP B 1136 -5.36 -25.69 -1.89
CA ASP B 1136 -5.02 -25.03 -3.15
C ASP B 1136 -4.43 -26.01 -4.15
N CYS B 1137 -3.55 -26.89 -3.70
CA CYS B 1137 -2.96 -27.87 -4.62
C CYS B 1137 -4.01 -28.84 -5.15
N MET B 1138 -4.89 -29.34 -4.28
CA MET B 1138 -6.00 -30.18 -4.76
C MET B 1138 -6.93 -29.43 -5.70
N ILE B 1139 -7.14 -28.13 -5.50
CA ILE B 1139 -7.96 -27.38 -6.43
C ILE B 1139 -7.26 -27.24 -7.78
N ALA B 1140 -5.96 -26.96 -7.76
CA ALA B 1140 -5.19 -26.93 -9.01
C ALA B 1140 -5.26 -28.24 -9.75
N HIS B 1141 -5.20 -29.36 -9.01
CA HIS B 1141 -5.32 -30.66 -9.66
C HIS B 1141 -6.72 -30.95 -10.18
N GLY B 1142 -7.72 -30.21 -9.71
CA GLY B 1142 -9.09 -30.47 -10.12
C GLY B 1142 -9.72 -31.67 -9.46
N ALA B 1143 -9.15 -32.15 -8.37
CA ALA B 1143 -9.67 -33.32 -7.66
C ALA B 1143 -10.68 -32.84 -6.63
N ALA B 1144 -11.94 -32.68 -7.05
CA ALA B 1144 -12.97 -32.20 -6.14
C ALA B 1144 -13.41 -33.29 -5.18
N GLY B 1145 -13.57 -34.52 -5.67
CA GLY B 1145 -14.00 -35.60 -4.81
C GLY B 1145 -13.00 -35.90 -3.71
N PHE B 1146 -11.71 -35.89 -4.04
CA PHE B 1146 -10.69 -36.11 -3.02
C PHE B 1146 -10.72 -35.01 -1.96
N LEU B 1147 -10.93 -33.77 -2.37
CA LEU B 1147 -10.96 -32.68 -1.40
C LEU B 1147 -12.16 -32.83 -0.46
N LYS B 1148 -13.33 -33.12 -1.03
CA LYS B 1148 -14.51 -33.35 -0.21
C LYS B 1148 -14.29 -34.52 0.73
N GLU B 1149 -13.57 -35.55 0.28
CA GLU B 1149 -13.38 -36.73 1.09
C GLU B 1149 -12.36 -36.49 2.21
N ARG B 1150 -11.31 -35.72 1.94
CA ARG B 1150 -10.42 -35.31 3.01
C ARG B 1150 -11.16 -34.51 4.07
N LEU B 1151 -11.95 -33.53 3.65
CA LEU B 1151 -12.53 -32.61 4.63
C LEU B 1151 -13.78 -33.13 5.31
N MET B 1152 -14.40 -34.20 4.79
CA MET B 1152 -15.62 -34.74 5.39
C MET B 1152 -15.43 -36.13 5.98
N GLU B 1153 -15.09 -37.12 5.15
CA GLU B 1153 -15.07 -38.49 5.64
C GLU B 1153 -13.78 -38.83 6.37
N ALA B 1154 -12.72 -38.05 6.18
CA ALA B 1154 -11.51 -38.19 6.96
C ALA B 1154 -11.46 -37.22 8.14
N SER B 1155 -12.54 -36.52 8.43
CA SER B 1155 -12.55 -35.54 9.51
C SER B 1155 -13.97 -35.44 10.04
N ASP B 1156 -14.28 -34.31 10.68
CA ASP B 1156 -15.52 -34.10 11.43
C ASP B 1156 -16.76 -33.99 10.55
N ALA B 1157 -17.16 -35.08 9.91
CA ALA B 1157 -18.43 -35.12 9.19
C ALA B 1157 -19.57 -35.27 10.17
N PHE B 1158 -20.67 -34.58 9.91
CA PHE B 1158 -21.82 -34.59 10.80
C PHE B 1158 -23.10 -34.55 9.98
N ARG B 1159 -24.21 -34.84 10.64
CA ARG B 1159 -25.54 -34.78 10.05
C ARG B 1159 -26.43 -33.88 10.88
N VAL B 1160 -27.10 -32.92 10.23
CA VAL B 1160 -28.01 -32.02 10.91
C VAL B 1160 -29.30 -31.96 10.11
N HIS B 1161 -30.37 -31.58 10.79
CA HIS B 1161 -31.68 -31.40 10.17
C HIS B 1161 -32.03 -29.92 10.13
N VAL B 1162 -32.48 -29.44 8.97
CA VAL B 1162 -32.90 -28.06 8.79
C VAL B 1162 -34.39 -27.99 8.52
N CYS B 1163 -34.97 -26.84 8.86
CA CYS B 1163 -36.36 -26.56 8.58
C CYS B 1163 -36.54 -26.10 7.14
N GLY B 1164 -37.42 -26.78 6.40
CA GLY B 1164 -37.65 -26.40 5.02
C GLY B 1164 -38.28 -25.05 4.83
N ILE B 1165 -38.78 -24.44 5.90
CA ILE B 1165 -39.43 -23.13 5.84
C ILE B 1165 -38.49 -22.03 6.31
N CYS B 1166 -37.92 -22.17 7.50
CA CYS B 1166 -37.07 -21.15 8.09
C CYS B 1166 -35.58 -21.38 7.83
N GLY B 1167 -35.19 -22.58 7.39
CA GLY B 1167 -33.80 -22.84 7.08
C GLY B 1167 -32.84 -22.75 8.25
N LEU B 1168 -33.33 -22.84 9.47
CA LEU B 1168 -32.49 -22.88 10.66
C LEU B 1168 -32.37 -24.31 11.18
N MET B 1169 -31.26 -24.57 11.86
CA MET B 1169 -31.02 -25.88 12.45
C MET B 1169 -31.69 -25.95 13.82
N SER B 1170 -32.97 -25.57 13.85
CA SER B 1170 -33.79 -25.60 15.06
C SER B 1170 -34.78 -26.76 15.03
N VAL B 1171 -34.46 -27.81 14.28
CA VAL B 1171 -35.34 -28.95 14.12
C VAL B 1171 -35.09 -29.92 15.27
N ILE B 1172 -36.15 -30.26 16.00
CA ILE B 1172 -36.07 -31.24 17.06
C ILE B 1172 -36.34 -32.60 16.44
N ALA B 1173 -35.35 -33.48 16.49
CA ALA B 1173 -35.43 -34.76 15.80
C ALA B 1173 -35.39 -35.90 16.79
N ASN B 1174 -36.33 -36.83 16.64
CA ASN B 1174 -36.37 -38.06 17.43
C ASN B 1174 -36.34 -39.20 16.43
N LEU B 1175 -35.13 -39.72 16.16
CA LEU B 1175 -34.96 -40.67 15.07
C LEU B 1175 -35.57 -42.02 15.39
N LYS B 1176 -35.59 -42.43 16.66
CA LYS B 1176 -36.17 -43.71 17.01
C LYS B 1176 -37.70 -43.69 16.99
N LYS B 1177 -38.31 -42.52 17.18
CA LYS B 1177 -39.75 -42.38 17.05
C LYS B 1177 -40.16 -41.86 15.68
N ASN B 1178 -39.19 -41.50 14.83
CA ASN B 1178 -39.44 -41.05 13.46
C ASN B 1178 -40.41 -39.87 13.50
N GLN B 1179 -39.98 -38.80 14.16
CA GLN B 1179 -40.80 -37.62 14.33
C GLN B 1179 -39.92 -36.38 14.39
N PHE B 1180 -40.33 -35.34 13.66
CA PHE B 1180 -39.55 -34.12 13.49
C PHE B 1180 -40.47 -32.94 13.71
N GLU B 1181 -39.89 -31.82 14.17
CA GLU B 1181 -40.69 -30.62 14.35
C GLU B 1181 -39.79 -29.41 14.51
N CYS B 1182 -40.08 -28.38 13.72
CA CYS B 1182 -39.59 -27.03 13.98
C CYS B 1182 -40.72 -26.30 14.68
N ARG B 1183 -40.56 -26.05 15.97
CA ARG B 1183 -41.65 -25.51 16.77
C ARG B 1183 -41.87 -24.02 16.46
N SER B 1184 -40.82 -23.32 16.03
CA SER B 1184 -40.98 -21.92 15.63
C SER B 1184 -41.91 -21.81 14.43
N CYS B 1185 -41.66 -22.60 13.39
CA CYS B 1185 -42.49 -22.58 12.19
C CYS B 1185 -43.73 -23.45 12.33
N LYS B 1186 -43.87 -24.18 13.44
CA LYS B 1186 -44.92 -25.16 13.63
C LYS B 1186 -45.00 -26.10 12.42
N ASN B 1187 -43.86 -26.75 12.16
CA ASN B 1187 -43.68 -27.57 10.96
C ASN B 1187 -43.30 -28.98 11.37
N LYS B 1188 -43.86 -29.96 10.66
CA LYS B 1188 -43.55 -31.37 10.93
C LYS B 1188 -43.37 -32.18 9.66
N THR B 1189 -43.41 -31.57 8.49
CA THR B 1189 -43.39 -32.30 7.23
C THR B 1189 -42.30 -31.81 6.30
N ASN B 1190 -42.01 -30.51 6.30
CA ASN B 1190 -40.97 -29.92 5.46
C ASN B 1190 -39.72 -29.76 6.32
N ILE B 1191 -38.96 -30.84 6.45
CA ILE B 1191 -37.73 -30.83 7.22
C ILE B 1191 -36.69 -31.60 6.41
N TYR B 1192 -35.48 -31.08 6.32
CA TYR B 1192 -34.48 -31.75 5.50
C TYR B 1192 -33.24 -32.01 6.35
N GLN B 1193 -32.51 -33.08 6.02
CA GLN B 1193 -31.22 -33.35 6.64
C GLN B 1193 -30.07 -32.94 5.72
N LEU B 1194 -28.97 -32.52 6.34
CA LEU B 1194 -27.79 -32.10 5.60
C LEU B 1194 -26.55 -32.71 6.24
N HIS B 1195 -25.64 -33.21 5.41
CA HIS B 1195 -24.32 -33.63 5.86
C HIS B 1195 -23.37 -32.45 5.70
N ILE B 1196 -22.87 -31.94 6.82
CA ILE B 1196 -21.97 -30.78 6.81
C ILE B 1196 -20.87 -31.05 7.82
N PRO B 1197 -19.75 -30.36 7.68
CA PRO B 1197 -18.70 -30.47 8.70
C PRO B 1197 -19.25 -30.09 10.06
N TYR B 1198 -18.84 -30.83 11.09
CA TYR B 1198 -19.22 -30.47 12.44
C TYR B 1198 -18.73 -29.08 12.79
N ALA B 1199 -17.56 -28.67 12.26
CA ALA B 1199 -17.11 -27.31 12.50
C ALA B 1199 -18.03 -26.29 11.84
N ALA B 1200 -18.69 -26.67 10.73
CA ALA B 1200 -19.64 -25.76 10.10
C ALA B 1200 -20.91 -25.63 10.93
N LYS B 1201 -21.39 -26.75 11.49
CA LYS B 1201 -22.52 -26.69 12.40
C LYS B 1201 -22.20 -25.84 13.62
N LEU B 1202 -21.00 -26.00 14.17
CA LEU B 1202 -20.61 -25.20 15.32
C LEU B 1202 -20.51 -23.72 14.95
N LEU B 1203 -20.02 -23.42 13.74
CA LEU B 1203 -19.95 -22.04 13.28
C LEU B 1203 -21.33 -21.44 13.17
N PHE B 1204 -22.28 -22.18 12.59
CA PHE B 1204 -23.64 -21.67 12.48
C PHE B 1204 -24.27 -21.47 13.86
N GLN B 1205 -23.97 -22.36 14.81
CA GLN B 1205 -24.51 -22.18 16.15
C GLN B 1205 -23.92 -20.97 16.85
N GLU B 1206 -22.63 -20.70 16.66
CA GLU B 1206 -22.06 -19.48 17.22
C GLU B 1206 -22.64 -18.23 16.57
N LEU B 1207 -22.86 -18.28 15.25
CA LEU B 1207 -23.50 -17.15 14.59
C LEU B 1207 -24.90 -16.91 15.14
N MET B 1208 -25.67 -17.98 15.33
CA MET B 1208 -26.97 -17.86 15.98
C MET B 1208 -26.82 -17.30 17.39
N ALA B 1209 -25.73 -17.64 18.08
CA ALA B 1209 -25.50 -17.09 19.41
C ALA B 1209 -25.23 -15.60 19.36
N MET B 1210 -24.70 -15.09 18.25
CA MET B 1210 -24.58 -13.64 18.07
C MET B 1210 -25.72 -13.06 17.26
N ASN B 1211 -26.92 -13.64 17.35
CA ASN B 1211 -28.16 -13.13 16.76
C ASN B 1211 -28.14 -13.12 15.24
N ILE B 1212 -27.05 -13.55 14.60
CA ILE B 1212 -27.02 -13.66 13.14
C ILE B 1212 -27.71 -14.95 12.76
N ALA B 1213 -28.64 -14.86 11.80
CA ALA B 1213 -29.32 -16.06 11.34
C ALA B 1213 -28.73 -16.50 10.02
N PRO B 1214 -27.96 -17.58 9.98
CA PRO B 1214 -27.61 -18.18 8.69
C PRO B 1214 -28.67 -19.19 8.30
N ARG B 1215 -29.26 -19.01 7.14
CA ARG B 1215 -30.37 -19.85 6.69
C ARG B 1215 -29.90 -20.69 5.50
N LEU B 1216 -29.86 -22.00 5.70
CA LEU B 1216 -29.36 -22.93 4.71
C LEU B 1216 -30.55 -23.41 3.89
N TYR B 1217 -30.59 -23.03 2.62
CA TYR B 1217 -31.68 -23.39 1.73
C TYR B 1217 -31.19 -24.35 0.67
N THR B 1218 -31.99 -25.38 0.41
CA THR B 1218 -31.62 -26.47 -0.48
C THR B 1218 -32.14 -26.29 -1.90
N GLU B 1219 -32.71 -25.12 -2.21
CA GLU B 1219 -33.20 -24.86 -3.55
C GLU B 1219 -33.12 -23.36 -3.82
N ARG B 1220 -32.81 -23.01 -5.08
CA ARG B 1220 -32.66 -21.62 -5.46
C ARG B 1220 -34.02 -21.04 -5.84
N SER B 1221 -34.21 -19.76 -5.50
CA SER B 1221 -35.38 -18.99 -5.89
C SER B 1221 -35.06 -17.87 -6.87
N GLY B 1222 -34.10 -17.01 -6.52
CA GLY B 1222 -33.74 -15.90 -7.37
C GLY B 1222 -32.78 -14.92 -6.70
N GLU C 4 45.54 -76.21 -11.63
CA GLU C 4 45.98 -74.95 -12.23
C GLU C 4 46.07 -73.82 -11.18
N PRO C 5 45.07 -73.68 -10.29
CA PRO C 5 45.23 -72.76 -9.17
C PRO C 5 46.45 -73.09 -8.34
N LYS C 6 47.10 -72.05 -7.80
CA LYS C 6 48.33 -72.22 -7.04
C LYS C 6 48.30 -71.31 -5.83
N VAL C 7 48.93 -71.76 -4.75
CA VAL C 7 49.07 -71.00 -3.52
C VAL C 7 50.54 -70.90 -3.17
N ASN C 8 50.97 -69.70 -2.75
CA ASN C 8 52.34 -69.46 -2.30
C ASN C 8 52.24 -68.68 -0.99
N ILE C 9 52.40 -69.38 0.12
CA ILE C 9 52.36 -68.74 1.43
C ILE C 9 53.63 -67.94 1.65
N ILE C 10 53.48 -66.69 2.08
CA ILE C 10 54.62 -65.81 2.31
C ILE C 10 54.93 -65.66 3.79
N ASN C 11 53.90 -65.64 4.64
CA ASN C 11 54.06 -65.58 6.08
C ASN C 11 52.94 -66.39 6.69
N ALA C 12 53.24 -67.14 7.75
CA ALA C 12 52.26 -68.05 8.31
C ALA C 12 52.49 -68.18 9.82
N GLN C 13 51.67 -67.51 10.60
CA GLN C 13 51.62 -67.76 12.04
C GLN C 13 50.17 -68.08 12.41
N ASP C 14 49.94 -68.27 13.71
CA ASP C 14 48.65 -68.77 14.16
C ASP C 14 47.53 -67.77 13.86
N ASP C 15 47.77 -66.48 14.13
CA ASP C 15 46.70 -65.51 13.98
C ASP C 15 46.55 -65.04 12.54
N GLU C 16 47.64 -64.85 11.80
CA GLU C 16 47.54 -64.35 10.44
C GLU C 16 48.33 -65.25 9.49
N VAL C 17 47.87 -65.31 8.26
CA VAL C 17 48.59 -65.93 7.16
C VAL C 17 48.62 -64.96 5.99
N GLU C 18 49.79 -64.74 5.42
CA GLU C 18 49.95 -63.89 4.24
C GLU C 18 50.33 -64.80 3.09
N LEU C 19 49.52 -64.79 2.03
CA LEU C 19 49.69 -65.74 0.94
C LEU C 19 49.42 -65.06 -0.39
N MET C 20 50.07 -65.55 -1.43
CA MET C 20 49.80 -65.12 -2.80
C MET C 20 48.99 -66.19 -3.51
N LEU C 21 47.88 -65.78 -4.12
CA LEU C 21 47.00 -66.67 -4.84
C LEU C 21 47.18 -66.39 -6.32
N SER C 22 47.24 -67.44 -7.13
CA SER C 22 47.56 -67.26 -8.54
C SER C 22 46.80 -68.25 -9.40
N ASP C 23 46.71 -67.92 -10.69
CA ASP C 23 46.00 -68.74 -11.67
C ASP C 23 44.56 -69.00 -11.29
N VAL C 24 43.92 -68.02 -10.65
CA VAL C 24 42.50 -68.07 -10.36
C VAL C 24 41.86 -66.78 -10.83
N ASN C 25 40.56 -66.85 -11.12
CA ASN C 25 39.83 -65.67 -11.53
C ASN C 25 39.68 -64.72 -10.34
N LEU C 26 39.52 -63.43 -10.65
CA LEU C 26 39.33 -62.45 -9.59
C LEU C 26 38.05 -62.69 -8.83
N SER C 27 37.00 -63.20 -9.49
CA SER C 27 35.76 -63.51 -8.79
C SER C 27 35.99 -64.57 -7.73
N LEU C 28 36.80 -65.58 -8.05
CA LEU C 28 37.10 -66.61 -7.05
C LEU C 28 37.81 -66.03 -5.84
N ALA C 29 38.83 -65.20 -6.06
CA ALA C 29 39.57 -64.64 -4.94
C ALA C 29 38.69 -63.73 -4.09
N ASN C 30 37.84 -62.94 -4.74
CA ASN C 30 36.97 -62.05 -4.00
C ASN C 30 35.87 -62.81 -3.27
N SER C 31 35.37 -63.89 -3.87
CA SER C 31 34.41 -64.74 -3.19
C SER C 31 35.03 -65.38 -1.97
N LEU C 32 36.30 -65.78 -2.06
CA LEU C 32 36.98 -66.33 -0.89
C LEU C 32 37.14 -65.28 0.21
N ARG C 33 37.55 -64.06 -0.16
CA ARG C 33 37.64 -62.98 0.82
C ARG C 33 36.30 -62.73 1.50
N ARG C 34 35.23 -62.65 0.72
CA ARG C 34 33.91 -62.40 1.28
C ARG C 34 33.45 -63.53 2.18
N THR C 35 33.70 -64.78 1.76
CA THR C 35 33.29 -65.92 2.57
C THR C 35 34.01 -65.93 3.90
N MET C 36 35.33 -65.73 3.88
CA MET C 36 36.05 -65.68 5.15
C MET C 36 35.60 -64.52 6.03
N LEU C 37 35.18 -63.40 5.43
CA LEU C 37 34.71 -62.31 6.28
C LEU C 37 33.31 -62.55 6.85
N ALA C 38 32.45 -63.27 6.14
CA ALA C 38 31.04 -63.17 6.50
C ALA C 38 30.34 -64.50 6.79
N GLU C 39 30.81 -65.61 6.26
CA GLU C 39 30.03 -66.84 6.28
C GLU C 39 30.73 -68.03 6.91
N VAL C 40 31.84 -67.82 7.62
CA VAL C 40 32.53 -68.90 8.32
C VAL C 40 31.97 -68.97 9.74
N PRO C 41 31.34 -70.07 10.13
CA PRO C 41 30.72 -70.14 11.45
C PRO C 41 31.74 -70.10 12.58
N THR C 42 31.34 -69.46 13.68
CA THR C 42 32.12 -69.43 14.92
C THR C 42 31.16 -69.64 16.08
N LEU C 43 31.68 -69.45 17.29
CA LEU C 43 30.89 -69.51 18.51
C LEU C 43 30.99 -68.18 19.24
N ALA C 44 29.84 -67.64 19.66
CA ALA C 44 29.81 -66.41 20.43
C ALA C 44 28.59 -66.42 21.33
N ILE C 45 28.70 -65.71 22.44
CA ILE C 45 27.63 -65.64 23.43
C ILE C 45 26.43 -64.94 22.81
N ASP C 46 25.31 -65.65 22.71
CA ASP C 46 24.10 -65.13 22.10
C ASP C 46 22.96 -64.95 23.08
N LEU C 47 23.14 -65.32 24.35
CA LEU C 47 22.09 -65.16 25.34
C LEU C 47 22.74 -64.97 26.70
N VAL C 48 22.36 -63.89 27.39
CA VAL C 48 22.94 -63.53 28.68
C VAL C 48 21.85 -63.52 29.73
N GLU C 49 22.16 -64.06 30.92
CA GLU C 49 21.21 -64.09 32.02
C GLU C 49 21.82 -63.44 33.24
N ILE C 50 21.25 -62.32 33.66
CA ILE C 50 21.75 -61.53 34.78
C ILE C 50 21.08 -61.99 36.07
N LYS C 51 21.88 -62.36 37.05
CA LYS C 51 21.33 -62.69 38.37
C LYS C 51 21.41 -61.49 39.31
N MET C 52 22.61 -60.96 39.52
CA MET C 52 22.80 -59.75 40.30
C MET C 52 23.88 -58.93 39.63
N ASN C 53 23.52 -57.74 39.17
CA ASN C 53 24.45 -56.80 38.54
C ASN C 53 24.28 -55.46 39.23
N THR C 54 25.14 -55.19 40.21
CA THR C 54 25.16 -53.91 40.92
C THR C 54 26.34 -53.06 40.51
N SER C 55 26.98 -53.36 39.39
CA SER C 55 28.05 -52.53 38.88
C SER C 55 27.49 -51.25 38.25
N VAL C 56 28.38 -50.28 38.03
CA VAL C 56 27.97 -49.03 37.40
C VAL C 56 27.54 -49.22 35.95
N LEU C 57 28.03 -50.25 35.27
CA LEU C 57 27.66 -50.46 33.87
C LEU C 57 26.26 -51.04 33.76
N ALA C 58 25.61 -50.75 32.64
CA ALA C 58 24.25 -51.21 32.43
C ALA C 58 24.23 -52.65 31.94
N ASP C 59 23.05 -53.25 32.04
CA ASP C 59 22.89 -54.67 31.75
C ASP C 59 23.12 -54.97 30.26
N GLU C 60 22.59 -54.15 29.37
CA GLU C 60 22.76 -54.43 27.95
C GLU C 60 24.12 -54.00 27.45
N PHE C 61 24.76 -53.04 28.12
CA PHE C 61 26.16 -52.74 27.88
C PHE C 61 27.04 -53.96 28.11
N ILE C 62 26.88 -54.58 29.29
CA ILE C 62 27.64 -55.79 29.62
C ILE C 62 27.27 -56.93 28.69
N SER C 63 26.00 -57.03 28.32
CA SER C 63 25.60 -58.10 27.41
C SER C 63 26.24 -57.96 26.04
N HIS C 64 26.28 -56.75 25.52
CA HIS C 64 26.96 -56.49 24.25
C HIS C 64 28.43 -56.84 24.34
N ARG C 65 29.10 -56.42 25.41
CA ARG C 65 30.52 -56.74 25.56
C ARG C 65 30.75 -58.25 25.65
N LEU C 66 29.92 -58.96 26.41
CA LEU C 66 30.08 -60.41 26.51
C LEU C 66 29.84 -61.10 25.18
N GLY C 67 28.85 -60.64 24.43
CA GLY C 67 28.64 -61.19 23.09
C GLY C 67 29.81 -60.94 22.16
N LEU C 68 30.57 -59.88 22.39
CA LEU C 68 31.70 -59.58 21.53
C LEU C 68 33.00 -60.28 21.94
N ILE C 69 32.94 -61.25 22.85
CA ILE C 69 34.15 -61.93 23.34
C ILE C 69 34.44 -63.12 22.44
N PRO C 70 35.64 -63.20 21.85
CA PRO C 70 36.00 -64.39 21.05
C PRO C 70 36.14 -65.63 21.91
N LEU C 71 35.61 -66.75 21.41
CA LEU C 71 35.67 -68.03 22.08
C LEU C 71 36.31 -69.05 21.15
N VAL C 72 36.98 -70.05 21.73
CA VAL C 72 37.60 -71.08 20.93
C VAL C 72 36.53 -71.85 20.16
N SER C 73 36.70 -71.92 18.83
CA SER C 73 35.68 -72.48 17.95
C SER C 73 36.24 -73.57 17.04
N GLU C 74 37.32 -74.23 17.46
CA GLU C 74 37.95 -75.22 16.60
C GLU C 74 36.98 -76.32 16.17
N ASP C 75 36.16 -76.81 17.10
CA ASP C 75 35.27 -77.93 16.86
C ASP C 75 33.85 -77.50 16.55
N VAL C 76 33.61 -76.20 16.35
CA VAL C 76 32.26 -75.69 16.14
C VAL C 76 31.58 -76.30 14.92
N GLU C 77 32.34 -76.86 13.97
CA GLU C 77 31.72 -77.43 12.78
C GLU C 77 31.02 -78.75 13.05
N GLU C 78 31.41 -79.48 14.08
CA GLU C 78 30.68 -80.69 14.49
C GLU C 78 29.47 -80.39 15.36
N MET C 79 29.04 -79.13 15.39
CA MET C 79 27.95 -78.72 16.27
C MET C 79 26.76 -78.30 15.42
N LYS C 80 25.59 -78.21 16.05
CA LYS C 80 24.35 -77.91 15.35
C LYS C 80 23.82 -76.53 15.69
N TYR C 81 23.19 -75.92 14.69
CA TYR C 81 22.51 -74.64 14.89
C TYR C 81 21.29 -74.83 15.78
N SER C 82 21.14 -73.91 16.74
CA SER C 82 20.10 -73.99 17.76
C SER C 82 18.69 -73.89 17.19
N ARG C 83 18.54 -73.60 15.90
CA ARG C 83 17.25 -73.61 15.24
C ARG C 83 16.91 -74.93 14.55
N ASP C 84 17.82 -75.90 14.57
CA ASP C 84 17.57 -77.19 13.95
C ASP C 84 17.57 -78.34 14.96
N CYS C 85 17.58 -78.02 16.25
CA CYS C 85 17.55 -79.01 17.30
C CYS C 85 16.14 -79.15 17.86
N THR C 86 15.74 -80.40 18.13
CA THR C 86 14.41 -80.68 18.66
C THR C 86 14.24 -80.12 20.07
N CYS C 87 15.34 -79.81 20.75
CA CYS C 87 15.31 -79.47 22.16
C CYS C 87 14.60 -78.14 22.40
N GLU C 88 14.00 -78.04 23.59
CA GLU C 88 13.52 -76.78 24.15
C GLU C 88 14.70 -76.02 24.74
N ASP C 89 14.43 -75.08 25.65
CA ASP C 89 15.43 -74.22 26.29
C ASP C 89 16.76 -74.95 26.48
N TYR C 90 17.85 -74.27 26.13
CA TYR C 90 19.08 -74.87 25.58
C TYR C 90 19.41 -76.22 26.19
N CYS C 91 19.78 -77.16 25.32
CA CYS C 91 20.26 -78.47 25.73
C CYS C 91 21.80 -78.44 25.77
N ASP C 92 22.43 -79.61 25.82
CA ASP C 92 23.88 -79.69 25.92
C ASP C 92 24.58 -79.80 24.57
N GLU C 93 23.85 -80.06 23.48
CA GLU C 93 24.51 -80.37 22.22
C GLU C 93 24.49 -79.23 21.21
N CYS C 94 23.60 -78.24 21.37
CA CYS C 94 23.55 -77.11 20.45
C CYS C 94 23.84 -75.78 21.16
N SER C 95 24.47 -75.82 22.33
CA SER C 95 24.78 -74.59 23.05
C SER C 95 25.89 -74.87 24.06
N VAL C 96 26.59 -73.80 24.43
CA VAL C 96 27.62 -73.85 25.47
C VAL C 96 27.26 -72.83 26.55
N VAL C 97 27.20 -73.29 27.79
CA VAL C 97 26.77 -72.47 28.91
C VAL C 97 27.99 -72.00 29.68
N LEU C 98 28.10 -70.69 29.89
CA LEU C 98 29.21 -70.15 30.67
C LEU C 98 28.68 -69.46 31.91
N GLU C 99 29.53 -69.40 32.93
CA GLU C 99 29.25 -68.71 34.18
C GLU C 99 30.31 -67.66 34.43
N LEU C 100 29.88 -66.51 34.95
CA LEU C 100 30.81 -65.50 35.44
C LEU C 100 30.35 -65.06 36.82
N SER C 101 31.24 -65.18 37.81
CA SER C 101 30.96 -64.69 39.15
C SER C 101 32.13 -63.80 39.56
N ALA C 102 31.82 -62.57 39.94
CA ALA C 102 32.83 -61.61 40.35
C ALA C 102 32.28 -60.76 41.48
N ARG C 103 33.18 -60.28 42.33
CA ARG C 103 32.79 -59.60 43.56
C ARG C 103 34.01 -58.90 44.13
N HIS C 104 33.82 -57.67 44.59
CA HIS C 104 34.86 -56.88 45.22
C HIS C 104 34.57 -56.78 46.71
N GLU C 105 35.50 -57.26 47.52
CA GLU C 105 35.42 -57.15 48.97
C GLU C 105 36.52 -56.24 49.48
N GLY C 106 36.18 -55.37 50.43
CA GLY C 106 37.06 -54.32 50.87
C GLY C 106 36.52 -52.95 50.46
N GLU C 107 37.16 -51.92 51.01
CA GLU C 107 36.70 -50.56 50.78
C GLU C 107 37.76 -49.69 50.09
N GLU C 108 38.80 -50.32 49.53
CA GLU C 108 39.76 -49.62 48.70
C GLU C 108 40.08 -50.49 47.49
N GLY C 109 40.53 -49.85 46.42
CA GLY C 109 40.91 -50.55 45.21
C GLY C 109 39.71 -50.89 44.34
N THR C 110 40.01 -51.26 43.10
CA THR C 110 39.02 -51.64 42.12
C THR C 110 39.34 -53.03 41.60
N THR C 111 38.33 -53.89 41.53
CA THR C 111 38.51 -55.24 41.03
C THR C 111 38.07 -55.28 39.57
N ASP C 112 38.98 -55.65 38.68
CA ASP C 112 38.68 -55.74 37.26
C ASP C 112 38.14 -57.12 36.94
N VAL C 113 37.09 -57.16 36.13
CA VAL C 113 36.47 -58.41 35.70
C VAL C 113 36.90 -58.66 34.27
N TYR C 114 37.63 -59.74 34.05
CA TYR C 114 38.22 -60.04 32.75
C TYR C 114 37.52 -61.24 32.12
N SER C 115 37.74 -61.39 30.81
CA SER C 115 37.11 -62.48 30.09
C SER C 115 37.67 -63.83 30.51
N SER C 116 38.88 -63.87 31.07
CA SER C 116 39.42 -65.13 31.58
C SER C 116 38.60 -65.65 32.75
N SER C 117 37.84 -64.78 33.41
CA SER C 117 37.01 -65.21 34.53
C SER C 117 35.78 -65.98 34.08
N LEU C 118 35.46 -65.99 32.79
CA LEU C 118 34.38 -66.81 32.29
C LEU C 118 34.75 -68.28 32.44
N ILE C 119 33.79 -69.08 32.90
CA ILE C 119 34.03 -70.49 33.21
C ILE C 119 33.05 -71.33 32.41
N LYS C 120 33.58 -72.28 31.65
CA LYS C 120 32.76 -73.20 30.89
C LYS C 120 32.20 -74.26 31.82
N VAL C 121 30.88 -74.40 31.85
CA VAL C 121 30.21 -75.35 32.73
C VAL C 121 29.70 -76.56 31.96
N SER C 122 28.94 -76.34 30.89
CA SER C 122 28.45 -77.43 30.06
C SER C 122 28.80 -77.15 28.60
N GLY C 123 28.45 -78.10 27.74
CA GLY C 123 28.85 -78.05 26.35
C GLY C 123 29.04 -79.44 25.79
N PRO C 124 28.89 -79.59 24.48
CA PRO C 124 28.90 -80.93 23.89
C PRO C 124 30.28 -81.56 23.90
N GLY C 125 30.69 -82.05 25.08
CA GLY C 125 31.98 -82.70 25.18
C GLY C 125 32.05 -83.96 24.34
N ASN C 126 33.28 -84.33 23.98
CA ASN C 126 34.48 -83.66 24.42
C ASN C 126 34.98 -82.65 23.40
N LEU C 127 34.06 -81.99 22.71
CA LEU C 127 34.42 -81.02 21.69
C LEU C 127 35.16 -79.85 22.33
N ASN C 128 36.20 -79.38 21.62
CA ASN C 128 37.07 -78.33 22.13
C ASN C 128 36.54 -76.95 21.72
N VAL C 129 35.33 -76.65 22.18
CA VAL C 129 34.67 -75.39 21.91
C VAL C 129 34.39 -74.69 23.23
N GLY C 130 34.09 -73.40 23.14
CA GLY C 130 33.49 -72.71 24.26
C GLY C 130 34.41 -71.80 25.05
N GLU C 131 35.63 -72.23 25.31
CA GLU C 131 36.53 -71.44 26.14
C GLU C 131 36.80 -70.08 25.50
N PRO C 132 36.79 -69.00 26.28
CA PRO C 132 37.27 -67.72 25.75
C PRO C 132 38.74 -67.82 25.39
N VAL C 133 39.11 -67.16 24.29
CA VAL C 133 40.44 -67.29 23.73
C VAL C 133 41.42 -66.47 24.57
N ARG C 134 42.51 -67.11 24.97
CA ARG C 134 43.63 -66.44 25.62
C ARG C 134 44.81 -66.41 24.67
N ARG C 135 45.50 -65.27 24.62
CA ARG C 135 46.69 -65.16 23.78
C ARG C 135 47.83 -66.05 24.28
N ASP C 136 48.06 -66.12 25.58
CA ASP C 136 49.20 -66.87 26.11
C ASP C 136 48.74 -67.68 27.31
N ASP C 137 49.69 -68.26 28.04
CA ASP C 137 49.36 -68.87 29.32
C ASP C 137 49.12 -67.83 30.39
N TYR C 138 49.74 -66.65 30.27
CA TYR C 138 49.67 -65.61 31.28
C TYR C 138 48.72 -64.48 30.89
N ASP C 139 47.95 -64.67 29.83
CA ASP C 139 47.03 -63.64 29.35
C ASP C 139 45.94 -63.40 30.39
N GLN C 140 45.54 -62.14 30.54
CA GLN C 140 44.42 -61.80 31.40
C GLN C 140 43.11 -61.67 30.65
N GLY C 141 43.13 -61.71 29.31
CA GLY C 141 41.92 -61.65 28.53
C GLY C 141 41.40 -60.24 28.31
N ILE C 142 40.09 -60.16 28.05
CA ILE C 142 39.42 -58.91 27.71
C ILE C 142 38.87 -58.28 28.97
N LEU C 143 38.92 -56.96 29.05
CA LEU C 143 38.28 -56.23 30.14
C LEU C 143 36.77 -56.23 29.95
N LEU C 144 36.04 -56.64 31.00
CA LEU C 144 34.59 -56.75 30.94
C LEU C 144 33.89 -55.71 31.80
N CYS C 145 34.33 -55.54 33.05
CA CYS C 145 33.73 -54.55 33.93
C CYS C 145 34.75 -54.22 35.02
N LYS C 146 34.37 -53.30 35.90
CA LYS C 146 35.15 -52.95 37.06
C LYS C 146 34.21 -52.89 38.26
N LEU C 147 34.71 -53.28 39.42
CA LEU C 147 33.87 -53.42 40.59
C LEU C 147 34.47 -52.70 41.80
N ARG C 148 33.62 -52.03 42.56
CA ARG C 148 34.01 -51.43 43.83
C ARG C 148 33.38 -52.21 44.98
N ASN C 149 33.53 -51.68 46.20
CA ASN C 149 33.00 -52.26 47.42
C ASN C 149 31.58 -52.78 47.27
N HIS C 150 31.40 -54.06 47.61
CA HIS C 150 30.11 -54.75 47.66
C HIS C 150 29.37 -54.83 46.33
N GLN C 151 29.98 -54.37 45.25
CA GLN C 151 29.36 -54.51 43.94
C GLN C 151 29.63 -55.90 43.39
N GLU C 152 28.62 -56.49 42.75
CA GLU C 152 28.70 -57.90 42.38
C GLU C 152 28.14 -58.07 40.98
N LEU C 153 28.62 -59.12 40.30
CA LEU C 153 28.19 -59.46 38.96
C LEU C 153 28.03 -60.97 38.91
N ASN C 154 26.83 -61.42 38.55
CA ASN C 154 26.49 -62.85 38.50
C ASN C 154 25.72 -63.09 37.21
N ILE C 155 26.36 -63.77 36.26
CA ILE C 155 25.89 -63.86 34.89
C ILE C 155 25.99 -65.30 34.40
N ARG C 156 24.96 -65.74 33.68
CA ARG C 156 24.95 -67.04 33.02
C ARG C 156 24.82 -66.82 31.53
N CYS C 157 25.92 -67.01 30.80
CA CYS C 157 25.93 -66.77 29.36
C CYS C 157 25.72 -68.07 28.62
N ILE C 158 25.02 -67.99 27.49
CA ILE C 158 24.87 -69.10 26.57
C ILE C 158 25.62 -68.75 25.30
N ALA C 159 26.37 -69.71 24.76
CA ALA C 159 27.09 -69.50 23.52
C ALA C 159 26.49 -70.39 22.44
N LYS C 160 26.38 -69.85 21.23
CA LYS C 160 25.76 -70.58 20.13
C LYS C 160 26.55 -70.37 18.85
N LYS C 161 26.21 -71.16 17.85
CA LYS C 161 26.89 -71.16 16.56
C LYS C 161 26.18 -70.19 15.61
N GLY C 162 26.95 -69.34 14.95
CA GLY C 162 26.38 -68.38 14.03
C GLY C 162 27.44 -67.87 13.08
N ILE C 163 27.01 -67.08 12.11
CA ILE C 163 27.88 -66.52 11.10
C ILE C 163 27.82 -65.00 11.16
N ALA C 164 28.75 -64.36 10.46
CA ALA C 164 28.89 -62.92 10.54
C ALA C 164 27.82 -62.16 9.78
N LYS C 165 27.06 -62.82 8.90
CA LYS C 165 25.92 -62.15 8.27
C LYS C 165 24.91 -61.68 9.31
N GLU C 166 24.55 -62.56 10.25
CA GLU C 166 23.58 -62.18 11.28
C GLU C 166 24.13 -61.10 12.21
N HIS C 167 25.40 -61.19 12.62
CA HIS C 167 25.95 -60.22 13.54
C HIS C 167 27.46 -60.34 13.56
N ALA C 168 28.13 -59.18 13.65
CA ALA C 168 29.59 -59.12 13.55
C ALA C 168 30.31 -59.92 14.62
N LYS C 169 29.66 -60.22 15.74
CA LYS C 169 30.35 -60.95 16.80
C LYS C 169 30.71 -62.38 16.39
N TRP C 170 30.15 -62.88 15.30
CA TRP C 170 30.47 -64.20 14.79
C TRP C 170 31.53 -64.17 13.70
N SER C 171 32.17 -63.03 13.46
CA SER C 171 33.17 -62.94 12.42
C SER C 171 34.50 -63.51 12.91
N PRO C 172 35.05 -64.53 12.24
CA PRO C 172 36.37 -65.03 12.64
C PRO C 172 37.53 -64.14 12.23
N CYS C 173 37.30 -63.15 11.37
CA CYS C 173 38.36 -62.34 10.78
C CYS C 173 38.23 -60.89 11.18
N SER C 174 39.36 -60.20 11.27
CA SER C 174 39.36 -58.76 11.46
C SER C 174 39.49 -58.03 10.13
N ALA C 175 40.60 -58.19 9.43
CA ALA C 175 40.81 -57.47 8.19
C ALA C 175 41.48 -58.40 7.20
N ILE C 176 40.89 -58.54 6.02
CA ILE C 176 41.48 -59.35 4.96
C ILE C 176 42.05 -58.37 3.95
N ALA C 177 43.33 -58.06 4.10
CA ALA C 177 44.04 -57.31 3.09
C ALA C 177 44.02 -58.07 1.77
N PHE C 178 43.90 -57.33 0.66
CA PHE C 178 43.64 -57.94 -0.63
C PHE C 178 44.01 -56.94 -1.71
N GLU C 179 44.86 -57.36 -2.64
CA GLU C 179 45.25 -56.52 -3.76
C GLU C 179 45.78 -57.41 -4.87
N TYR C 180 45.93 -56.81 -6.05
CA TYR C 180 46.49 -57.49 -7.20
C TYR C 180 47.02 -56.45 -8.16
N ASP C 181 47.91 -56.90 -9.05
CA ASP C 181 48.48 -56.06 -10.11
C ASP C 181 49.10 -54.80 -9.52
N PRO C 182 50.20 -54.92 -8.78
CA PRO C 182 50.78 -53.73 -8.13
C PRO C 182 51.21 -52.66 -9.11
N HIS C 183 51.56 -52.99 -10.34
CA HIS C 183 52.09 -52.03 -11.31
C HIS C 183 51.05 -51.49 -12.28
N ASN C 184 49.78 -51.84 -12.12
CA ASN C 184 48.71 -51.30 -12.97
C ASN C 184 48.96 -51.60 -14.44
N LYS C 185 49.48 -52.80 -14.72
CA LYS C 185 49.69 -53.23 -16.09
C LYS C 185 48.36 -53.37 -16.85
N LEU C 186 47.33 -53.83 -16.15
CA LEU C 186 46.01 -54.01 -16.74
C LEU C 186 45.25 -52.70 -16.92
N LYS C 187 45.74 -51.60 -16.35
CA LYS C 187 45.10 -50.30 -16.44
C LYS C 187 43.68 -50.35 -15.86
N HIS C 188 43.49 -51.12 -14.79
CA HIS C 188 42.20 -51.19 -14.12
C HIS C 188 41.92 -49.97 -13.27
N THR C 189 42.94 -49.22 -12.90
CA THR C 189 42.78 -47.94 -12.24
C THR C 189 43.35 -46.86 -13.14
N ASP C 190 43.05 -45.60 -12.81
CA ASP C 190 43.43 -44.46 -13.63
C ASP C 190 43.83 -43.37 -12.64
N PHE C 191 45.13 -43.15 -12.49
CA PHE C 191 45.64 -42.47 -11.31
C PHE C 191 45.39 -40.98 -11.39
N TRP C 192 44.74 -40.44 -10.36
CA TRP C 192 44.70 -39.01 -10.17
C TRP C 192 46.10 -38.48 -9.91
N PHE C 193 46.41 -37.32 -10.48
CA PHE C 193 47.72 -36.73 -10.28
C PHE C 193 47.65 -35.22 -10.47
N GLU C 194 48.70 -34.55 -10.03
CA GLU C 194 48.89 -33.13 -10.24
C GLU C 194 49.92 -32.84 -11.32
N VAL C 195 51.07 -33.52 -11.26
CA VAL C 195 52.15 -33.33 -12.22
C VAL C 195 52.50 -34.64 -12.93
N ASP C 196 52.74 -35.70 -12.17
CA ASP C 196 53.10 -37.00 -12.73
C ASP C 196 52.58 -38.09 -11.81
N ALA C 197 51.86 -39.06 -12.39
CA ALA C 197 51.20 -40.10 -11.61
C ALA C 197 52.17 -41.13 -11.06
N LYS C 198 53.40 -41.20 -11.60
CA LYS C 198 54.36 -42.18 -11.12
C LYS C 198 55.07 -41.69 -9.87
N LYS C 199 55.34 -40.39 -9.77
CA LYS C 199 56.02 -39.88 -8.58
C LYS C 199 55.08 -39.76 -7.39
N GLU C 200 53.82 -39.42 -7.63
CA GLU C 200 52.91 -39.05 -6.56
C GLU C 200 52.23 -40.24 -5.89
N TRP C 201 52.42 -41.46 -6.37
CA TRP C 201 51.70 -42.58 -5.80
C TRP C 201 52.66 -43.58 -5.18
N PRO C 202 52.46 -43.96 -3.92
CA PRO C 202 53.38 -44.91 -3.29
C PRO C 202 53.30 -46.27 -3.93
N ASP C 203 54.40 -47.00 -3.86
CA ASP C 203 54.45 -48.34 -4.40
C ASP C 203 53.68 -49.31 -3.50
N SER C 204 53.08 -50.32 -4.12
CA SER C 204 52.47 -51.40 -3.38
C SER C 204 53.54 -52.21 -2.65
N LYS C 205 53.15 -52.84 -1.54
CA LYS C 205 54.11 -53.63 -0.79
C LYS C 205 54.51 -54.91 -1.53
N TYR C 206 53.82 -55.23 -2.62
CA TYR C 206 54.20 -56.34 -3.49
C TYR C 206 54.67 -55.83 -4.85
N ALA C 207 55.17 -54.60 -4.90
CA ALA C 207 55.68 -54.06 -6.15
C ALA C 207 56.91 -54.85 -6.62
N THR C 208 57.80 -55.17 -5.69
CA THR C 208 59.01 -55.93 -6.01
C THR C 208 58.74 -57.39 -6.34
N TRP C 209 57.50 -57.84 -6.24
CA TRP C 209 57.12 -59.19 -6.64
C TRP C 209 56.77 -59.31 -8.11
N GLU C 210 56.74 -58.21 -8.86
CA GLU C 210 56.38 -58.24 -10.26
C GLU C 210 57.23 -57.25 -11.03
N GLU C 211 57.52 -57.58 -12.29
CA GLU C 211 58.39 -56.74 -13.10
C GLU C 211 57.67 -55.46 -13.51
N PRO C 212 58.27 -54.29 -13.30
CA PRO C 212 57.63 -53.06 -13.75
C PRO C 212 57.57 -53.01 -15.26
N PRO C 213 56.58 -52.32 -15.83
CA PRO C 213 56.46 -52.27 -17.30
C PRO C 213 57.64 -51.53 -17.93
N LYS C 214 58.11 -52.04 -19.05
CA LYS C 214 59.20 -51.39 -19.75
C LYS C 214 58.70 -50.15 -20.48
N PRO C 215 59.54 -49.12 -20.62
CA PRO C 215 59.11 -47.93 -21.35
C PRO C 215 58.73 -48.21 -22.80
N GLY C 216 59.41 -49.15 -23.46
CA GLY C 216 59.07 -49.48 -24.83
C GLY C 216 57.80 -50.31 -24.97
N GLU C 217 57.30 -50.85 -23.87
CA GLU C 217 56.16 -51.76 -23.90
C GLU C 217 54.91 -51.04 -24.38
N VAL C 218 54.05 -51.78 -25.07
CA VAL C 218 52.74 -51.29 -25.48
C VAL C 218 51.70 -51.96 -24.59
N PHE C 219 50.49 -51.40 -24.58
CA PHE C 219 49.43 -51.94 -23.74
C PHE C 219 48.98 -53.30 -24.25
N ASP C 220 48.72 -54.20 -23.32
CA ASP C 220 48.26 -55.55 -23.63
C ASP C 220 46.77 -55.65 -23.33
N TYR C 221 45.99 -56.10 -24.30
CA TYR C 221 44.56 -56.23 -24.14
C TYR C 221 44.15 -57.68 -23.98
N LYS C 222 45.10 -58.59 -23.81
CA LYS C 222 44.82 -59.98 -23.51
C LYS C 222 45.01 -60.33 -22.05
N ALA C 223 45.76 -59.52 -21.31
CA ALA C 223 46.12 -59.85 -19.95
C ALA C 223 44.93 -59.63 -19.02
N LYS C 224 44.62 -60.64 -18.22
CA LYS C 224 43.68 -60.55 -17.12
C LYS C 224 44.42 -60.59 -15.80
N PRO C 225 43.77 -60.23 -14.70
CA PRO C 225 44.41 -60.39 -13.39
C PRO C 225 44.66 -61.87 -13.08
N ASN C 226 45.87 -62.16 -12.61
CA ASN C 226 46.24 -63.55 -12.39
C ASN C 226 46.94 -63.83 -11.07
N ARG C 227 47.42 -62.83 -10.34
CA ARG C 227 48.10 -63.05 -9.08
C ARG C 227 47.50 -62.13 -8.03
N PHE C 228 47.15 -62.68 -6.87
CA PHE C 228 46.41 -61.97 -5.85
C PHE C 228 47.13 -62.13 -4.53
N TYR C 229 47.45 -61.00 -3.89
CA TYR C 229 48.19 -61.00 -2.64
C TYR C 229 47.23 -60.61 -1.53
N MET C 230 46.98 -61.53 -0.60
CA MET C 230 46.01 -61.30 0.45
C MET C 230 46.55 -61.77 1.80
N THR C 231 46.20 -61.04 2.86
CA THR C 231 46.70 -61.29 4.21
C THR C 231 45.50 -61.44 5.15
N VAL C 232 45.19 -62.68 5.51
CA VAL C 232 44.09 -62.98 6.43
C VAL C 232 44.57 -62.81 7.86
N GLU C 233 43.79 -62.10 8.67
CA GLU C 233 44.02 -62.03 10.11
C GLU C 233 42.80 -62.55 10.86
N THR C 234 43.03 -63.13 12.03
CA THR C 234 41.98 -63.73 12.83
C THR C 234 41.93 -63.06 14.20
N THR C 235 40.89 -63.40 14.96
CA THR C 235 40.71 -62.90 16.32
C THR C 235 41.06 -63.95 17.37
N GLY C 236 41.68 -65.06 16.97
CA GLY C 236 42.01 -66.12 17.88
C GLY C 236 40.94 -67.17 18.05
N SER C 237 39.71 -66.87 17.65
CA SER C 237 38.64 -67.87 17.72
C SER C 237 38.95 -69.06 16.81
N LEU C 238 39.45 -68.77 15.62
CA LEU C 238 39.94 -69.78 14.70
C LEU C 238 41.37 -69.44 14.30
N LYS C 239 42.11 -70.44 13.88
CA LYS C 239 43.45 -70.20 13.37
C LYS C 239 43.39 -69.85 11.88
N ALA C 240 44.47 -69.21 11.41
CA ALA C 240 44.46 -68.65 10.07
C ALA C 240 44.27 -69.73 9.01
N ASN C 241 45.00 -70.85 9.14
CA ASN C 241 44.80 -71.94 8.21
C ASN C 241 43.40 -72.53 8.35
N GLN C 242 42.88 -72.57 9.56
CA GLN C 242 41.51 -73.02 9.76
C GLN C 242 40.50 -72.07 9.12
N VAL C 243 40.70 -70.77 9.27
CA VAL C 243 39.80 -69.80 8.63
C VAL C 243 39.82 -69.97 7.13
N PHE C 244 41.02 -70.09 6.54
CA PHE C 244 41.13 -70.22 5.10
C PHE C 244 40.48 -71.51 4.61
N SER C 245 40.79 -72.63 5.26
CA SER C 245 40.27 -73.91 4.82
C SER C 245 38.76 -74.00 4.99
N ARG C 246 38.24 -73.46 6.10
CA ARG C 246 36.79 -73.50 6.29
C ARG C 246 36.06 -72.50 5.42
N GLY C 247 36.69 -71.38 5.06
CA GLY C 247 36.09 -70.52 4.05
C GLY C 247 35.98 -71.22 2.72
N ILE C 248 37.04 -71.92 2.32
CA ILE C 248 36.99 -72.70 1.09
C ILE C 248 35.89 -73.75 1.17
N LYS C 249 35.82 -74.46 2.30
CA LYS C 249 34.81 -75.51 2.45
C LYS C 249 33.39 -74.95 2.47
N THR C 250 33.19 -73.80 3.11
CA THR C 250 31.87 -73.18 3.12
C THR C 250 31.45 -72.79 1.71
N LEU C 251 32.38 -72.24 0.94
CA LEU C 251 32.08 -71.92 -0.45
C LEU C 251 31.76 -73.18 -1.24
N GLN C 252 32.53 -74.25 -1.01
CA GLN C 252 32.27 -75.52 -1.69
C GLN C 252 30.88 -76.03 -1.37
N GLU C 253 30.45 -75.92 -0.12
CA GLU C 253 29.16 -76.46 0.27
C GLU C 253 28.02 -75.56 -0.22
N LYS C 254 28.26 -74.26 -0.32
CA LYS C 254 27.29 -73.38 -0.96
C LYS C 254 27.08 -73.74 -2.43
N LEU C 255 28.17 -73.98 -3.17
CA LEU C 255 28.04 -74.42 -4.55
C LEU C 255 27.39 -75.80 -4.65
N ALA C 256 27.71 -76.70 -3.73
CA ALA C 256 27.08 -78.01 -3.72
C ALA C 256 25.58 -77.91 -3.42
N ASN C 257 25.18 -76.96 -2.57
CA ASN C 257 23.76 -76.73 -2.33
C ASN C 257 23.06 -76.28 -3.60
N VAL C 258 23.68 -75.34 -4.32
CA VAL C 258 23.11 -74.90 -5.58
C VAL C 258 22.98 -76.06 -6.55
N LEU C 259 24.03 -76.86 -6.68
CA LEU C 259 24.00 -78.01 -7.58
C LEU C 259 22.91 -79.00 -7.17
N PHE C 260 22.75 -79.21 -5.87
CA PHE C 260 21.74 -80.13 -5.36
C PHE C 260 20.34 -79.63 -5.72
N GLU C 261 20.07 -78.35 -5.51
CA GLU C 261 18.76 -77.81 -5.85
C GLU C 261 18.50 -77.91 -7.35
N LEU C 262 19.53 -77.63 -8.16
CA LEU C 262 19.35 -77.73 -9.60
C LEU C 262 19.02 -79.16 -10.02
N GLU C 263 19.82 -80.13 -9.58
CA GLU C 263 19.60 -81.52 -9.98
C GLU C 263 18.26 -82.04 -9.46
N ASN C 264 17.91 -81.74 -8.22
CA ASN C 264 16.68 -82.21 -7.61
C ASN C 264 15.50 -81.30 -7.89
N SER C 265 15.65 -80.35 -8.81
CA SER C 265 14.53 -79.63 -9.38
C SER C 265 14.01 -80.24 -10.67
N ARG C 266 14.65 -81.28 -11.19
CA ARG C 266 14.21 -81.88 -12.44
C ARG C 266 12.94 -82.70 -12.23
N VAL D 3 -40.51 -36.03 1.15
CA VAL D 3 -40.90 -37.16 0.32
C VAL D 3 -41.88 -36.70 -0.74
N SER D 4 -43.18 -36.80 -0.42
CA SER D 4 -44.23 -36.38 -1.34
C SER D 4 -44.26 -34.86 -1.44
N THR D 5 -43.82 -34.33 -2.58
CA THR D 5 -43.79 -32.89 -2.84
C THR D 5 -44.46 -32.63 -4.17
N SER D 6 -44.54 -31.36 -4.54
CA SER D 6 -45.28 -30.93 -5.72
C SER D 6 -44.70 -29.60 -6.18
N THR D 7 -45.43 -28.92 -7.08
CA THR D 7 -44.96 -27.63 -7.58
C THR D 7 -44.87 -26.59 -6.48
N VAL D 8 -45.59 -26.78 -5.38
CA VAL D 8 -45.52 -25.86 -4.24
C VAL D 8 -44.13 -25.99 -3.62
N GLY D 9 -43.34 -24.93 -3.69
CA GLY D 9 -41.94 -25.05 -3.32
C GLY D 9 -41.56 -24.34 -2.04
N ALA D 10 -40.94 -23.16 -2.17
CA ALA D 10 -40.33 -22.51 -1.02
C ALA D 10 -41.37 -22.19 0.06
N ARG D 11 -42.31 -21.31 -0.27
CA ARG D 11 -43.23 -20.73 0.72
C ARG D 11 -42.45 -20.15 1.89
N ARG D 12 -41.38 -19.43 1.57
CA ARG D 12 -40.43 -18.96 2.57
C ARG D 12 -41.09 -18.03 3.59
N ARG D 13 -40.37 -17.78 4.67
CA ARG D 13 -40.93 -17.15 5.86
C ARG D 13 -40.80 -15.64 5.72
N ARG D 14 -41.91 -14.97 5.44
CA ARG D 14 -42.01 -13.54 5.65
C ARG D 14 -42.20 -13.22 7.13
N ALA D 15 -41.84 -12.00 7.50
CA ALA D 15 -41.90 -11.60 8.91
C ALA D 15 -43.31 -11.72 9.46
N LYS D 16 -44.31 -11.38 8.66
CA LYS D 16 -45.70 -11.40 9.09
C LYS D 16 -46.31 -12.77 8.87
N GLN D 17 -47.34 -13.07 9.66
CA GLN D 17 -48.10 -14.28 9.50
C GLN D 17 -49.40 -13.94 8.80
N GLN D 18 -50.32 -14.91 8.71
CA GLN D 18 -51.61 -14.67 8.10
C GLN D 18 -52.68 -15.48 8.84
N VAL D 19 -53.69 -14.78 9.35
CA VAL D 19 -54.84 -15.47 9.92
C VAL D 19 -55.58 -16.23 8.84
N ASP D 20 -55.61 -15.70 7.62
CA ASP D 20 -56.31 -16.35 6.53
C ASP D 20 -55.51 -17.56 6.04
N ASP D 21 -55.39 -18.57 6.91
CA ASP D 21 -54.76 -19.84 6.57
C ASP D 21 -55.59 -21.05 6.99
N GLU D 22 -56.51 -20.90 7.92
CA GLU D 22 -57.41 -21.98 8.29
C GLU D 22 -58.38 -22.25 7.15
N GLU D 23 -58.87 -23.49 7.10
CA GLU D 23 -59.82 -23.87 6.06
C GLU D 23 -61.25 -23.56 6.47
N ASN D 24 -62.05 -23.11 5.50
CA ASN D 24 -63.49 -23.02 5.67
C ASN D 24 -64.11 -23.17 4.28
N ALA D 25 -64.52 -24.39 3.93
CA ALA D 25 -64.95 -24.65 2.57
C ALA D 25 -66.21 -23.87 2.20
N THR D 26 -66.96 -23.40 3.20
CA THR D 26 -68.06 -22.47 2.94
C THR D 26 -67.58 -21.13 2.41
N LEU D 27 -66.35 -20.72 2.72
CA LEU D 27 -65.90 -19.37 2.43
C LEU D 27 -64.72 -19.33 1.47
N LEU D 28 -64.61 -20.34 0.59
CA LEU D 28 -63.63 -20.33 -0.49
C LEU D 28 -62.20 -20.24 0.02
N ARG D 29 -61.93 -20.81 1.21
CA ARG D 29 -60.58 -20.89 1.75
C ARG D 29 -60.19 -22.37 1.78
N LEU D 30 -59.24 -22.74 0.93
CA LEU D 30 -58.88 -24.14 0.74
C LEU D 30 -57.47 -24.50 1.18
N GLY D 31 -56.53 -23.56 1.20
CA GLY D 31 -55.17 -23.87 1.53
C GLY D 31 -54.19 -23.48 0.44
N PRO D 32 -52.90 -23.30 0.80
CA PRO D 32 -51.87 -22.89 -0.15
C PRO D 32 -51.33 -24.06 -0.99
N GLU D 33 -52.25 -24.89 -1.48
CA GLU D 33 -51.93 -25.95 -2.41
C GLU D 33 -52.81 -25.94 -3.64
N PHE D 34 -53.86 -25.11 -3.66
CA PHE D 34 -54.86 -25.06 -4.71
C PHE D 34 -55.01 -23.63 -5.22
N ALA D 35 -53.88 -22.99 -5.52
CA ALA D 35 -53.88 -21.58 -5.92
C ALA D 35 -54.80 -21.34 -7.11
N LEU D 36 -55.39 -20.15 -7.15
CA LEU D 36 -56.36 -19.81 -8.18
C LEU D 36 -55.79 -19.96 -9.59
N LYS D 37 -54.47 -19.86 -9.74
CA LYS D 37 -53.82 -20.17 -11.01
C LYS D 37 -52.75 -21.22 -10.71
N GLN D 38 -53.03 -22.47 -11.08
CA GLN D 38 -52.11 -23.57 -10.90
C GLN D 38 -50.94 -23.45 -11.89
N TYR D 39 -50.01 -24.40 -11.80
CA TYR D 39 -48.99 -24.63 -12.81
C TYR D 39 -48.95 -26.12 -13.15
N ASP D 40 -48.26 -26.44 -14.24
CA ASP D 40 -48.08 -27.81 -14.71
C ASP D 40 -46.67 -28.30 -14.43
N HIS D 41 -46.37 -29.52 -14.89
CA HIS D 41 -45.05 -30.09 -14.67
C HIS D 41 -43.97 -29.45 -15.54
N ASP D 42 -44.33 -28.51 -16.41
CA ASP D 42 -43.38 -27.69 -17.12
C ASP D 42 -43.34 -26.26 -16.59
N GLY D 43 -43.94 -26.02 -15.42
CA GLY D 43 -43.96 -24.71 -14.80
C GLY D 43 -44.88 -23.71 -15.47
N ASN D 44 -45.40 -24.02 -16.65
CA ASN D 44 -46.30 -23.12 -17.36
C ASN D 44 -47.59 -22.93 -16.56
N GLU D 45 -48.15 -21.72 -16.67
CA GLU D 45 -49.39 -21.40 -15.97
C GLU D 45 -50.55 -22.22 -16.52
N HIS D 46 -51.51 -22.52 -15.64
CA HIS D 46 -52.64 -23.37 -15.98
C HIS D 46 -53.76 -23.15 -14.96
N ASP D 47 -54.99 -23.11 -15.44
CA ASP D 47 -56.14 -22.88 -14.59
C ASP D 47 -56.29 -23.99 -13.54
N LEU D 48 -56.76 -23.59 -12.35
CA LEU D 48 -57.07 -24.53 -11.29
C LEU D 48 -58.02 -25.61 -11.80
N ILE D 49 -57.92 -26.80 -11.20
CA ILE D 49 -58.79 -27.93 -11.53
C ILE D 49 -59.59 -28.32 -10.31
N ALA D 50 -60.91 -28.36 -10.45
CA ALA D 50 -61.83 -28.81 -9.41
C ALA D 50 -62.79 -29.78 -10.09
N LEU D 51 -62.53 -31.07 -9.90
CA LEU D 51 -63.18 -32.13 -10.66
C LEU D 51 -64.50 -32.54 -10.02
N SER D 52 -65.56 -32.58 -10.83
CA SER D 52 -66.79 -33.21 -10.38
C SER D 52 -66.61 -34.73 -10.32
N LEU D 53 -67.64 -35.41 -9.82
CA LEU D 53 -67.56 -36.86 -9.67
C LEU D 53 -67.52 -37.58 -11.01
N SER D 54 -68.05 -36.97 -12.07
CA SER D 54 -68.16 -37.62 -13.36
C SER D 54 -66.82 -37.67 -14.10
N GLU D 55 -66.21 -36.50 -14.33
CA GLU D 55 -64.87 -36.47 -14.92
C GLU D 55 -63.89 -37.36 -14.18
N SER D 56 -63.90 -37.32 -12.85
CA SER D 56 -62.98 -38.15 -12.08
C SER D 56 -63.25 -39.63 -12.27
N ARG D 57 -64.53 -40.03 -12.24
CA ARG D 57 -64.85 -41.43 -12.44
C ARG D 57 -64.40 -41.91 -13.81
N LEU D 58 -64.67 -41.12 -14.85
CA LEU D 58 -64.24 -41.47 -16.19
C LEU D 58 -62.73 -41.57 -16.27
N LEU D 59 -62.02 -40.61 -15.68
CA LEU D 59 -60.57 -40.61 -15.72
C LEU D 59 -60.01 -41.86 -15.03
N ILE D 60 -60.56 -42.22 -13.88
CA ILE D 60 -60.02 -43.37 -13.14
C ILE D 60 -60.30 -44.67 -13.90
N ARG D 61 -61.53 -44.82 -14.40
CA ARG D 61 -61.84 -45.99 -15.22
C ARG D 61 -60.89 -46.08 -16.42
N GLU D 62 -60.68 -44.95 -17.09
CA GLU D 62 -59.81 -44.92 -18.27
C GLU D 62 -58.40 -45.32 -17.90
N ALA D 63 -57.86 -44.77 -16.81
CA ALA D 63 -56.50 -45.07 -16.42
C ALA D 63 -56.35 -46.54 -16.06
N LEU D 64 -57.32 -47.09 -15.32
CA LEU D 64 -57.23 -48.49 -14.92
C LEU D 64 -57.31 -49.42 -16.13
N LYS D 65 -58.23 -49.17 -17.06
CA LYS D 65 -58.30 -50.05 -18.22
C LYS D 65 -57.10 -49.88 -19.13
N ALA D 66 -56.54 -48.66 -19.22
CA ALA D 66 -55.32 -48.47 -20.00
C ALA D 66 -54.15 -49.22 -19.41
N ARG D 67 -54.00 -49.17 -18.08
CA ARG D 67 -52.90 -49.89 -17.47
C ARG D 67 -53.12 -51.40 -17.52
N SER D 68 -54.37 -51.85 -17.49
CA SER D 68 -54.62 -53.29 -17.68
C SER D 68 -54.27 -53.74 -19.09
N ARG D 69 -54.68 -52.99 -20.12
CA ARG D 69 -54.28 -53.34 -21.49
C ARG D 69 -52.76 -53.27 -21.65
N ALA D 70 -52.10 -52.36 -20.94
CA ALA D 70 -50.64 -52.32 -20.98
C ALA D 70 -50.03 -53.56 -20.34
N ARG D 71 -50.59 -54.00 -19.20
CA ARG D 71 -50.06 -55.20 -18.56
C ARG D 71 -50.31 -56.44 -19.41
N ASN D 72 -51.44 -56.48 -20.13
CA ASN D 72 -51.83 -57.64 -20.90
C ASN D 72 -51.12 -57.74 -22.24
N GLY D 73 -50.33 -56.73 -22.62
CA GLY D 73 -49.71 -56.71 -23.92
C GLY D 73 -50.54 -56.07 -25.01
N GLY D 74 -51.76 -55.64 -24.72
CA GLY D 74 -52.64 -55.08 -25.73
C GLY D 74 -53.90 -55.90 -25.90
N VAL D 75 -54.22 -56.69 -24.89
CA VAL D 75 -55.36 -57.60 -24.95
C VAL D 75 -56.34 -57.29 -23.82
N ILE D 84 -64.47 -54.48 -16.47
CA ILE D 84 -65.84 -54.16 -16.83
C ILE D 84 -66.60 -53.70 -15.59
N ASP D 85 -66.09 -54.07 -14.42
CA ASP D 85 -66.74 -53.78 -13.14
C ASP D 85 -65.72 -53.19 -12.18
N ASP D 86 -66.17 -52.19 -11.41
CA ASP D 86 -65.26 -51.51 -10.50
C ASP D 86 -64.69 -52.46 -9.47
N ASP D 87 -65.51 -53.38 -8.95
CA ASP D 87 -65.03 -54.38 -8.00
C ASP D 87 -63.91 -55.25 -8.60
N GLU D 88 -63.84 -55.32 -9.94
CA GLU D 88 -62.69 -55.93 -10.61
C GLU D 88 -61.71 -54.89 -11.12
N LEU D 89 -62.20 -53.71 -11.53
CA LEU D 89 -61.34 -52.75 -12.21
C LEU D 89 -60.37 -52.12 -11.22
N ALA D 90 -60.73 -52.08 -9.94
CA ALA D 90 -59.84 -51.55 -8.93
C ALA D 90 -58.65 -52.47 -8.65
N LYS D 91 -58.68 -53.70 -9.16
CA LYS D 91 -57.64 -54.67 -8.84
C LYS D 91 -56.30 -54.32 -9.45
N VAL D 92 -56.27 -53.40 -10.42
CA VAL D 92 -55.05 -53.15 -11.19
C VAL D 92 -53.94 -52.62 -10.30
N THR D 93 -54.29 -52.04 -9.15
CA THR D 93 -53.31 -51.50 -8.23
C THR D 93 -52.46 -52.61 -7.62
N SER D 94 -51.47 -52.21 -6.81
CA SER D 94 -50.59 -53.15 -6.13
C SER D 94 -50.73 -52.96 -4.62
N GLY D 95 -51.09 -54.03 -3.94
CA GLY D 95 -51.23 -54.02 -2.50
C GLY D 95 -52.68 -54.19 -2.06
N ALA D 96 -52.87 -54.87 -0.93
CA ALA D 96 -54.22 -55.11 -0.42
C ALA D 96 -54.89 -53.81 0.00
N VAL D 97 -54.14 -52.94 0.69
CA VAL D 97 -54.67 -51.63 1.06
C VAL D 97 -55.03 -50.84 -0.19
N ALA D 98 -54.21 -50.93 -1.23
CA ALA D 98 -54.50 -50.25 -2.49
C ALA D 98 -55.80 -50.75 -3.07
N ASN D 99 -55.97 -52.07 -3.16
CA ASN D 99 -57.19 -52.62 -3.72
C ASN D 99 -58.39 -52.19 -2.90
N GLY D 100 -58.28 -52.19 -1.56
CA GLY D 100 -59.38 -51.79 -0.72
C GLY D 100 -59.77 -50.33 -0.92
N VAL D 101 -58.78 -49.44 -0.94
CA VAL D 101 -59.11 -48.02 -1.06
C VAL D 101 -59.71 -47.73 -2.44
N VAL D 102 -59.14 -48.31 -3.51
CA VAL D 102 -59.71 -48.05 -4.83
C VAL D 102 -61.07 -48.72 -5.00
N LYS D 103 -61.30 -49.89 -4.39
CA LYS D 103 -62.64 -50.50 -4.47
C LYS D 103 -63.68 -49.64 -3.76
N LYS D 104 -63.36 -49.14 -2.56
CA LYS D 104 -64.30 -48.27 -1.87
C LYS D 104 -64.55 -46.99 -2.64
N THR D 105 -63.50 -46.40 -3.21
CA THR D 105 -63.67 -45.17 -3.98
C THR D 105 -64.54 -45.41 -5.22
N LEU D 106 -64.29 -46.49 -5.94
CA LEU D 106 -65.04 -46.79 -7.15
C LEU D 106 -66.50 -47.12 -6.85
N ASP D 107 -66.76 -47.88 -5.78
CA ASP D 107 -68.15 -48.16 -5.41
C ASP D 107 -68.86 -46.90 -4.96
N TYR D 108 -68.14 -46.00 -4.28
CA TYR D 108 -68.72 -44.70 -3.93
C TYR D 108 -69.05 -43.92 -5.18
N LEU D 109 -68.19 -43.99 -6.20
CA LEU D 109 -68.46 -43.28 -7.44
C LEU D 109 -69.70 -43.85 -8.12
N ASN D 110 -69.85 -45.17 -8.16
CA ASN D 110 -70.98 -45.78 -8.83
C ASN D 110 -72.27 -45.77 -8.00
N THR D 111 -72.21 -45.39 -6.72
CA THR D 111 -73.41 -45.20 -5.93
C THR D 111 -73.96 -43.78 -5.95
N PHE D 112 -73.24 -42.82 -6.54
CA PHE D 112 -73.70 -41.45 -6.57
C PHE D 112 -73.43 -40.77 -7.90
N ALA D 113 -73.17 -41.52 -8.96
CA ALA D 113 -72.86 -40.99 -10.28
C ALA D 113 -74.13 -40.75 -11.08
N ARG D 114 -74.65 -39.52 -10.99
CA ARG D 114 -75.82 -39.17 -11.78
C ARG D 114 -75.54 -39.19 -13.28
N PHE D 115 -74.34 -38.74 -13.67
CA PHE D 115 -73.88 -38.82 -15.05
C PHE D 115 -73.05 -40.08 -15.28
N LYS D 116 -73.68 -41.12 -15.86
CA LYS D 116 -73.02 -42.40 -16.05
C LYS D 116 -72.51 -42.59 -17.48
N ASP D 117 -72.03 -41.51 -18.12
CA ASP D 117 -71.47 -41.63 -19.46
C ASP D 117 -70.57 -40.44 -19.76
N GLU D 118 -69.75 -40.60 -20.80
CA GLU D 118 -68.92 -39.51 -21.29
C GLU D 118 -69.73 -38.48 -22.06
N GLU D 119 -70.84 -38.88 -22.67
CA GLU D 119 -71.62 -37.95 -23.48
C GLU D 119 -72.19 -36.82 -22.63
N THR D 120 -72.87 -37.17 -21.53
CA THR D 120 -73.45 -36.15 -20.67
C THR D 120 -72.36 -35.39 -19.92
N CYS D 121 -71.24 -36.04 -19.60
CA CYS D 121 -70.12 -35.32 -19.01
C CYS D 121 -69.59 -34.24 -19.94
N THR D 122 -69.45 -34.56 -21.23
CA THR D 122 -69.06 -33.57 -22.22
C THR D 122 -70.11 -32.47 -22.33
N ALA D 123 -71.39 -32.83 -22.31
CA ALA D 123 -72.45 -31.83 -22.39
C ALA D 123 -72.39 -30.86 -21.22
N VAL D 124 -72.22 -31.37 -20.00
CA VAL D 124 -72.13 -30.47 -18.85
C VAL D 124 -70.84 -29.66 -18.86
N ASP D 125 -69.75 -30.24 -19.38
CA ASP D 125 -68.52 -29.47 -19.53
C ASP D 125 -68.72 -28.28 -20.46
N GLN D 126 -69.34 -28.53 -21.63
CA GLN D 126 -69.64 -27.44 -22.55
C GLN D 126 -70.57 -26.41 -21.91
N LEU D 127 -71.64 -26.89 -21.26
CA LEU D 127 -72.64 -25.97 -20.71
C LEU D 127 -72.05 -25.09 -19.62
N LEU D 128 -71.19 -25.65 -18.76
CA LEU D 128 -70.67 -24.90 -17.63
C LEU D 128 -69.57 -23.90 -18.02
N HIS D 129 -68.77 -24.21 -19.04
CA HIS D 129 -67.62 -23.39 -19.37
C HIS D 129 -67.89 -22.46 -20.53
N LEU D 137 -67.14 -17.78 -13.20
CA LEU D 137 -67.57 -18.99 -12.51
C LEU D 137 -66.39 -19.77 -11.93
N HIS D 138 -66.53 -20.20 -10.69
CA HIS D 138 -65.47 -20.78 -9.88
C HIS D 138 -65.53 -22.29 -9.96
N PRO D 139 -64.42 -22.97 -10.31
CA PRO D 139 -64.48 -24.42 -10.54
C PRO D 139 -64.96 -25.23 -9.33
N PHE D 140 -64.79 -24.70 -8.12
CA PHE D 140 -65.30 -25.38 -6.93
C PHE D 140 -66.79 -25.60 -7.03
N GLU D 141 -67.56 -24.51 -7.11
CA GLU D 141 -69.00 -24.60 -7.25
C GLU D 141 -69.39 -25.22 -8.59
N ILE D 142 -68.57 -25.03 -9.62
CA ILE D 142 -68.83 -25.65 -10.91
C ILE D 142 -68.94 -27.17 -10.74
N ALA D 143 -67.97 -27.77 -10.06
CA ALA D 143 -68.00 -29.21 -9.86
C ALA D 143 -69.07 -29.60 -8.84
N GLN D 144 -69.28 -28.78 -7.81
CA GLN D 144 -70.27 -29.14 -6.79
C GLN D 144 -71.69 -29.14 -7.34
N LEU D 145 -71.96 -28.34 -8.38
CA LEU D 145 -73.27 -28.41 -9.02
C LEU D 145 -73.45 -29.74 -9.76
N SER D 146 -72.40 -30.21 -10.43
CA SER D 146 -72.42 -31.54 -11.04
C SER D 146 -72.38 -32.66 -10.01
N SER D 147 -72.09 -32.34 -8.74
CA SER D 147 -72.02 -33.33 -7.68
C SER D 147 -73.20 -33.30 -6.73
N LEU D 148 -73.85 -32.16 -6.56
CA LEU D 148 -74.91 -31.99 -5.57
C LEU D 148 -76.19 -31.67 -6.32
N GLY D 149 -77.10 -32.64 -6.40
CA GLY D 149 -78.42 -32.39 -6.95
C GLY D 149 -79.24 -31.41 -6.14
N CYS D 150 -79.82 -30.41 -6.81
CA CYS D 150 -80.58 -29.37 -6.13
C CYS D 150 -81.83 -29.04 -6.92
N GLU D 151 -82.97 -28.97 -6.23
CA GLU D 151 -84.24 -28.77 -6.91
C GLU D 151 -84.34 -27.34 -7.45
N ASP D 152 -84.25 -26.35 -6.56
CA ASP D 152 -84.38 -24.95 -6.95
C ASP D 152 -83.21 -24.12 -6.45
N VAL D 153 -83.33 -22.80 -6.55
CA VAL D 153 -82.26 -21.87 -6.16
C VAL D 153 -81.91 -21.99 -4.69
N ASP D 154 -82.88 -22.37 -3.84
CA ASP D 154 -82.68 -22.33 -2.39
C ASP D 154 -81.55 -23.25 -1.94
N GLU D 155 -81.57 -24.52 -2.35
CA GLU D 155 -80.53 -25.45 -1.91
C GLU D 155 -79.15 -24.96 -2.31
N ALA D 156 -79.00 -24.46 -3.54
CA ALA D 156 -77.70 -24.00 -3.99
C ALA D 156 -77.25 -22.78 -3.18
N ILE D 157 -78.10 -21.77 -3.07
CA ILE D 157 -77.68 -20.53 -2.42
C ILE D 157 -77.55 -20.65 -0.90
N THR D 158 -78.11 -21.71 -0.30
CA THR D 158 -77.93 -21.92 1.14
C THR D 158 -76.85 -22.93 1.48
N LEU D 159 -76.75 -24.03 0.73
CA LEU D 159 -75.67 -24.98 0.93
C LEU D 159 -74.35 -24.44 0.40
N ILE D 160 -74.40 -23.62 -0.65
CA ILE D 160 -73.23 -22.94 -1.19
C ILE D 160 -73.45 -21.44 -1.04
N PRO D 161 -73.00 -20.83 0.06
CA PRO D 161 -73.38 -19.45 0.35
C PRO D 161 -72.68 -18.39 -0.48
N SER D 162 -71.82 -18.77 -1.42
CA SER D 162 -71.02 -17.80 -2.17
C SER D 162 -71.69 -17.36 -3.48
N LEU D 163 -72.76 -18.02 -3.90
CA LEU D 163 -73.47 -17.64 -5.11
C LEU D 163 -74.19 -16.30 -4.98
N ALA D 164 -74.38 -15.81 -3.75
CA ALA D 164 -75.06 -14.54 -3.54
C ALA D 164 -74.28 -13.38 -4.15
N ALA D 165 -73.03 -13.19 -3.70
CA ALA D 165 -72.23 -12.02 -4.07
C ALA D 165 -71.40 -12.24 -5.33
N LYS D 166 -72.05 -12.70 -6.41
CA LYS D 166 -71.43 -12.74 -7.73
C LYS D 166 -72.30 -12.18 -8.83
N LYS D 167 -73.62 -12.07 -8.63
CA LYS D 167 -74.55 -11.47 -9.59
C LYS D 167 -74.48 -12.14 -10.97
N GLU D 168 -74.15 -13.43 -11.01
CA GLU D 168 -74.35 -14.27 -12.20
C GLU D 168 -74.76 -15.65 -11.70
N VAL D 169 -76.06 -15.88 -11.58
CA VAL D 169 -76.52 -17.08 -10.89
C VAL D 169 -76.84 -18.16 -11.92
N ASN D 170 -77.90 -17.97 -12.70
CA ASN D 170 -78.34 -18.90 -13.74
C ASN D 170 -78.59 -20.31 -13.19
N LEU D 171 -78.69 -20.46 -11.88
CA LEU D 171 -78.85 -21.79 -11.29
C LEU D 171 -80.16 -22.45 -11.73
N GLN D 172 -81.24 -21.67 -11.84
CA GLN D 172 -82.54 -22.23 -12.20
C GLN D 172 -82.45 -23.15 -13.43
N ARG D 173 -82.10 -22.57 -14.57
CA ARG D 173 -82.14 -23.33 -15.83
C ARG D 173 -81.01 -24.33 -15.92
N ILE D 174 -79.83 -24.01 -15.39
CA ILE D 174 -78.72 -24.95 -15.42
C ILE D 174 -79.06 -26.21 -14.62
N LEU D 175 -79.61 -26.03 -13.42
CA LEU D 175 -80.02 -27.17 -12.61
C LEU D 175 -81.17 -27.92 -13.28
N ASP D 176 -82.11 -27.19 -13.90
CA ASP D 176 -83.20 -27.86 -14.62
C ASP D 176 -82.65 -28.79 -15.67
N GLU D 177 -81.77 -28.28 -16.54
CA GLU D 177 -81.20 -29.12 -17.59
C GLU D 177 -80.33 -30.23 -17.01
N LEU D 178 -79.65 -29.97 -15.90
CA LEU D 178 -78.86 -31.01 -15.24
C LEU D 178 -79.74 -32.19 -14.81
N ASN D 179 -80.72 -31.93 -13.94
CA ASN D 179 -81.61 -32.99 -13.48
C ASN D 179 -82.39 -33.61 -14.65
N ARG D 180 -82.59 -32.86 -15.73
CA ARG D 180 -83.16 -33.45 -16.93
C ARG D 180 -82.21 -34.49 -17.53
N LEU D 181 -80.94 -34.12 -17.67
CA LEU D 181 -79.93 -35.03 -18.19
C LEU D 181 -79.57 -36.14 -17.20
N GLU D 182 -79.99 -36.03 -15.94
CA GLU D 182 -79.71 -37.07 -14.94
C GLU D 182 -80.40 -38.37 -15.31
N ASP D 183 -79.61 -39.44 -15.45
CA ASP D 183 -80.15 -40.73 -15.85
C ASP D 183 -80.92 -41.37 -14.69
N PRO D 184 -81.85 -42.28 -14.99
CA PRO D 184 -82.63 -42.92 -13.92
C PRO D 184 -81.76 -43.81 -13.05
N TYR D 185 -82.38 -44.31 -11.98
CA TYR D 185 -81.70 -45.22 -11.06
C TYR D 185 -82.71 -45.96 -10.19
N GLU E 2 7.37 34.35 -30.46
CA GLU E 2 7.57 33.93 -29.07
C GLU E 2 6.50 32.95 -28.58
N ASP E 3 6.09 33.07 -27.32
CA ASP E 3 5.15 32.13 -26.72
C ASP E 3 3.82 32.04 -27.48
N ASN E 4 3.46 33.10 -28.21
CA ASN E 4 2.26 33.06 -29.05
C ASN E 4 2.31 31.97 -30.12
N ASN E 5 3.45 31.79 -30.80
CA ASN E 5 3.52 30.71 -31.80
C ASN E 5 3.26 29.36 -31.14
N ARG E 6 3.81 29.13 -29.95
CA ARG E 6 3.61 27.86 -29.26
C ARG E 6 2.14 27.68 -28.88
N ILE E 7 1.50 28.74 -28.38
CA ILE E 7 0.08 28.65 -28.03
C ILE E 7 -0.74 28.31 -29.26
N ILE E 8 -0.47 28.99 -30.37
CA ILE E 8 -1.22 28.75 -31.60
C ILE E 8 -1.00 27.33 -32.08
N SER E 9 0.23 26.83 -32.00
CA SER E 9 0.51 25.47 -32.44
C SER E 9 -0.25 24.46 -31.59
N ARG E 10 -0.25 24.65 -30.26
CA ARG E 10 -0.97 23.74 -29.39
C ARG E 10 -2.47 23.78 -29.67
N LEU E 11 -3.02 24.98 -29.90
CA LEU E 11 -4.44 25.09 -30.22
C LEU E 11 -4.76 24.40 -31.53
N TRP E 12 -3.87 24.53 -32.53
CA TRP E 12 -4.10 23.87 -33.81
C TRP E 12 -4.05 22.36 -33.66
N ARG E 13 -3.12 21.85 -32.85
CA ARG E 13 -3.07 20.41 -32.60
C ARG E 13 -4.36 19.94 -31.93
N SER E 14 -4.86 20.72 -30.97
CA SER E 14 -6.12 20.37 -30.33
C SER E 14 -7.27 20.36 -31.32
N PHE E 15 -7.29 21.34 -32.24
CA PHE E 15 -8.33 21.39 -33.25
C PHE E 15 -8.26 20.17 -34.17
N ARG E 16 -7.06 19.77 -34.56
CA ARG E 16 -6.91 18.58 -35.38
C ARG E 16 -7.38 17.34 -34.64
N THR E 17 -7.08 17.25 -33.35
CA THR E 17 -7.57 16.14 -32.55
C THR E 17 -9.09 16.13 -32.48
N VAL E 18 -9.71 17.30 -32.34
CA VAL E 18 -11.17 17.38 -32.30
C VAL E 18 -11.76 16.91 -33.63
N LYS E 19 -11.16 17.31 -34.74
CA LYS E 19 -11.64 16.87 -36.05
C LYS E 19 -11.45 15.37 -36.23
N GLU E 20 -10.33 14.83 -35.75
CA GLU E 20 -10.12 13.39 -35.80
C GLU E 20 -11.15 12.66 -34.95
N MET E 21 -11.51 13.24 -33.81
CA MET E 21 -12.58 12.69 -32.99
C MET E 21 -13.87 12.63 -33.79
N ALA E 22 -14.23 13.74 -34.44
CA ALA E 22 -15.48 13.77 -35.18
C ALA E 22 -15.50 12.76 -36.31
N ALA E 23 -14.41 12.67 -37.07
CA ALA E 23 -14.38 11.70 -38.16
C ALA E 23 -14.41 10.26 -37.63
N ASP E 24 -13.69 9.99 -36.54
CA ASP E 24 -13.70 8.65 -35.96
C ASP E 24 -15.08 8.28 -35.43
N ARG E 25 -15.78 9.24 -34.84
CA ARG E 25 -17.11 9.00 -34.30
C ARG E 25 -18.17 8.80 -35.37
N GLY E 26 -17.87 9.10 -36.64
CA GLY E 26 -18.77 8.80 -37.73
C GLY E 26 -19.24 10.01 -38.51
N TYR E 27 -18.92 11.20 -38.07
CA TYR E 27 -19.34 12.44 -38.72
C TYR E 27 -18.51 12.74 -39.96
N PHE E 28 -19.16 13.36 -40.94
CA PHE E 28 -18.49 13.76 -42.17
C PHE E 28 -17.68 15.03 -41.95
N ILE E 29 -16.40 14.98 -42.29
CA ILE E 29 -15.52 16.15 -42.27
C ILE E 29 -14.92 16.33 -43.65
N SER E 30 -14.94 17.57 -44.16
CA SER E 30 -14.35 17.84 -45.46
C SER E 30 -12.85 17.53 -45.43
N GLN E 31 -12.37 16.88 -46.50
CA GLN E 31 -10.97 16.46 -46.52
C GLN E 31 -10.01 17.64 -46.45
N GLU E 32 -10.42 18.82 -46.89
CA GLU E 32 -9.52 19.97 -46.82
C GLU E 32 -9.40 20.51 -45.41
N GLU E 33 -10.49 20.52 -44.65
CA GLU E 33 -10.40 20.96 -43.26
C GLU E 33 -9.72 19.93 -42.38
N MET E 34 -9.65 18.67 -42.82
CA MET E 34 -8.85 17.68 -42.12
C MET E 34 -7.37 18.05 -42.17
N ASP E 35 -6.85 18.29 -43.36
CA ASP E 35 -5.44 18.56 -43.57
C ASP E 35 -5.05 20.01 -43.26
N GLN E 36 -5.88 20.70 -42.46
CA GLN E 36 -5.58 22.07 -42.03
C GLN E 36 -4.16 22.18 -41.49
N SER E 37 -3.37 23.05 -42.09
CA SER E 37 -1.97 23.20 -41.73
C SER E 37 -1.82 24.36 -40.75
N LEU E 38 -0.68 24.37 -40.05
CA LEU E 38 -0.47 25.35 -39.00
C LEU E 38 -0.48 26.77 -39.53
N GLU E 39 0.19 27.03 -40.65
CA GLU E 39 0.24 28.39 -41.18
C GLU E 39 -1.10 28.84 -41.76
N GLU E 40 -1.81 27.97 -42.45
CA GLU E 40 -3.11 28.37 -42.99
C GLU E 40 -4.13 28.56 -41.88
N PHE E 41 -4.07 27.70 -40.85
CA PHE E 41 -4.88 27.90 -39.65
C PHE E 41 -4.57 29.24 -39.01
N ARG E 42 -3.28 29.58 -38.89
CA ARG E 42 -2.91 30.87 -38.32
C ARG E 42 -3.43 32.02 -39.17
N SER E 43 -3.45 31.84 -40.49
CA SER E 43 -4.00 32.85 -41.38
C SER E 43 -5.50 33.05 -41.14
N LYS E 44 -6.25 31.95 -41.07
CA LYS E 44 -7.71 32.07 -40.97
C LYS E 44 -8.23 32.36 -39.57
N ILE E 45 -7.40 32.22 -38.53
CA ILE E 45 -7.89 32.32 -37.15
C ILE E 45 -7.28 33.53 -36.43
N CYS E 46 -5.98 33.73 -36.56
CA CYS E 46 -5.31 34.73 -35.73
C CYS E 46 -5.71 36.14 -36.18
N ASP E 47 -5.22 37.12 -35.42
CA ASP E 47 -5.54 38.52 -35.62
C ASP E 47 -4.32 39.26 -36.18
N SER E 48 -4.47 40.59 -36.32
CA SER E 48 -3.31 41.43 -36.54
C SER E 48 -2.33 41.35 -35.38
N MET E 49 -2.84 41.37 -34.14
CA MET E 49 -2.00 41.17 -32.97
C MET E 49 -1.55 39.72 -32.82
N GLY E 50 -2.12 38.81 -33.60
CA GLY E 50 -1.73 37.42 -33.62
C GLY E 50 -2.52 36.52 -32.70
N ASN E 51 -3.21 37.08 -31.71
CA ASN E 51 -4.01 36.25 -30.82
C ASN E 51 -5.22 35.71 -31.58
N PRO E 52 -5.66 34.48 -31.30
CA PRO E 52 -6.67 33.84 -32.14
C PRO E 52 -8.09 34.04 -31.66
N GLN E 53 -9.00 34.24 -32.62
CA GLN E 53 -10.42 34.24 -32.29
C GLN E 53 -10.94 32.81 -32.30
N ARG E 54 -11.20 32.27 -31.11
CA ARG E 54 -11.71 30.91 -30.98
C ARG E 54 -13.19 30.77 -31.32
N LYS E 55 -13.89 31.87 -31.62
CA LYS E 55 -15.31 31.77 -31.96
C LYS E 55 -15.53 31.43 -33.43
N LEU E 56 -14.48 31.44 -34.24
CA LEU E 56 -14.57 31.06 -35.63
C LEU E 56 -14.26 29.57 -35.83
N MET E 57 -13.52 28.99 -34.89
CA MET E 57 -13.19 27.57 -34.93
C MET E 57 -14.43 26.71 -34.73
N SER E 58 -15.41 27.21 -33.96
CA SER E 58 -16.64 26.50 -33.68
C SER E 58 -17.35 26.11 -34.97
N PHE E 59 -17.46 24.83 -35.26
CA PHE E 59 -18.01 24.38 -36.53
C PHE E 59 -19.23 23.50 -36.29
N LEU E 60 -19.76 22.97 -37.38
CA LEU E 60 -20.95 22.13 -37.37
C LEU E 60 -20.65 20.91 -38.23
N ALA E 61 -20.90 19.73 -37.68
CA ALA E 61 -20.57 18.48 -38.34
C ALA E 61 -21.82 17.67 -38.55
N ASN E 62 -21.93 17.06 -39.71
CA ASN E 62 -23.10 16.24 -39.99
C ASN E 62 -22.70 14.78 -40.15
N PRO E 63 -23.59 13.87 -39.81
CA PRO E 63 -23.25 12.45 -39.86
C PRO E 63 -23.04 11.96 -41.29
N THR E 64 -21.94 11.24 -41.47
CA THR E 64 -21.73 10.50 -42.72
C THR E 64 -22.86 9.48 -42.88
N PRO E 65 -23.32 9.23 -44.12
CA PRO E 65 -24.45 8.29 -44.30
C PRO E 65 -24.19 6.89 -43.77
N GLU E 66 -22.94 6.43 -43.81
CA GLU E 66 -22.62 5.12 -43.24
C GLU E 66 -22.84 5.10 -41.73
N ALA E 67 -22.45 6.15 -41.02
CA ALA E 67 -22.70 6.15 -39.59
C ALA E 67 -24.17 6.36 -39.24
N LEU E 68 -25.02 6.65 -40.23
CA LEU E 68 -26.46 6.66 -40.00
C LEU E 68 -27.09 5.31 -40.30
N GLU E 69 -26.67 4.65 -41.38
CA GLU E 69 -27.15 3.30 -41.62
C GLU E 69 -26.71 2.38 -40.50
N LYS E 70 -25.56 2.65 -39.88
CA LYS E 70 -25.04 1.79 -38.82
C LYS E 70 -25.56 2.24 -37.45
N TYR E 71 -25.27 3.49 -37.07
CA TYR E 71 -25.72 4.04 -35.78
C TYR E 71 -26.96 4.90 -36.05
N SER E 72 -28.14 4.28 -36.05
CA SER E 72 -29.35 5.04 -36.35
C SER E 72 -29.63 6.15 -35.34
N ASP E 73 -29.04 6.09 -34.14
CA ASP E 73 -29.26 7.10 -33.12
C ASP E 73 -28.23 8.22 -33.15
N LEU E 74 -27.58 8.43 -34.29
CA LEU E 74 -26.50 9.40 -34.42
C LEU E 74 -27.05 10.68 -35.03
N GLY E 75 -27.13 11.75 -34.23
CA GLY E 75 -27.68 13.00 -34.70
C GLY E 75 -26.69 14.00 -35.28
N THR E 76 -26.83 15.27 -34.92
CA THR E 76 -25.98 16.35 -35.43
C THR E 76 -25.14 16.96 -34.31
N LEU E 77 -23.88 17.26 -34.65
CA LEU E 77 -22.88 17.67 -33.68
C LEU E 77 -22.63 19.17 -33.71
N TRP E 78 -22.48 19.75 -32.53
CA TRP E 78 -21.99 21.12 -32.38
C TRP E 78 -20.74 21.11 -31.51
N VAL E 79 -19.72 21.84 -31.95
CA VAL E 79 -18.42 21.89 -31.29
C VAL E 79 -18.08 23.35 -31.08
N GLU E 80 -17.85 23.73 -29.83
CA GLU E 80 -17.58 25.13 -29.48
C GLU E 80 -16.30 25.20 -28.68
N PHE E 81 -15.37 26.03 -29.15
CA PHE E 81 -14.20 26.41 -28.37
C PHE E 81 -14.53 27.70 -27.64
N CYS E 82 -14.62 27.64 -26.32
CA CYS E 82 -15.02 28.83 -25.58
C CYS E 82 -13.83 29.74 -25.35
N ASP E 83 -14.12 31.02 -25.09
CA ASP E 83 -13.09 32.02 -24.91
C ASP E 83 -12.81 32.33 -23.43
N GLU E 84 -13.78 32.06 -22.56
CA GLU E 84 -13.61 32.31 -21.14
C GLU E 84 -12.85 31.14 -20.52
N PRO E 85 -11.70 31.37 -19.90
CA PRO E 85 -10.92 30.25 -19.36
C PRO E 85 -11.70 29.46 -18.32
N SER E 86 -12.16 30.11 -17.27
CA SER E 86 -13.15 29.52 -16.39
C SER E 86 -14.54 29.67 -17.00
N VAL E 87 -15.35 28.63 -16.85
CA VAL E 87 -16.71 28.60 -17.39
C VAL E 87 -17.68 28.39 -16.23
N GLY E 88 -18.67 29.29 -16.09
CA GLY E 88 -19.70 29.23 -15.04
C GLY E 88 -21.09 28.85 -15.57
N ILE E 89 -22.06 28.74 -14.66
CA ILE E 89 -23.46 28.40 -14.99
C ILE E 89 -24.06 29.36 -16.03
N LYS E 90 -23.63 30.62 -16.06
CA LYS E 90 -23.98 31.60 -17.11
C LYS E 90 -23.65 31.06 -18.50
N THR E 91 -22.39 30.78 -18.81
CA THR E 91 -21.97 30.31 -20.12
C THR E 91 -22.60 28.96 -20.46
N MET E 92 -22.70 28.08 -19.46
CA MET E 92 -23.36 26.79 -19.69
C MET E 92 -24.84 27.00 -20.01
N ARG E 93 -25.51 27.95 -19.37
CA ARG E 93 -26.91 28.30 -19.66
C ARG E 93 -27.03 28.79 -21.09
N ASN E 94 -26.11 29.63 -21.57
CA ASN E 94 -26.18 30.08 -22.96
C ASN E 94 -25.97 28.90 -23.90
N PHE E 95 -25.01 28.03 -23.61
CA PHE E 95 -24.72 26.90 -24.49
C PHE E 95 -25.93 25.98 -24.59
N CYS E 96 -26.55 25.64 -23.46
CA CYS E 96 -27.71 24.76 -23.51
C CYS E 96 -28.88 25.41 -24.23
N LEU E 97 -29.08 26.72 -24.03
CA LEU E 97 -30.13 27.42 -24.75
C LEU E 97 -29.90 27.35 -26.25
N ARG E 98 -28.65 27.54 -26.68
CA ARG E 98 -28.37 27.50 -28.12
C ARG E 98 -28.50 26.08 -28.68
N ILE E 99 -28.10 25.06 -27.90
CA ILE E 99 -28.20 23.68 -28.37
C ILE E 99 -29.66 23.26 -28.52
N GLN E 100 -30.48 23.52 -27.50
CA GLN E 100 -31.89 23.21 -27.65
C GLN E 100 -32.55 24.10 -28.69
N GLU E 101 -31.99 25.28 -28.94
CA GLU E 101 -32.59 26.23 -29.85
C GLU E 101 -32.55 25.74 -31.29
N LYS E 102 -31.49 25.00 -31.66
CA LYS E 102 -31.33 24.47 -33.01
C LYS E 102 -31.24 22.95 -33.01
N ASN E 103 -31.97 22.30 -32.11
CA ASN E 103 -32.11 20.84 -31.95
C ASN E 103 -30.85 20.06 -32.30
N PHE E 104 -29.70 20.50 -31.78
CA PHE E 104 -28.46 19.74 -31.95
C PHE E 104 -28.48 18.55 -31.00
N SER E 105 -28.17 17.37 -31.54
CA SER E 105 -28.24 16.16 -30.72
C SER E 105 -27.11 16.12 -29.71
N THR E 106 -25.88 16.39 -30.14
CA THR E 106 -24.72 16.29 -29.27
C THR E 106 -23.97 17.61 -29.32
N GLY E 107 -23.63 18.15 -28.15
CA GLY E 107 -22.83 19.35 -28.12
C GLY E 107 -21.53 19.21 -27.37
N ILE E 108 -20.41 19.28 -28.09
CA ILE E 108 -19.09 19.19 -27.48
C ILE E 108 -18.63 20.60 -27.14
N PHE E 109 -18.29 20.82 -25.87
CA PHE E 109 -17.93 22.13 -25.33
C PHE E 109 -16.48 22.11 -24.87
N ILE E 110 -15.58 22.56 -25.72
CA ILE E 110 -14.15 22.56 -25.41
C ILE E 110 -13.85 23.83 -24.63
N TYR E 111 -13.30 23.67 -23.43
CA TYR E 111 -12.98 24.75 -22.52
C TYR E 111 -11.48 24.77 -22.26
N GLN E 112 -11.02 25.81 -21.56
CA GLN E 112 -9.60 26.03 -21.37
C GLN E 112 -9.10 25.60 -19.99
N ASN E 113 -9.67 26.16 -18.92
CA ASN E 113 -9.08 26.02 -17.58
C ASN E 113 -9.82 25.04 -16.69
N ASN E 114 -11.07 25.35 -16.32
CA ASN E 114 -11.86 24.53 -15.40
C ASN E 114 -13.36 24.70 -15.69
N ILE E 115 -14.17 23.65 -15.45
CA ILE E 115 -15.62 23.76 -15.45
C ILE E 115 -16.13 23.52 -14.03
N THR E 116 -16.60 24.59 -13.38
CA THR E 116 -16.89 24.58 -11.93
C THR E 116 -18.06 23.64 -11.65
N PRO E 117 -18.07 22.85 -10.53
CA PRO E 117 -19.10 21.84 -10.29
C PRO E 117 -20.55 22.35 -10.35
N SER E 118 -20.79 23.57 -9.88
CA SER E 118 -22.06 24.30 -10.02
C SER E 118 -22.55 24.38 -11.48
N ALA E 119 -21.68 24.76 -12.42
CA ALA E 119 -21.95 24.74 -13.85
C ALA E 119 -22.07 23.30 -14.39
N ASN E 120 -21.24 22.38 -13.87
CA ASN E 120 -21.18 20.99 -14.29
C ASN E 120 -22.50 20.26 -14.07
N LYS E 121 -23.29 20.69 -13.08
CA LYS E 121 -24.54 19.99 -12.79
C LYS E 121 -25.59 20.19 -13.88
N MET E 122 -25.48 21.25 -14.68
CA MET E 122 -26.44 21.50 -15.75
C MET E 122 -26.19 20.59 -16.96
N ILE E 123 -25.00 19.98 -17.04
CA ILE E 123 -24.67 19.12 -18.18
C ILE E 123 -25.65 17.97 -18.36
N PRO E 124 -26.03 17.20 -17.33
CA PRO E 124 -26.90 16.04 -17.57
C PRO E 124 -28.39 16.36 -17.59
N THR E 125 -28.80 17.55 -17.14
CA THR E 125 -30.20 17.91 -17.02
C THR E 125 -30.75 18.64 -18.25
N VAL E 126 -30.14 18.42 -19.41
CA VAL E 126 -30.45 19.18 -20.61
C VAL E 126 -30.96 18.21 -21.68
N SER E 127 -31.63 17.14 -21.24
CA SER E 127 -32.20 16.17 -22.15
C SER E 127 -33.19 16.86 -23.11
N PRO E 128 -33.40 16.29 -24.31
CA PRO E 128 -32.80 15.06 -24.82
C PRO E 128 -31.45 15.26 -25.50
N ALA E 129 -30.98 16.51 -25.56
CA ALA E 129 -29.64 16.75 -26.09
C ALA E 129 -28.59 16.22 -25.12
N ILE E 130 -27.37 16.06 -25.62
CA ILE E 130 -26.23 15.58 -24.85
C ILE E 130 -25.13 16.62 -24.92
N ILE E 131 -24.57 16.96 -23.77
CA ILE E 131 -23.47 17.90 -23.67
C ILE E 131 -22.28 17.19 -23.06
N GLU E 132 -21.16 17.18 -23.77
CA GLU E 132 -19.89 16.70 -23.26
C GLU E 132 -18.90 17.84 -23.26
N THR E 133 -17.94 17.80 -22.32
CA THR E 133 -16.92 18.83 -22.26
C THR E 133 -15.55 18.18 -22.23
N PHE E 134 -14.60 18.83 -22.90
CA PHE E 134 -13.19 18.46 -22.85
C PHE E 134 -12.35 19.69 -22.59
N GLN E 135 -11.19 19.48 -21.97
CA GLN E 135 -10.23 20.57 -21.76
C GLN E 135 -9.21 20.54 -22.90
N GLU E 136 -8.79 21.72 -23.34
CA GLU E 136 -7.91 21.80 -24.50
C GLU E 136 -6.58 21.11 -24.23
N SER E 137 -6.03 21.26 -23.02
CA SER E 137 -4.78 20.60 -22.68
C SER E 137 -4.86 19.09 -22.87
N ASP E 138 -6.03 18.50 -22.59
CA ASP E 138 -6.16 17.05 -22.72
C ASP E 138 -6.16 16.61 -24.18
N LEU E 139 -6.60 17.49 -25.08
CA LEU E 139 -6.82 17.15 -26.49
C LEU E 139 -5.57 17.36 -27.34
N VAL E 140 -4.47 17.82 -26.75
CA VAL E 140 -3.28 18.12 -27.55
C VAL E 140 -2.79 16.87 -28.25
N VAL E 141 -2.72 15.76 -27.52
CA VAL E 141 -2.36 14.47 -28.10
C VAL E 141 -3.63 13.65 -28.29
N ASN E 142 -3.75 13.03 -29.46
CA ASN E 142 -4.82 12.07 -29.72
C ASN E 142 -4.36 10.73 -29.17
N ILE E 143 -5.01 10.24 -28.12
CA ILE E 143 -4.51 9.05 -27.45
C ILE E 143 -4.83 7.75 -28.19
N THR E 144 -5.81 7.75 -29.09
CA THR E 144 -6.05 6.53 -29.87
C THR E 144 -4.95 6.25 -30.88
N HIS E 145 -4.04 7.18 -31.10
CA HIS E 145 -2.89 6.94 -31.97
C HIS E 145 -1.73 6.31 -31.22
N HIS E 146 -1.76 6.36 -29.89
CA HIS E 146 -0.74 5.72 -29.07
C HIS E 146 -0.65 4.22 -29.36
N GLU E 147 0.57 3.70 -29.27
CA GLU E 147 0.79 2.29 -29.60
C GLU E 147 0.15 1.38 -28.58
N LEU E 148 0.06 1.82 -27.32
CA LEU E 148 -0.53 0.99 -26.29
C LEU E 148 -2.05 1.03 -26.30
N VAL E 149 -2.64 1.98 -27.05
CA VAL E 149 -4.09 2.12 -27.14
C VAL E 149 -4.59 1.43 -28.40
N PRO E 150 -5.18 0.25 -28.30
CA PRO E 150 -5.73 -0.41 -29.49
C PRO E 150 -6.99 0.30 -29.96
N LYS E 151 -7.43 -0.07 -31.15
CA LYS E 151 -8.54 0.64 -31.79
C LYS E 151 -9.87 0.23 -31.18
N HIS E 152 -10.60 1.21 -30.67
CA HIS E 152 -11.92 1.00 -30.09
C HIS E 152 -12.99 1.31 -31.12
N ILE E 153 -13.98 0.44 -31.25
CA ILE E 153 -15.09 0.63 -32.18
C ILE E 153 -16.37 0.35 -31.42
N ARG E 154 -17.19 1.38 -31.22
CA ARG E 154 -18.47 1.19 -30.55
C ARG E 154 -19.39 0.30 -31.38
N LEU E 155 -20.00 -0.69 -30.72
CA LEU E 155 -20.95 -1.55 -31.39
C LEU E 155 -22.31 -0.85 -31.53
N SER E 156 -23.09 -1.32 -32.50
CA SER E 156 -24.48 -0.90 -32.63
C SER E 156 -25.38 -1.80 -31.79
N ASP E 157 -26.63 -1.38 -31.65
CA ASP E 157 -27.57 -2.09 -30.79
C ASP E 157 -27.75 -3.53 -31.23
N GLY E 158 -27.94 -3.75 -32.54
CA GLY E 158 -28.10 -5.10 -33.05
C GLY E 158 -26.87 -5.94 -32.81
N GLU E 159 -25.69 -5.35 -33.01
CA GLU E 159 -24.46 -6.11 -32.78
C GLU E 159 -24.23 -6.36 -31.30
N LYS E 160 -24.63 -5.44 -30.43
CA LYS E 160 -24.55 -5.71 -29.00
C LYS E 160 -25.46 -6.86 -28.60
N SER E 161 -26.68 -6.90 -29.15
CA SER E 161 -27.57 -8.04 -28.88
C SER E 161 -26.95 -9.33 -29.38
N GLN E 162 -26.35 -9.30 -30.57
CA GLN E 162 -25.70 -10.48 -31.11
C GLN E 162 -24.55 -10.92 -30.21
N LEU E 163 -23.76 -9.97 -29.70
CA LEU E 163 -22.67 -10.30 -28.79
C LEU E 163 -23.18 -10.95 -27.51
N LEU E 164 -24.26 -10.41 -26.96
CA LEU E 164 -24.78 -10.96 -25.71
C LEU E 164 -25.35 -12.36 -25.93
N GLN E 165 -26.00 -12.58 -27.06
CA GLN E 165 -26.59 -13.89 -27.32
C GLN E 165 -25.54 -14.94 -27.68
N ARG E 166 -24.48 -14.54 -28.41
CA ARG E 166 -23.44 -15.49 -28.76
C ARG E 166 -22.77 -16.08 -27.53
N TYR E 167 -22.60 -15.29 -26.48
CA TYR E 167 -21.93 -15.76 -25.26
C TYR E 167 -22.92 -16.16 -24.18
N LYS E 168 -24.23 -16.09 -24.46
CA LYS E 168 -25.27 -16.41 -23.48
C LYS E 168 -25.06 -15.61 -22.20
N LEU E 169 -24.92 -14.30 -22.38
CA LEU E 169 -24.42 -13.38 -21.38
C LEU E 169 -25.51 -12.41 -20.94
N LYS E 170 -25.34 -11.89 -19.72
CA LYS E 170 -26.05 -10.70 -19.29
C LYS E 170 -25.11 -9.51 -19.34
N GLU E 171 -25.70 -8.31 -19.37
CA GLU E 171 -24.89 -7.10 -19.50
C GLU E 171 -23.90 -6.96 -18.36
N SER E 172 -24.28 -7.36 -17.16
CA SER E 172 -23.42 -7.20 -16.00
C SER E 172 -22.26 -8.19 -15.95
N GLN E 173 -22.24 -9.19 -16.83
CA GLN E 173 -21.20 -10.21 -16.82
C GLN E 173 -20.12 -9.95 -17.86
N LEU E 174 -20.02 -8.75 -18.36
CA LEU E 174 -19.00 -8.35 -19.30
C LEU E 174 -17.91 -7.55 -18.59
N PRO E 175 -16.68 -7.54 -19.10
CA PRO E 175 -15.71 -6.56 -18.63
C PRO E 175 -16.25 -5.18 -18.90
N ARG E 176 -15.78 -4.20 -18.13
CA ARG E 176 -16.48 -2.93 -18.11
C ARG E 176 -15.52 -1.80 -18.43
N ILE E 177 -16.10 -0.68 -18.86
CA ILE E 177 -15.35 0.54 -19.10
C ILE E 177 -16.14 1.71 -18.51
N GLN E 178 -15.44 2.60 -17.83
CA GLN E 178 -16.07 3.77 -17.23
C GLN E 178 -16.47 4.77 -18.30
N ARG E 179 -17.59 5.47 -18.09
CA ARG E 179 -17.93 6.55 -19.02
C ARG E 179 -16.86 7.63 -19.00
N GLU E 180 -16.13 7.76 -17.89
CA GLU E 180 -15.06 8.75 -17.80
C GLU E 180 -13.72 8.22 -18.28
N ASP E 181 -13.69 7.02 -18.85
CA ASP E 181 -12.46 6.51 -19.42
C ASP E 181 -12.03 7.42 -20.57
N PRO E 182 -10.75 7.76 -20.67
CA PRO E 182 -10.31 8.68 -21.74
C PRO E 182 -10.71 8.25 -23.13
N VAL E 183 -10.74 6.94 -23.42
CA VAL E 183 -11.14 6.49 -24.74
C VAL E 183 -12.66 6.37 -24.86
N ALA E 184 -13.38 6.11 -23.75
CA ALA E 184 -14.83 6.23 -23.80
C ALA E 184 -15.25 7.69 -23.88
N ARG E 185 -14.55 8.57 -23.18
CA ARG E 185 -14.82 10.00 -23.29
C ARG E 185 -14.51 10.50 -24.70
N TYR E 186 -13.43 10.01 -25.29
CA TYR E 186 -13.06 10.39 -26.65
C TYR E 186 -14.08 9.89 -27.66
N LEU E 187 -14.76 8.79 -27.37
CA LEU E 187 -15.67 8.16 -28.31
C LEU E 187 -17.12 8.55 -28.09
N GLY E 188 -17.40 9.32 -27.05
CA GLY E 188 -18.78 9.66 -26.73
C GLY E 188 -19.65 8.46 -26.39
N LEU E 189 -19.14 7.56 -25.55
CA LEU E 189 -19.89 6.40 -25.13
C LEU E 189 -20.93 6.76 -24.09
N LYS E 190 -22.16 6.31 -24.31
CA LYS E 190 -23.25 6.38 -23.35
C LYS E 190 -23.40 5.03 -22.66
N ARG E 191 -24.12 5.04 -21.53
CA ARG E 191 -24.26 3.82 -20.74
C ARG E 191 -24.92 2.71 -21.55
N GLY E 192 -24.37 1.50 -21.43
CA GLY E 192 -24.90 0.34 -22.10
C GLY E 192 -24.29 0.05 -23.45
N GLN E 193 -23.56 0.99 -24.04
CA GLN E 193 -22.93 0.74 -25.33
C GLN E 193 -21.62 -0.01 -25.15
N VAL E 194 -21.35 -0.92 -26.09
CA VAL E 194 -20.24 -1.86 -26.00
C VAL E 194 -19.25 -1.52 -27.11
N VAL E 195 -18.00 -1.29 -26.73
CA VAL E 195 -16.94 -1.16 -27.71
C VAL E 195 -16.30 -2.52 -27.99
N LYS E 196 -15.71 -2.63 -29.17
CA LYS E 196 -14.95 -3.81 -29.56
C LYS E 196 -13.51 -3.37 -29.76
N ILE E 197 -12.60 -4.08 -29.11
CA ILE E 197 -11.19 -3.69 -29.01
C ILE E 197 -10.33 -4.81 -29.59
N ILE E 198 -9.81 -4.62 -30.79
CA ILE E 198 -8.91 -5.58 -31.42
C ILE E 198 -7.48 -5.18 -31.06
N ARG E 199 -6.67 -6.16 -30.66
CA ARG E 199 -5.38 -5.85 -30.09
C ARG E 199 -4.38 -6.96 -30.41
N ARG E 200 -3.11 -6.62 -30.23
CA ARG E 200 -2.02 -7.55 -30.48
C ARG E 200 -2.02 -8.69 -29.47
N SER E 201 -1.74 -9.89 -29.95
CA SER E 201 -1.71 -11.08 -29.09
C SER E 201 -0.47 -11.87 -29.45
N GLU E 202 0.44 -12.03 -28.50
CA GLU E 202 1.68 -12.74 -28.78
C GLU E 202 1.52 -14.25 -28.80
N THR E 203 0.40 -14.79 -28.30
CA THR E 203 0.14 -16.22 -28.37
C THR E 203 -0.74 -16.61 -29.54
N SER E 204 -1.60 -15.71 -30.01
CA SER E 204 -2.52 -16.04 -31.09
C SER E 204 -2.47 -15.07 -32.28
N GLY E 205 -1.70 -13.99 -32.21
CA GLY E 205 -1.69 -13.04 -33.30
C GLY E 205 -2.68 -11.91 -33.16
N ARG E 206 -3.96 -12.26 -33.02
CA ARG E 206 -5.03 -11.28 -33.01
C ARG E 206 -6.07 -11.69 -31.97
N TYR E 207 -6.58 -10.70 -31.23
CA TYR E 207 -7.54 -11.00 -30.18
C TYR E 207 -8.53 -9.85 -30.11
N ALA E 208 -9.82 -10.19 -30.10
CA ALA E 208 -10.88 -9.19 -30.04
C ALA E 208 -11.43 -9.15 -28.63
N SER E 209 -11.44 -7.96 -28.04
CA SER E 209 -11.98 -7.75 -26.70
C SER E 209 -13.21 -6.86 -26.79
N TYR E 210 -14.11 -7.03 -25.82
CA TYR E 210 -15.33 -6.26 -25.73
C TYR E 210 -15.47 -5.73 -24.32
N ARG E 211 -15.79 -4.45 -24.18
CA ARG E 211 -16.06 -3.86 -22.88
C ARG E 211 -17.39 -3.13 -22.95
N ILE E 212 -18.14 -3.18 -21.87
CA ILE E 212 -19.42 -2.48 -21.75
C ILE E 212 -19.25 -1.24 -20.89
N CYS E 213 -20.00 -0.20 -21.22
CA CYS E 213 -19.87 1.10 -20.59
C CYS E 213 -20.71 1.16 -19.31
N LEU E 214 -20.11 1.68 -18.24
CA LEU E 214 -20.81 1.86 -16.98
C LEU E 214 -21.79 3.01 -17.07
N GLU F 71 -36.20 -27.21 -21.45
CA GLU F 71 -36.19 -25.83 -20.97
C GLU F 71 -34.77 -25.30 -20.89
N LEU F 72 -33.89 -26.08 -20.24
CA LEU F 72 -32.47 -25.77 -20.16
C LEU F 72 -31.62 -26.75 -20.93
N ALA F 73 -32.17 -27.87 -21.36
CA ALA F 73 -31.46 -28.84 -22.19
C ALA F 73 -31.23 -28.29 -23.59
N ILE F 74 -30.14 -28.72 -24.20
CA ILE F 74 -29.76 -28.27 -25.54
C ILE F 74 -29.93 -29.44 -26.50
N LEU F 75 -30.54 -29.15 -27.65
CA LEU F 75 -30.74 -30.15 -28.70
C LEU F 75 -29.42 -30.65 -29.25
N LYS F 76 -29.40 -31.93 -29.63
CA LYS F 76 -28.18 -32.61 -30.06
C LYS F 76 -27.54 -32.02 -31.32
N GLU F 77 -28.18 -31.06 -31.99
CA GLU F 77 -27.60 -30.48 -33.20
C GLU F 77 -26.75 -29.25 -32.89
N GLU F 78 -27.21 -28.40 -31.97
CA GLU F 78 -26.51 -27.15 -31.64
C GLU F 78 -25.58 -27.32 -30.45
N ARG F 79 -25.03 -28.52 -30.26
CA ARG F 79 -24.09 -28.78 -29.17
C ARG F 79 -22.74 -28.26 -29.60
N THR F 80 -22.26 -27.21 -28.92
CA THR F 80 -21.07 -26.49 -29.34
C THR F 80 -19.88 -26.69 -28.42
N THR F 81 -19.93 -27.72 -27.57
CA THR F 81 -18.78 -28.06 -26.76
C THR F 81 -17.85 -28.99 -27.51
N THR F 82 -16.70 -29.27 -26.88
CA THR F 82 -15.68 -30.10 -27.50
C THR F 82 -16.21 -31.52 -27.69
N PRO F 83 -15.92 -32.18 -28.81
CA PRO F 83 -16.31 -33.58 -28.97
C PRO F 83 -15.40 -34.57 -28.25
N TYR F 84 -14.43 -34.09 -27.48
CA TYR F 84 -13.42 -34.91 -26.84
C TYR F 84 -13.65 -34.99 -25.34
N LEU F 85 -13.52 -36.18 -24.78
CA LEU F 85 -13.59 -36.35 -23.34
C LEU F 85 -12.42 -35.64 -22.66
N THR F 86 -12.72 -34.76 -21.71
CA THR F 86 -11.67 -34.05 -21.02
C THR F 86 -11.06 -34.92 -19.91
N LYS F 87 -9.95 -34.45 -19.35
CA LYS F 87 -9.26 -35.22 -18.31
C LYS F 87 -10.12 -35.37 -17.06
N TYR F 88 -10.84 -34.31 -16.68
CA TYR F 88 -11.68 -34.37 -15.48
C TYR F 88 -12.88 -35.26 -15.70
N GLU F 89 -13.51 -35.16 -16.87
CA GLU F 89 -14.62 -36.05 -17.17
C GLU F 89 -14.18 -37.50 -17.18
N ARG F 90 -13.02 -37.77 -17.78
CA ARG F 90 -12.51 -39.14 -17.82
C ARG F 90 -12.21 -39.66 -16.42
N ALA F 91 -11.55 -38.85 -15.59
CA ALA F 91 -11.22 -39.28 -14.24
C ALA F 91 -12.46 -39.58 -13.42
N ARG F 92 -13.45 -38.68 -13.46
CA ARG F 92 -14.65 -38.90 -12.65
C ARG F 92 -15.47 -40.05 -13.20
N ILE F 93 -15.53 -40.20 -14.52
CA ILE F 93 -16.27 -41.29 -15.11
C ILE F 93 -15.65 -42.62 -14.70
N LEU F 94 -14.32 -42.71 -14.74
CA LEU F 94 -13.64 -43.94 -14.33
C LEU F 94 -13.87 -44.23 -12.87
N GLY F 95 -13.77 -43.21 -12.01
CA GLY F 95 -14.04 -43.42 -10.59
C GLY F 95 -15.45 -43.93 -10.34
N THR F 96 -16.44 -43.31 -10.99
CA THR F 96 -17.83 -43.69 -10.78
C THR F 96 -18.08 -45.11 -11.29
N ARG F 97 -17.54 -45.45 -12.46
CA ARG F 97 -17.69 -46.80 -13.00
C ARG F 97 -17.02 -47.82 -12.11
N ALA F 98 -15.83 -47.49 -11.57
CA ALA F 98 -15.14 -48.39 -10.67
C ALA F 98 -15.98 -48.63 -9.42
N LEU F 99 -16.54 -47.57 -8.85
CA LEU F 99 -17.41 -47.73 -7.69
C LEU F 99 -18.62 -48.59 -8.04
N GLN F 100 -19.20 -48.38 -9.22
CA GLN F 100 -20.36 -49.16 -9.62
C GLN F 100 -20.02 -50.63 -9.72
N ILE F 101 -18.92 -50.97 -10.38
CA ILE F 101 -18.58 -52.37 -10.55
C ILE F 101 -18.20 -52.99 -9.21
N SER F 102 -17.52 -52.22 -8.36
CA SER F 102 -17.22 -52.67 -7.01
C SER F 102 -18.46 -52.82 -6.15
N MET F 103 -19.60 -52.30 -6.58
CA MET F 103 -20.87 -52.51 -5.91
C MET F 103 -21.70 -53.59 -6.57
N ASN F 104 -21.03 -54.58 -7.17
CA ASN F 104 -21.67 -55.72 -7.82
C ASN F 104 -22.65 -55.27 -8.90
N ALA F 105 -22.22 -54.31 -9.72
CA ALA F 105 -22.97 -53.97 -10.91
C ALA F 105 -22.63 -54.95 -12.04
N PRO F 106 -23.52 -55.12 -13.00
CA PRO F 106 -23.19 -55.96 -14.15
C PRO F 106 -22.08 -55.34 -14.98
N VAL F 107 -21.28 -56.19 -15.62
CA VAL F 107 -20.13 -55.74 -16.39
C VAL F 107 -20.40 -56.04 -17.85
N LEU F 108 -20.24 -55.03 -18.69
CA LEU F 108 -20.60 -55.13 -20.10
C LEU F 108 -19.50 -55.77 -20.94
N VAL F 109 -18.24 -55.56 -20.58
CA VAL F 109 -17.12 -56.12 -21.32
C VAL F 109 -16.97 -57.59 -20.92
N ASP F 110 -16.18 -58.35 -21.68
CA ASP F 110 -15.81 -59.70 -21.29
C ASP F 110 -14.63 -59.67 -20.32
N ILE F 111 -14.88 -60.12 -19.08
CA ILE F 111 -13.86 -60.13 -18.05
C ILE F 111 -12.95 -61.35 -18.25
N GLU F 112 -11.70 -61.11 -18.63
CA GLU F 112 -10.78 -62.21 -18.90
C GLU F 112 -9.87 -62.54 -17.71
N GLY F 113 -9.02 -61.58 -17.33
CA GLY F 113 -8.03 -61.75 -16.31
C GLY F 113 -8.09 -60.88 -15.06
N GLU F 114 -8.54 -59.64 -15.23
CA GLU F 114 -8.37 -58.61 -14.20
C GLU F 114 -9.50 -58.60 -13.18
N THR F 115 -9.13 -58.31 -11.94
CA THR F 115 -10.09 -58.29 -10.84
C THR F 115 -10.24 -56.91 -10.23
N ASP F 116 -9.34 -55.98 -10.53
CA ASP F 116 -9.45 -54.64 -9.96
C ASP F 116 -10.60 -53.92 -10.66
N PRO F 117 -11.57 -53.38 -9.92
CA PRO F 117 -12.70 -52.69 -10.58
C PRO F 117 -12.28 -51.51 -11.43
N LEU F 118 -11.23 -50.78 -11.07
CA LEU F 118 -10.76 -49.65 -11.87
C LEU F 118 -10.23 -50.09 -13.23
N GLN F 119 -9.48 -51.20 -13.27
CA GLN F 119 -8.95 -51.66 -14.55
C GLN F 119 -10.07 -52.18 -15.44
N ILE F 120 -11.07 -52.82 -14.84
CA ILE F 120 -12.25 -53.23 -15.59
C ILE F 120 -12.95 -52.01 -16.17
N ALA F 121 -13.03 -50.94 -15.37
CA ALA F 121 -13.65 -49.72 -15.83
C ALA F 121 -12.86 -49.10 -16.99
N MET F 122 -11.52 -49.17 -16.92
CA MET F 122 -10.71 -48.69 -18.04
C MET F 122 -10.96 -49.51 -19.31
N LYS F 123 -11.03 -50.84 -19.20
CA LYS F 123 -11.34 -51.65 -20.36
C LYS F 123 -12.71 -51.29 -20.94
N GLU F 124 -13.70 -51.09 -20.09
CA GLU F 124 -15.02 -50.71 -20.58
C GLU F 124 -14.99 -49.33 -21.25
N LEU F 125 -14.25 -48.39 -20.68
CA LEU F 125 -14.15 -47.06 -21.26
C LEU F 125 -13.49 -47.09 -22.63
N SER F 126 -12.46 -47.91 -22.79
CA SER F 126 -11.77 -47.99 -24.08
C SER F 126 -12.67 -48.60 -25.14
N GLN F 127 -13.49 -49.58 -24.77
CA GLN F 127 -14.38 -50.24 -25.70
C GLN F 127 -15.71 -49.50 -25.86
N ARG F 128 -15.79 -48.28 -25.33
CA ARG F 128 -16.99 -47.45 -25.43
C ARG F 128 -18.22 -48.16 -24.90
N LYS F 129 -18.07 -48.88 -23.79
CA LYS F 129 -19.16 -49.67 -23.24
C LYS F 129 -19.48 -49.27 -21.80
N ILE F 130 -19.13 -48.05 -21.42
CA ILE F 130 -19.48 -47.49 -20.12
C ILE F 130 -20.80 -46.73 -20.27
N PRO F 131 -21.86 -47.11 -19.55
CA PRO F 131 -23.19 -46.49 -19.71
C PRO F 131 -23.45 -45.27 -18.84
N LEU F 132 -22.73 -44.18 -19.12
CA LEU F 132 -22.88 -42.97 -18.35
C LEU F 132 -23.06 -41.79 -19.28
N VAL F 133 -23.44 -40.66 -18.70
CA VAL F 133 -23.72 -39.42 -19.44
C VAL F 133 -23.08 -38.26 -18.69
N ILE F 134 -22.35 -37.42 -19.40
CA ILE F 134 -21.82 -36.19 -18.84
C ILE F 134 -22.74 -35.04 -19.19
N ARG F 135 -23.18 -34.30 -18.17
CA ARG F 135 -24.03 -33.13 -18.36
C ARG F 135 -23.18 -31.89 -18.11
N ARG F 136 -22.83 -31.20 -19.19
CA ARG F 136 -21.87 -30.10 -19.14
C ARG F 136 -22.62 -28.79 -18.95
N TYR F 137 -22.52 -28.23 -17.75
CA TYR F 137 -23.21 -27.00 -17.40
C TYR F 137 -22.49 -25.80 -17.98
N LEU F 138 -23.24 -24.91 -18.60
CA LEU F 138 -22.73 -23.65 -19.10
C LEU F 138 -22.77 -22.61 -17.99
N PRO F 139 -22.03 -21.50 -18.12
CA PRO F 139 -22.04 -20.48 -17.05
C PRO F 139 -23.38 -19.82 -16.83
N ASP F 140 -24.33 -19.92 -17.76
CA ASP F 140 -25.63 -19.30 -17.59
C ASP F 140 -26.66 -20.27 -17.01
N GLY F 141 -26.25 -21.47 -16.63
CA GLY F 141 -27.14 -22.45 -16.04
C GLY F 141 -27.63 -23.50 -17.01
N SER F 142 -27.60 -23.22 -18.32
CA SER F 142 -28.00 -24.21 -19.30
C SER F 142 -26.95 -25.31 -19.36
N TYR F 143 -27.29 -26.39 -20.06
CA TYR F 143 -26.40 -27.53 -20.12
C TYR F 143 -26.53 -28.27 -21.45
N GLU F 144 -25.50 -29.06 -21.74
CA GLU F 144 -25.48 -29.98 -22.88
C GLU F 144 -25.27 -31.39 -22.35
N ASP F 145 -25.92 -32.35 -22.99
CA ASP F 145 -25.81 -33.74 -22.61
C ASP F 145 -25.01 -34.51 -23.66
N TRP F 146 -24.01 -35.27 -23.20
CA TRP F 146 -23.18 -36.11 -24.06
C TRP F 146 -23.06 -37.48 -23.42
N GLY F 147 -23.45 -38.51 -24.14
CA GLY F 147 -23.15 -39.84 -23.67
C GLY F 147 -21.65 -40.08 -23.80
N CYS F 148 -21.12 -40.90 -22.89
CA CYS F 148 -19.68 -41.13 -22.91
C CYS F 148 -19.24 -41.82 -24.19
N ASP F 149 -20.13 -42.63 -24.79
CA ASP F 149 -19.78 -43.41 -25.96
C ASP F 149 -19.69 -42.57 -27.23
N GLU F 150 -20.17 -41.32 -27.20
CA GLU F 150 -20.10 -40.50 -28.39
C GLU F 150 -19.03 -39.41 -28.29
N LEU F 151 -18.54 -39.12 -27.09
CA LEU F 151 -17.32 -38.35 -26.94
C LEU F 151 -16.11 -39.20 -27.31
N ILE F 152 -15.10 -38.57 -27.89
CA ILE F 152 -13.93 -39.29 -28.40
C ILE F 152 -12.87 -39.33 -27.32
N VAL F 153 -12.35 -40.52 -27.04
CA VAL F 153 -11.34 -40.73 -26.00
C VAL F 153 -9.99 -40.94 -26.65
N ASP F 154 -8.99 -40.23 -26.17
CA ASP F 154 -7.64 -40.32 -26.72
C ASP F 154 -6.90 -41.54 -26.19
N MET G 1 -62.33 -34.55 -0.55
CA MET G 1 -62.69 -34.49 -1.97
C MET G 1 -61.44 -34.79 -2.80
N PHE G 2 -61.66 -35.42 -3.95
CA PHE G 2 -60.58 -35.81 -4.84
C PHE G 2 -60.07 -34.67 -5.73
N PHE G 3 -58.75 -34.49 -5.70
CA PHE G 3 -58.05 -33.50 -6.53
C PHE G 3 -57.01 -34.17 -7.42
N LEU G 4 -56.91 -33.72 -8.67
CA LEU G 4 -55.82 -34.16 -9.53
C LEU G 4 -54.56 -33.39 -9.16
N LYS G 5 -53.51 -34.12 -8.78
CA LYS G 5 -52.32 -33.52 -8.18
C LYS G 5 -51.11 -33.95 -8.99
N ASP G 6 -50.33 -32.96 -9.43
CA ASP G 6 -48.98 -33.21 -9.92
C ASP G 6 -48.05 -33.36 -8.74
N LEU G 7 -47.35 -34.50 -8.68
CA LEU G 7 -46.44 -34.80 -7.57
C LEU G 7 -45.26 -35.62 -8.08
N SER G 8 -44.21 -35.66 -7.27
CA SER G 8 -42.96 -36.32 -7.62
C SER G 8 -42.54 -37.27 -6.49
N LEU G 9 -41.53 -38.08 -6.79
CA LEU G 9 -40.98 -39.00 -5.80
C LEU G 9 -39.54 -39.32 -6.18
N ILE G 10 -38.60 -38.80 -5.41
CA ILE G 10 -37.18 -39.08 -5.60
C ILE G 10 -36.88 -40.49 -5.10
N LEU G 11 -36.05 -41.22 -5.84
CA LEU G 11 -35.79 -42.63 -5.58
C LEU G 11 -34.31 -42.92 -5.70
N THR G 12 -33.92 -44.06 -5.14
CA THR G 12 -32.53 -44.51 -5.10
C THR G 12 -32.48 -45.94 -5.65
N LEU G 13 -31.53 -46.17 -6.56
CA LEU G 13 -31.39 -47.44 -7.26
C LEU G 13 -29.99 -48.00 -7.12
N HIS G 14 -29.87 -49.27 -6.76
CA HIS G 14 -28.56 -49.86 -6.59
C HIS G 14 -27.93 -50.15 -7.96
N PRO G 15 -26.60 -50.12 -8.05
CA PRO G 15 -25.94 -50.48 -9.33
C PRO G 15 -26.21 -51.91 -9.78
N SER G 16 -26.48 -52.82 -8.85
CA SER G 16 -26.74 -54.21 -9.19
C SER G 16 -27.96 -54.37 -10.10
N TYR G 17 -28.89 -53.43 -10.05
CA TYR G 17 -30.13 -53.50 -10.81
C TYR G 17 -30.01 -52.88 -12.20
N PHE G 18 -28.81 -52.45 -12.59
CA PHE G 18 -28.56 -51.70 -13.83
C PHE G 18 -28.62 -52.63 -15.05
N GLY G 19 -29.84 -52.98 -15.46
CA GLY G 19 -30.00 -53.93 -16.54
C GLY G 19 -30.67 -53.31 -17.75
N PRO G 20 -31.21 -54.14 -18.67
CA PRO G 20 -31.80 -53.56 -19.89
C PRO G 20 -33.26 -53.16 -19.77
N GLN G 21 -33.97 -53.67 -18.76
CA GLN G 21 -35.37 -53.32 -18.55
C GLN G 21 -35.53 -52.58 -17.23
N MET G 22 -34.62 -51.63 -17.00
CA MET G 22 -34.52 -50.94 -15.72
C MET G 22 -35.73 -50.04 -15.53
N ASN G 23 -36.02 -49.21 -16.53
CA ASN G 23 -37.04 -48.16 -16.39
C ASN G 23 -38.38 -48.79 -16.01
N GLN G 24 -38.70 -49.96 -16.57
CA GLN G 24 -39.95 -50.62 -16.22
C GLN G 24 -39.90 -51.15 -14.79
N TYR G 25 -38.72 -51.58 -14.34
CA TYR G 25 -38.57 -51.99 -12.95
C TYR G 25 -38.83 -50.81 -12.00
N LEU G 26 -38.32 -49.63 -12.35
CA LEU G 26 -38.61 -48.45 -11.54
C LEU G 26 -40.09 -48.07 -11.61
N ARG G 27 -40.73 -48.27 -12.76
CA ARG G 27 -42.16 -47.99 -12.85
C ARG G 27 -42.94 -48.90 -11.92
N GLU G 28 -42.59 -50.19 -11.89
CA GLU G 28 -43.23 -51.12 -10.97
C GLU G 28 -42.94 -50.75 -9.52
N LYS G 29 -41.71 -50.31 -9.24
CA LYS G 29 -41.35 -49.87 -7.89
C LYS G 29 -42.20 -48.67 -7.49
N LEU G 30 -42.39 -47.72 -8.39
CA LEU G 30 -43.23 -46.56 -8.09
C LEU G 30 -44.66 -47.00 -7.82
N LEU G 31 -45.20 -47.88 -8.68
CA LEU G 31 -46.59 -48.31 -8.52
C LEU G 31 -46.79 -49.03 -7.19
N THR G 32 -45.87 -49.92 -6.81
CA THR G 32 -45.97 -50.56 -5.50
C THR G 32 -45.82 -49.54 -4.37
N ASP G 33 -44.89 -48.61 -4.50
CA ASP G 33 -44.55 -47.71 -3.40
C ASP G 33 -45.66 -46.72 -3.11
N VAL G 34 -46.30 -46.16 -4.14
CA VAL G 34 -47.15 -45.00 -3.93
C VAL G 34 -48.63 -45.33 -3.89
N GLU G 35 -49.05 -46.48 -4.42
CA GLU G 35 -50.48 -46.79 -4.54
C GLU G 35 -50.99 -47.24 -3.17
N GLY G 36 -51.42 -46.26 -2.37
CA GLY G 36 -52.03 -46.54 -1.09
C GLY G 36 -51.60 -45.64 0.05
N THR G 37 -50.54 -44.86 -0.16
CA THR G 37 -49.93 -44.10 0.92
C THR G 37 -50.73 -42.84 1.25
N CYS G 38 -50.62 -42.40 2.49
CA CYS G 38 -51.20 -41.14 2.93
C CYS G 38 -50.10 -40.11 3.14
N THR G 39 -50.41 -38.85 2.84
CA THR G 39 -49.55 -37.73 3.18
C THR G 39 -50.42 -36.59 3.71
N GLY G 40 -49.98 -35.99 4.82
CA GLY G 40 -50.71 -34.90 5.45
C GLY G 40 -50.89 -33.68 4.58
N GLN G 41 -50.03 -33.49 3.59
CA GLN G 41 -50.11 -32.32 2.71
C GLN G 41 -50.95 -32.55 1.46
N PHE G 42 -51.37 -33.76 1.18
CA PHE G 42 -52.11 -33.97 -0.06
C PHE G 42 -53.43 -34.69 0.14
N GLY G 43 -53.49 -35.66 1.03
CA GLY G 43 -54.70 -36.45 1.14
C GLY G 43 -54.40 -37.92 0.97
N TYR G 44 -55.17 -38.60 0.13
CA TYR G 44 -54.97 -40.02 -0.11
C TYR G 44 -54.81 -40.27 -1.59
N ILE G 45 -53.76 -41.00 -1.95
CA ILE G 45 -53.41 -41.30 -3.33
C ILE G 45 -54.07 -42.63 -3.67
N VAL G 46 -55.22 -42.55 -4.32
CA VAL G 46 -55.97 -43.75 -4.68
C VAL G 46 -55.38 -44.42 -5.91
N THR G 47 -55.32 -43.72 -7.05
CA THR G 47 -54.75 -44.27 -8.28
C THR G 47 -53.79 -43.27 -8.90
N VAL G 48 -53.24 -43.64 -10.05
CA VAL G 48 -52.38 -42.76 -10.83
C VAL G 48 -52.83 -42.83 -12.27
N LEU G 49 -53.20 -41.69 -12.84
CA LEU G 49 -53.58 -41.63 -14.25
C LEU G 49 -52.41 -42.07 -15.13
N ASP G 50 -52.68 -42.97 -16.07
CA ASP G 50 -51.68 -43.46 -17.02
C ASP G 50 -50.43 -43.96 -16.30
N GLY G 51 -50.63 -45.02 -15.50
CA GLY G 51 -49.55 -45.50 -14.65
C GLY G 51 -48.35 -46.02 -15.44
N MET G 52 -48.60 -46.81 -16.49
CA MET G 52 -47.49 -47.40 -17.22
C MET G 52 -46.73 -46.39 -18.07
N ASN G 53 -47.30 -45.20 -18.31
CA ASN G 53 -46.67 -44.21 -19.18
C ASN G 53 -46.06 -43.04 -18.40
N ILE G 54 -45.54 -43.28 -17.20
CA ILE G 54 -44.78 -42.24 -16.50
C ILE G 54 -43.37 -42.17 -17.04
N ASP G 55 -42.85 -40.95 -17.17
CA ASP G 55 -41.50 -40.71 -17.67
C ASP G 55 -40.54 -40.56 -16.50
N VAL G 56 -39.56 -41.46 -16.41
CA VAL G 56 -38.53 -41.38 -15.38
C VAL G 56 -37.37 -40.47 -15.74
N GLY G 57 -37.29 -40.04 -17.00
CA GLY G 57 -36.23 -39.14 -17.41
C GLY G 57 -34.87 -39.82 -17.31
N LYS G 58 -33.84 -39.02 -17.03
CA LYS G 58 -32.49 -39.55 -16.83
C LYS G 58 -32.07 -39.34 -15.39
N GLY G 59 -31.67 -40.44 -14.74
CA GLY G 59 -31.24 -40.35 -13.35
C GLY G 59 -29.81 -39.89 -13.22
N ARG G 60 -29.50 -39.29 -12.08
CA ARG G 60 -28.16 -38.77 -11.80
C ARG G 60 -27.49 -39.64 -10.74
N ILE G 61 -26.25 -40.01 -10.99
CA ILE G 61 -25.46 -40.79 -10.03
C ILE G 61 -24.99 -39.86 -8.92
N ILE G 62 -25.28 -40.22 -7.68
CA ILE G 62 -24.84 -39.46 -6.52
C ILE G 62 -23.35 -39.71 -6.30
N PRO G 63 -22.53 -38.65 -6.25
CA PRO G 63 -21.09 -38.83 -6.02
C PRO G 63 -20.82 -39.35 -4.61
N GLY G 64 -20.10 -40.47 -4.54
CA GLY G 64 -19.72 -41.08 -3.29
C GLY G 64 -20.49 -42.34 -2.94
N SER G 65 -21.69 -42.51 -3.48
CA SER G 65 -22.48 -43.69 -3.18
C SER G 65 -22.72 -44.58 -4.39
N GLY G 66 -22.89 -44.00 -5.57
CA GLY G 66 -23.11 -44.78 -6.78
C GLY G 66 -24.54 -45.16 -7.04
N SER G 67 -25.48 -44.62 -6.27
CA SER G 67 -26.89 -44.89 -6.46
C SER G 67 -27.57 -43.76 -7.23
N ALA G 68 -28.54 -44.13 -8.06
CA ALA G 68 -29.20 -43.20 -8.96
C ALA G 68 -30.43 -42.54 -8.36
N GLU G 69 -30.58 -41.25 -8.64
CA GLU G 69 -31.72 -40.46 -8.20
C GLU G 69 -32.59 -40.13 -9.41
N PHE G 70 -33.90 -40.29 -9.27
CA PHE G 70 -34.84 -40.02 -10.35
C PHE G 70 -35.92 -39.07 -9.85
N GLU G 71 -36.19 -38.03 -10.64
CA GLU G 71 -37.30 -37.12 -10.39
C GLU G 71 -38.44 -37.50 -11.32
N VAL G 72 -39.18 -38.53 -10.91
CA VAL G 72 -40.25 -39.11 -11.70
C VAL G 72 -41.50 -38.25 -11.52
N LYS G 73 -41.69 -37.29 -12.43
CA LYS G 73 -42.82 -36.38 -12.32
C LYS G 73 -44.03 -37.00 -13.00
N TYR G 74 -45.20 -36.88 -12.37
CA TYR G 74 -46.42 -37.42 -12.95
C TYR G 74 -47.63 -36.75 -12.30
N ARG G 75 -48.77 -36.89 -12.96
CA ARG G 75 -50.02 -36.30 -12.50
C ARG G 75 -50.91 -37.42 -12.00
N ALA G 76 -51.36 -37.33 -10.75
CA ALA G 76 -52.17 -38.39 -10.18
C ALA G 76 -53.45 -37.82 -9.60
N VAL G 77 -54.22 -38.66 -8.91
CA VAL G 77 -55.47 -38.24 -8.28
C VAL G 77 -55.36 -38.50 -6.79
N VAL G 78 -55.71 -37.51 -5.98
CA VAL G 78 -55.60 -37.62 -4.53
C VAL G 78 -56.94 -37.18 -3.94
N TRP G 79 -57.27 -37.71 -2.77
CA TRP G 79 -58.56 -37.46 -2.13
C TRP G 79 -58.33 -36.94 -0.72
N LYS G 80 -58.76 -35.71 -0.46
CA LYS G 80 -58.52 -35.02 0.80
C LYS G 80 -59.85 -34.44 1.29
N PRO G 81 -60.19 -34.63 2.56
CA PRO G 81 -61.37 -33.94 3.12
C PRO G 81 -61.01 -32.57 3.65
N PHE G 82 -62.04 -31.72 3.75
CA PHE G 82 -61.88 -30.41 4.36
C PHE G 82 -63.05 -30.15 5.30
N LYS G 83 -62.75 -29.56 6.45
CA LYS G 83 -63.77 -29.17 7.41
C LYS G 83 -64.77 -28.19 6.81
N GLY G 84 -66.06 -28.48 6.99
CA GLY G 84 -67.12 -27.69 6.42
C GLY G 84 -67.51 -28.04 5.00
N GLU G 85 -66.98 -29.13 4.45
CA GLU G 85 -67.39 -29.65 3.16
C GLU G 85 -68.33 -30.84 3.34
N VAL G 86 -69.36 -30.91 2.51
CA VAL G 86 -70.35 -31.98 2.61
C VAL G 86 -69.88 -33.15 1.77
N VAL G 87 -69.82 -34.33 2.39
CA VAL G 87 -69.39 -35.56 1.74
C VAL G 87 -70.37 -36.68 2.04
N ASP G 88 -70.81 -37.38 1.01
CA ASP G 88 -71.68 -38.53 1.19
C ASP G 88 -70.88 -39.74 1.66
N ALA G 89 -71.59 -40.75 2.16
CA ALA G 89 -70.94 -41.94 2.70
C ALA G 89 -71.99 -43.04 2.86
N ILE G 90 -71.54 -44.18 3.38
CA ILE G 90 -72.40 -45.28 3.80
C ILE G 90 -71.92 -45.77 5.15
N VAL G 91 -72.86 -46.00 6.07
CA VAL G 91 -72.51 -46.38 7.44
C VAL G 91 -71.84 -47.75 7.43
N SER G 92 -70.79 -47.90 8.24
CA SER G 92 -70.13 -49.18 8.39
C SER G 92 -70.43 -49.84 9.73
N ASN G 93 -70.19 -49.15 10.84
CA ASN G 93 -70.45 -49.67 12.17
C ASN G 93 -71.63 -48.96 12.82
N VAL G 94 -72.10 -49.53 13.92
CA VAL G 94 -73.13 -48.93 14.77
C VAL G 94 -72.77 -49.18 16.23
N SER G 95 -73.13 -48.22 17.07
CA SER G 95 -72.80 -48.28 18.49
C SER G 95 -73.67 -47.28 19.24
N PRO G 96 -73.90 -47.50 20.54
CA PRO G 96 -74.68 -46.52 21.32
C PRO G 96 -74.06 -45.14 21.37
N ILE G 97 -72.75 -45.02 21.23
CA ILE G 97 -72.08 -43.72 21.32
C ILE G 97 -71.84 -43.12 19.94
N GLY G 98 -72.52 -43.61 18.92
CA GLY G 98 -72.43 -43.09 17.58
C GLY G 98 -72.18 -44.21 16.59
N PHE G 99 -71.96 -43.83 15.33
CA PHE G 99 -71.78 -44.81 14.27
C PHE G 99 -70.63 -44.38 13.38
N PHE G 100 -70.14 -45.32 12.59
CA PHE G 100 -69.04 -45.08 11.68
C PHE G 100 -69.56 -45.09 10.25
N ALA G 101 -69.06 -44.17 9.43
CA ALA G 101 -69.40 -44.10 8.03
C ALA G 101 -68.13 -43.99 7.19
N ASP G 102 -68.03 -44.83 6.18
CA ASP G 102 -66.84 -44.90 5.33
C ASP G 102 -66.90 -43.78 4.30
N VAL G 103 -65.91 -42.88 4.34
CA VAL G 103 -65.85 -41.75 3.43
C VAL G 103 -64.56 -41.88 2.62
N GLY G 104 -64.71 -42.03 1.30
CA GLY G 104 -63.58 -42.20 0.43
C GLY G 104 -62.81 -43.46 0.79
N PRO G 105 -61.52 -43.30 1.11
CA PRO G 105 -60.76 -44.42 1.67
C PRO G 105 -60.93 -44.59 3.17
N LEU G 106 -61.53 -43.60 3.85
CA LEU G 106 -61.47 -43.51 5.30
C LEU G 106 -62.79 -43.97 5.92
N ASN G 107 -62.90 -43.80 7.23
CA ASN G 107 -64.14 -44.11 7.96
C ASN G 107 -64.38 -43.01 8.97
N VAL G 108 -65.56 -42.38 8.90
CA VAL G 108 -65.89 -41.23 9.74
C VAL G 108 -66.89 -41.67 10.80
N PHE G 109 -66.64 -41.25 12.04
CA PHE G 109 -67.48 -41.59 13.18
C PHE G 109 -68.06 -40.30 13.74
N VAL G 110 -69.37 -40.29 13.99
CA VAL G 110 -70.08 -39.14 14.53
C VAL G 110 -70.53 -39.45 15.95
N SER G 111 -70.34 -38.49 16.84
CA SER G 111 -70.60 -38.65 18.26
C SER G 111 -72.07 -38.38 18.58
N THR G 112 -72.48 -38.82 19.77
CA THR G 112 -73.89 -38.76 20.17
C THR G 112 -74.39 -37.32 20.28
N ARG G 113 -73.56 -36.39 20.74
CA ARG G 113 -74.06 -35.04 20.97
C ARG G 113 -74.32 -34.28 19.68
N LEU G 114 -73.90 -34.80 18.53
CA LEU G 114 -73.94 -34.08 17.26
C LEU G 114 -74.90 -34.77 16.30
N ILE G 115 -76.06 -35.15 16.82
CA ILE G 115 -77.04 -35.98 16.12
C ILE G 115 -78.42 -35.41 16.46
N PRO G 116 -79.33 -35.28 15.50
CA PRO G 116 -80.68 -34.78 15.82
C PRO G 116 -81.34 -35.62 16.91
N ASP G 117 -81.93 -34.92 17.89
CA ASP G 117 -82.38 -35.58 19.10
C ASP G 117 -83.63 -36.42 18.89
N ASN G 118 -84.29 -36.33 17.73
CA ASN G 118 -85.37 -37.25 17.40
C ASN G 118 -84.86 -38.66 17.09
N LEU G 119 -83.56 -38.82 16.87
CA LEU G 119 -82.98 -40.14 16.63
C LEU G 119 -82.77 -40.86 17.94
N VAL G 120 -83.26 -42.09 18.03
CA VAL G 120 -83.19 -42.90 19.24
C VAL G 120 -82.50 -44.21 18.89
N TYR G 121 -81.54 -44.61 19.73
CA TYR G 121 -80.81 -45.85 19.54
C TYR G 121 -81.60 -47.03 20.09
N ASN G 122 -81.28 -48.22 19.59
CA ASN G 122 -81.97 -49.43 20.01
C ASN G 122 -81.00 -50.59 20.01
N PRO G 123 -80.67 -51.14 21.19
CA PRO G 123 -79.86 -52.37 21.25
C PRO G 123 -80.63 -53.66 21.04
N SER G 124 -81.96 -53.60 20.91
CA SER G 124 -82.77 -54.80 20.92
C SER G 124 -83.49 -55.06 19.61
N ASN G 125 -83.48 -54.11 18.68
CA ASN G 125 -84.17 -54.29 17.42
C ASN G 125 -83.47 -55.36 16.59
N SER G 126 -84.23 -56.03 15.74
CA SER G 126 -83.66 -56.87 14.69
C SER G 126 -84.02 -56.28 13.33
N PRO G 127 -83.07 -55.63 12.63
CA PRO G 127 -81.68 -55.42 13.05
C PRO G 127 -81.46 -54.23 14.00
N PRO G 128 -80.43 -54.33 14.83
CA PRO G 128 -80.10 -53.23 15.75
C PRO G 128 -79.68 -51.98 14.97
N ALA G 129 -80.25 -50.84 15.34
CA ALA G 129 -80.00 -49.60 14.61
C ALA G 129 -80.66 -48.43 15.35
N TYR G 130 -80.25 -47.22 14.97
CA TYR G 130 -80.97 -46.02 15.36
C TYR G 130 -82.33 -46.00 14.67
N MET G 131 -83.34 -45.47 15.36
CA MET G 131 -84.66 -45.25 14.77
C MET G 131 -85.18 -43.86 15.08
N SER G 132 -86.40 -43.62 14.57
CA SER G 132 -87.21 -42.44 14.84
C SER G 132 -88.59 -42.74 14.27
N ASN G 133 -89.52 -41.81 14.47
CA ASN G 133 -90.69 -41.68 13.60
C ASN G 133 -90.32 -40.78 12.42
N ASP G 134 -90.27 -41.37 11.22
CA ASP G 134 -89.92 -40.74 9.94
C ASP G 134 -88.42 -40.57 9.72
N GLU G 135 -87.58 -41.18 10.55
CA GLU G 135 -86.15 -41.23 10.29
C GLU G 135 -85.60 -42.61 10.59
N LEU G 136 -84.66 -43.06 9.76
CA LEU G 136 -84.09 -44.40 9.88
C LEU G 136 -82.60 -44.32 9.58
N ILE G 137 -81.80 -45.03 10.39
CA ILE G 137 -80.38 -45.22 10.16
C ILE G 137 -80.02 -46.68 10.40
N THR G 138 -79.99 -47.49 9.35
CA THR G 138 -79.59 -48.89 9.45
C THR G 138 -78.36 -49.14 8.59
N LYS G 139 -77.80 -50.33 8.74
CA LYS G 139 -76.58 -50.68 8.01
C LYS G 139 -76.86 -50.75 6.52
N GLY G 140 -76.02 -50.09 5.74
CA GLY G 140 -76.21 -49.93 4.31
C GLY G 140 -76.85 -48.62 3.90
N SER G 141 -77.22 -47.79 4.87
CA SER G 141 -77.87 -46.52 4.57
C SER G 141 -76.88 -45.52 3.98
N LYS G 142 -77.42 -44.51 3.32
CA LYS G 142 -76.63 -43.37 2.85
C LYS G 142 -76.77 -42.22 3.84
N VAL G 143 -75.67 -41.47 4.01
CA VAL G 143 -75.60 -40.37 4.96
C VAL G 143 -74.87 -39.21 4.30
N ARG G 144 -75.60 -38.13 4.03
CA ARG G 144 -75.00 -36.87 3.58
C ARG G 144 -74.55 -36.12 4.82
N LEU G 145 -73.27 -36.26 5.17
CA LEU G 145 -72.73 -35.78 6.43
C LEU G 145 -71.62 -34.77 6.20
N LYS G 146 -71.60 -33.73 7.03
CA LYS G 146 -70.57 -32.70 6.98
C LYS G 146 -69.39 -33.09 7.85
N VAL G 147 -68.20 -32.70 7.40
CA VAL G 147 -66.97 -32.86 8.17
C VAL G 147 -66.75 -31.60 9.00
N VAL G 148 -66.61 -31.77 10.31
CA VAL G 148 -66.30 -30.66 11.21
C VAL G 148 -64.98 -30.89 11.96
N GLY G 149 -64.13 -31.78 11.46
CA GLY G 149 -62.84 -32.00 12.08
C GLY G 149 -62.00 -33.04 11.36
N THR G 150 -60.71 -32.77 11.19
CA THR G 150 -59.79 -33.71 10.55
C THR G 150 -58.42 -33.57 11.19
N ARG G 151 -57.97 -34.60 11.89
CA ARG G 151 -56.62 -34.66 12.42
C ARG G 151 -55.73 -35.33 11.38
N THR G 152 -54.52 -34.82 11.20
CA THR G 152 -53.60 -35.35 10.21
C THR G 152 -52.58 -36.27 10.88
N ASP G 153 -52.82 -37.58 10.77
CA ASP G 153 -51.82 -38.58 11.12
C ASP G 153 -51.24 -39.18 9.84
N VAL G 154 -49.91 -39.36 9.83
CA VAL G 154 -49.18 -39.54 8.58
C VAL G 154 -49.66 -40.77 7.83
N ASN G 155 -49.86 -41.88 8.55
CA ASN G 155 -50.27 -43.13 7.92
C ASN G 155 -51.77 -43.18 7.65
N GLU G 156 -52.59 -43.09 8.70
CA GLU G 156 -54.04 -43.09 8.56
C GLU G 156 -54.62 -41.85 9.20
N ILE G 157 -55.51 -41.17 8.49
CA ILE G 157 -56.19 -39.99 8.99
C ILE G 157 -57.63 -40.35 9.35
N TYR G 158 -58.23 -39.54 10.24
CA TYR G 158 -59.60 -39.74 10.69
C TYR G 158 -60.32 -38.40 10.71
N ALA G 159 -61.60 -38.42 10.31
CA ALA G 159 -62.46 -37.25 10.24
C ALA G 159 -63.69 -37.49 11.10
N ILE G 160 -64.02 -36.54 11.96
CA ILE G 160 -65.21 -36.63 12.81
C ILE G 160 -66.25 -35.62 12.31
N GLY G 161 -67.40 -36.13 11.87
CA GLY G 161 -68.43 -35.31 11.28
C GLY G 161 -69.54 -34.94 12.26
N SER G 162 -70.55 -34.23 11.73
CA SER G 162 -71.69 -33.82 12.53
C SER G 162 -72.95 -33.76 11.68
N ILE G 163 -73.97 -34.53 12.07
CA ILE G 163 -75.22 -34.58 11.33
C ILE G 163 -76.32 -33.74 12.00
N LYS G 164 -75.94 -32.77 12.82
CA LYS G 164 -76.88 -31.97 13.59
C LYS G 164 -77.52 -30.85 12.80
N GLU G 165 -77.07 -30.61 11.58
CA GLU G 165 -77.52 -29.46 10.80
C GLU G 165 -78.53 -29.86 9.73
N ASP G 166 -79.28 -28.87 9.28
CA ASP G 166 -80.39 -29.09 8.36
C ASP G 166 -79.90 -29.67 7.04
N PHE G 167 -80.80 -30.37 6.35
CA PHE G 167 -80.51 -31.03 5.08
C PHE G 167 -79.46 -32.13 5.23
N LEU G 168 -79.28 -32.65 6.44
CA LEU G 168 -78.21 -33.59 6.75
C LEU G 168 -78.76 -34.73 7.59
N GLY G 169 -78.09 -35.88 7.49
CA GLY G 169 -78.44 -37.04 8.27
C GLY G 169 -78.88 -38.18 7.35
N ALA G 170 -79.96 -38.85 7.73
CA ALA G 170 -80.50 -39.90 6.88
C ALA G 170 -81.01 -39.28 5.59
N ILE G 171 -80.77 -39.96 4.48
CA ILE G 171 -81.24 -39.49 3.18
C ILE G 171 -81.76 -40.66 2.33
N SER H 3 33.72 -57.81 -52.07
CA SER H 3 32.68 -57.80 -51.05
C SER H 3 32.78 -56.56 -50.17
N ALA H 4 33.57 -55.59 -50.62
CA ALA H 4 33.73 -54.33 -49.94
C ALA H 4 33.20 -53.18 -50.78
N LEU H 5 32.86 -52.09 -50.11
CA LEU H 5 32.22 -50.94 -50.74
C LEU H 5 33.21 -49.86 -51.14
N PHE H 6 34.30 -49.69 -50.39
CA PHE H 6 35.27 -48.64 -50.67
C PHE H 6 36.62 -49.10 -50.14
N ASP H 7 37.47 -49.57 -51.03
CA ASP H 7 38.86 -49.89 -50.71
C ASP H 7 39.75 -48.71 -51.09
N ASP H 8 40.80 -48.49 -50.31
CA ASP H 8 41.71 -47.37 -50.56
C ASP H 8 42.87 -47.43 -49.59
N ILE H 9 43.95 -46.74 -49.95
CA ILE H 9 45.13 -46.58 -49.11
C ILE H 9 45.27 -45.10 -48.78
N PHE H 10 45.56 -44.80 -47.51
CA PHE H 10 45.64 -43.43 -47.05
C PHE H 10 47.00 -43.17 -46.40
N THR H 11 47.44 -41.93 -46.49
CA THR H 11 48.66 -41.48 -45.82
C THR H 11 48.27 -40.53 -44.68
N VAL H 12 48.59 -40.93 -43.45
CA VAL H 12 48.18 -40.16 -42.29
C VAL H 12 48.95 -38.86 -42.26
N GLN H 13 48.23 -37.75 -42.11
CA GLN H 13 48.82 -36.41 -42.12
C GLN H 13 49.06 -35.87 -40.72
N THR H 14 48.02 -35.87 -39.89
CA THR H 14 48.11 -35.35 -38.53
C THR H 14 47.36 -36.28 -37.59
N VAL H 15 47.80 -36.32 -36.34
CA VAL H 15 47.14 -37.11 -35.30
C VAL H 15 47.13 -36.25 -34.04
N ASP H 16 45.95 -35.79 -33.64
CA ASP H 16 45.78 -35.00 -32.42
C ASP H 16 45.26 -35.95 -31.33
N ASN H 17 46.19 -36.53 -30.58
CA ASN H 17 45.83 -37.29 -29.38
C ASN H 17 45.06 -36.39 -28.43
N GLY H 18 45.72 -35.36 -27.91
CA GLY H 18 45.06 -34.15 -27.47
C GLY H 18 43.95 -34.30 -26.45
N ARG H 19 42.71 -34.15 -26.93
CA ARG H 19 41.55 -34.07 -26.03
C ARG H 19 41.44 -35.28 -25.12
N TYR H 20 41.68 -36.47 -25.64
CA TYR H 20 41.39 -37.70 -24.91
C TYR H 20 42.68 -38.47 -24.64
N ASN H 21 42.53 -39.67 -24.09
CA ASN H 21 43.64 -40.54 -23.75
C ASN H 21 43.64 -41.85 -24.51
N LYS H 22 42.47 -42.40 -24.80
CA LYS H 22 42.36 -43.63 -25.57
C LYS H 22 41.86 -43.40 -26.98
N VAL H 23 41.71 -42.13 -27.39
CA VAL H 23 41.07 -41.78 -28.65
C VAL H 23 41.89 -40.70 -29.30
N SER H 24 42.14 -40.85 -30.60
CA SER H 24 42.87 -39.86 -31.39
C SER H 24 42.15 -39.65 -32.71
N ARG H 25 42.13 -38.41 -33.19
CA ARG H 25 41.56 -38.09 -34.49
C ARG H 25 42.67 -37.99 -35.52
N ILE H 26 42.49 -38.65 -36.67
CA ILE H 26 43.49 -38.67 -37.71
C ILE H 26 42.92 -38.06 -38.98
N ILE H 27 43.79 -37.42 -39.77
CA ILE H 27 43.44 -36.87 -41.06
C ILE H 27 44.34 -37.52 -42.10
N GLY H 28 43.76 -37.97 -43.20
CA GLY H 28 44.56 -38.59 -44.24
C GLY H 28 44.03 -38.44 -45.66
N ILE H 29 44.90 -38.06 -46.58
CA ILE H 29 44.56 -37.97 -48.00
C ILE H 29 45.00 -39.26 -48.69
N SER H 30 44.17 -39.74 -49.61
CA SER H 30 44.52 -40.91 -50.39
C SER H 30 45.83 -40.68 -51.16
N THR H 31 46.68 -41.71 -51.18
CA THR H 31 47.94 -41.59 -51.90
C THR H 31 47.75 -41.67 -53.42
N THR H 32 46.71 -42.37 -53.88
CA THR H 32 46.49 -42.57 -55.30
C THR H 32 45.55 -41.54 -55.91
N ASN H 33 44.61 -41.02 -55.11
CA ASN H 33 43.59 -40.09 -55.61
C ASN H 33 43.46 -39.00 -54.56
N SER H 34 44.20 -37.91 -54.75
CA SER H 34 44.10 -36.79 -53.84
C SER H 34 42.71 -36.16 -53.93
N ALA H 35 42.48 -35.19 -53.05
CA ALA H 35 41.20 -34.56 -52.74
C ALA H 35 40.23 -35.51 -52.06
N ILE H 36 40.60 -36.77 -51.88
CA ILE H 36 39.85 -37.69 -51.02
C ILE H 36 40.44 -37.59 -49.63
N LYS H 37 39.73 -36.92 -48.73
CA LYS H 37 40.16 -36.69 -47.36
C LYS H 37 39.44 -37.68 -46.43
N LEU H 38 40.13 -38.09 -45.37
CA LEU H 38 39.57 -38.99 -44.38
C LEU H 38 39.89 -38.48 -42.99
N THR H 39 38.86 -38.22 -42.21
CA THR H 39 38.99 -37.92 -40.79
C THR H 39 38.33 -39.05 -40.01
N LEU H 40 39.04 -39.54 -38.99
CA LEU H 40 38.62 -40.76 -38.31
C LEU H 40 39.11 -40.75 -36.87
N ASP H 41 38.20 -41.09 -35.95
CA ASP H 41 38.55 -41.32 -34.56
C ASP H 41 38.86 -42.79 -34.36
N ILE H 42 39.95 -43.09 -33.65
CA ILE H 42 40.40 -44.46 -33.45
C ILE H 42 40.84 -44.63 -32.00
N ASN H 43 40.69 -45.86 -31.50
CA ASN H 43 41.19 -46.21 -30.18
C ASN H 43 42.70 -46.33 -30.20
N ASN H 44 43.39 -45.53 -29.38
CA ASN H 44 44.85 -45.58 -29.36
C ASN H 44 45.36 -46.91 -28.82
N GLU H 45 44.77 -47.40 -27.73
CA GLU H 45 45.28 -48.60 -27.07
C GLU H 45 45.04 -49.86 -27.89
N MET H 46 44.08 -49.84 -28.82
CA MET H 46 43.79 -51.00 -29.65
C MET H 46 44.49 -50.96 -31.00
N PHE H 47 44.76 -49.76 -31.51
CA PHE H 47 45.39 -49.59 -32.82
C PHE H 47 46.14 -48.28 -32.85
N PRO H 48 47.32 -48.22 -32.24
CA PRO H 48 48.07 -46.96 -32.22
C PRO H 48 48.54 -46.58 -33.62
N VAL H 49 48.47 -45.29 -33.92
CA VAL H 49 48.78 -44.76 -35.24
C VAL H 49 49.68 -43.54 -35.08
N SER H 50 50.69 -43.44 -35.91
CA SER H 50 51.63 -42.33 -35.90
C SER H 50 51.51 -41.56 -37.20
N GLN H 51 52.07 -40.35 -37.20
CA GLN H 51 52.05 -39.50 -38.38
C GLN H 51 52.85 -40.11 -39.53
N ASP H 52 52.41 -39.82 -40.76
CA ASP H 52 53.00 -40.26 -42.02
C ASP H 52 52.87 -41.75 -42.25
N ASP H 53 52.18 -42.48 -41.37
CA ASP H 53 51.97 -43.90 -41.59
C ASP H 53 50.98 -44.11 -42.72
N SER H 54 50.98 -45.32 -43.27
CA SER H 54 50.16 -45.66 -44.44
C SER H 54 49.15 -46.71 -44.01
N LEU H 55 47.87 -46.38 -44.15
CA LEU H 55 46.78 -47.24 -43.68
C LEU H 55 45.95 -47.68 -44.87
N THR H 56 45.76 -49.00 -44.99
CA THR H 56 44.79 -49.56 -45.93
C THR H 56 43.40 -49.55 -45.27
N VAL H 57 42.51 -48.69 -45.76
CA VAL H 57 41.22 -48.45 -45.14
C VAL H 57 40.14 -49.02 -46.05
N THR H 58 39.26 -49.84 -45.47
CA THR H 58 38.15 -50.45 -46.17
C THR H 58 36.85 -50.05 -45.52
N LEU H 59 35.83 -49.79 -46.34
CA LEU H 59 34.46 -49.61 -45.87
C LEU H 59 33.59 -50.70 -46.47
N ALA H 60 32.85 -51.41 -45.64
CA ALA H 60 32.06 -52.55 -46.10
C ALA H 60 30.69 -52.53 -45.43
N ASN H 61 29.72 -53.12 -46.11
CA ASN H 61 28.36 -53.26 -45.58
C ASN H 61 28.19 -54.57 -44.82
N SER H 62 29.21 -55.43 -44.81
CA SER H 62 29.11 -56.68 -44.09
C SER H 62 30.51 -57.23 -43.90
N LEU H 63 30.65 -58.15 -42.95
CA LEU H 63 31.88 -58.92 -42.79
C LEU H 63 31.76 -60.35 -43.28
N SER H 64 30.59 -60.79 -43.69
CA SER H 64 30.44 -62.15 -44.17
C SER H 64 31.06 -62.29 -45.56
N LEU H 65 31.32 -63.53 -45.96
CA LEU H 65 31.95 -63.80 -47.23
C LEU H 65 30.99 -64.47 -48.21
N LYS H 76 20.96 -61.01 -35.41
CA LYS H 76 20.92 -59.60 -35.07
C LYS H 76 21.35 -59.36 -33.63
N SER H 77 21.63 -60.46 -32.92
CA SER H 77 22.03 -60.41 -31.52
C SER H 77 23.51 -60.80 -31.45
N TRP H 78 24.35 -59.84 -31.09
CA TRP H 78 25.79 -60.06 -31.11
C TRP H 78 26.20 -61.14 -30.13
N ARG H 79 27.00 -62.08 -30.60
CA ARG H 79 27.59 -63.14 -29.81
C ARG H 79 29.07 -63.22 -30.13
N PRO H 80 29.91 -63.57 -29.15
CA PRO H 80 31.36 -63.56 -29.36
C PRO H 80 31.77 -64.47 -30.49
N PRO H 81 32.76 -64.08 -31.29
CA PRO H 81 33.14 -64.91 -32.44
C PRO H 81 33.94 -66.13 -32.01
N LYS H 82 33.69 -67.23 -32.69
CA LYS H 82 34.46 -68.45 -32.51
C LYS H 82 35.76 -68.35 -33.28
N PRO H 83 36.75 -69.19 -32.95
CA PRO H 83 37.95 -69.22 -33.78
C PRO H 83 37.70 -69.88 -35.12
N THR H 84 36.78 -70.84 -35.19
CA THR H 84 36.65 -71.71 -36.36
C THR H 84 35.96 -71.04 -37.55
N ASP H 85 35.14 -70.01 -37.32
CA ASP H 85 34.47 -69.33 -38.41
C ASP H 85 35.35 -68.23 -38.97
N LYS H 86 35.01 -67.78 -40.18
CA LYS H 86 35.78 -66.79 -40.90
C LYS H 86 34.88 -65.67 -41.37
N SER H 87 35.47 -64.47 -41.49
CA SER H 87 34.76 -63.30 -41.96
C SER H 87 35.77 -62.39 -42.65
N LEU H 88 35.27 -61.27 -43.17
CA LEU H 88 36.14 -60.34 -43.89
C LEU H 88 37.16 -59.72 -42.95
N ALA H 89 36.81 -59.55 -41.67
CA ALA H 89 37.67 -58.88 -40.70
C ALA H 89 38.94 -59.66 -40.38
N ASP H 90 39.05 -60.90 -40.86
CA ASP H 90 40.21 -61.73 -40.56
C ASP H 90 41.50 -61.21 -41.16
N ASP H 91 41.41 -60.39 -42.20
CA ASP H 91 42.59 -59.89 -42.91
C ASP H 91 42.98 -58.48 -42.49
N TYR H 92 42.40 -57.95 -41.42
CA TYR H 92 42.62 -56.56 -41.03
C TYR H 92 43.06 -56.54 -39.56
N ASP H 93 43.44 -55.34 -39.11
CA ASP H 93 43.92 -55.16 -37.75
C ASP H 93 43.00 -54.35 -36.85
N TYR H 94 42.12 -53.53 -37.41
CA TYR H 94 41.26 -52.63 -36.64
C TYR H 94 39.92 -52.55 -37.35
N VAL H 95 38.88 -53.09 -36.74
CA VAL H 95 37.54 -53.11 -37.33
C VAL H 95 36.58 -52.38 -36.41
N MET H 96 35.76 -51.50 -36.99
CA MET H 96 34.78 -50.74 -36.23
C MET H 96 33.45 -50.77 -36.96
N PHE H 97 32.36 -50.65 -36.21
CA PHE H 97 31.01 -50.61 -36.74
C PHE H 97 30.37 -49.25 -36.47
N GLY H 98 29.66 -48.72 -37.48
CA GLY H 98 29.13 -47.38 -37.36
C GLY H 98 27.81 -47.17 -38.07
N THR H 99 27.26 -45.98 -37.87
CA THR H 99 25.96 -45.57 -38.40
C THR H 99 26.13 -44.35 -39.29
N VAL H 100 25.67 -44.45 -40.53
CA VAL H 100 25.67 -43.30 -41.42
C VAL H 100 24.56 -42.34 -40.99
N TYR H 101 24.93 -41.13 -40.60
CA TYR H 101 23.94 -40.15 -40.15
C TYR H 101 23.89 -38.89 -40.99
N LYS H 102 24.68 -38.77 -42.06
CA LYS H 102 24.57 -37.63 -42.95
C LYS H 102 25.28 -37.96 -44.25
N PHE H 103 24.57 -37.83 -45.37
CA PHE H 103 25.11 -38.05 -46.71
C PHE H 103 24.94 -36.74 -47.48
N GLU H 104 26.03 -35.99 -47.65
CA GLU H 104 25.97 -34.63 -48.19
C GLU H 104 26.27 -34.65 -49.68
N GLU H 105 25.22 -34.83 -50.49
CA GLU H 105 25.35 -34.71 -51.95
C GLU H 105 25.38 -33.23 -52.31
N GLY H 106 26.50 -32.60 -51.97
CA GLY H 106 26.61 -31.16 -51.97
C GLY H 106 27.09 -30.52 -53.26
N ASP H 107 28.19 -29.79 -53.15
CA ASP H 107 28.71 -28.97 -54.24
C ASP H 107 29.22 -29.86 -55.38
N GLU H 108 29.82 -29.23 -56.39
CA GLU H 108 30.05 -29.81 -57.71
C GLU H 108 30.45 -31.28 -57.64
N ASP H 109 31.58 -31.57 -57.00
CA ASP H 109 31.94 -32.96 -56.74
C ASP H 109 32.56 -33.08 -55.34
N LYS H 110 32.00 -32.37 -54.37
CA LYS H 110 32.31 -32.61 -52.97
C LYS H 110 31.18 -33.41 -52.35
N ILE H 111 31.47 -34.64 -51.97
CA ILE H 111 30.51 -35.56 -51.36
C ILE H 111 31.05 -35.94 -50.00
N LYS H 112 30.30 -35.63 -48.95
CA LYS H 112 30.72 -35.92 -47.59
C LYS H 112 29.81 -36.96 -46.99
N VAL H 113 30.42 -37.99 -46.40
CA VAL H 113 29.68 -39.04 -45.71
C VAL H 113 30.07 -38.97 -44.23
N TYR H 114 29.09 -39.16 -43.36
CA TYR H 114 29.30 -39.09 -41.93
C TYR H 114 28.89 -40.42 -41.32
N VAL H 115 29.81 -41.04 -40.58
CA VAL H 115 29.57 -42.31 -39.94
C VAL H 115 29.92 -42.13 -38.47
N SER H 116 29.08 -42.68 -37.60
CA SER H 116 29.29 -42.61 -36.15
C SER H 116 29.58 -44.01 -35.65
N PHE H 117 30.81 -44.24 -35.19
CA PHE H 117 31.22 -45.53 -34.65
C PHE H 117 31.06 -45.51 -33.13
N GLY H 118 29.80 -45.59 -32.70
CA GLY H 118 29.50 -45.52 -31.27
C GLY H 118 29.99 -44.24 -30.62
N GLY H 119 29.89 -43.12 -31.31
CA GLY H 119 30.39 -41.86 -30.81
C GLY H 119 31.76 -41.47 -31.32
N LEU H 120 32.48 -42.40 -31.94
CA LEU H 120 33.71 -42.09 -32.67
C LEU H 120 33.35 -41.78 -34.12
N LEU H 121 33.65 -40.56 -34.56
CA LEU H 121 33.09 -40.01 -35.79
C LEU H 121 34.06 -40.11 -36.95
N MET H 122 33.49 -40.15 -38.16
CA MET H 122 34.25 -40.23 -39.40
C MET H 122 33.63 -39.33 -40.46
N CYS H 123 34.49 -38.71 -41.27
CA CYS H 123 34.05 -37.95 -42.43
C CYS H 123 34.89 -38.38 -43.62
N LEU H 124 34.27 -38.44 -44.80
CA LEU H 124 34.94 -38.90 -46.00
C LEU H 124 34.50 -38.07 -47.20
N GLU H 125 35.42 -37.29 -47.76
CA GLU H 125 35.15 -36.48 -48.95
C GLU H 125 35.51 -37.27 -50.20
N GLY H 126 35.46 -36.62 -51.35
CA GLY H 126 35.80 -37.22 -52.62
C GLY H 126 34.70 -37.03 -53.64
N GLY H 127 35.01 -37.41 -54.87
CA GLY H 127 34.04 -37.28 -55.93
C GLY H 127 32.86 -38.21 -55.74
N TYR H 128 31.74 -37.84 -56.39
CA TYR H 128 30.52 -38.61 -56.25
C TYR H 128 30.69 -40.05 -56.72
N LYS H 129 31.51 -40.26 -57.75
CA LYS H 129 31.67 -41.59 -58.33
C LYS H 129 32.39 -42.56 -57.41
N SER H 130 33.03 -42.05 -56.36
CA SER H 130 33.69 -42.91 -55.38
C SER H 130 32.77 -43.25 -54.21
N LEU H 131 31.91 -42.32 -53.80
CA LEU H 131 31.13 -42.46 -52.58
C LEU H 131 29.64 -42.66 -52.87
N ALA H 132 29.27 -42.87 -54.14
CA ALA H 132 27.88 -43.09 -54.48
C ALA H 132 27.33 -44.35 -53.80
N SER H 133 28.13 -45.40 -53.76
CA SER H 133 27.74 -46.65 -53.13
C SER H 133 27.84 -46.62 -51.62
N LEU H 134 28.32 -45.51 -51.04
CA LEU H 134 28.40 -45.34 -49.60
C LEU H 134 27.13 -44.77 -48.99
N LYS H 135 25.98 -44.92 -49.66
CA LYS H 135 24.71 -44.44 -49.11
C LYS H 135 23.92 -45.60 -48.53
N GLN H 136 24.27 -45.98 -47.31
CA GLN H 136 23.71 -47.13 -46.61
C GLN H 136 23.20 -46.67 -45.25
N ASP H 137 22.71 -47.64 -44.48
CA ASP H 137 22.32 -47.42 -43.10
C ASP H 137 23.51 -47.58 -42.16
N ASN H 138 24.21 -48.72 -42.23
CA ASN H 138 25.33 -49.01 -41.37
C ASN H 138 26.53 -49.45 -42.19
N LEU H 139 27.72 -49.06 -41.74
CA LEU H 139 28.97 -49.35 -42.44
C LEU H 139 30.00 -49.90 -41.48
N TYR H 140 30.72 -50.93 -41.93
CA TYR H 140 31.94 -51.39 -41.26
C TYR H 140 33.14 -50.66 -41.84
N ILE H 141 34.11 -50.37 -40.97
CA ILE H 141 35.42 -49.89 -41.39
C ILE H 141 36.47 -50.88 -40.93
N LEU H 142 37.37 -51.25 -41.83
CA LEU H 142 38.45 -52.18 -41.54
C LEU H 142 39.77 -51.54 -41.91
N ILE H 143 40.82 -51.81 -41.14
CA ILE H 143 42.12 -51.15 -41.31
C ILE H 143 43.24 -52.17 -41.19
N ARG H 144 44.30 -51.97 -41.98
CA ARG H 144 45.55 -52.71 -41.85
C ARG H 144 46.69 -51.75 -41.57
N ARG H 145 47.73 -52.27 -40.92
CA ARG H 145 48.96 -51.53 -40.67
C ARG H 145 48.73 -50.24 -39.90
N SER I 3 24.81 36.74 13.02
CA SER I 3 25.08 36.66 14.45
C SER I 3 24.37 37.78 15.20
N PHE I 4 23.29 37.42 15.89
CA PHE I 4 22.48 38.41 16.59
C PHE I 4 23.05 38.69 17.98
N ARG I 5 23.02 39.95 18.39
CA ARG I 5 23.61 40.39 19.65
C ARG I 5 22.58 40.27 20.77
N PHE I 6 22.95 40.78 21.95
CA PHE I 6 22.08 40.79 23.11
C PHE I 6 22.11 42.15 23.80
N CYS I 7 21.13 42.35 24.69
CA CYS I 7 20.91 43.65 25.30
C CYS I 7 22.00 43.96 26.31
N LEU I 8 22.52 45.18 26.29
CA LEU I 8 23.50 45.61 27.29
C LEU I 8 22.87 45.91 28.63
N GLU I 9 21.54 46.02 28.72
CA GLU I 9 20.86 46.27 29.98
C GLU I 9 19.99 45.09 30.39
N CYS I 10 19.06 44.67 29.52
CA CYS I 10 18.08 43.65 29.90
C CYS I 10 18.59 42.24 29.61
N ASN I 11 19.70 42.12 28.88
CA ASN I 11 20.30 40.85 28.48
C ASN I 11 19.37 39.98 27.63
N ASN I 12 18.38 40.55 26.96
CA ASN I 12 17.66 39.81 25.95
C ASN I 12 18.24 40.14 24.58
N MET I 13 17.60 39.67 23.52
CA MET I 13 18.13 39.85 22.17
C MET I 13 17.39 40.95 21.42
N LEU I 14 18.14 41.74 20.67
CA LEU I 14 17.63 42.89 19.93
C LEU I 14 17.12 42.53 18.53
N TYR I 15 15.95 43.07 18.18
CA TYR I 15 15.33 42.86 16.87
C TYR I 15 15.37 44.13 16.02
N PRO I 16 15.34 43.98 14.70
CA PRO I 16 15.44 45.14 13.81
C PRO I 16 14.22 46.05 13.88
N LYS I 17 14.43 47.30 13.51
CA LYS I 17 13.34 48.26 13.39
C LYS I 17 13.79 49.42 12.51
N GLU I 18 12.84 50.27 12.17
CA GLU I 18 13.07 51.38 11.25
C GLU I 18 12.74 52.70 11.93
N ASP I 19 13.69 53.64 11.88
CA ASP I 19 13.47 55.02 12.35
C ASP I 19 12.88 55.82 11.20
N LYS I 20 11.55 55.81 11.09
CA LYS I 20 10.92 56.43 9.93
C LYS I 20 11.24 57.91 9.84
N GLU I 21 11.64 58.54 10.95
CA GLU I 21 12.04 59.93 10.93
C GLU I 21 13.52 60.12 10.60
N ASN I 22 14.30 59.04 10.51
CA ASN I 22 15.69 59.13 10.08
C ASN I 22 16.07 58.08 9.05
N GLN I 23 15.22 57.08 8.82
CA GLN I 23 15.44 56.03 7.83
C GLN I 23 16.76 55.26 8.05
N ARG I 24 17.09 54.97 9.31
CA ARG I 24 18.27 54.17 9.63
C ARG I 24 17.88 52.95 10.46
N LEU I 25 18.40 51.78 10.07
CA LEU I 25 18.07 50.52 10.73
C LEU I 25 18.65 50.49 12.14
N LEU I 26 17.78 50.62 13.15
CA LEU I 26 18.12 50.44 14.55
C LEU I 26 18.00 48.97 14.94
N TYR I 27 18.03 48.69 16.25
CA TYR I 27 17.69 47.37 16.76
C TYR I 27 16.92 47.53 18.07
N SER I 28 15.70 47.00 18.09
CA SER I 28 14.73 47.28 19.15
C SER I 28 14.64 46.12 20.13
N CYS I 29 14.74 46.43 21.42
CA CYS I 29 14.47 45.45 22.47
C CYS I 29 12.95 45.35 22.70
N ARG I 30 12.41 44.14 22.62
CA ARG I 30 10.98 43.97 22.86
C ARG I 30 10.62 43.97 24.34
N ASN I 31 11.60 44.00 25.24
CA ASN I 31 11.34 44.11 26.67
C ASN I 31 11.61 45.52 27.20
N CYS I 32 12.80 46.05 26.98
CA CYS I 32 13.16 47.35 27.53
C CYS I 32 12.99 48.41 26.45
N ASP I 33 13.38 49.65 26.77
CA ASP I 33 13.29 50.73 25.81
C ASP I 33 14.64 51.08 25.18
N TYR I 34 15.70 50.34 25.51
CA TYR I 34 17.02 50.66 24.99
C TYR I 34 17.09 50.37 23.50
N THR I 35 17.73 51.26 22.76
CA THR I 35 17.87 51.11 21.31
C THR I 35 19.24 51.64 20.89
N GLU I 36 20.12 50.75 20.44
CA GLU I 36 21.47 51.12 20.10
C GLU I 36 21.63 51.18 18.58
N LEU I 37 22.64 51.94 18.15
CA LEU I 37 23.01 51.97 16.75
C LEU I 37 23.73 50.69 16.35
N ALA I 38 23.49 50.22 15.14
CA ALA I 38 24.12 49.02 14.62
C ALA I 38 25.14 49.40 13.55
N GLU I 39 25.98 48.43 13.21
CA GLU I 39 27.05 48.60 12.24
C GLU I 39 26.73 48.00 10.88
N ASP I 40 26.04 46.86 10.85
CA ASP I 40 25.86 46.09 9.64
C ASP I 40 24.40 46.11 9.25
N PRO I 41 24.07 46.57 8.04
CA PRO I 41 22.68 46.62 7.59
C PRO I 41 22.11 45.28 7.15
N LYS I 42 22.88 44.21 7.21
CA LYS I 42 22.31 42.89 6.94
C LYS I 42 21.31 42.49 8.01
N VAL I 43 20.21 41.87 7.56
CA VAL I 43 19.12 41.48 8.46
C VAL I 43 18.77 39.99 8.32
N TYR I 44 19.23 39.34 7.25
CA TYR I 44 18.90 37.92 7.09
C TYR I 44 19.89 37.24 6.16
N ARG I 45 19.94 35.91 6.28
CA ARG I 45 20.84 35.09 5.47
C ARG I 45 20.19 33.73 5.28
N HIS I 46 20.54 33.08 4.17
CA HIS I 46 20.05 31.73 3.90
C HIS I 46 21.04 31.04 2.97
N GLU I 47 21.34 29.78 3.25
CA GLU I 47 22.38 29.04 2.53
C GLU I 47 21.86 27.66 2.17
N LEU I 48 22.30 27.17 1.02
CA LEU I 48 22.04 25.79 0.62
C LEU I 48 23.33 25.08 0.25
N ILE I 49 24.30 25.83 -0.26
CA ILE I 49 25.65 25.33 -0.51
C ILE I 49 26.52 25.80 0.65
N THR I 50 26.63 24.96 1.68
CA THR I 50 27.40 25.29 2.87
C THR I 50 28.61 24.38 2.98
N ASN I 51 29.58 24.84 3.78
CA ASN I 51 30.82 24.09 3.97
C ASN I 51 31.29 24.12 5.42
N ILE I 52 30.42 24.42 6.37
CA ILE I 52 30.80 24.50 7.78
C ILE I 52 30.91 23.10 8.34
N GLY I 53 32.10 22.76 8.82
CA GLY I 53 32.49 21.40 9.09
C GLY I 53 33.57 20.88 8.17
N GLU I 54 34.29 21.77 7.48
CA GLU I 54 35.36 21.35 6.58
C GLU I 54 36.62 21.09 7.39
N THR I 55 37.12 22.12 8.07
CA THR I 55 38.31 22.03 8.90
C THR I 55 37.99 22.02 10.38
N ALA I 56 36.72 22.13 10.76
CA ALA I 56 36.36 22.28 12.17
C ALA I 56 36.63 21.02 12.97
N GLY I 57 36.75 19.87 12.30
CA GLY I 57 36.93 18.61 12.99
C GLY I 57 38.38 18.37 13.34
N ILE I 58 39.00 19.36 14.00
CA ILE I 58 40.40 19.28 14.38
C ILE I 58 40.54 19.83 15.79
N VAL I 59 41.42 19.21 16.58
CA VAL I 59 41.78 19.68 17.91
C VAL I 59 43.29 19.83 17.97
N ASP I 60 43.76 20.43 19.07
CA ASP I 60 45.20 20.55 19.29
C ASP I 60 45.83 19.17 19.41
N ASP I 61 45.23 18.30 20.22
CA ASP I 61 45.73 16.96 20.49
C ASP I 61 45.25 15.91 19.49
N ILE I 62 44.89 16.33 18.27
CA ILE I 62 44.53 15.36 17.23
C ILE I 62 45.71 14.49 16.84
N GLY I 63 46.94 14.95 17.08
CA GLY I 63 48.10 14.10 16.90
C GLY I 63 48.13 12.91 17.84
N GLN I 64 47.46 13.04 18.99
CA GLN I 64 47.43 11.95 19.97
C GLN I 64 46.47 10.82 19.61
N ASP I 65 45.67 10.96 18.56
CA ASP I 65 44.80 9.85 18.16
C ASP I 65 45.65 8.76 17.52
N PRO I 66 45.70 7.56 18.09
CA PRO I 66 46.54 6.50 17.53
C PRO I 66 45.86 5.69 16.42
N THR I 67 44.62 6.02 16.08
CA THR I 67 43.90 5.29 15.06
C THR I 67 43.95 5.96 13.69
N LEU I 68 44.35 7.23 13.63
CA LEU I 68 44.44 7.97 12.38
C LEU I 68 45.60 7.48 11.51
N PRO I 69 45.39 7.25 10.21
CA PRO I 69 46.48 6.81 9.36
C PRO I 69 47.49 7.93 9.14
N ARG I 70 48.76 7.56 9.08
CA ARG I 70 49.85 8.52 8.97
C ARG I 70 50.37 8.53 7.54
N SER I 71 50.55 9.72 6.98
CA SER I 71 50.96 9.89 5.60
C SER I 71 52.35 10.50 5.50
N ASP I 72 52.92 10.41 4.31
CA ASP I 72 54.25 10.92 4.01
C ASP I 72 54.22 12.28 3.31
N LYS I 73 53.07 12.95 3.26
CA LYS I 73 53.02 14.24 2.58
C LYS I 73 53.92 15.27 3.24
N GLU I 74 54.59 16.06 2.41
CA GLU I 74 55.47 17.14 2.86
C GLU I 74 54.67 18.30 3.42
N CYS I 75 55.04 18.79 4.60
CA CYS I 75 54.38 19.99 5.10
C CYS I 75 54.91 21.14 4.25
N PRO I 76 54.06 21.88 3.52
CA PRO I 76 54.60 23.04 2.76
C PRO I 76 55.24 24.05 3.68
N GLU I 77 54.71 24.11 4.90
CA GLU I 77 55.12 25.03 5.95
C GLU I 77 56.42 24.56 6.58
N CYS I 78 56.37 23.36 7.16
CA CYS I 78 57.40 22.85 8.05
C CYS I 78 58.15 21.62 7.55
N HIS I 79 58.05 21.30 6.26
CA HIS I 79 58.77 20.17 5.65
C HIS I 79 58.68 18.88 6.46
N SER I 80 57.52 18.59 7.05
CA SER I 80 57.45 17.40 7.90
C SER I 80 57.04 16.15 7.15
N ARG I 81 57.84 15.09 7.28
CA ARG I 81 57.65 13.89 6.48
C ARG I 81 56.71 12.91 7.18
N ASP I 82 55.92 13.40 8.13
CA ASP I 82 55.03 12.55 8.93
C ASP I 82 53.77 13.34 9.22
N CYS I 83 52.65 12.94 8.63
CA CYS I 83 51.39 13.63 8.89
C CYS I 83 50.25 12.63 8.94
N VAL I 84 49.35 12.84 9.91
CA VAL I 84 48.12 12.08 9.98
C VAL I 84 47.11 12.76 9.06
N PHE I 85 46.20 11.97 8.49
CA PHE I 85 45.30 12.51 7.49
C PHE I 85 43.92 11.89 7.61
N PHE I 86 42.95 12.62 7.06
CA PHE I 86 41.55 12.24 7.11
C PHE I 86 40.81 13.05 6.04
N GLN I 87 39.61 12.57 5.71
CA GLN I 87 38.78 13.18 4.69
C GLN I 87 37.82 14.19 5.32
N SER I 88 36.97 14.78 4.49
CA SER I 88 36.07 15.83 4.96
C SER I 88 35.15 15.24 6.01
N GLN I 89 35.11 15.86 7.19
CA GLN I 89 34.28 15.32 8.25
C GLN I 89 32.79 15.57 8.05
N GLN I 90 32.39 16.42 7.10
CA GLN I 90 30.99 16.51 6.74
C GLN I 90 30.52 15.19 6.12
N ARG I 91 29.28 14.79 6.42
CA ARG I 91 28.83 13.44 6.11
C ARG I 91 27.71 13.44 5.07
N ARG I 92 27.53 14.52 4.33
CA ARG I 92 26.44 14.54 3.36
C ARG I 92 26.76 13.64 2.18
N LYS I 93 25.75 13.43 1.34
CA LYS I 93 25.86 12.49 0.24
C LYS I 93 26.70 13.09 -0.90
N ASP I 94 26.57 14.39 -1.12
CA ASP I 94 27.23 15.03 -2.25
C ASP I 94 28.58 15.64 -1.89
N THR I 95 29.04 15.44 -0.65
CA THR I 95 30.30 16.03 -0.23
C THR I 95 31.46 15.49 -1.07
N ASN I 96 32.56 16.24 -1.07
CA ASN I 96 33.74 15.88 -1.84
C ASN I 96 34.36 14.61 -1.22
N MET I 97 35.42 14.06 -1.81
CA MET I 97 36.27 13.11 -1.08
C MET I 97 37.70 13.57 -0.81
N THR I 98 38.01 14.86 -0.98
CA THR I 98 39.34 15.35 -0.67
C THR I 98 39.65 15.24 0.83
N LEU I 99 40.93 15.12 1.13
CA LEU I 99 41.44 14.80 2.45
C LEU I 99 41.92 16.07 3.14
N PHE I 100 42.21 15.93 4.43
CA PHE I 100 42.92 16.96 5.19
C PHE I 100 44.16 16.36 5.83
N TYR I 101 45.17 17.21 6.01
CA TYR I 101 46.47 16.78 6.50
C TYR I 101 46.90 17.66 7.66
N VAL I 102 47.26 17.02 8.75
CA VAL I 102 47.66 17.67 10.01
C VAL I 102 49.12 17.30 10.27
N CYS I 103 49.97 18.31 10.47
CA CYS I 103 51.35 18.02 10.80
C CYS I 103 51.43 17.73 12.29
N LEU I 104 52.23 16.72 12.67
CA LEU I 104 52.38 16.42 14.09
C LEU I 104 53.52 17.21 14.69
N ASN I 105 54.26 17.91 13.83
CA ASN I 105 55.43 18.71 14.15
C ASN I 105 55.02 20.17 14.30
N CYS I 106 54.39 20.69 13.25
CA CYS I 106 53.99 22.08 13.15
C CYS I 106 52.53 22.36 13.49
N LYS I 107 51.69 21.32 13.60
CA LYS I 107 50.25 21.39 13.85
C LYS I 107 49.45 22.21 12.84
N LYS I 108 50.03 22.68 11.73
CA LYS I 108 49.22 23.30 10.69
C LYS I 108 48.42 22.27 9.91
N THR I 109 47.12 22.52 9.72
CA THR I 109 46.37 21.65 8.82
C THR I 109 46.61 22.12 7.39
N PHE I 110 46.72 21.18 6.46
CA PHE I 110 46.91 21.50 5.06
C PHE I 110 46.15 20.52 4.18
N ARG I 111 46.30 20.69 2.87
CA ARG I 111 45.63 19.89 1.86
C ARG I 111 46.60 19.62 0.72
N ASP I 112 46.23 18.66 -0.12
CA ASP I 112 46.96 18.35 -1.35
C ASP I 112 46.21 18.90 -2.56
N GLU I 113 46.58 20.10 -2.98
CA GLU I 113 45.94 20.76 -4.12
C GLU I 113 47.00 21.35 -5.04
N MET J 1 33.65 -44.97 27.54
CA MET J 1 33.27 -45.50 28.84
C MET J 1 34.31 -46.52 29.31
N ILE J 2 34.27 -47.71 28.70
CA ILE J 2 35.26 -48.75 28.90
C ILE J 2 35.72 -49.21 27.53
N ILE J 3 36.95 -49.70 27.45
CA ILE J 3 37.58 -49.96 26.14
C ILE J 3 36.71 -50.93 25.35
N PRO J 4 36.39 -50.64 24.09
CA PRO J 4 35.60 -51.59 23.31
C PRO J 4 36.36 -52.87 23.02
N VAL J 5 35.62 -53.97 22.94
CA VAL J 5 36.25 -55.26 22.71
C VAL J 5 36.89 -55.30 21.33
N ARG J 6 36.13 -54.92 20.31
CA ARG J 6 36.57 -54.97 18.92
C ARG J 6 36.85 -53.57 18.38
N CYS J 7 37.60 -53.54 17.28
CA CYS J 7 37.70 -52.33 16.47
C CYS J 7 36.41 -52.19 15.66
N PHE J 8 35.83 -51.00 15.68
CA PHE J 8 34.57 -50.79 14.96
C PHE J 8 34.71 -51.12 13.48
N SER J 9 35.75 -50.59 12.85
CA SER J 9 35.84 -50.67 11.38
C SER J 9 36.10 -52.09 10.91
N CYS J 10 37.12 -52.76 11.48
CA CYS J 10 37.52 -54.06 10.96
C CYS J 10 37.23 -55.21 11.92
N GLY J 11 37.20 -54.99 13.22
CA GLY J 11 36.88 -56.07 14.13
C GLY J 11 38.03 -56.71 14.88
N LYS J 12 39.24 -56.19 14.76
CA LYS J 12 40.32 -56.70 15.59
C LYS J 12 39.99 -56.52 17.07
N VAL J 13 40.46 -57.44 17.89
CA VAL J 13 40.19 -57.39 19.33
C VAL J 13 41.18 -56.42 19.96
N VAL J 14 40.66 -55.30 20.47
CA VAL J 14 41.47 -54.31 21.17
C VAL J 14 41.13 -54.24 22.65
N GLY J 15 40.16 -55.01 23.12
CA GLY J 15 39.73 -54.92 24.51
C GLY J 15 40.73 -55.49 25.49
N ASP J 16 41.69 -56.28 25.03
CA ASP J 16 42.71 -56.86 25.88
C ASP J 16 44.01 -56.07 25.86
N LYS J 17 44.00 -54.86 25.30
CA LYS J 17 45.21 -54.08 25.11
C LYS J 17 45.23 -52.76 25.86
N TRP J 18 44.14 -52.39 26.55
CA TRP J 18 44.08 -51.08 27.18
C TRP J 18 45.06 -50.99 28.35
N ASP J 19 45.18 -52.06 29.13
CA ASP J 19 46.08 -52.06 30.27
C ASP J 19 47.53 -52.04 29.81
N ALA J 20 47.85 -52.84 28.80
CA ALA J 20 49.18 -52.81 28.22
C ALA J 20 49.51 -51.43 27.65
N TYR J 21 48.53 -50.78 27.03
CA TYR J 21 48.76 -49.44 26.50
C TYR J 21 49.07 -48.46 27.60
N LEU J 22 48.34 -48.55 28.73
CA LEU J 22 48.61 -47.66 29.85
C LEU J 22 49.98 -47.93 30.46
N ARG J 23 50.35 -49.21 30.56
CA ARG J 23 51.66 -49.54 31.10
C ARG J 23 52.76 -49.01 30.17
N LEU J 24 52.55 -49.11 28.86
CA LEU J 24 53.52 -48.55 27.93
C LEU J 24 53.62 -47.05 28.08
N LEU J 25 52.49 -46.37 28.32
CA LEU J 25 52.54 -44.94 28.52
C LEU J 25 53.23 -44.51 29.82
N GLU J 26 53.22 -45.34 30.86
CA GLU J 26 53.91 -44.89 32.08
C GLU J 26 55.43 -44.75 31.88
N GLU J 27 56.09 -45.69 31.21
CA GLU J 27 57.55 -45.56 31.11
C GLU J 27 57.98 -44.54 30.06
N GLY J 28 57.09 -43.71 29.55
CA GLY J 28 57.52 -42.58 28.76
C GLY J 28 57.32 -42.73 27.27
N LYS J 29 57.06 -43.94 26.79
CA LYS J 29 56.90 -44.16 25.36
C LYS J 29 55.71 -43.37 24.83
N GLN J 30 55.92 -42.72 23.70
CA GLN J 30 54.86 -41.94 23.08
C GLN J 30 53.85 -42.86 22.40
N GLU J 31 52.67 -42.27 22.11
CA GLU J 31 51.50 -43.07 21.77
C GLU J 31 51.71 -43.91 20.53
N GLY J 32 52.34 -43.33 19.49
CA GLY J 32 52.58 -44.10 18.28
C GLY J 32 53.46 -45.32 18.50
N ASP J 33 54.49 -45.20 19.33
CA ASP J 33 55.35 -46.34 19.58
C ASP J 33 54.64 -47.42 20.38
N ALA J 34 53.84 -47.01 21.37
CA ALA J 34 53.05 -47.97 22.12
C ALA J 34 52.06 -48.71 21.24
N LEU J 35 51.39 -47.97 20.35
CA LEU J 35 50.46 -48.60 19.42
C LEU J 35 51.19 -49.52 18.45
N ASP J 36 52.43 -49.18 18.09
CA ASP J 36 53.22 -50.05 17.23
C ASP J 36 53.54 -51.37 17.94
N GLU J 37 53.97 -51.31 19.20
CA GLU J 37 54.35 -52.54 19.89
C GLU J 37 53.15 -53.45 20.13
N LEU J 38 51.99 -52.88 20.46
CA LEU J 38 50.77 -53.69 20.54
C LEU J 38 50.33 -54.23 19.20
N LYS J 39 51.08 -53.97 18.14
CA LYS J 39 50.81 -54.47 16.80
C LYS J 39 49.45 -54.02 16.27
N LEU J 40 49.14 -52.75 16.48
CA LEU J 40 48.02 -52.08 15.81
C LEU J 40 48.59 -51.30 14.63
N LYS J 41 48.43 -51.83 13.43
CA LYS J 41 49.06 -51.27 12.24
C LYS J 41 48.10 -50.45 11.39
N ARG J 42 46.83 -50.82 11.31
CA ARG J 42 45.84 -50.06 10.57
C ARG J 42 45.35 -48.89 11.40
N TYR J 43 45.21 -47.72 10.76
CA TYR J 43 44.85 -46.53 11.51
C TYR J 43 43.46 -46.60 12.12
N CYS J 44 42.58 -47.48 11.63
CA CYS J 44 41.31 -47.71 12.32
C CYS J 44 41.54 -48.31 13.69
N CYS J 45 42.31 -49.40 13.74
CA CYS J 45 42.64 -50.02 15.02
C CYS J 45 43.39 -49.03 15.91
N ARG J 46 44.27 -48.24 15.33
CA ARG J 46 45.06 -47.31 16.11
C ARG J 46 44.18 -46.25 16.74
N ARG J 47 43.27 -45.65 15.96
CA ARG J 47 42.38 -44.64 16.55
C ARG J 47 41.38 -45.24 17.53
N MET J 48 41.10 -46.54 17.45
CA MET J 48 40.30 -47.19 18.48
C MET J 48 40.92 -47.03 19.86
N VAL J 49 42.21 -47.30 19.98
CA VAL J 49 42.89 -47.24 21.27
C VAL J 49 43.34 -45.83 21.61
N LEU J 50 43.69 -45.05 20.60
CA LEU J 50 44.27 -43.73 20.81
C LEU J 50 43.23 -42.72 21.26
N THR J 51 41.97 -42.93 20.90
CA THR J 51 40.93 -41.96 21.21
C THR J 51 40.00 -42.39 22.33
N HIS J 52 40.20 -43.58 22.89
CA HIS J 52 39.36 -44.02 24.00
C HIS J 52 39.51 -43.08 25.19
N VAL J 53 38.37 -42.75 25.81
CA VAL J 53 38.30 -42.00 27.05
C VAL J 53 37.67 -42.90 28.11
N ASP J 54 38.38 -43.10 29.21
CA ASP J 54 37.99 -44.10 30.20
C ASP J 54 37.14 -43.42 31.26
N LEU J 55 35.83 -43.47 31.08
CA LEU J 55 34.88 -42.79 31.96
C LEU J 55 34.42 -43.67 33.11
N ILE J 56 34.67 -44.97 33.03
CA ILE J 56 34.25 -45.87 34.10
C ILE J 56 34.95 -45.53 35.40
N GLU J 57 36.16 -44.98 35.33
CA GLU J 57 36.82 -44.51 36.54
C GLU J 57 35.99 -43.43 37.21
N LYS J 58 35.41 -42.53 36.43
CA LYS J 58 34.58 -41.48 37.01
C LYS J 58 33.25 -42.02 37.50
N PHE J 59 32.66 -42.97 36.76
CA PHE J 59 31.38 -43.52 37.19
C PHE J 59 31.50 -44.35 38.46
N LEU J 60 32.64 -45.02 38.67
CA LEU J 60 32.82 -45.89 39.83
C LEU J 60 32.99 -45.12 41.14
N ARG J 61 33.20 -43.81 41.09
CA ARG J 61 33.45 -43.05 42.30
C ARG J 61 32.21 -42.76 43.13
N TYR J 62 31.01 -42.93 42.59
CA TYR J 62 29.80 -42.70 43.36
C TYR J 62 29.41 -43.98 44.09
N ASN J 63 29.25 -43.86 45.41
CA ASN J 63 29.13 -45.03 46.26
C ASN J 63 28.02 -45.95 45.74
N PRO J 64 28.24 -47.26 45.70
CA PRO J 64 27.16 -48.20 45.41
C PRO J 64 25.98 -48.02 46.35
N LEU J 65 24.79 -48.00 45.80
CA LEU J 65 23.58 -47.66 46.53
C LEU J 65 22.95 -48.92 47.13
N GLU J 66 23.58 -50.06 46.93
CA GLU J 66 23.21 -51.32 47.56
C GLU J 66 24.36 -51.82 48.43
N MET K 1 11.83 -51.14 15.10
CA MET K 1 10.39 -51.31 15.14
C MET K 1 9.87 -51.73 13.76
N ASN K 2 10.68 -51.45 12.74
CA ASN K 2 10.43 -51.97 11.40
C ASN K 2 11.62 -52.77 10.88
N ALA K 3 12.62 -53.01 11.71
CA ALA K 3 13.82 -53.72 11.28
C ALA K 3 13.54 -55.22 11.23
N PRO K 4 13.72 -55.87 10.09
CA PRO K 4 13.57 -57.32 10.03
C PRO K 4 14.74 -58.01 10.73
N ASP K 5 14.60 -59.31 10.89
CA ASP K 5 15.61 -60.07 11.63
C ASP K 5 16.84 -60.30 10.77
N ARG K 6 18.00 -60.30 11.43
CA ARG K 6 19.30 -60.44 10.78
C ARG K 6 19.60 -61.87 10.38
N PHE K 7 18.73 -62.82 10.72
CA PHE K 7 18.91 -64.21 10.34
C PHE K 7 18.06 -64.63 9.14
N GLU K 8 17.15 -63.78 8.68
CA GLU K 8 16.41 -64.04 7.45
C GLU K 8 17.29 -63.96 6.20
N LEU K 9 18.54 -63.51 6.35
CA LEU K 9 19.48 -63.52 5.23
C LEU K 9 19.78 -64.94 4.78
N PHE K 10 19.89 -65.87 5.73
CA PHE K 10 20.42 -67.21 5.46
C PHE K 10 19.47 -68.34 5.82
N ILE K 11 18.53 -68.14 6.74
CA ILE K 11 17.63 -69.22 7.13
C ILE K 11 16.54 -69.34 6.06
N LEU K 12 16.52 -70.46 5.35
CA LEU K 12 15.50 -70.66 4.32
C LEU K 12 14.17 -71.03 4.97
N PRO K 13 13.09 -70.31 4.68
CA PRO K 13 11.78 -70.78 5.16
C PRO K 13 11.41 -72.10 4.52
N ASP K 14 10.32 -72.69 5.02
CA ASP K 14 9.87 -73.95 4.48
C ASP K 14 9.00 -73.78 3.23
N ASP K 15 8.35 -72.63 3.10
CA ASP K 15 7.52 -72.30 1.94
C ASP K 15 8.27 -71.54 0.85
N VAL K 16 9.55 -71.28 1.02
CA VAL K 16 10.34 -70.53 0.05
C VAL K 16 11.40 -71.44 -0.55
N PRO K 17 11.37 -71.71 -1.85
CA PRO K 17 12.42 -72.52 -2.46
C PRO K 17 13.75 -71.78 -2.51
N LYS K 18 14.83 -72.55 -2.53
CA LYS K 18 16.15 -71.97 -2.72
C LYS K 18 16.32 -71.43 -4.13
N LEU K 19 15.72 -72.07 -5.12
CA LEU K 19 15.98 -71.76 -6.52
C LEU K 19 14.71 -71.97 -7.33
N LYS K 20 14.51 -71.08 -8.30
CA LYS K 20 13.30 -71.05 -9.12
C LYS K 20 13.66 -70.63 -10.53
N ILE K 21 13.29 -71.44 -11.52
CA ILE K 21 13.71 -71.26 -12.90
C ILE K 21 12.48 -70.94 -13.75
N THR K 22 12.57 -69.86 -14.51
CA THR K 22 11.59 -69.44 -15.50
C THR K 22 12.30 -69.15 -16.81
N PRO K 23 11.66 -69.41 -17.94
CA PRO K 23 12.31 -69.15 -19.23
C PRO K 23 12.06 -67.74 -19.74
N ASP K 24 13.09 -67.18 -20.36
CA ASP K 24 12.96 -65.92 -21.09
C ASP K 24 12.56 -66.23 -22.52
N SER K 25 11.32 -65.89 -22.88
CA SER K 25 10.78 -66.24 -24.18
C SER K 25 11.25 -65.31 -25.30
N ARG K 26 11.76 -64.13 -24.96
CA ARG K 26 12.13 -63.16 -26.00
C ARG K 26 13.25 -63.69 -26.88
N VAL K 27 14.26 -64.30 -26.29
CA VAL K 27 15.40 -64.81 -27.05
C VAL K 27 15.40 -66.33 -26.91
N PRO K 28 15.95 -67.07 -27.88
CA PRO K 28 15.84 -68.53 -27.83
C PRO K 28 16.82 -69.12 -26.83
N ASN K 29 16.33 -70.11 -26.08
CA ASN K 29 17.18 -70.97 -25.25
C ASN K 29 17.85 -70.16 -24.14
N CYS K 30 17.01 -69.43 -23.40
CA CYS K 30 17.46 -68.58 -22.30
C CYS K 30 16.55 -68.81 -21.10
N ILE K 31 17.11 -68.65 -19.90
CA ILE K 31 16.37 -68.90 -18.67
C ILE K 31 16.73 -67.85 -17.64
N ILE K 32 15.77 -67.58 -16.75
CA ILE K 32 15.93 -66.62 -15.67
C ILE K 32 15.87 -67.39 -14.36
N ILE K 33 16.92 -67.26 -13.54
CA ILE K 33 17.02 -67.97 -12.28
C ILE K 33 17.03 -66.94 -11.17
N LYS K 34 16.17 -67.11 -10.18
CA LYS K 34 16.18 -66.30 -8.98
C LYS K 34 16.75 -67.11 -7.83
N PHE K 35 17.85 -66.63 -7.26
CA PHE K 35 18.44 -67.27 -6.08
C PHE K 35 17.99 -66.50 -4.87
N GLU K 36 17.28 -67.17 -3.98
CA GLU K 36 16.80 -66.54 -2.76
C GLU K 36 17.83 -66.74 -1.67
N ARG K 37 18.01 -65.72 -0.83
CA ARG K 37 18.88 -65.82 0.34
C ARG K 37 20.36 -65.92 -0.01
N GLU K 38 20.77 -65.39 -1.15
CA GLU K 38 22.16 -65.33 -1.55
C GLU K 38 22.50 -63.88 -1.88
N ASP K 39 23.78 -63.65 -2.21
CA ASP K 39 24.26 -62.28 -2.41
C ASP K 39 25.38 -62.33 -3.45
N HIS K 40 26.17 -61.26 -3.50
CA HIS K 40 27.22 -61.14 -4.51
C HIS K 40 28.25 -62.26 -4.45
N THR K 41 28.41 -62.91 -3.30
CA THR K 41 29.48 -63.90 -3.15
C THR K 41 29.31 -65.04 -4.13
N LEU K 42 28.12 -65.61 -4.19
CA LEU K 42 27.85 -66.69 -5.13
C LEU K 42 27.62 -66.16 -6.54
N ALA K 43 26.98 -65.00 -6.65
CA ALA K 43 26.59 -64.46 -7.93
C ALA K 43 27.80 -64.13 -8.79
N ASN K 44 28.76 -63.38 -8.25
CA ASN K 44 29.92 -62.98 -9.04
C ASN K 44 30.78 -64.18 -9.40
N LEU K 45 30.97 -65.11 -8.47
CA LEU K 45 31.69 -66.33 -8.75
C LEU K 45 31.08 -67.07 -9.94
N LEU K 46 29.78 -67.34 -9.87
CA LEU K 46 29.12 -68.05 -10.95
C LEU K 46 29.17 -67.28 -12.26
N ARG K 47 28.97 -65.96 -12.20
CA ARG K 47 28.92 -65.17 -13.43
C ARG K 47 30.26 -65.18 -14.14
N GLU K 48 31.35 -64.94 -13.42
CA GLU K 48 32.65 -64.93 -14.08
C GLU K 48 33.12 -66.33 -14.45
N GLU K 49 32.61 -67.37 -13.80
CA GLU K 49 32.91 -68.72 -14.28
C GLU K 49 32.19 -69.01 -15.59
N LEU K 50 30.89 -68.67 -15.66
CA LEU K 50 30.08 -68.99 -16.83
C LEU K 50 30.45 -68.14 -18.02
N ALA K 51 30.91 -66.91 -17.80
CA ALA K 51 31.23 -65.99 -18.88
C ALA K 51 32.39 -66.45 -19.75
N LEU K 52 33.18 -67.42 -19.31
CA LEU K 52 34.34 -67.86 -20.07
C LEU K 52 34.08 -69.13 -20.86
N TYR K 53 32.85 -69.65 -20.87
CA TYR K 53 32.57 -70.82 -21.70
C TYR K 53 32.22 -70.41 -23.12
N PRO K 54 32.67 -71.19 -24.11
CA PRO K 54 32.32 -70.87 -25.50
C PRO K 54 30.84 -70.94 -25.79
N ASP K 55 30.11 -71.87 -25.15
CA ASP K 55 28.72 -72.12 -25.47
C ASP K 55 27.77 -71.21 -24.73
N VAL K 56 28.27 -70.36 -23.84
CA VAL K 56 27.43 -69.42 -23.11
C VAL K 56 27.47 -68.10 -23.85
N THR K 57 26.31 -67.65 -24.33
CA THR K 57 26.22 -66.40 -25.07
C THR K 57 25.83 -65.22 -24.20
N PHE K 58 24.95 -65.43 -23.22
CA PHE K 58 24.61 -64.35 -22.31
C PHE K 58 24.57 -64.90 -20.88
N VAL K 59 25.16 -64.16 -19.95
CA VAL K 59 25.09 -64.43 -18.52
C VAL K 59 25.23 -63.11 -17.78
N ALA K 60 24.38 -62.88 -16.79
CA ALA K 60 24.40 -61.64 -16.03
C ALA K 60 23.62 -61.85 -14.75
N TYR K 61 23.83 -60.95 -13.79
CA TYR K 61 23.10 -61.02 -12.55
C TYR K 61 22.86 -59.62 -12.02
N LYS K 62 21.86 -59.49 -11.15
CA LYS K 62 21.65 -58.24 -10.44
C LYS K 62 21.00 -58.53 -9.09
N VAL K 63 21.21 -57.61 -8.17
CA VAL K 63 20.53 -57.59 -6.88
C VAL K 63 19.64 -56.36 -6.92
N GLU K 64 18.36 -56.57 -7.21
CA GLU K 64 17.48 -55.44 -7.50
C GLU K 64 17.39 -54.48 -6.33
N HIS K 65 17.43 -54.98 -5.10
CA HIS K 65 17.42 -54.08 -3.97
C HIS K 65 18.39 -54.59 -2.90
N PRO K 66 19.26 -53.73 -2.38
CA PRO K 66 20.19 -54.16 -1.33
C PRO K 66 19.52 -54.58 -0.04
N LEU K 67 18.30 -54.14 0.23
CA LEU K 67 17.63 -54.48 1.48
C LEU K 67 16.96 -55.84 1.41
N PHE K 68 17.02 -56.51 0.28
CA PHE K 68 16.47 -57.85 0.11
C PHE K 68 17.59 -58.78 -0.36
N ALA K 69 17.69 -59.93 0.27
CA ALA K 69 18.84 -60.81 0.10
C ALA K 69 18.52 -61.85 -0.98
N ASN K 70 18.56 -61.41 -2.22
CA ASN K 70 18.45 -62.32 -3.35
C ASN K 70 19.12 -61.69 -4.55
N PHE K 71 19.31 -62.50 -5.59
CA PHE K 71 19.72 -61.99 -6.89
C PHE K 71 19.05 -62.80 -7.97
N VAL K 72 18.96 -62.21 -9.15
CA VAL K 72 18.37 -62.83 -10.32
C VAL K 72 19.41 -62.90 -11.43
N MET K 73 19.43 -64.00 -12.16
CA MET K 73 20.47 -64.23 -13.16
C MET K 73 19.84 -64.64 -14.48
N ARG K 74 20.26 -63.99 -15.55
CA ARG K 74 19.86 -64.30 -16.92
C ARG K 74 20.99 -65.04 -17.60
N LEU K 75 20.69 -66.19 -18.18
CA LEU K 75 21.72 -67.00 -18.82
C LEU K 75 21.17 -67.56 -20.12
N GLN K 76 21.86 -67.29 -21.22
CA GLN K 76 21.52 -67.83 -22.53
C GLN K 76 22.68 -68.68 -23.03
N THR K 77 22.35 -69.68 -23.84
CA THR K 77 23.36 -70.56 -24.42
C THR K 77 23.01 -70.81 -25.88
N GLU K 78 23.92 -71.52 -26.57
CA GLU K 78 23.72 -71.80 -27.97
C GLU K 78 22.63 -72.86 -28.17
N GLU K 79 22.41 -73.24 -29.44
CA GLU K 79 21.27 -74.07 -29.78
C GLU K 79 21.33 -75.45 -29.14
N GLY K 80 22.44 -76.17 -29.32
CA GLY K 80 22.52 -77.51 -28.76
C GLY K 80 22.54 -77.54 -27.25
N THR K 81 23.34 -76.67 -26.64
CA THR K 81 23.53 -76.65 -25.21
C THR K 81 22.31 -76.07 -24.49
N ARG K 82 22.06 -76.58 -23.28
CA ARG K 82 21.06 -76.08 -22.34
C ARG K 82 21.70 -75.26 -21.23
N PRO K 83 21.14 -74.11 -20.88
CA PRO K 83 21.78 -73.28 -19.84
C PRO K 83 21.90 -73.98 -18.50
N LYS K 84 20.95 -74.85 -18.15
CA LYS K 84 21.03 -75.61 -16.90
C LYS K 84 22.28 -76.49 -16.85
N GLN K 85 22.52 -77.27 -17.90
CA GLN K 85 23.70 -78.13 -17.89
C GLN K 85 24.98 -77.30 -17.77
N ALA K 86 25.04 -76.17 -18.49
CA ALA K 86 26.19 -75.28 -18.34
C ALA K 86 26.30 -74.73 -16.92
N LEU K 87 25.18 -74.57 -16.23
CA LEU K 87 25.22 -74.06 -14.87
C LEU K 87 25.80 -75.10 -13.92
N GLU K 88 25.37 -76.35 -14.08
CA GLU K 88 25.98 -77.43 -13.30
C GLU K 88 27.45 -77.58 -13.64
N ARG K 89 27.81 -77.44 -14.93
CA ARG K 89 29.20 -77.57 -15.32
C ARG K 89 30.06 -76.50 -14.65
N ALA K 90 29.56 -75.25 -14.61
CA ALA K 90 30.30 -74.18 -13.96
C ALA K 90 30.43 -74.43 -12.45
N CYS K 91 29.35 -74.88 -11.82
CA CYS K 91 29.40 -75.18 -10.39
C CYS K 91 30.43 -76.26 -10.09
N ALA K 92 30.41 -77.34 -10.87
CA ALA K 92 31.36 -78.42 -10.66
C ALA K 92 32.79 -77.95 -10.89
N SER K 93 33.00 -77.11 -11.91
CA SER K 93 34.34 -76.60 -12.17
C SER K 93 34.85 -75.77 -11.01
N ILE K 94 34.01 -74.89 -10.46
CA ILE K 94 34.47 -74.09 -9.32
C ILE K 94 34.72 -74.98 -8.10
N ILE K 95 33.91 -76.01 -7.91
CA ILE K 95 34.14 -76.94 -6.80
C ILE K 95 35.50 -77.61 -6.94
N ASN K 96 35.80 -78.10 -8.15
CA ASN K 96 37.09 -78.75 -8.36
C ASN K 96 38.24 -77.79 -8.16
N LYS K 97 38.11 -76.56 -8.63
CA LYS K 97 39.16 -75.58 -8.46
C LYS K 97 39.38 -75.29 -6.98
N LEU K 98 38.30 -75.17 -6.22
CA LEU K 98 38.44 -74.94 -4.78
C LEU K 98 39.08 -76.14 -4.08
N LYS K 99 38.76 -77.36 -4.51
CA LYS K 99 39.38 -78.53 -3.89
C LYS K 99 40.88 -78.55 -4.14
N THR K 100 41.28 -78.29 -5.39
CA THR K 100 42.71 -78.20 -5.68
C THR K 100 43.37 -77.09 -4.90
N LEU K 101 42.70 -75.95 -4.78
CA LEU K 101 43.25 -74.84 -4.01
C LEU K 101 43.45 -75.22 -2.55
N ASP K 102 42.47 -75.92 -1.97
CA ASP K 102 42.56 -76.34 -0.58
C ASP K 102 43.70 -77.34 -0.39
N HIS K 103 43.81 -78.32 -1.29
CA HIS K 103 44.89 -79.30 -1.18
C HIS K 103 46.25 -78.62 -1.22
N LYS K 104 46.43 -77.69 -2.17
CA LYS K 104 47.72 -77.02 -2.28
C LYS K 104 47.98 -76.14 -1.08
N PHE K 105 46.96 -75.47 -0.55
CA PHE K 105 47.18 -74.66 0.63
C PHE K 105 47.60 -75.52 1.82
N ASN K 106 46.94 -76.66 2.02
CA ASN K 106 47.31 -77.51 3.14
C ASN K 106 48.74 -78.05 3.00
N GLU K 107 49.11 -78.51 1.80
CA GLU K 107 50.49 -78.98 1.63
C GLU K 107 51.49 -77.86 1.88
N GLU K 108 51.20 -76.65 1.36
CA GLU K 108 52.10 -75.53 1.56
C GLU K 108 52.22 -75.17 3.05
N TRP K 109 51.10 -75.18 3.76
CA TRP K 109 51.12 -74.87 5.19
C TRP K 109 51.93 -75.90 5.97
N ASN K 110 51.80 -77.18 5.60
CA ASN K 110 52.61 -78.21 6.25
C ASN K 110 54.09 -78.01 5.96
N ILE K 111 54.42 -77.68 4.71
CA ILE K 111 55.83 -77.47 4.34
C ILE K 111 56.40 -76.26 5.07
N LYS K 112 55.59 -75.23 5.28
CA LYS K 112 56.05 -74.04 5.99
C LYS K 112 56.46 -74.33 7.43
N ASN K 113 55.96 -75.40 8.04
CA ASN K 113 56.38 -75.76 9.39
C ASN K 113 57.82 -76.27 9.38
N GLY L 28 7.67 -57.89 53.84
CA GLY L 28 6.89 -57.85 52.62
C GLY L 28 7.72 -57.77 51.36
N VAL L 29 8.12 -56.55 51.01
CA VAL L 29 8.91 -56.29 49.81
C VAL L 29 10.12 -55.47 50.19
N LYS L 30 11.26 -55.79 49.61
CA LYS L 30 12.55 -55.28 50.08
C LYS L 30 12.82 -53.89 49.51
N TYR L 31 13.31 -53.00 50.36
CA TYR L 31 13.65 -51.65 49.93
C TYR L 31 15.13 -51.40 50.28
N THR L 32 15.61 -50.18 50.00
CA THR L 32 16.97 -49.83 50.37
C THR L 32 17.09 -48.33 50.58
N CYS L 33 17.93 -47.94 51.53
CA CYS L 33 18.16 -46.51 51.77
C CYS L 33 18.95 -45.93 50.60
N GLY L 34 18.86 -44.61 50.45
CA GLY L 34 19.61 -43.95 49.41
C GLY L 34 20.90 -43.33 49.88
N ALA L 35 20.96 -43.05 51.18
CA ALA L 35 22.11 -42.47 51.85
C ALA L 35 23.02 -43.51 52.50
N CYS L 36 22.45 -44.40 53.31
CA CYS L 36 23.26 -45.32 54.11
C CYS L 36 23.24 -46.75 53.62
N ALA L 37 22.64 -47.01 52.46
CA ALA L 37 22.69 -48.33 51.82
C ALA L 37 22.11 -49.45 52.69
N HIS L 38 21.27 -49.12 53.66
CA HIS L 38 20.71 -50.17 54.51
C HIS L 38 19.62 -50.93 53.76
N ASN L 39 19.63 -52.25 53.92
CA ASN L 39 18.59 -53.11 53.37
C ASN L 39 17.55 -53.38 54.44
N PHE L 40 16.30 -53.45 54.03
CA PHE L 40 15.19 -53.70 54.95
C PHE L 40 13.97 -54.07 54.10
N SER L 41 12.82 -54.13 54.75
CA SER L 41 11.56 -54.49 54.11
C SER L 41 10.44 -53.84 54.90
N LEU L 42 9.60 -53.09 54.20
CA LEU L 42 8.50 -52.39 54.84
C LEU L 42 7.17 -53.01 54.40
N ASN L 43 6.14 -52.78 55.21
CA ASN L 43 4.89 -53.51 55.03
C ASN L 43 3.69 -52.58 54.91
N LYS L 44 3.84 -51.51 54.12
CA LYS L 44 2.77 -50.66 53.62
C LYS L 44 2.06 -49.81 54.67
N SER L 45 2.38 -49.93 55.96
CA SER L 45 1.70 -49.11 56.95
C SER L 45 2.61 -48.26 57.81
N ASP L 46 3.84 -48.70 58.06
CA ASP L 46 4.82 -47.81 58.67
C ASP L 46 5.17 -46.69 57.70
N PRO L 47 5.65 -45.56 58.20
CA PRO L 47 6.12 -44.51 57.29
C PRO L 47 7.35 -44.92 56.51
N VAL L 48 7.79 -44.08 55.59
CA VAL L 48 8.93 -44.36 54.72
C VAL L 48 10.18 -43.82 55.41
N ARG L 49 11.03 -44.73 55.86
CA ARG L 49 12.14 -44.34 56.72
C ARG L 49 13.11 -45.52 56.79
N CYS L 50 14.35 -45.23 57.17
CA CYS L 50 15.35 -46.26 57.42
C CYS L 50 15.47 -46.55 58.90
N LYS L 51 15.83 -47.80 59.20
CA LYS L 51 15.95 -48.20 60.58
C LYS L 51 17.29 -47.73 61.11
N GLU L 52 18.37 -48.08 60.41
CA GLU L 52 19.71 -47.87 60.92
C GLU L 52 19.98 -46.38 61.13
N CYS L 53 19.68 -45.55 60.11
CA CYS L 53 19.93 -44.12 60.22
C CYS L 53 18.67 -43.27 60.37
N GLY L 54 17.56 -43.64 59.75
CA GLY L 54 16.40 -42.78 59.69
C GLY L 54 16.36 -41.83 58.52
N HIS L 55 16.87 -42.22 57.36
CA HIS L 55 16.93 -41.32 56.21
C HIS L 55 15.63 -41.33 55.41
N ARG L 56 15.48 -40.32 54.55
CA ARG L 56 14.19 -39.93 54.00
C ARG L 56 13.85 -40.54 52.65
N VAL L 57 14.83 -40.97 51.86
CA VAL L 57 14.59 -41.44 50.51
C VAL L 57 15.00 -42.90 50.38
N ILE L 58 14.12 -43.71 49.79
CA ILE L 58 14.37 -45.14 49.62
C ILE L 58 14.07 -45.57 48.19
N TYR L 59 14.75 -46.64 47.77
CA TYR L 59 14.67 -47.20 46.42
C TYR L 59 14.19 -48.63 46.52
N LYS L 60 13.34 -49.06 45.60
CA LYS L 60 12.94 -50.46 45.64
C LYS L 60 14.14 -51.35 45.29
N ALA L 61 13.99 -52.65 45.57
CA ALA L 61 15.05 -53.59 45.26
C ALA L 61 14.82 -54.22 43.88
N ARG L 62 15.90 -54.75 43.31
CA ARG L 62 15.79 -55.43 42.03
C ARG L 62 14.88 -56.64 42.14
N THR L 63 14.17 -56.94 41.05
CA THR L 63 13.22 -58.04 41.06
C THR L 63 13.94 -59.37 41.27
N LYS L 64 13.13 -60.41 41.50
CA LYS L 64 13.63 -61.77 41.67
C LYS L 64 13.59 -62.60 40.39
N ARG L 65 12.75 -62.22 39.43
CA ARG L 65 12.65 -62.94 38.17
C ARG L 65 14.00 -62.93 37.44
N MET L 66 14.09 -63.74 36.40
CA MET L 66 15.31 -63.87 35.62
C MET L 66 15.15 -63.14 34.30
N ILE L 67 16.16 -62.35 33.95
CA ILE L 67 16.14 -61.45 32.80
C ILE L 67 17.17 -61.92 31.77
N GLN L 68 16.75 -61.94 30.51
CA GLN L 68 17.59 -62.42 29.42
C GLN L 68 17.94 -61.26 28.50
N PHE L 69 19.18 -61.26 28.01
CA PHE L 69 19.63 -60.30 27.04
C PHE L 69 20.22 -61.03 25.83
N ASP L 70 20.16 -60.37 24.67
CA ASP L 70 20.52 -60.97 23.41
C ASP L 70 22.01 -60.86 23.09
N ALA L 71 22.76 -60.06 23.85
CA ALA L 71 24.19 -59.86 23.61
C ALA L 71 24.48 -59.37 22.19
N ARG L 72 23.67 -58.42 21.73
CA ARG L 72 23.84 -57.86 20.41
C ARG L 72 23.96 -56.34 20.49
N PRO P 42 6.80 83.53 16.84
CA PRO P 42 7.00 84.96 16.70
C PRO P 42 5.70 85.77 16.77
N HIS P 43 5.17 86.17 15.62
CA HIS P 43 3.90 86.90 15.56
C HIS P 43 3.37 86.94 14.14
N ARG P 44 2.14 86.48 13.93
CA ARG P 44 1.53 86.50 12.60
C ARG P 44 0.04 86.67 12.78
N TYR P 45 -0.50 87.69 12.12
CA TYR P 45 -1.94 87.95 12.13
C TYR P 45 -2.71 86.95 11.29
N ARG P 46 -3.95 86.69 11.72
CA ARG P 46 -4.82 85.76 11.04
C ARG P 46 -5.24 86.29 9.67
N PRO P 47 -5.52 85.40 8.73
CA PRO P 47 -5.92 85.85 7.39
C PRO P 47 -7.20 86.68 7.45
N GLY P 48 -7.15 87.86 6.81
CA GLY P 48 -8.28 88.75 6.75
C GLY P 48 -8.23 89.93 7.71
N THR P 49 -7.42 89.87 8.76
CA THR P 49 -7.31 91.02 9.65
C THR P 49 -6.66 92.20 8.93
N VAL P 50 -5.52 91.95 8.29
CA VAL P 50 -4.85 93.00 7.54
C VAL P 50 -5.70 93.45 6.37
N ALA P 51 -6.48 92.55 5.77
CA ALA P 51 -7.39 92.97 4.71
C ALA P 51 -8.36 94.04 5.20
N LEU P 52 -8.96 93.84 6.37
CA LEU P 52 -9.85 94.87 6.91
C LEU P 52 -9.09 96.14 7.22
N ARG P 53 -7.89 95.99 7.78
CA ARG P 53 -7.09 97.17 8.11
C ARG P 53 -6.79 97.98 6.85
N GLU P 54 -6.46 97.31 5.75
CA GLU P 54 -6.21 97.99 4.49
C GLU P 54 -7.47 98.59 3.91
N ILE P 55 -8.62 97.92 4.10
CA ILE P 55 -9.89 98.49 3.68
C ILE P 55 -10.16 99.81 4.39
N ARG P 56 -9.95 99.84 5.71
CA ARG P 56 -10.17 101.08 6.43
C ARG P 56 -9.19 102.17 6.00
N ARG P 57 -7.93 101.80 5.79
CA ARG P 57 -6.96 102.82 5.42
C ARG P 57 -7.28 103.41 4.05
N TYR P 58 -7.65 102.58 3.08
CA TYR P 58 -7.82 103.13 1.75
C TYR P 58 -9.20 103.77 1.59
N GLN P 59 -10.24 103.22 2.22
CA GLN P 59 -11.53 103.90 2.18
C GLN P 59 -11.49 105.21 2.94
N LYS P 60 -10.46 105.42 3.77
CA LYS P 60 -10.35 106.66 4.53
C LYS P 60 -9.52 107.71 3.80
N SER P 61 -8.59 107.28 2.95
CA SER P 61 -7.71 108.17 2.20
C SER P 61 -8.33 108.54 0.85
N THR P 62 -7.66 109.47 0.17
CA THR P 62 -8.10 109.97 -1.13
C THR P 62 -7.06 109.86 -2.23
N GLU P 63 -5.81 109.53 -1.89
CA GLU P 63 -4.73 109.50 -2.86
C GLU P 63 -4.91 108.39 -3.89
N LEU P 64 -4.36 108.60 -5.08
CA LEU P 64 -4.56 107.70 -6.21
C LEU P 64 -3.80 106.40 -6.02
N LEU P 65 -4.46 105.29 -6.36
CA LEU P 65 -3.95 103.96 -6.03
C LEU P 65 -3.19 103.30 -7.17
N ILE P 66 -3.11 103.93 -8.34
CA ILE P 66 -2.34 103.41 -9.46
C ILE P 66 -1.09 104.27 -9.60
N ARG P 67 0.04 103.62 -9.88
CA ARG P 67 1.27 104.36 -10.13
C ARG P 67 1.09 105.27 -11.34
N LYS P 68 1.59 106.50 -11.23
CA LYS P 68 1.28 107.50 -12.25
C LYS P 68 2.02 107.23 -13.56
N LEU P 69 3.31 106.90 -13.48
CA LEU P 69 4.09 106.70 -14.71
C LEU P 69 3.62 105.54 -15.56
N PRO P 70 3.38 104.34 -15.02
CA PRO P 70 2.86 103.26 -15.88
C PRO P 70 1.52 103.61 -16.49
N PHE P 71 0.66 104.30 -15.75
CA PHE P 71 -0.63 104.69 -16.33
C PHE P 71 -0.43 105.69 -17.47
N GLN P 72 0.51 106.63 -17.31
CA GLN P 72 0.77 107.56 -18.40
C GLN P 72 1.28 106.85 -19.63
N ARG P 73 2.19 105.89 -19.45
CA ARG P 73 2.68 105.11 -20.57
C ARG P 73 1.55 104.34 -21.24
N LEU P 74 0.68 103.72 -20.45
CA LEU P 74 -0.45 102.97 -21.00
C LEU P 74 -1.35 103.88 -21.82
N VAL P 75 -1.66 105.06 -21.29
CA VAL P 75 -2.53 106.00 -22.00
C VAL P 75 -1.90 106.39 -23.33
N ARG P 76 -0.61 106.72 -23.30
CA ARG P 76 0.07 107.14 -24.53
C ARG P 76 0.08 106.01 -25.55
N GLU P 77 0.31 104.77 -25.10
CA GLU P 77 0.42 103.68 -26.06
C GLU P 77 -0.95 103.32 -26.62
N ILE P 78 -2.01 103.51 -25.83
CA ILE P 78 -3.35 103.34 -26.37
C ILE P 78 -3.64 104.40 -27.43
N ALA P 79 -3.36 105.67 -27.11
CA ALA P 79 -3.65 106.72 -28.07
C ALA P 79 -2.76 106.64 -29.30
N GLN P 80 -1.65 105.92 -29.23
CA GLN P 80 -0.79 105.76 -30.39
C GLN P 80 -1.52 105.03 -31.52
N ASP P 81 -2.56 104.27 -31.20
CA ASP P 81 -3.32 103.48 -32.17
C ASP P 81 -4.33 104.33 -32.93
N PHE P 82 -4.61 105.55 -32.48
CA PHE P 82 -5.60 106.41 -33.11
C PHE P 82 -4.97 107.55 -33.91
N LYS P 83 -3.88 108.13 -33.43
CA LYS P 83 -3.11 109.08 -34.21
C LYS P 83 -1.68 109.05 -33.72
N THR P 84 -0.74 108.98 -34.65
CA THR P 84 0.66 109.02 -34.27
C THR P 84 1.06 110.43 -33.88
N ASP P 85 2.09 110.52 -33.05
CA ASP P 85 2.67 111.81 -32.62
C ASP P 85 1.60 112.68 -31.98
N LEU P 86 1.06 112.20 -30.86
CA LEU P 86 0.10 112.94 -30.06
C LEU P 86 0.73 113.38 -28.76
N ARG P 87 0.64 114.67 -28.44
CA ARG P 87 1.05 115.16 -27.14
C ARG P 87 -0.14 115.27 -26.21
N PHE P 88 0.14 115.24 -24.91
CA PHE P 88 -0.90 115.31 -23.88
C PHE P 88 -0.55 116.39 -22.87
N GLN P 89 -1.53 117.20 -22.48
CA GLN P 89 -1.39 117.98 -21.27
C GLN P 89 -1.27 117.05 -20.07
N SER P 90 -0.48 117.45 -19.08
CA SER P 90 -0.34 116.65 -17.89
C SER P 90 -1.69 116.50 -17.17
N SER P 91 -2.44 117.60 -17.07
CA SER P 91 -3.75 117.53 -16.44
C SER P 91 -4.71 116.63 -17.20
N ALA P 92 -4.49 116.41 -18.50
CA ALA P 92 -5.33 115.47 -19.23
C ALA P 92 -5.12 114.04 -18.72
N VAL P 93 -3.85 113.64 -18.57
CA VAL P 93 -3.55 112.33 -18.01
C VAL P 93 -4.04 112.23 -16.58
N MET P 94 -3.95 113.33 -15.81
CA MET P 94 -4.48 113.31 -14.45
C MET P 94 -5.99 113.07 -14.45
N ALA P 95 -6.72 113.74 -15.33
CA ALA P 95 -8.16 113.55 -15.41
C ALA P 95 -8.48 112.12 -15.81
N LEU P 96 -7.72 111.58 -16.76
CA LEU P 96 -7.93 110.20 -17.18
C LEU P 96 -7.71 109.24 -16.03
N GLN P 97 -6.66 109.46 -15.24
CA GLN P 97 -6.40 108.58 -14.11
C GLN P 97 -7.49 108.68 -13.06
N GLU P 98 -7.93 109.89 -12.75
CA GLU P 98 -9.04 110.07 -11.80
C GLU P 98 -10.27 109.31 -12.27
N ALA P 99 -10.64 109.48 -13.53
CA ALA P 99 -11.83 108.84 -14.06
C ALA P 99 -11.68 107.32 -14.03
N CYS P 100 -10.52 106.81 -14.41
CA CYS P 100 -10.33 105.36 -14.45
C CYS P 100 -10.38 104.77 -13.05
N GLU P 101 -9.74 105.41 -12.08
CA GLU P 101 -9.78 104.89 -10.72
C GLU P 101 -11.19 104.94 -10.16
N ALA P 102 -11.93 106.02 -10.42
CA ALA P 102 -13.31 106.07 -9.97
C ALA P 102 -14.13 104.95 -10.58
N TYR P 103 -13.96 104.73 -11.89
CA TYR P 103 -14.72 103.68 -12.56
C TYR P 103 -14.40 102.32 -11.95
N LEU P 104 -13.11 102.06 -11.74
CA LEU P 104 -12.71 100.75 -11.23
C LEU P 104 -13.16 100.56 -9.79
N VAL P 105 -13.15 101.63 -8.98
CA VAL P 105 -13.63 101.49 -7.61
C VAL P 105 -15.13 101.18 -7.59
N GLY P 106 -15.91 101.89 -8.41
CA GLY P 106 -17.33 101.59 -8.47
C GLY P 106 -17.58 100.17 -8.96
N LEU P 107 -16.80 99.75 -9.96
CA LEU P 107 -16.94 98.40 -10.47
C LEU P 107 -16.61 97.38 -9.40
N PHE P 108 -15.59 97.65 -8.58
CA PHE P 108 -15.22 96.72 -7.52
C PHE P 108 -16.27 96.69 -6.42
N GLU P 109 -16.93 97.82 -6.16
CA GLU P 109 -18.05 97.80 -5.22
C GLU P 109 -19.15 96.87 -5.73
N ASP P 110 -19.54 97.04 -6.99
CA ASP P 110 -20.60 96.17 -7.50
C ASP P 110 -20.16 94.70 -7.57
N THR P 111 -18.89 94.44 -7.89
CA THR P 111 -18.40 93.06 -7.85
C THR P 111 -18.47 92.48 -6.45
N ASN P 112 -18.09 93.24 -5.43
CA ASN P 112 -18.15 92.74 -4.07
C ASN P 112 -19.59 92.45 -3.67
N LEU P 113 -20.53 93.33 -4.06
CA LEU P 113 -21.93 93.07 -3.80
C LEU P 113 -22.38 91.77 -4.47
N CYS P 114 -22.00 91.57 -5.72
CA CYS P 114 -22.37 90.34 -6.42
C CYS P 114 -21.79 89.11 -5.71
N ALA P 115 -20.53 89.20 -5.30
CA ALA P 115 -19.88 88.08 -4.65
C ALA P 115 -20.56 87.76 -3.33
N ILE P 116 -20.87 88.78 -2.54
CA ILE P 116 -21.57 88.54 -1.28
C ILE P 116 -22.93 87.94 -1.57
N HIS P 117 -23.57 88.41 -2.64
CA HIS P 117 -24.85 87.86 -3.04
C HIS P 117 -24.75 86.36 -3.30
N ALA P 118 -23.58 85.90 -3.76
CA ALA P 118 -23.38 84.49 -4.03
C ALA P 118 -22.86 83.72 -2.82
N LYS P 119 -22.98 84.30 -1.62
CA LYS P 119 -22.53 83.69 -0.38
C LYS P 119 -21.03 83.41 -0.39
N ARG P 120 -20.29 84.27 -1.08
CA ARG P 120 -18.84 84.20 -1.13
C ARG P 120 -18.23 85.44 -0.51
N VAL P 121 -16.94 85.35 -0.20
CA VAL P 121 -16.16 86.51 0.22
C VAL P 121 -15.11 86.89 -0.81
N THR P 122 -14.60 85.94 -1.59
CA THR P 122 -13.63 86.23 -2.64
C THR P 122 -14.35 86.70 -3.89
N ILE P 123 -13.93 87.84 -4.43
CA ILE P 123 -14.44 88.29 -5.72
C ILE P 123 -13.76 87.51 -6.84
N MET P 124 -14.51 87.16 -7.86
CA MET P 124 -14.06 86.33 -8.96
C MET P 124 -14.36 87.03 -10.27
N PRO P 125 -13.66 86.67 -11.35
CA PRO P 125 -13.90 87.36 -12.63
C PRO P 125 -15.35 87.28 -13.09
N LYS P 126 -16.04 86.18 -12.78
CA LYS P 126 -17.45 86.08 -13.13
C LYS P 126 -18.27 87.17 -12.43
N ASP P 127 -17.85 87.59 -11.24
CA ASP P 127 -18.53 88.71 -10.58
C ASP P 127 -18.37 90.00 -11.39
N ILE P 128 -17.16 90.25 -11.90
CA ILE P 128 -16.93 91.44 -12.72
C ILE P 128 -17.78 91.36 -13.98
N GLN P 129 -17.82 90.20 -14.62
CA GLN P 129 -18.60 90.05 -15.83
C GLN P 129 -20.07 90.29 -15.56
N LEU P 130 -20.59 89.76 -14.45
CA LEU P 130 -22.00 89.98 -14.12
C LEU P 130 -22.28 91.45 -13.84
N ALA P 131 -21.39 92.11 -13.09
CA ALA P 131 -21.62 93.51 -12.77
C ALA P 131 -21.64 94.36 -14.02
N ARG P 132 -20.71 94.13 -14.95
CA ARG P 132 -20.73 94.91 -16.18
C ARG P 132 -21.92 94.55 -17.05
N ARG P 133 -22.35 93.29 -17.05
CA ARG P 133 -23.52 92.91 -17.83
C ARG P 133 -24.77 93.61 -17.32
N ILE P 134 -24.96 93.65 -16.01
CA ILE P 134 -26.14 94.32 -15.43
C ILE P 134 -26.03 95.83 -15.63
N ARG P 135 -24.84 96.40 -15.41
CA ARG P 135 -24.65 97.83 -15.60
C ARG P 135 -24.96 98.29 -17.01
N GLY P 136 -24.94 97.40 -17.99
CA GLY P 136 -25.24 97.78 -19.35
C GLY P 136 -24.03 97.99 -20.23
N GLU P 137 -22.81 97.80 -19.70
CA GLU P 137 -21.62 97.95 -20.51
C GLU P 137 -21.42 96.74 -21.41
N ARG P 138 -20.52 96.90 -22.37
CA ARG P 138 -20.20 95.84 -23.32
C ARG P 138 -18.69 95.64 -23.42
N LYS Q 24 10.27 107.03 -28.74
CA LYS Q 24 10.30 105.57 -28.67
C LYS Q 24 8.91 104.96 -28.83
N VAL Q 25 8.87 103.76 -29.42
CA VAL Q 25 7.63 103.00 -29.48
C VAL Q 25 7.23 102.62 -28.06
N LEU Q 26 5.92 102.59 -27.81
CA LEU Q 26 5.37 102.21 -26.52
C LEU Q 26 4.66 100.87 -26.66
N ARG Q 27 5.04 99.90 -25.83
CA ARG Q 27 4.64 98.51 -26.06
C ARG Q 27 4.48 97.78 -24.74
N ASP Q 28 3.36 97.07 -24.61
CA ASP Q 28 3.04 96.20 -23.48
C ASP Q 28 3.22 96.95 -22.16
N ASN Q 29 2.54 98.10 -22.05
CA ASN Q 29 2.51 98.85 -20.80
C ASN Q 29 1.31 98.50 -19.93
N ILE Q 30 0.44 97.60 -20.38
CA ILE Q 30 -0.68 97.16 -19.54
C ILE Q 30 -0.20 96.43 -18.30
N GLN Q 31 1.01 95.86 -18.33
CA GLN Q 31 1.55 95.20 -17.15
C GLN Q 31 1.99 96.19 -16.09
N GLY Q 32 2.04 97.48 -16.42
CA GLY Q 32 2.34 98.49 -15.41
C GLY Q 32 1.26 98.65 -14.38
N ILE Q 33 0.05 98.18 -14.67
CA ILE Q 33 -1.01 98.12 -13.67
C ILE Q 33 -0.75 96.88 -12.84
N THR Q 34 0.02 97.02 -11.78
CA THR Q 34 0.54 95.85 -11.08
C THR Q 34 -0.54 95.23 -10.21
N LYS Q 35 -0.28 93.99 -9.79
CA LYS Q 35 -1.18 93.30 -8.86
C LYS Q 35 -1.44 94.09 -7.59
N PRO Q 36 -0.44 94.66 -6.90
CA PRO Q 36 -0.75 95.44 -5.71
C PRO Q 36 -1.61 96.65 -5.97
N ALA Q 37 -1.46 97.31 -7.12
CA ALA Q 37 -2.33 98.45 -7.42
C ALA Q 37 -3.78 98.02 -7.59
N ILE Q 38 -4.00 96.89 -8.27
CA ILE Q 38 -5.36 96.39 -8.41
C ILE Q 38 -5.93 96.00 -7.05
N ARG Q 39 -5.10 95.39 -6.20
CA ARG Q 39 -5.56 95.07 -4.85
C ARG Q 39 -5.94 96.33 -4.08
N ARG Q 40 -5.16 97.40 -4.23
CA ARG Q 40 -5.47 98.64 -3.54
C ARG Q 40 -6.80 99.20 -4.02
N LEU Q 41 -7.03 99.18 -5.34
CA LEU Q 41 -8.31 99.64 -5.86
C LEU Q 41 -9.45 98.80 -5.31
N ALA Q 42 -9.27 97.49 -5.21
CA ALA Q 42 -10.32 96.64 -4.67
C ALA Q 42 -10.55 96.92 -3.19
N ARG Q 43 -9.48 97.24 -2.46
CA ARG Q 43 -9.62 97.61 -1.06
C ARG Q 43 -10.43 98.88 -0.92
N ARG Q 44 -10.16 99.88 -1.77
CA ARG Q 44 -10.98 101.09 -1.73
C ARG Q 44 -12.44 100.78 -2.03
N GLY Q 45 -12.70 99.72 -2.79
CA GLY Q 45 -14.05 99.28 -3.05
C GLY Q 45 -14.67 98.42 -1.97
N GLY Q 46 -13.97 98.18 -0.87
CA GLY Q 46 -14.51 97.38 0.21
C GLY Q 46 -14.37 95.88 0.04
N VAL Q 47 -13.42 95.42 -0.75
CA VAL Q 47 -13.26 94.00 -1.04
C VAL Q 47 -12.25 93.39 -0.08
N LYS Q 48 -12.60 92.23 0.48
CA LYS Q 48 -11.78 91.59 1.51
C LYS Q 48 -10.90 90.48 0.98
N ARG Q 49 -11.35 89.72 -0.02
CA ARG Q 49 -10.59 88.64 -0.58
C ARG Q 49 -10.67 88.74 -2.10
N ILE Q 50 -9.55 88.55 -2.78
CA ILE Q 50 -9.44 88.73 -4.23
C ILE Q 50 -8.92 87.44 -4.85
N SER Q 51 -9.61 86.96 -5.87
CA SER Q 51 -9.14 85.78 -6.58
C SER Q 51 -7.91 86.13 -7.42
N GLY Q 52 -7.18 85.08 -7.83
CA GLY Q 52 -5.97 85.30 -8.59
C GLY Q 52 -6.20 85.67 -10.03
N LEU Q 53 -7.35 85.31 -10.60
CA LEU Q 53 -7.69 85.62 -11.98
C LEU Q 53 -8.29 87.01 -12.12
N ILE Q 54 -8.54 87.71 -11.03
CA ILE Q 54 -9.13 89.04 -11.08
C ILE Q 54 -8.22 90.01 -11.82
N TYR Q 55 -6.92 89.95 -11.53
CA TYR Q 55 -6.00 91.01 -11.96
C TYR Q 55 -5.99 91.18 -13.47
N GLU Q 56 -5.98 90.07 -14.21
CA GLU Q 56 -6.00 90.16 -15.67
C GLU Q 56 -7.34 90.69 -16.16
N GLU Q 57 -8.44 90.17 -15.60
CA GLU Q 57 -9.77 90.65 -15.98
C GLU Q 57 -9.85 92.16 -15.83
N THR Q 58 -9.40 92.67 -14.67
CA THR Q 58 -9.36 94.10 -14.43
C THR Q 58 -8.53 94.83 -15.49
N ARG Q 59 -7.34 94.30 -15.81
CA ARG Q 59 -6.53 94.98 -16.81
C ARG Q 59 -7.23 95.01 -18.17
N GLY Q 60 -8.09 94.02 -18.42
CA GLY Q 60 -8.92 94.08 -19.62
C GLY Q 60 -9.96 95.17 -19.53
N VAL Q 61 -10.73 95.18 -18.44
CA VAL Q 61 -11.82 96.14 -18.30
C VAL Q 61 -11.27 97.55 -18.43
N LEU Q 62 -10.23 97.84 -17.66
CA LEU Q 62 -9.59 99.15 -17.71
C LEU Q 62 -9.16 99.48 -19.14
N LYS Q 63 -8.49 98.54 -19.82
CA LYS Q 63 -8.01 98.83 -21.17
C LYS Q 63 -9.16 99.21 -22.09
N VAL Q 64 -10.31 98.56 -21.92
CA VAL Q 64 -11.48 98.89 -22.74
C VAL Q 64 -11.96 100.29 -22.41
N PHE Q 65 -12.12 100.58 -21.12
CA PHE Q 65 -12.62 101.88 -20.71
C PHE Q 65 -11.76 102.97 -21.32
N LEU Q 66 -10.44 102.83 -21.15
CA LEU Q 66 -9.49 103.79 -21.71
C LEU Q 66 -9.68 103.93 -23.22
N GLU Q 67 -9.78 102.82 -23.96
CA GLU Q 67 -9.93 102.95 -25.40
C GLU Q 67 -11.17 103.76 -25.75
N ASN Q 68 -12.27 103.54 -25.02
CA ASN Q 68 -13.51 104.28 -25.29
C ASN Q 68 -13.34 105.76 -24.99
N VAL Q 69 -12.60 106.09 -23.95
CA VAL Q 69 -12.46 107.50 -23.58
C VAL Q 69 -11.50 108.19 -24.54
N ILE Q 70 -10.32 107.60 -24.71
CA ILE Q 70 -9.29 108.18 -25.56
C ILE Q 70 -9.77 108.38 -26.99
N ARG Q 71 -10.45 107.38 -27.57
CA ARG Q 71 -10.94 107.57 -28.93
C ARG Q 71 -11.75 108.86 -29.08
N ASP Q 72 -12.59 109.17 -28.10
CA ASP Q 72 -13.39 110.39 -28.16
C ASP Q 72 -12.53 111.62 -27.91
N ALA Q 73 -11.66 111.56 -26.91
CA ALA Q 73 -10.79 112.71 -26.64
C ALA Q 73 -9.98 113.07 -27.88
N VAL Q 74 -9.34 112.06 -28.48
CA VAL Q 74 -8.58 112.25 -29.70
C VAL Q 74 -9.45 112.84 -30.81
N THR Q 75 -10.68 112.34 -30.95
CA THR Q 75 -11.59 112.92 -31.94
C THR Q 75 -11.79 114.41 -31.71
N TYR Q 76 -12.12 114.77 -30.47
CA TYR Q 76 -12.32 116.18 -30.11
C TYR Q 76 -11.06 117.00 -30.40
N THR Q 77 -9.88 116.38 -30.28
CA THR Q 77 -8.64 117.10 -30.57
C THR Q 77 -8.42 117.25 -32.07
N GLU Q 78 -8.75 116.22 -32.84
CA GLU Q 78 -8.60 116.27 -34.29
C GLU Q 78 -9.49 117.35 -34.88
N HIS Q 79 -10.73 117.46 -34.38
CA HIS Q 79 -11.64 118.45 -34.91
C HIS Q 79 -11.12 119.87 -34.71
N ALA Q 80 -10.47 120.12 -33.57
CA ALA Q 80 -9.93 121.44 -33.26
C ALA Q 80 -8.61 121.74 -33.96
N LYS Q 81 -8.12 120.84 -34.82
CA LYS Q 81 -6.89 120.97 -35.60
C LYS Q 81 -5.64 120.90 -34.73
N ARG Q 82 -5.78 120.67 -33.43
CA ARG Q 82 -4.64 120.65 -32.52
C ARG Q 82 -3.93 119.31 -32.60
N LYS Q 83 -2.65 119.32 -32.24
CA LYS Q 83 -1.88 118.09 -32.10
C LYS Q 83 -1.78 117.61 -30.67
N THR Q 84 -2.38 118.31 -29.72
CA THR Q 84 -2.25 118.02 -28.30
C THR Q 84 -3.61 117.78 -27.68
N VAL Q 85 -3.75 116.66 -26.97
CA VAL Q 85 -4.99 116.37 -26.26
C VAL Q 85 -4.99 117.14 -24.94
N THR Q 86 -5.95 118.02 -24.77
CA THR Q 86 -6.07 118.80 -23.55
C THR Q 86 -6.95 118.08 -22.54
N ALA Q 87 -6.89 118.54 -21.29
CA ALA Q 87 -7.74 117.96 -20.25
C ALA Q 87 -9.20 118.25 -20.51
N MET Q 88 -9.48 119.34 -21.21
CA MET Q 88 -10.86 119.71 -21.48
C MET Q 88 -11.49 118.73 -22.47
N ASP Q 89 -10.70 118.22 -23.42
CA ASP Q 89 -11.20 117.18 -24.31
C ASP Q 89 -11.57 115.92 -23.53
N VAL Q 90 -10.72 115.54 -22.57
CA VAL Q 90 -11.02 114.35 -21.77
C VAL Q 90 -12.28 114.55 -20.95
N VAL Q 91 -12.43 115.74 -20.35
CA VAL Q 91 -13.64 116.02 -19.58
C VAL Q 91 -14.87 115.93 -20.47
N TYR Q 92 -14.76 116.47 -21.69
CA TYR Q 92 -15.92 116.51 -22.57
C TYR Q 92 -16.27 115.12 -23.06
N ALA Q 93 -15.26 114.30 -23.39
CA ALA Q 93 -15.51 112.92 -23.76
C ALA Q 93 -16.18 112.17 -22.62
N LEU Q 94 -15.71 112.39 -21.40
CA LEU Q 94 -16.31 111.73 -20.24
C LEU Q 94 -17.77 112.09 -20.11
N LYS Q 95 -18.08 113.40 -20.11
CA LYS Q 95 -19.47 113.79 -19.96
C LYS Q 95 -20.30 113.33 -21.14
N ARG Q 96 -19.68 113.17 -22.31
CA ARG Q 96 -20.39 112.59 -23.44
C ARG Q 96 -20.75 111.14 -23.18
N GLN Q 97 -19.93 110.42 -22.41
CA GLN Q 97 -20.28 109.08 -21.98
C GLN Q 97 -21.16 109.06 -20.73
N GLY Q 98 -21.74 110.18 -20.34
CA GLY Q 98 -22.53 110.22 -19.12
C GLY Q 98 -21.77 109.86 -17.87
N ARG Q 99 -20.54 110.35 -17.74
CA ARG Q 99 -19.66 110.02 -16.62
C ARG Q 99 -18.90 111.27 -16.19
N THR Q 100 -19.64 112.36 -16.00
CA THR Q 100 -19.04 113.68 -15.85
C THR Q 100 -18.05 113.70 -14.69
N LEU Q 101 -17.04 114.56 -14.83
CA LEU Q 101 -15.92 114.63 -13.90
C LEU Q 101 -15.79 116.06 -13.41
N TYR Q 102 -15.68 116.23 -12.10
CA TYR Q 102 -15.52 117.56 -11.52
C TYR Q 102 -14.08 117.78 -11.10
N GLY Q 103 -13.59 119.00 -11.28
CA GLY Q 103 -12.30 119.40 -10.75
C GLY Q 103 -11.22 119.70 -11.77
N PHE Q 104 -11.49 119.55 -13.06
CA PHE Q 104 -10.49 119.82 -14.08
C PHE Q 104 -10.96 120.86 -15.08
N GLY Q 105 -11.66 121.88 -14.61
CA GLY Q 105 -12.22 122.88 -15.50
C GLY Q 105 -13.53 122.45 -16.12
N GLY Q 106 -14.10 123.38 -16.89
CA GLY Q 106 -15.38 123.15 -17.54
C GLY Q 106 -16.55 123.10 -16.57
N ALA R 18 -35.22 123.64 -63.11
CA ALA R 18 -35.04 123.66 -61.66
C ALA R 18 -34.94 122.23 -61.11
N LYS R 19 -33.75 121.86 -60.65
CA LYS R 19 -33.53 120.57 -60.02
C LYS R 19 -33.25 120.75 -58.53
N THR R 20 -33.83 119.84 -57.73
CA THR R 20 -33.81 119.98 -56.28
C THR R 20 -32.42 119.69 -55.72
N ARG R 21 -32.17 120.20 -54.51
CA ARG R 21 -30.87 120.03 -53.88
C ARG R 21 -30.56 118.56 -53.66
N SER R 22 -31.57 117.78 -53.27
CA SER R 22 -31.38 116.34 -53.09
C SER R 22 -30.95 115.68 -54.39
N SER R 23 -31.60 116.04 -55.50
CA SER R 23 -31.22 115.48 -56.80
C SER R 23 -29.79 115.84 -57.16
N ARG R 24 -29.39 117.09 -56.92
CA ARG R 24 -28.05 117.51 -57.30
C ARG R 24 -26.98 116.78 -56.51
N ALA R 25 -27.31 116.31 -55.32
CA ALA R 25 -26.38 115.56 -54.48
C ALA R 25 -26.53 114.06 -54.63
N GLY R 26 -27.46 113.61 -55.46
CA GLY R 26 -27.69 112.19 -55.64
C GLY R 26 -28.24 111.49 -54.41
N LEU R 27 -29.16 112.14 -53.71
CA LEU R 27 -29.76 111.57 -52.51
C LEU R 27 -31.26 111.45 -52.72
N GLN R 28 -31.92 110.72 -51.81
CA GLN R 28 -33.37 110.68 -51.77
C GLN R 28 -33.95 111.34 -50.54
N PHE R 29 -33.14 111.66 -49.54
CA PHE R 29 -33.66 112.37 -48.39
C PHE R 29 -33.67 113.87 -48.68
N PRO R 30 -34.59 114.62 -48.08
CA PRO R 30 -34.77 116.01 -48.46
C PRO R 30 -33.71 116.92 -47.86
N VAL R 31 -32.78 117.36 -48.70
CA VAL R 31 -31.71 118.23 -48.23
C VAL R 31 -32.29 119.57 -47.79
N GLY R 32 -33.22 120.12 -48.57
CA GLY R 32 -33.83 121.38 -48.22
C GLY R 32 -34.56 121.32 -46.88
N ARG R 33 -35.27 120.22 -46.63
CA ARG R 33 -36.00 120.09 -45.37
C ARG R 33 -35.03 120.00 -44.20
N VAL R 34 -33.94 119.24 -44.35
CA VAL R 34 -32.96 119.14 -43.28
C VAL R 34 -32.33 120.50 -43.02
N HIS R 35 -32.05 121.26 -44.09
CA HIS R 35 -31.51 122.60 -43.92
C HIS R 35 -32.50 123.50 -43.18
N ARG R 36 -33.78 123.40 -43.52
CA ARG R 36 -34.78 124.20 -42.84
C ARG R 36 -34.86 123.83 -41.36
N LEU R 37 -34.80 122.53 -41.04
CA LEU R 37 -34.88 122.11 -39.65
C LEU R 37 -33.66 122.56 -38.86
N LEU R 38 -32.48 122.50 -39.49
CA LEU R 38 -31.28 122.98 -38.82
C LEU R 38 -31.40 124.47 -38.53
N ARG R 39 -31.89 125.26 -39.49
CA ARG R 39 -32.02 126.68 -39.20
C ARG R 39 -33.08 126.90 -38.13
N LYS R 40 -34.24 126.26 -38.28
CA LYS R 40 -35.35 126.40 -37.35
C LYS R 40 -35.30 125.34 -36.25
N GLY R 41 -34.13 125.20 -35.64
CA GLY R 41 -33.98 124.25 -34.54
C GLY R 41 -33.03 124.85 -33.52
N ASN R 42 -32.56 126.05 -33.81
CA ASN R 42 -31.60 126.79 -32.98
C ASN R 42 -30.43 125.91 -32.60
N TYR R 43 -29.82 125.27 -33.61
CA TYR R 43 -28.55 124.59 -33.36
C TYR R 43 -27.36 125.53 -33.50
N SER R 44 -27.40 126.46 -34.44
CA SER R 44 -26.35 127.46 -34.58
C SER R 44 -26.92 128.67 -35.30
N GLU R 45 -26.17 129.77 -35.26
CA GLU R 45 -26.61 130.99 -35.93
C GLU R 45 -26.56 130.86 -37.45
N ARG R 46 -25.61 130.08 -37.96
CA ARG R 46 -25.35 129.99 -39.39
C ARG R 46 -25.18 128.52 -39.75
N VAL R 47 -25.55 128.17 -40.97
CA VAL R 47 -25.49 126.78 -41.43
C VAL R 47 -24.80 126.74 -42.79
N GLY R 48 -23.75 125.92 -42.88
CA GLY R 48 -23.01 125.83 -44.12
C GLY R 48 -23.83 125.19 -45.22
N ALA R 49 -23.33 125.31 -46.45
CA ALA R 49 -24.08 124.76 -47.58
C ALA R 49 -24.03 123.24 -47.59
N GLY R 50 -22.88 122.65 -47.27
CA GLY R 50 -22.72 121.21 -47.30
C GLY R 50 -23.22 120.48 -46.08
N ALA R 51 -23.56 121.20 -45.01
CA ALA R 51 -24.06 120.55 -43.80
C ALA R 51 -25.36 119.79 -44.02
N PRO R 52 -26.41 120.38 -44.61
CA PRO R 52 -27.61 119.58 -44.84
C PRO R 52 -27.38 118.42 -45.79
N VAL R 53 -26.51 118.58 -46.79
CA VAL R 53 -26.22 117.48 -47.71
C VAL R 53 -25.57 116.33 -46.96
N TYR R 54 -24.55 116.63 -46.15
CA TYR R 54 -23.86 115.58 -45.40
C TYR R 54 -24.80 114.90 -44.42
N LEU R 55 -25.61 115.69 -43.72
CA LEU R 55 -26.50 115.13 -42.73
C LEU R 55 -27.56 114.25 -43.39
N ALA R 56 -28.09 114.69 -44.53
CA ALA R 56 -29.08 113.90 -45.25
C ALA R 56 -28.47 112.60 -45.75
N ALA R 57 -27.22 112.66 -46.21
CA ALA R 57 -26.55 111.44 -46.63
C ALA R 57 -26.42 110.47 -45.47
N VAL R 58 -26.04 110.97 -44.29
CA VAL R 58 -25.89 110.07 -43.15
C VAL R 58 -27.22 109.45 -42.76
N LEU R 59 -28.29 110.25 -42.70
CA LEU R 59 -29.60 109.68 -42.37
C LEU R 59 -30.03 108.65 -43.41
N GLU R 60 -29.82 108.95 -44.69
CA GLU R 60 -30.18 107.99 -45.72
C GLU R 60 -29.40 106.70 -45.58
N TYR R 61 -28.11 106.80 -45.27
CA TYR R 61 -27.31 105.59 -45.11
C TYR R 61 -27.81 104.76 -43.93
N LEU R 62 -28.09 105.40 -42.80
CA LEU R 62 -28.57 104.68 -41.62
C LEU R 62 -29.91 104.02 -41.88
N THR R 63 -30.82 104.76 -42.53
CA THR R 63 -32.11 104.18 -42.89
C THR R 63 -31.94 103.00 -43.83
N ALA R 64 -31.02 103.11 -44.80
CA ALA R 64 -30.78 102.00 -45.71
C ALA R 64 -30.26 100.78 -44.98
N GLU R 65 -29.36 100.97 -44.01
CA GLU R 65 -28.87 99.86 -43.21
C GLU R 65 -30.01 99.17 -42.46
N ILE R 66 -30.83 99.97 -41.78
CA ILE R 66 -31.90 99.36 -40.98
C ILE R 66 -32.90 98.68 -41.90
N LEU R 67 -33.22 99.28 -43.04
CA LEU R 67 -34.19 98.66 -43.94
C LEU R 67 -33.62 97.39 -44.57
N GLU R 68 -32.33 97.37 -44.91
CA GLU R 68 -31.67 96.12 -45.25
C GLU R 68 -31.95 95.05 -44.21
N LEU R 69 -31.52 95.32 -42.97
CA LEU R 69 -31.57 94.28 -41.95
C LEU R 69 -33.01 93.87 -41.65
N ALA R 70 -33.91 94.84 -41.63
CA ALA R 70 -35.32 94.58 -41.35
C ALA R 70 -35.99 93.82 -42.48
N GLY R 71 -35.67 94.14 -43.73
CA GLY R 71 -36.19 93.37 -44.83
C GLY R 71 -35.72 91.93 -44.78
N ASN R 72 -34.46 91.73 -44.43
CA ASN R 72 -33.96 90.36 -44.28
C ASN R 72 -34.73 89.64 -43.20
N ALA R 73 -34.93 90.31 -42.05
CA ALA R 73 -35.66 89.69 -40.95
C ALA R 73 -37.10 89.38 -41.34
N ALA R 74 -37.75 90.29 -42.08
CA ALA R 74 -39.11 90.03 -42.52
C ALA R 74 -39.17 88.85 -43.49
N ARG R 75 -38.21 88.78 -44.41
CA ARG R 75 -38.19 87.64 -45.32
C ARG R 75 -37.92 86.35 -44.58
N ASP R 76 -37.21 86.43 -43.45
CA ASP R 76 -36.98 85.24 -42.63
C ASP R 76 -38.27 84.72 -42.01
N ASN R 77 -39.33 85.52 -41.98
CA ASN R 77 -40.61 85.10 -41.45
C ASN R 77 -41.66 84.93 -42.53
N LYS R 78 -41.23 84.81 -43.79
CA LYS R 78 -42.13 84.66 -44.93
C LYS R 78 -43.13 85.81 -45.00
N LYS R 79 -42.67 87.01 -44.64
CA LYS R 79 -43.48 88.22 -44.63
C LYS R 79 -42.91 89.22 -45.62
N THR R 80 -43.77 89.84 -46.40
CA THR R 80 -43.34 90.81 -47.39
C THR R 80 -43.51 92.25 -46.91
N ARG R 81 -44.01 92.44 -45.69
CA ARG R 81 -44.12 93.76 -45.09
C ARG R 81 -43.30 93.80 -43.80
N ILE R 82 -42.77 94.97 -43.48
CA ILE R 82 -41.97 95.15 -42.29
C ILE R 82 -42.87 95.66 -41.17
N ILE R 83 -42.79 95.02 -40.01
CA ILE R 83 -43.57 95.39 -38.84
C ILE R 83 -42.59 95.70 -37.72
N PRO R 84 -43.02 96.39 -36.66
CA PRO R 84 -42.09 96.76 -35.59
C PRO R 84 -41.27 95.60 -35.02
N ARG R 85 -41.83 94.39 -34.98
CA ARG R 85 -41.05 93.25 -34.51
C ARG R 85 -39.81 93.03 -35.36
N HIS R 86 -39.93 93.18 -36.68
CA HIS R 86 -38.78 92.97 -37.55
C HIS R 86 -37.72 94.05 -37.33
N LEU R 87 -38.14 95.30 -37.14
CA LEU R 87 -37.20 96.36 -36.85
C LEU R 87 -36.48 96.11 -35.52
N GLN R 88 -37.23 95.66 -34.52
CA GLN R 88 -36.62 95.38 -33.23
C GLN R 88 -35.58 94.25 -33.33
N LEU R 89 -35.92 93.18 -34.06
CA LEU R 89 -34.97 92.08 -34.23
C LEU R 89 -33.74 92.53 -35.01
N ALA R 90 -33.94 93.37 -36.03
CA ALA R 90 -32.82 93.87 -36.83
C ALA R 90 -31.89 94.67 -35.95
N ILE R 91 -32.43 95.52 -35.09
CA ILE R 91 -31.57 96.37 -34.27
C ILE R 91 -30.83 95.52 -33.26
N ARG R 92 -31.55 94.64 -32.54
CA ARG R 92 -30.91 93.88 -31.46
C ARG R 92 -29.95 92.81 -31.99
N ASN R 93 -30.03 92.46 -33.27
CA ASN R 93 -29.15 91.45 -33.82
C ASN R 93 -27.88 92.03 -34.43
N ASP R 94 -27.86 93.31 -34.73
CA ASP R 94 -26.70 93.97 -35.32
C ASP R 94 -25.98 94.71 -34.20
N GLU R 95 -24.71 94.40 -33.98
CA GLU R 95 -24.06 94.82 -32.75
C GLU R 95 -23.79 96.32 -32.74
N GLU R 96 -23.47 96.92 -33.89
CA GLU R 96 -23.23 98.36 -33.88
C GLU R 96 -24.54 99.12 -33.79
N LEU R 97 -25.60 98.64 -34.44
CA LEU R 97 -26.91 99.22 -34.25
C LEU R 97 -27.38 99.02 -32.81
N ASN R 98 -27.12 97.86 -32.24
CA ASN R 98 -27.49 97.61 -30.85
C ASN R 98 -26.80 98.59 -29.91
N LYS R 99 -25.52 98.85 -30.15
CA LYS R 99 -24.82 99.86 -29.37
C LYS R 99 -25.45 101.23 -29.56
N LEU R 100 -25.79 101.58 -30.81
CA LEU R 100 -26.39 102.88 -31.07
C LEU R 100 -27.76 103.02 -30.40
N LEU R 101 -28.64 102.06 -30.64
CA LEU R 101 -29.98 102.06 -30.04
C LEU R 101 -30.06 101.15 -28.83
N GLY R 102 -29.22 101.42 -27.83
CA GLY R 102 -29.21 100.55 -26.67
C GLY R 102 -30.20 100.97 -25.61
N ARG R 103 -30.31 102.28 -25.37
CA ARG R 103 -31.23 102.82 -24.38
C ARG R 103 -32.61 103.10 -24.96
N VAL R 104 -32.94 102.50 -26.11
CA VAL R 104 -34.15 102.80 -26.84
C VAL R 104 -35.09 101.60 -26.77
N THR R 105 -36.34 101.86 -26.45
CA THR R 105 -37.38 100.86 -26.47
C THR R 105 -38.33 101.10 -27.63
N ILE R 106 -38.75 100.03 -28.29
CA ILE R 106 -39.51 100.09 -29.52
C ILE R 106 -40.90 99.55 -29.23
N ALA R 107 -41.91 100.40 -29.44
CA ALA R 107 -43.27 99.97 -29.18
C ALA R 107 -43.62 98.74 -30.00
N GLN R 108 -44.33 97.80 -29.38
CA GLN R 108 -44.72 96.55 -30.03
C GLN R 108 -43.52 95.78 -30.56
N GLY R 109 -42.38 95.90 -29.88
CA GLY R 109 -41.15 95.30 -30.37
C GLY R 109 -40.86 93.92 -29.85
N GLY R 110 -41.23 93.63 -28.61
CA GLY R 110 -40.85 92.37 -28.03
C GLY R 110 -39.36 92.34 -27.68
N VAL R 111 -38.85 91.12 -27.49
CA VAL R 111 -37.46 90.89 -27.12
C VAL R 111 -36.89 89.76 -27.98
N LEU R 112 -35.58 89.62 -27.93
CA LEU R 112 -34.91 88.51 -28.59
C LEU R 112 -35.22 87.20 -27.86
N PRO R 113 -35.49 86.12 -28.59
CA PRO R 113 -35.58 84.80 -27.94
C PRO R 113 -34.25 84.44 -27.31
N ASN R 114 -34.25 84.27 -25.98
CA ASN R 114 -33.02 83.99 -25.26
C ASN R 114 -33.36 83.31 -23.95
N ILE R 115 -32.82 82.11 -23.75
CA ILE R 115 -32.95 81.36 -22.51
C ILE R 115 -31.56 81.00 -22.02
N GLN R 116 -31.30 81.21 -20.74
CA GLN R 116 -29.99 80.88 -20.19
C GLN R 116 -29.76 79.38 -20.29
N ALA R 117 -28.53 79.00 -20.64
CA ALA R 117 -28.19 77.60 -20.80
C ALA R 117 -28.32 76.81 -19.50
N VAL R 118 -28.29 77.51 -18.35
CA VAL R 118 -28.46 76.86 -17.06
C VAL R 118 -29.89 76.34 -16.90
N LEU R 119 -30.87 77.11 -17.38
CA LEU R 119 -32.26 76.76 -17.16
C LEU R 119 -32.75 75.58 -18.00
N LEU R 120 -32.05 75.21 -19.06
CA LEU R 120 -32.52 74.10 -19.86
C LEU R 120 -32.31 72.78 -19.12
N PRO R 121 -33.22 71.84 -19.26
CA PRO R 121 -33.09 70.57 -18.53
C PRO R 121 -31.94 69.73 -19.09
N LYS R 122 -31.38 68.88 -18.23
CA LYS R 122 -30.30 67.99 -18.66
C LYS R 122 -30.86 66.83 -19.46
N ARG S 35 -57.17 122.40 -40.26
CA ARG S 35 -56.22 121.36 -40.67
C ARG S 35 -54.80 121.87 -40.49
N SER S 36 -54.06 121.26 -39.58
CA SER S 36 -52.71 121.69 -39.27
C SER S 36 -51.76 121.28 -40.38
N ARG S 37 -50.46 121.48 -40.15
CA ARG S 37 -49.41 121.06 -41.05
C ARG S 37 -48.61 119.95 -40.38
N LYS S 38 -48.49 118.80 -41.06
CA LYS S 38 -47.74 117.68 -40.52
C LYS S 38 -46.50 117.43 -41.36
N GLU S 39 -45.41 117.06 -40.69
CA GLU S 39 -44.13 116.83 -41.32
C GLU S 39 -43.68 115.42 -40.99
N SER S 40 -43.26 114.66 -42.00
CA SER S 40 -42.78 113.32 -41.74
C SER S 40 -41.81 112.90 -42.85
N TYR S 41 -41.23 111.73 -42.69
CA TYR S 41 -40.29 111.16 -43.65
C TYR S 41 -40.84 109.89 -44.29
N SER S 42 -42.17 109.76 -44.35
CA SER S 42 -42.74 108.50 -44.82
C SER S 42 -42.37 108.23 -46.27
N ILE S 43 -42.49 109.25 -47.13
CA ILE S 43 -42.25 109.04 -48.56
C ILE S 43 -40.77 108.74 -48.82
N TYR S 44 -39.88 109.42 -48.11
CA TYR S 44 -38.46 109.20 -48.33
C TYR S 44 -38.03 107.84 -47.81
N VAL S 45 -38.54 107.44 -46.64
CA VAL S 45 -38.27 106.11 -46.13
C VAL S 45 -38.79 105.07 -47.10
N TYR S 46 -39.95 105.32 -47.70
CA TYR S 46 -40.50 104.38 -48.67
C TYR S 46 -39.61 104.31 -49.91
N LYS S 47 -39.08 105.44 -50.37
CA LYS S 47 -38.17 105.41 -51.51
C LYS S 47 -36.92 104.61 -51.20
N VAL S 48 -36.33 104.83 -50.02
CA VAL S 48 -35.15 104.07 -49.63
C VAL S 48 -35.47 102.58 -49.55
N LEU S 49 -36.65 102.24 -49.01
CA LEU S 49 -37.04 100.84 -48.93
C LEU S 49 -37.18 100.22 -50.32
N LYS S 50 -37.79 100.95 -51.25
CA LYS S 50 -37.89 100.44 -52.62
C LYS S 50 -36.52 100.24 -53.24
N GLN S 51 -35.58 101.13 -52.93
CA GLN S 51 -34.21 100.90 -53.40
C GLN S 51 -33.63 99.63 -52.82
N VAL S 52 -33.79 99.42 -51.51
CA VAL S 52 -33.09 98.33 -50.86
C VAL S 52 -33.76 97.00 -51.18
N HIS S 53 -35.04 96.88 -50.85
CA HIS S 53 -35.80 95.65 -51.06
C HIS S 53 -37.00 96.00 -51.93
N PRO S 54 -36.86 95.91 -53.26
CA PRO S 54 -37.91 96.43 -54.14
C PRO S 54 -39.27 95.76 -53.93
N ASP S 55 -39.28 94.47 -53.69
CA ASP S 55 -40.53 93.73 -53.48
C ASP S 55 -40.86 93.60 -52.00
N THR S 56 -40.84 94.71 -51.26
CA THR S 56 -41.09 94.68 -49.83
C THR S 56 -41.71 96.00 -49.38
N GLY S 57 -42.78 95.90 -48.60
CA GLY S 57 -43.48 97.03 -48.06
C GLY S 57 -43.23 97.20 -46.57
N ILE S 58 -43.89 98.22 -46.01
CA ILE S 58 -43.69 98.58 -44.61
C ILE S 58 -45.03 99.00 -44.03
N SER S 59 -45.36 98.47 -42.86
CA SER S 59 -46.60 98.79 -42.17
C SER S 59 -46.56 100.21 -41.60
N SER S 60 -47.74 100.73 -41.25
CA SER S 60 -47.81 102.10 -40.77
C SER S 60 -47.14 102.24 -39.41
N LYS S 61 -47.27 101.23 -38.56
CA LYS S 61 -46.59 101.27 -37.26
C LYS S 61 -45.08 101.29 -37.45
N ALA S 62 -44.58 100.46 -38.36
CA ALA S 62 -43.15 100.46 -38.63
C ALA S 62 -42.71 101.78 -39.25
N MET S 63 -43.57 102.40 -40.06
CA MET S 63 -43.23 103.72 -40.59
C MET S 63 -43.16 104.76 -39.48
N GLY S 64 -44.07 104.68 -38.51
CA GLY S 64 -43.98 105.59 -37.38
C GLY S 64 -42.72 105.38 -36.57
N ILE S 65 -42.33 104.12 -36.38
CA ILE S 65 -41.08 103.83 -35.68
C ILE S 65 -39.89 104.37 -36.44
N MET S 66 -39.88 104.20 -37.77
CA MET S 66 -38.75 104.69 -38.55
C MET S 66 -38.69 106.20 -38.55
N ASN S 67 -39.85 106.85 -38.56
CA ASN S 67 -39.90 108.30 -38.42
C ASN S 67 -39.32 108.72 -37.09
N SER S 68 -39.70 108.03 -36.02
CA SER S 68 -39.15 108.35 -34.70
C SER S 68 -37.64 108.15 -34.69
N PHE S 69 -37.17 107.06 -35.29
CA PHE S 69 -35.74 106.80 -35.34
C PHE S 69 -35.01 107.91 -36.09
N VAL S 70 -35.55 108.30 -37.25
CA VAL S 70 -34.89 109.32 -38.05
C VAL S 70 -34.84 110.64 -37.30
N ASN S 71 -35.95 111.01 -36.64
CA ASN S 71 -35.95 112.24 -35.88
C ASN S 71 -34.97 112.16 -34.72
N ASP S 72 -34.93 111.02 -34.04
CA ASP S 72 -34.02 110.84 -32.92
C ASP S 72 -32.57 111.00 -33.37
N ILE S 73 -32.20 110.30 -34.44
CA ILE S 73 -30.82 110.36 -34.91
C ILE S 73 -30.49 111.77 -35.39
N PHE S 74 -31.42 112.40 -36.11
CA PHE S 74 -31.20 113.78 -36.54
C PHE S 74 -30.90 114.66 -35.33
N GLU S 75 -31.68 114.52 -34.27
CA GLU S 75 -31.48 115.40 -33.12
C GLU S 75 -30.17 115.09 -32.42
N ARG S 76 -29.82 113.81 -32.31
CA ARG S 76 -28.54 113.45 -31.72
C ARG S 76 -27.38 114.05 -32.50
N ILE S 77 -27.37 113.85 -33.82
CA ILE S 77 -26.27 114.34 -34.63
C ILE S 77 -26.23 115.86 -34.63
N ALA S 78 -27.40 116.49 -34.76
CA ALA S 78 -27.45 117.95 -34.78
C ALA S 78 -27.01 118.53 -33.44
N GLY S 79 -27.43 117.92 -32.34
CA GLY S 79 -27.03 118.41 -31.04
C GLY S 79 -25.54 118.26 -30.81
N GLU S 80 -24.97 117.11 -31.19
CA GLU S 80 -23.53 116.94 -31.04
C GLU S 80 -22.78 117.92 -31.93
N ALA S 81 -23.29 118.16 -33.14
CA ALA S 81 -22.66 119.14 -34.02
C ALA S 81 -22.75 120.55 -33.45
N SER S 82 -23.89 120.89 -32.86
CA SER S 82 -24.04 122.19 -32.22
C SER S 82 -23.07 122.34 -31.08
N ARG S 83 -22.91 121.29 -30.28
CA ARG S 83 -21.94 121.32 -29.19
C ARG S 83 -20.56 121.54 -29.75
N LEU S 84 -20.18 120.76 -30.77
CA LEU S 84 -18.84 120.93 -31.36
C LEU S 84 -18.63 122.34 -31.88
N ALA S 85 -19.63 122.90 -32.55
CA ALA S 85 -19.52 124.27 -33.06
C ALA S 85 -19.34 125.28 -31.93
N HIS S 86 -20.02 125.06 -30.82
CA HIS S 86 -19.90 125.97 -29.68
C HIS S 86 -18.57 125.78 -28.97
N TYR S 87 -18.12 124.54 -28.85
CA TYR S 87 -16.95 124.19 -28.06
C TYR S 87 -15.75 124.95 -28.58
N ASN S 88 -15.59 124.99 -29.91
CA ASN S 88 -14.52 125.67 -30.60
C ASN S 88 -14.78 127.16 -30.75
N LYS S 89 -15.74 127.70 -30.00
CA LYS S 89 -16.10 129.11 -30.04
C LYS S 89 -16.44 129.54 -31.45
N ARG S 90 -17.17 128.68 -32.15
CA ARG S 90 -17.37 128.75 -33.59
C ARG S 90 -18.85 129.02 -33.82
N SER S 91 -19.19 129.75 -34.87
CA SER S 91 -20.55 130.23 -35.04
C SER S 91 -21.32 129.52 -36.15
N THR S 92 -20.72 128.57 -36.85
CA THR S 92 -21.35 127.97 -38.01
C THR S 92 -21.23 126.46 -37.91
N ILE S 93 -22.26 125.77 -38.39
CA ILE S 93 -22.29 124.31 -38.45
C ILE S 93 -21.94 123.91 -39.89
N THR S 94 -20.73 123.40 -40.08
CA THR S 94 -20.27 123.00 -41.40
C THR S 94 -20.28 121.47 -41.51
N SER S 95 -19.96 120.98 -42.71
CA SER S 95 -19.91 119.53 -42.90
C SER S 95 -18.84 118.89 -42.03
N ARG S 96 -17.80 119.64 -41.65
CA ARG S 96 -16.80 119.12 -40.73
C ARG S 96 -17.40 118.77 -39.37
N GLU S 97 -18.26 119.65 -38.84
CA GLU S 97 -18.90 119.37 -37.57
C GLU S 97 -19.81 118.16 -37.68
N ILE S 98 -20.55 118.04 -38.78
CA ILE S 98 -21.41 116.88 -38.96
C ILE S 98 -20.59 115.61 -39.01
N GLN S 99 -19.46 115.65 -39.71
CA GLN S 99 -18.61 114.46 -39.82
C GLN S 99 -18.04 114.07 -38.47
N THR S 100 -17.58 115.06 -37.70
CA THR S 100 -17.03 114.76 -36.38
C THR S 100 -18.11 114.22 -35.44
N ALA S 101 -19.32 114.79 -35.50
CA ALA S 101 -20.41 114.30 -34.67
C ALA S 101 -20.79 112.87 -35.06
N VAL S 102 -20.74 112.56 -36.35
CA VAL S 102 -21.02 111.21 -36.80
C VAL S 102 -19.96 110.25 -36.26
N ARG S 103 -18.70 110.64 -36.31
CA ARG S 103 -17.65 109.81 -35.74
C ARG S 103 -17.85 109.60 -34.24
N LEU S 104 -18.22 110.65 -33.52
CA LEU S 104 -18.43 110.54 -32.08
C LEU S 104 -19.60 109.63 -31.72
N LEU S 105 -20.72 109.75 -32.42
CA LEU S 105 -21.92 109.01 -32.04
C LEU S 105 -21.92 107.58 -32.55
N LEU S 106 -21.64 107.38 -33.81
CA LEU S 106 -21.85 106.03 -34.33
C LEU S 106 -20.68 105.11 -33.97
N PRO S 107 -20.94 103.82 -33.83
CA PRO S 107 -19.85 102.86 -33.61
C PRO S 107 -18.91 102.82 -34.80
N GLY S 108 -17.72 102.24 -34.57
CA GLY S 108 -16.61 102.38 -35.50
C GLY S 108 -16.93 102.06 -36.94
N GLU S 109 -17.32 100.81 -37.24
CA GLU S 109 -17.55 100.43 -38.63
C GLU S 109 -18.68 101.23 -39.23
N LEU S 110 -19.76 101.42 -38.47
CA LEU S 110 -20.88 102.23 -38.95
C LEU S 110 -20.43 103.66 -39.18
N ALA S 111 -19.61 104.21 -38.28
CA ALA S 111 -19.15 105.58 -38.48
C ALA S 111 -18.32 105.68 -39.76
N LYS S 112 -17.49 104.66 -40.01
CA LYS S 112 -16.64 104.67 -41.20
C LYS S 112 -17.47 104.68 -42.46
N HIS S 113 -18.44 103.78 -42.55
CA HIS S 113 -19.30 103.75 -43.73
C HIS S 113 -20.13 105.03 -43.85
N ALA S 114 -20.63 105.55 -42.73
CA ALA S 114 -21.43 106.77 -42.77
C ALA S 114 -20.61 107.94 -43.28
N VAL S 115 -19.36 108.04 -42.84
CA VAL S 115 -18.49 109.10 -43.32
C VAL S 115 -18.21 108.93 -44.80
N SER S 116 -17.94 107.69 -45.25
CA SER S 116 -17.74 107.47 -46.68
C SER S 116 -18.94 107.95 -47.48
N GLU S 117 -20.15 107.58 -47.05
CA GLU S 117 -21.35 107.93 -47.80
C GLU S 117 -21.57 109.44 -47.80
N GLY S 118 -21.40 110.09 -46.65
CA GLY S 118 -21.60 111.53 -46.58
C GLY S 118 -20.60 112.30 -47.39
N THR S 119 -19.32 111.92 -47.30
CA THR S 119 -18.31 112.61 -48.08
C THR S 119 -18.53 112.40 -49.57
N LYS S 120 -18.95 111.19 -49.98
CA LYS S 120 -19.28 110.97 -51.38
C LYS S 120 -20.42 111.88 -51.82
N ALA S 121 -21.46 111.99 -50.99
CA ALA S 121 -22.61 112.82 -51.36
C ALA S 121 -22.21 114.29 -51.49
N VAL S 122 -21.44 114.81 -50.53
CA VAL S 122 -21.04 116.21 -50.61
C VAL S 122 -20.10 116.43 -51.79
N THR S 123 -19.23 115.47 -52.07
CA THR S 123 -18.37 115.55 -53.25
C THR S 123 -19.20 115.68 -54.51
N LYS S 124 -20.21 114.82 -54.67
CA LYS S 124 -21.05 114.90 -55.85
C LYS S 124 -21.81 116.22 -55.90
N TYR S 125 -22.30 116.69 -54.74
CA TYR S 125 -23.08 117.92 -54.72
C TYR S 125 -22.25 119.12 -55.12
N THR S 126 -21.00 119.22 -54.65
CA THR S 126 -20.17 120.36 -55.01
C THR S 126 -19.53 120.22 -56.38
N SER S 127 -19.21 119.00 -56.81
CA SER S 127 -18.68 118.79 -58.16
C SER S 127 -19.69 119.22 -59.23
N ALA S 128 -20.96 118.91 -59.05
CA ALA S 128 -21.96 119.42 -59.96
C ALA S 128 -22.35 120.84 -59.58
N LYS S 129 -23.04 121.52 -60.50
CA LYS S 129 -23.51 122.87 -60.28
C LYS S 129 -24.56 123.25 -61.31
N HIS T 43 -52.68 64.38 -19.36
CA HIS T 43 -51.84 64.00 -18.19
C HIS T 43 -51.01 65.18 -17.69
N ARG T 44 -50.46 65.08 -16.48
CA ARG T 44 -49.50 66.01 -15.86
C ARG T 44 -48.24 66.20 -16.73
N TYR T 45 -47.65 67.40 -16.74
CA TYR T 45 -46.28 67.65 -17.21
C TYR T 45 -45.29 67.82 -16.04
N ARG T 46 -44.05 67.34 -16.21
CA ARG T 46 -42.94 67.42 -15.24
C ARG T 46 -42.70 68.88 -14.81
N PRO T 47 -42.35 69.18 -13.53
CA PRO T 47 -42.31 70.57 -13.13
C PRO T 47 -41.23 71.37 -13.83
N GLY T 48 -41.49 72.64 -14.09
CA GLY T 48 -40.54 73.51 -14.73
C GLY T 48 -40.57 73.46 -16.24
N THR T 49 -41.13 72.38 -16.83
CA THR T 49 -41.28 72.20 -18.30
C THR T 49 -42.24 73.24 -18.86
N VAL T 50 -43.40 73.44 -18.23
CA VAL T 50 -44.36 74.43 -18.68
C VAL T 50 -43.82 75.84 -18.48
N ALA T 51 -42.98 76.04 -17.47
CA ALA T 51 -42.33 77.33 -17.32
C ALA T 51 -41.50 77.66 -18.55
N LEU T 52 -40.71 76.70 -19.03
CA LEU T 52 -39.90 76.91 -20.22
C LEU T 52 -40.78 77.12 -21.45
N ARG T 53 -41.85 76.35 -21.58
CA ARG T 53 -42.74 76.53 -22.73
C ARG T 53 -43.31 77.93 -22.74
N GLU T 54 -43.70 78.44 -21.57
CA GLU T 54 -44.25 79.78 -21.51
C GLU T 54 -43.18 80.84 -21.72
N ILE T 55 -41.93 80.57 -21.31
CA ILE T 55 -40.85 81.50 -21.62
C ILE T 55 -40.71 81.65 -23.12
N ARG T 56 -40.65 80.53 -23.84
CA ARG T 56 -40.54 80.60 -25.29
C ARG T 56 -41.76 81.28 -25.91
N ARG T 57 -42.95 80.95 -25.41
CA ARG T 57 -44.18 81.51 -25.95
C ARG T 57 -44.20 83.03 -25.80
N TYR T 58 -43.79 83.53 -24.65
CA TYR T 58 -43.88 84.96 -24.42
C TYR T 58 -42.70 85.72 -25.00
N GLN T 59 -41.54 85.09 -25.17
CA GLN T 59 -40.48 85.75 -25.90
C GLN T 59 -40.70 85.74 -27.41
N LYS T 60 -41.54 84.84 -27.92
CA LYS T 60 -41.84 84.84 -29.35
C LYS T 60 -42.79 85.95 -29.73
N SER T 61 -43.65 86.39 -28.82
CA SER T 61 -44.74 87.30 -29.14
C SER T 61 -44.34 88.73 -28.80
N THR T 62 -45.29 89.66 -29.01
CA THR T 62 -45.01 91.07 -28.77
C THR T 62 -46.12 91.85 -28.05
N GLU T 63 -47.30 91.27 -27.81
CA GLU T 63 -48.42 92.01 -27.25
C GLU T 63 -48.16 92.38 -25.79
N LEU T 64 -49.00 93.27 -25.27
CA LEU T 64 -48.88 93.72 -23.90
C LEU T 64 -49.30 92.60 -22.95
N LEU T 65 -48.55 92.45 -21.86
CA LEU T 65 -48.80 91.39 -20.89
C LEU T 65 -49.56 91.86 -19.65
N ILE T 66 -49.86 93.15 -19.55
CA ILE T 66 -50.68 93.69 -18.46
C ILE T 66 -52.06 94.03 -18.98
N ARG T 67 -53.08 93.72 -18.18
CA ARG T 67 -54.45 94.06 -18.55
C ARG T 67 -54.59 95.57 -18.65
N LYS T 68 -55.24 96.04 -19.72
CA LYS T 68 -55.21 97.46 -20.04
C LYS T 68 -55.96 98.28 -19.01
N LEU T 69 -57.09 97.77 -18.51
CA LEU T 69 -57.95 98.59 -17.68
C LEU T 69 -57.44 98.72 -16.26
N PRO T 70 -56.95 97.66 -15.61
CA PRO T 70 -56.29 97.86 -14.32
C PRO T 70 -55.12 98.83 -14.38
N PHE T 71 -54.30 98.76 -15.43
CA PHE T 71 -53.20 99.70 -15.55
C PHE T 71 -53.70 101.12 -15.74
N GLN T 72 -54.75 101.30 -16.55
CA GLN T 72 -55.31 102.64 -16.72
C GLN T 72 -55.83 103.19 -15.40
N ARG T 73 -56.53 102.35 -14.63
CA ARG T 73 -57.01 102.80 -13.34
C ARG T 73 -55.86 103.17 -12.42
N LEU T 74 -54.80 102.36 -12.41
CA LEU T 74 -53.64 102.66 -11.58
C LEU T 74 -52.96 103.97 -11.98
N VAL T 75 -52.79 104.22 -13.28
CA VAL T 75 -52.16 105.46 -13.69
C VAL T 75 -53.02 106.65 -13.25
N ARG T 76 -54.33 106.56 -13.45
CA ARG T 76 -55.19 107.68 -13.05
C ARG T 76 -55.14 107.89 -11.54
N GLU T 77 -55.14 106.79 -10.77
CA GLU T 77 -55.05 106.90 -9.32
C GLU T 77 -53.76 107.58 -8.91
N ILE T 78 -52.63 107.17 -9.51
CA ILE T 78 -51.35 107.75 -9.17
C ILE T 78 -51.35 109.24 -9.49
N ALA T 79 -51.81 109.59 -10.69
CA ALA T 79 -51.80 110.98 -11.11
C ALA T 79 -52.73 111.85 -10.25
N GLN T 80 -53.74 111.24 -9.60
CA GLN T 80 -54.61 112.03 -8.74
C GLN T 80 -53.85 112.71 -7.61
N ASP T 81 -52.75 112.09 -7.17
CA ASP T 81 -51.94 112.68 -6.10
C ASP T 81 -51.15 113.90 -6.57
N PHE T 82 -50.90 114.05 -7.87
CA PHE T 82 -50.08 115.16 -8.32
C PHE T 82 -50.93 116.37 -8.71
N LYS T 83 -51.85 116.19 -9.66
CA LYS T 83 -52.86 117.18 -10.00
C LYS T 83 -54.20 116.47 -10.04
N THR T 84 -55.25 117.15 -9.61
CA THR T 84 -56.58 116.55 -9.57
C THR T 84 -57.36 116.80 -10.86
N ASP T 85 -58.19 115.82 -11.21
CA ASP T 85 -59.08 115.86 -12.37
C ASP T 85 -58.31 116.03 -13.68
N LEU T 86 -57.45 115.05 -13.95
CA LEU T 86 -56.71 115.01 -15.21
C LEU T 86 -57.41 114.08 -16.18
N ARG T 87 -57.22 114.33 -17.47
CA ARG T 87 -57.75 113.46 -18.50
C ARG T 87 -56.60 112.90 -19.31
N PHE T 88 -56.71 111.65 -19.73
CA PHE T 88 -55.65 110.98 -20.47
C PHE T 88 -56.15 110.57 -21.83
N GLN T 89 -55.43 110.93 -22.88
CA GLN T 89 -55.64 110.28 -24.18
C GLN T 89 -55.29 108.80 -24.06
N SER T 90 -55.97 107.99 -24.86
CA SER T 90 -55.69 106.56 -24.85
C SER T 90 -54.26 106.28 -25.25
N SER T 91 -53.73 107.00 -26.24
CA SER T 91 -52.34 106.78 -26.63
C SER T 91 -51.37 107.11 -25.50
N ALA T 92 -51.71 108.06 -24.63
CA ALA T 92 -50.85 108.35 -23.48
C ALA T 92 -50.72 107.14 -22.57
N VAL T 93 -51.85 106.50 -22.27
CA VAL T 93 -51.84 105.33 -21.41
C VAL T 93 -51.14 104.18 -22.12
N MET T 94 -51.33 104.07 -23.43
CA MET T 94 -50.63 103.04 -24.19
C MET T 94 -49.12 103.22 -24.09
N ALA T 95 -48.64 104.45 -24.22
CA ALA T 95 -47.21 104.72 -24.10
C ALA T 95 -46.69 104.37 -22.71
N LEU T 96 -47.44 104.77 -21.68
CA LEU T 96 -47.01 104.44 -20.32
C LEU T 96 -46.95 102.94 -20.11
N GLN T 97 -47.95 102.22 -20.60
CA GLN T 97 -47.96 100.77 -20.44
C GLN T 97 -46.78 100.12 -21.16
N GLU T 98 -46.49 100.56 -22.37
CA GLU T 98 -45.37 99.98 -23.12
C GLU T 98 -44.06 100.24 -22.39
N ALA T 99 -43.85 101.46 -21.91
CA ALA T 99 -42.61 101.77 -21.20
C ALA T 99 -42.48 100.94 -19.94
N CYS T 100 -43.57 100.83 -19.17
CA CYS T 100 -43.50 100.08 -17.92
C CYS T 100 -43.23 98.60 -18.17
N GLU T 101 -43.88 98.03 -19.18
CA GLU T 101 -43.66 96.61 -19.47
C GLU T 101 -42.22 96.37 -19.90
N ALA T 102 -41.68 97.25 -20.75
CA ALA T 102 -40.29 97.11 -21.16
C ALA T 102 -39.36 97.20 -19.95
N TYR T 103 -39.63 98.16 -19.06
CA TYR T 103 -38.80 98.31 -17.87
C TYR T 103 -38.82 97.05 -17.03
N LEU T 104 -40.01 96.51 -16.79
CA LEU T 104 -40.14 95.33 -15.93
C LEU T 104 -39.47 94.12 -16.57
N VAL T 105 -39.57 93.98 -17.89
CA VAL T 105 -38.93 92.85 -18.55
C VAL T 105 -37.41 92.96 -18.41
N GLY T 106 -36.86 94.16 -18.62
CA GLY T 106 -35.43 94.33 -18.41
C GLY T 106 -35.01 94.06 -16.98
N LEU T 107 -35.82 94.51 -16.02
CA LEU T 107 -35.52 94.26 -14.62
C LEU T 107 -35.53 92.76 -14.33
N PHE T 108 -36.45 92.03 -14.95
CA PHE T 108 -36.49 90.59 -14.71
C PHE T 108 -35.32 89.89 -15.38
N GLU T 109 -34.83 90.42 -16.50
CA GLU T 109 -33.61 89.89 -17.09
C GLU T 109 -32.43 90.03 -16.14
N ASP T 110 -32.24 91.22 -15.56
CA ASP T 110 -31.17 91.40 -14.60
C ASP T 110 -31.37 90.52 -13.37
N THR T 111 -32.61 90.40 -12.89
CA THR T 111 -32.89 89.55 -11.74
C THR T 111 -32.55 88.10 -12.04
N ASN T 112 -32.86 87.63 -13.25
CA ASN T 112 -32.50 86.28 -13.65
C ASN T 112 -31.00 86.09 -13.65
N LEU T 113 -30.27 87.08 -14.16
CA LEU T 113 -28.81 87.00 -14.12
C LEU T 113 -28.31 86.85 -12.69
N CYS T 114 -28.84 87.67 -11.78
CA CYS T 114 -28.45 87.59 -10.39
C CYS T 114 -28.76 86.22 -9.80
N ALA T 115 -29.95 85.69 -10.08
CA ALA T 115 -30.32 84.39 -9.53
C ALA T 115 -29.41 83.29 -10.04
N ILE T 116 -29.09 83.29 -11.34
CA ILE T 116 -28.15 82.31 -11.87
C ILE T 116 -26.80 82.46 -11.20
N HIS T 117 -26.38 83.70 -10.94
CA HIS T 117 -25.07 83.93 -10.34
C HIS T 117 -24.95 83.27 -8.96
N ALA T 118 -26.00 83.34 -8.15
CA ALA T 118 -26.02 82.68 -6.85
C ALA T 118 -26.26 81.19 -6.95
N LYS T 119 -26.19 80.62 -8.16
CA LYS T 119 -26.36 79.19 -8.36
C LYS T 119 -27.75 78.73 -7.92
N ARG T 120 -28.75 79.54 -8.24
CA ARG T 120 -30.15 79.21 -7.99
C ARG T 120 -30.89 79.19 -9.33
N VAL T 121 -32.18 78.89 -9.26
CA VAL T 121 -33.06 78.93 -10.42
C VAL T 121 -34.25 79.81 -10.09
N THR T 122 -34.57 79.92 -8.80
CA THR T 122 -35.68 80.73 -8.33
C THR T 122 -35.22 82.15 -8.07
N ILE T 123 -35.95 83.12 -8.61
CA ILE T 123 -35.65 84.52 -8.34
C ILE T 123 -36.30 84.93 -7.03
N MET T 124 -35.56 85.70 -6.24
CA MET T 124 -35.94 86.08 -4.89
C MET T 124 -35.84 87.59 -4.76
N PRO T 125 -36.54 88.21 -3.81
CA PRO T 125 -36.52 89.67 -3.70
C PRO T 125 -35.12 90.23 -3.53
N LYS T 126 -34.22 89.48 -2.91
CA LYS T 126 -32.84 89.92 -2.81
C LYS T 126 -32.19 90.08 -4.18
N ASP T 127 -32.58 89.24 -5.15
CA ASP T 127 -32.05 89.38 -6.50
C ASP T 127 -32.52 90.68 -7.15
N ILE T 128 -33.80 90.99 -6.99
CA ILE T 128 -34.32 92.26 -7.51
C ILE T 128 -33.61 93.44 -6.87
N GLN T 129 -33.41 93.39 -5.55
CA GLN T 129 -32.77 94.52 -4.88
C GLN T 129 -31.33 94.67 -5.36
N LEU T 130 -30.61 93.56 -5.51
CA LEU T 130 -29.23 93.67 -5.99
C LEU T 130 -29.17 94.21 -7.41
N ALA T 131 -30.05 93.73 -8.29
CA ALA T 131 -30.06 94.20 -9.67
C ALA T 131 -30.38 95.69 -9.73
N ARG T 132 -31.38 96.13 -8.96
CA ARG T 132 -31.72 97.55 -8.96
C ARG T 132 -30.61 98.38 -8.35
N ARG T 133 -29.92 97.86 -7.35
CA ARG T 133 -28.85 98.63 -6.71
C ARG T 133 -27.68 98.82 -7.68
N ILE T 134 -27.32 97.76 -8.41
CA ILE T 134 -26.24 97.88 -9.38
C ILE T 134 -26.65 98.79 -10.52
N ARG T 135 -27.88 98.66 -10.99
CA ARG T 135 -28.35 99.50 -12.09
C ARG T 135 -28.28 100.98 -11.73
N GLY T 136 -28.28 101.31 -10.44
CA GLY T 136 -28.25 102.69 -10.01
C GLY T 136 -29.60 103.29 -9.72
N GLU T 137 -30.65 102.48 -9.63
CA GLU T 137 -31.98 103.00 -9.28
C GLU T 137 -32.18 103.06 -7.78
N ARG T 138 -31.80 102.00 -7.07
CA ARG T 138 -31.94 101.94 -5.62
C ARG T 138 -30.68 102.50 -4.99
N ALA T 139 -30.85 103.38 -4.01
CA ALA T 139 -29.70 103.94 -3.28
C ALA T 139 -28.86 102.83 -2.66
N ASN U 29 -55.18 99.53 -5.25
CA ASN U 29 -55.37 99.77 -6.67
C ASN U 29 -54.15 99.31 -7.45
N ILE U 30 -53.01 99.27 -6.77
CA ILE U 30 -51.83 98.58 -7.29
C ILE U 30 -52.08 97.10 -7.47
N GLN U 31 -53.07 96.55 -6.78
CA GLN U 31 -53.43 95.13 -6.87
C GLN U 31 -54.01 94.74 -8.22
N GLY U 32 -54.35 95.69 -9.07
CA GLY U 32 -54.76 95.37 -10.43
C GLY U 32 -53.68 94.68 -11.23
N ILE U 33 -52.42 94.84 -10.83
CA ILE U 33 -51.30 94.12 -11.40
C ILE U 33 -51.22 92.75 -10.75
N THR U 34 -51.94 91.78 -11.33
CA THR U 34 -52.21 90.53 -10.67
C THR U 34 -50.96 89.65 -10.62
N LYS U 35 -51.08 88.52 -9.93
CA LYS U 35 -49.98 87.56 -9.92
C LYS U 35 -49.68 86.99 -11.30
N PRO U 36 -50.65 86.54 -12.09
CA PRO U 36 -50.31 86.04 -13.44
C PRO U 36 -49.69 87.09 -14.34
N ALA U 37 -50.07 88.37 -14.21
CA ALA U 37 -49.45 89.39 -15.04
C ALA U 37 -47.96 89.52 -14.74
N ILE U 38 -47.59 89.55 -13.47
CA ILE U 38 -46.18 89.61 -13.11
C ILE U 38 -45.47 88.32 -13.54
N ARG U 39 -46.16 87.18 -13.44
CA ARG U 39 -45.60 85.92 -13.90
C ARG U 39 -45.27 85.98 -15.39
N ARG U 40 -46.19 86.52 -16.19
CA ARG U 40 -45.94 86.67 -17.63
C ARG U 40 -44.80 87.62 -17.91
N LEU U 41 -44.74 88.75 -17.19
CA LEU U 41 -43.66 89.69 -17.39
C LEU U 41 -42.31 89.03 -17.08
N ALA U 42 -42.26 88.21 -16.03
CA ALA U 42 -41.03 87.51 -15.71
C ALA U 42 -40.71 86.48 -16.78
N ARG U 43 -41.73 85.81 -17.31
CA ARG U 43 -41.50 84.81 -18.36
C ARG U 43 -40.88 85.45 -19.59
N ARG U 44 -41.35 86.63 -20.00
CA ARG U 44 -40.70 87.32 -21.10
C ARG U 44 -39.24 87.64 -20.79
N GLY U 45 -38.91 87.77 -19.50
CA GLY U 45 -37.53 88.00 -19.12
C GLY U 45 -36.68 86.77 -19.02
N GLY U 46 -37.22 85.59 -19.32
CA GLY U 46 -36.46 84.36 -19.26
C GLY U 46 -36.35 83.74 -17.89
N VAL U 47 -37.29 84.02 -17.00
CA VAL U 47 -37.24 83.51 -15.63
C VAL U 47 -38.03 82.22 -15.55
N LYS U 48 -37.40 81.18 -15.03
CA LYS U 48 -38.01 79.85 -14.98
C LYS U 48 -38.81 79.62 -13.72
N ARG U 49 -38.30 80.04 -12.56
CA ARG U 49 -38.95 79.78 -11.29
C ARG U 49 -39.00 81.06 -10.48
N ILE U 50 -40.15 81.38 -9.91
CA ILE U 50 -40.38 82.66 -9.26
C ILE U 50 -40.82 82.41 -7.83
N SER U 51 -40.14 83.05 -6.88
CA SER U 51 -40.51 82.93 -5.48
C SER U 51 -41.82 83.64 -5.19
N GLY U 52 -42.39 83.34 -4.02
CA GLY U 52 -43.69 83.86 -3.67
C GLY U 52 -43.68 85.31 -3.22
N LEU U 53 -42.51 85.81 -2.84
CA LEU U 53 -42.37 87.17 -2.33
C LEU U 53 -42.02 88.15 -3.44
N ILE U 54 -41.81 87.65 -4.66
CA ILE U 54 -41.46 88.50 -5.79
C ILE U 54 -42.56 89.52 -6.07
N TYR U 55 -43.81 89.08 -6.04
CA TYR U 55 -44.93 89.93 -6.47
C TYR U 55 -45.02 91.25 -5.70
N GLU U 56 -45.03 91.21 -4.37
CA GLU U 56 -45.13 92.47 -3.64
C GLU U 56 -43.94 93.38 -3.87
N GLU U 57 -42.75 92.80 -4.11
CA GLU U 57 -41.61 93.60 -4.51
C GLU U 57 -41.86 94.22 -5.88
N THR U 58 -42.27 93.40 -6.84
CA THR U 58 -42.44 93.88 -8.20
C THR U 58 -43.44 95.01 -8.23
N ARG U 59 -44.59 94.80 -7.57
CA ARG U 59 -45.58 95.87 -7.47
C ARG U 59 -44.95 97.15 -6.94
N GLY U 60 -44.21 97.04 -5.82
CA GLY U 60 -43.53 98.23 -5.31
C GLY U 60 -42.66 98.94 -6.32
N VAL U 61 -41.72 98.21 -6.93
CA VAL U 61 -40.83 98.81 -7.93
C VAL U 61 -41.63 99.46 -9.07
N LEU U 62 -42.57 98.72 -9.65
CA LEU U 62 -43.35 99.24 -10.76
C LEU U 62 -44.05 100.53 -10.34
N LYS U 63 -44.67 100.53 -9.16
CA LYS U 63 -45.38 101.71 -8.70
C LYS U 63 -44.43 102.89 -8.65
N VAL U 64 -43.24 102.67 -8.09
CA VAL U 64 -42.25 103.74 -8.00
C VAL U 64 -41.96 104.28 -9.40
N PHE U 65 -41.68 103.37 -10.34
CA PHE U 65 -41.38 103.77 -11.71
C PHE U 65 -42.49 104.64 -12.27
N LEU U 66 -43.74 104.19 -12.10
CA LEU U 66 -44.86 104.92 -12.67
C LEU U 66 -44.93 106.30 -12.05
N GLU U 67 -44.72 106.40 -10.74
CA GLU U 67 -44.78 107.71 -10.11
C GLU U 67 -43.71 108.62 -10.69
N ASN U 68 -42.53 108.05 -10.99
CA ASN U 68 -41.43 108.85 -11.50
C ASN U 68 -41.68 109.30 -12.93
N VAL U 69 -42.48 108.56 -13.68
CA VAL U 69 -42.76 108.93 -15.06
C VAL U 69 -43.91 109.93 -15.04
N ILE U 70 -45.03 109.52 -14.44
CA ILE U 70 -46.24 110.32 -14.41
C ILE U 70 -45.98 111.70 -13.83
N ARG U 71 -45.23 111.78 -12.72
CA ARG U 71 -44.88 113.09 -12.19
C ARG U 71 -44.40 114.03 -13.29
N ASP U 72 -43.33 113.65 -13.99
CA ASP U 72 -42.78 114.48 -15.06
C ASP U 72 -43.81 114.76 -16.16
N ALA U 73 -44.54 113.73 -16.59
CA ALA U 73 -45.56 113.93 -17.62
C ALA U 73 -46.56 115.00 -17.21
N VAL U 74 -47.07 114.90 -15.98
CA VAL U 74 -48.03 115.86 -15.46
C VAL U 74 -47.40 117.24 -15.40
N THR U 75 -46.12 117.31 -15.01
CA THR U 75 -45.43 118.59 -14.98
C THR U 75 -45.40 119.23 -16.36
N TYR U 76 -45.20 118.42 -17.39
CA TYR U 76 -45.22 118.96 -18.76
C TYR U 76 -46.61 119.43 -19.13
N THR U 77 -47.63 118.72 -18.66
CA THR U 77 -48.99 119.09 -18.99
C THR U 77 -49.34 120.40 -18.31
N GLU U 78 -49.07 120.50 -17.01
CA GLU U 78 -49.41 121.71 -16.28
C GLU U 78 -48.64 122.91 -16.82
N HIS U 79 -47.39 122.69 -17.25
CA HIS U 79 -46.64 123.77 -17.87
C HIS U 79 -47.28 124.21 -19.17
N ALA U 80 -47.92 123.28 -19.89
CA ALA U 80 -48.50 123.60 -21.18
C ALA U 80 -49.91 124.18 -21.06
N LYS U 81 -50.32 124.57 -19.86
CA LYS U 81 -51.65 125.14 -19.59
C LYS U 81 -52.76 124.14 -19.87
N ARG U 82 -52.42 122.92 -20.23
CA ARG U 82 -53.43 121.95 -20.61
C ARG U 82 -53.92 121.21 -19.38
N LYS U 83 -55.01 120.48 -19.56
CA LYS U 83 -55.54 119.60 -18.52
C LYS U 83 -55.55 118.15 -18.95
N THR U 84 -55.10 117.85 -20.16
CA THR U 84 -55.09 116.51 -20.71
C THR U 84 -53.65 116.07 -20.89
N VAL U 85 -53.30 114.91 -20.34
CA VAL U 85 -51.96 114.35 -20.48
C VAL U 85 -51.86 113.65 -21.81
N THR U 86 -51.05 114.18 -22.72
CA THR U 86 -50.94 113.63 -24.07
C THR U 86 -49.80 112.63 -24.16
N ALA U 87 -49.89 111.75 -25.17
CA ALA U 87 -48.84 110.74 -25.36
C ALA U 87 -47.49 111.39 -25.59
N MET U 88 -47.47 112.59 -26.14
CA MET U 88 -46.21 113.28 -26.36
C MET U 88 -45.58 113.67 -25.03
N ASP U 89 -46.40 114.11 -24.08
CA ASP U 89 -45.90 114.41 -22.74
C ASP U 89 -45.24 113.18 -22.13
N VAL U 90 -45.87 112.01 -22.29
CA VAL U 90 -45.31 110.78 -21.77
C VAL U 90 -43.99 110.45 -22.48
N VAL U 91 -43.92 110.71 -23.79
CA VAL U 91 -42.69 110.40 -24.52
C VAL U 91 -41.55 111.27 -24.00
N TYR U 92 -41.80 112.56 -23.79
CA TYR U 92 -40.73 113.40 -23.24
C TYR U 92 -40.42 113.03 -21.79
N ALA U 93 -41.42 112.62 -21.01
CA ALA U 93 -41.14 112.20 -19.65
C ALA U 93 -40.28 110.95 -19.63
N LEU U 94 -40.42 110.07 -20.62
CA LEU U 94 -39.61 108.87 -20.68
C LEU U 94 -38.19 109.20 -21.15
N LYS U 95 -38.09 110.01 -22.19
CA LYS U 95 -36.78 110.49 -22.66
C LYS U 95 -36.04 111.24 -21.56
N ARG U 96 -36.77 111.80 -20.61
CA ARG U 96 -36.15 112.45 -19.45
C ARG U 96 -35.22 111.50 -18.70
N GLN U 97 -35.66 110.26 -18.47
CA GLN U 97 -34.86 109.27 -17.75
C GLN U 97 -33.94 108.46 -18.65
N GLY U 98 -33.76 108.86 -19.90
CA GLY U 98 -33.03 108.02 -20.83
C GLY U 98 -33.72 106.72 -21.16
N ARG U 99 -35.04 106.75 -21.30
CA ARG U 99 -35.84 105.58 -21.65
C ARG U 99 -36.55 105.81 -22.97
N THR U 100 -35.82 106.35 -23.95
CA THR U 100 -36.40 106.81 -25.20
C THR U 100 -37.36 105.77 -25.78
N LEU U 101 -38.51 106.24 -26.23
CA LEU U 101 -39.58 105.36 -26.70
C LEU U 101 -39.92 105.74 -28.13
N TYR U 102 -39.87 104.77 -29.02
CA TYR U 102 -40.16 104.97 -30.43
C TYR U 102 -41.58 104.51 -30.73
N GLY U 103 -42.28 105.29 -31.55
CA GLY U 103 -43.56 104.85 -32.08
C GLY U 103 -44.79 105.61 -31.61
N PHE U 104 -44.63 106.71 -30.90
CA PHE U 104 -45.76 107.47 -30.40
C PHE U 104 -45.65 108.94 -30.77
N GLY U 105 -45.22 109.22 -32.00
CA GLY U 105 -45.12 110.58 -32.47
C GLY U 105 -43.85 111.31 -32.09
N GLY U 106 -42.90 110.63 -31.46
CA GLY U 106 -41.63 111.24 -31.10
C GLY U 106 -40.86 111.78 -32.29
N ALA V 18 -27.51 153.57 -10.08
CA ALA V 18 -27.56 152.25 -10.69
C ALA V 18 -27.27 151.15 -9.67
N LYS V 19 -28.30 150.37 -9.33
CA LYS V 19 -28.15 149.23 -8.44
C LYS V 19 -28.34 147.95 -9.24
N THR V 20 -27.52 146.95 -8.95
CA THR V 20 -27.50 145.75 -9.78
C THR V 20 -28.75 144.90 -9.55
N ARG V 21 -29.04 144.06 -10.55
CA ARG V 21 -30.23 143.22 -10.50
C ARG V 21 -30.18 142.24 -9.33
N SER V 22 -29.00 141.69 -9.05
CA SER V 22 -28.85 140.79 -7.92
C SER V 22 -29.22 141.45 -6.60
N SER V 23 -28.78 142.69 -6.39
CA SER V 23 -29.13 143.39 -5.16
C SER V 23 -30.64 143.59 -5.07
N ARG V 24 -31.28 143.97 -6.17
CA ARG V 24 -32.71 144.26 -6.14
C ARG V 24 -33.52 142.99 -5.86
N ALA V 25 -32.99 141.82 -6.20
CA ALA V 25 -33.67 140.57 -5.94
C ALA V 25 -33.23 139.90 -4.64
N GLY V 26 -32.30 140.50 -3.91
CA GLY V 26 -31.82 139.90 -2.68
C GLY V 26 -31.04 138.61 -2.86
N LEU V 27 -30.19 138.55 -3.87
CA LEU V 27 -29.39 137.37 -4.18
C LEU V 27 -27.91 137.73 -4.11
N GLN V 28 -27.07 136.69 -4.16
CA GLN V 28 -25.63 136.89 -4.28
C GLN V 28 -25.07 136.42 -5.61
N PHE V 29 -25.84 135.69 -6.41
CA PHE V 29 -25.41 135.29 -7.74
C PHE V 29 -25.71 136.38 -8.77
N PRO V 30 -24.90 136.48 -9.83
CA PRO V 30 -25.02 137.59 -10.78
C PRO V 30 -26.18 137.37 -11.74
N VAL V 31 -27.25 138.12 -11.54
CA VAL V 31 -28.42 137.98 -12.41
C VAL V 31 -28.09 138.43 -13.83
N GLY V 32 -27.38 139.55 -13.96
CA GLY V 32 -27.02 140.03 -15.28
C GLY V 32 -26.16 139.03 -16.05
N ARG V 33 -25.21 138.40 -15.36
CA ARG V 33 -24.34 137.43 -16.00
C ARG V 33 -25.11 136.19 -16.46
N VAL V 34 -26.03 135.70 -15.62
CA VAL V 34 -26.83 134.55 -16.00
C VAL V 34 -27.70 134.89 -17.20
N HIS V 35 -28.25 136.11 -17.22
CA HIS V 35 -29.03 136.56 -18.35
C HIS V 35 -28.19 136.61 -19.62
N ARG V 36 -26.95 137.11 -19.49
CA ARG V 36 -26.07 137.14 -20.65
C ARG V 36 -25.77 135.75 -21.16
N LEU V 37 -25.52 134.79 -20.27
CA LEU V 37 -25.20 133.44 -20.71
C LEU V 37 -26.39 132.79 -21.40
N LEU V 38 -27.60 133.06 -20.87
CA LEU V 38 -28.80 132.55 -21.52
C LEU V 38 -28.93 133.13 -22.91
N ARG V 39 -28.67 134.43 -23.07
CA ARG V 39 -28.79 135.00 -24.40
C ARG V 39 -27.72 134.43 -25.32
N LYS V 40 -26.48 134.38 -24.85
CA LYS V 40 -25.38 133.86 -25.66
C LYS V 40 -25.16 132.37 -25.43
N GLY V 41 -26.25 131.60 -25.51
CA GLY V 41 -26.13 130.17 -25.36
C GLY V 41 -27.08 129.48 -26.31
N ASN V 42 -27.79 130.30 -27.08
CA ASN V 42 -28.78 129.83 -28.06
C ASN V 42 -29.74 128.81 -27.45
N TYR V 43 -30.33 129.16 -26.32
CA TYR V 43 -31.41 128.34 -25.82
C TYR V 43 -32.74 128.73 -26.44
N SER V 44 -32.96 130.01 -26.66
CA SER V 44 -34.15 130.50 -27.33
C SER V 44 -33.84 131.86 -27.94
N GLU V 45 -34.73 132.32 -28.81
CA GLU V 45 -34.52 133.61 -29.44
C GLU V 45 -34.68 134.75 -28.44
N ARG V 46 -35.54 134.58 -27.45
CA ARG V 46 -35.90 135.64 -26.51
C ARG V 46 -35.88 135.07 -25.11
N VAL V 47 -35.56 135.92 -24.14
CA VAL V 47 -35.45 135.52 -22.74
C VAL V 47 -36.22 136.51 -21.87
N GLY V 48 -37.14 135.99 -21.06
CA GLY V 48 -37.95 136.83 -20.20
C GLY V 48 -37.12 137.48 -19.12
N ALA V 49 -37.73 138.48 -18.47
CA ALA V 49 -37.02 139.22 -17.44
C ALA V 49 -36.82 138.40 -16.16
N GLY V 50 -37.83 137.62 -15.76
CA GLY V 50 -37.71 136.86 -14.54
C GLY V 50 -36.96 135.55 -14.64
N ALA V 51 -36.64 135.09 -15.84
CA ALA V 51 -35.91 133.83 -15.99
C ALA V 51 -34.52 133.89 -15.36
N PRO V 52 -33.67 134.88 -15.65
CA PRO V 52 -32.35 134.90 -14.97
C PRO V 52 -32.46 135.06 -13.46
N VAL V 53 -33.43 135.82 -12.97
CA VAL V 53 -33.60 135.97 -11.52
C VAL V 53 -33.94 134.62 -10.89
N TYR V 54 -34.89 133.90 -11.49
CA TYR V 54 -35.28 132.61 -10.93
C TYR V 54 -34.12 131.63 -10.97
N LEU V 55 -33.38 131.62 -12.09
CA LEU V 55 -32.27 130.69 -12.21
C LEU V 55 -31.15 131.01 -11.22
N ALA V 56 -30.86 132.29 -11.04
CA ALA V 56 -29.82 132.68 -10.08
C ALA V 56 -30.24 132.31 -8.67
N ALA V 57 -31.52 132.50 -8.33
CA ALA V 57 -31.97 132.10 -7.01
C ALA V 57 -31.82 130.61 -6.78
N VAL V 58 -32.18 129.80 -7.79
CA VAL V 58 -32.06 128.35 -7.64
C VAL V 58 -30.60 127.93 -7.49
N LEU V 59 -29.72 128.48 -8.32
CA LEU V 59 -28.30 128.15 -8.24
C LEU V 59 -27.73 128.54 -6.88
N GLU V 60 -28.09 129.73 -6.40
CA GLU V 60 -27.61 130.16 -5.09
C GLU V 60 -28.09 129.24 -4.00
N TYR V 61 -29.34 128.79 -4.08
CA TYR V 61 -29.85 127.89 -3.05
C TYR V 61 -29.09 126.56 -3.05
N LEU V 62 -28.86 125.98 -4.23
CA LEU V 62 -28.15 124.71 -4.27
C LEU V 62 -26.72 124.84 -3.77
N THR V 63 -26.03 125.91 -4.18
CA THR V 63 -24.68 126.13 -3.69
C THR V 63 -24.67 126.32 -2.18
N ALA V 64 -25.64 127.05 -1.63
CA ALA V 64 -25.70 127.24 -0.19
C ALA V 64 -25.92 125.93 0.54
N GLU V 65 -26.80 125.08 0.02
CA GLU V 65 -27.02 123.77 0.64
C GLU V 65 -25.75 122.95 0.68
N ILE V 66 -25.06 122.83 -0.47
CA ILE V 66 -23.87 121.99 -0.50
C ILE V 66 -22.78 122.56 0.40
N LEU V 67 -22.63 123.89 0.43
CA LEU V 67 -21.60 124.47 1.27
C LEU V 67 -21.92 124.30 2.75
N GLU V 68 -23.20 124.43 3.12
CA GLU V 68 -23.63 124.02 4.45
C GLU V 68 -23.12 122.64 4.80
N LEU V 69 -23.52 121.64 4.01
CA LEU V 69 -23.23 120.25 4.38
C LEU V 69 -21.73 119.99 4.40
N ALA V 70 -21.00 120.59 3.45
CA ALA V 70 -19.55 120.38 3.40
C ALA V 70 -18.85 121.04 4.58
N GLY V 71 -19.30 122.23 4.98
CA GLY V 71 -18.74 122.84 6.17
C GLY V 71 -18.99 122.02 7.41
N ASN V 72 -20.19 121.45 7.52
CA ASN V 72 -20.47 120.57 8.66
C ASN V 72 -19.54 119.37 8.65
N ALA V 73 -19.36 118.75 7.48
CA ALA V 73 -18.48 117.59 7.39
C ALA V 73 -17.05 117.95 7.72
N ALA V 74 -16.58 119.12 7.27
CA ALA V 74 -15.22 119.54 7.58
C ALA V 74 -15.06 119.77 9.08
N ARG V 75 -16.06 120.39 9.72
CA ARG V 75 -15.97 120.59 11.16
C ARG V 75 -16.01 119.27 11.91
N ASP V 76 -16.68 118.27 11.32
CA ASP V 76 -16.71 116.93 11.90
C ASP V 76 -15.33 116.28 11.88
N ASN V 77 -14.40 116.79 11.07
CA ASN V 77 -13.05 116.26 10.99
C ASN V 77 -12.01 117.21 11.56
N LYS V 78 -12.43 118.18 12.38
CA LYS V 78 -11.52 119.16 12.97
C LYS V 78 -10.74 119.90 11.90
N LYS V 79 -11.41 120.18 10.78
CA LYS V 79 -10.82 120.86 9.64
C LYS V 79 -11.55 122.17 9.43
N THR V 80 -10.81 123.26 9.21
CA THR V 80 -11.45 124.56 8.99
C THR V 80 -11.53 124.94 7.52
N ARG V 81 -11.03 124.11 6.62
CA ARG V 81 -11.17 124.31 5.18
C ARG V 81 -11.89 123.13 4.55
N ILE V 82 -12.62 123.42 3.49
CA ILE V 82 -13.36 122.38 2.79
C ILE V 82 -12.50 121.87 1.64
N ILE V 83 -12.38 120.56 1.54
CA ILE V 83 -11.59 119.92 0.48
C ILE V 83 -12.52 118.97 -0.25
N PRO V 84 -12.13 118.53 -1.46
CA PRO V 84 -13.03 117.67 -2.23
C PRO V 84 -13.53 116.46 -1.47
N ARG V 85 -12.72 115.93 -0.54
CA ARG V 85 -13.19 114.81 0.28
C ARG V 85 -14.43 115.20 1.08
N HIS V 86 -14.44 116.42 1.63
CA HIS V 86 -15.59 116.87 2.40
C HIS V 86 -16.81 117.06 1.51
N LEU V 87 -16.60 117.60 0.30
CA LEU V 87 -17.71 117.74 -0.64
C LEU V 87 -18.29 116.38 -1.00
N GLN V 88 -17.42 115.39 -1.23
CA GLN V 88 -17.90 114.05 -1.53
C GLN V 88 -18.69 113.48 -0.36
N LEU V 89 -18.19 113.65 0.87
CA LEU V 89 -18.93 113.14 2.01
C LEU V 89 -20.29 113.82 2.15
N ALA V 90 -20.33 115.14 1.93
CA ALA V 90 -21.57 115.88 2.02
C ALA V 90 -22.56 115.40 0.97
N ILE V 91 -22.09 115.19 -0.26
CA ILE V 91 -23.00 114.80 -1.34
C ILE V 91 -23.48 113.37 -1.11
N ARG V 92 -22.57 112.46 -0.84
CA ARG V 92 -22.91 111.05 -0.73
C ARG V 92 -23.72 110.75 0.52
N ASN V 93 -23.72 111.64 1.51
CA ASN V 93 -24.48 111.40 2.73
C ASN V 93 -25.89 111.95 2.68
N ASP V 94 -26.16 112.89 1.77
CA ASP V 94 -27.48 113.49 1.64
C ASP V 94 -28.17 112.84 0.45
N GLU V 95 -29.34 112.24 0.70
CA GLU V 95 -29.90 111.34 -0.31
C GLU V 95 -30.42 112.10 -1.53
N GLU V 96 -31.00 113.29 -1.32
CA GLU V 96 -31.49 114.02 -2.48
C GLU V 96 -30.36 114.67 -3.27
N LEU V 97 -29.32 115.16 -2.57
CA LEU V 97 -28.12 115.59 -3.28
C LEU V 97 -27.45 114.43 -3.99
N ASN V 98 -27.41 113.27 -3.33
CA ASN V 98 -26.83 112.09 -3.97
C ASN V 98 -27.58 111.73 -5.24
N LYS V 99 -28.90 111.80 -5.20
CA LYS V 99 -29.69 111.57 -6.41
C LYS V 99 -29.35 112.61 -7.48
N LEU V 100 -29.24 113.87 -7.09
CA LEU V 100 -28.94 114.91 -8.07
C LEU V 100 -27.57 114.71 -8.69
N LEU V 101 -26.54 114.57 -7.86
CA LEU V 101 -25.16 114.35 -8.32
C LEU V 101 -24.80 112.87 -8.23
N GLY V 102 -25.58 112.04 -8.92
CA GLY V 102 -25.35 110.61 -8.84
C GLY V 102 -24.35 110.10 -9.86
N ARG V 103 -24.44 110.61 -11.08
CA ARG V 103 -23.54 110.22 -12.15
C ARG V 103 -22.27 111.05 -12.20
N VAL V 104 -21.93 111.72 -11.11
CA VAL V 104 -20.82 112.67 -11.08
C VAL V 104 -19.71 112.09 -10.21
N THR V 105 -18.49 112.13 -10.72
CA THR V 105 -17.31 111.72 -9.97
C THR V 105 -16.49 112.95 -9.64
N ILE V 106 -15.95 112.98 -8.43
CA ILE V 106 -15.28 114.16 -7.89
C ILE V 106 -13.81 113.84 -7.74
N ALA V 107 -12.97 114.61 -8.42
CA ALA V 107 -11.53 114.38 -8.34
C ALA V 107 -11.06 114.47 -6.90
N GLN V 108 -10.14 113.57 -6.52
CA GLN V 108 -9.62 113.52 -5.16
C GLN V 108 -10.72 113.37 -4.12
N GLY V 109 -11.81 112.68 -4.50
CA GLY V 109 -12.95 112.59 -3.63
C GLY V 109 -12.95 111.37 -2.73
N GLY V 110 -12.41 110.26 -3.22
CA GLY V 110 -12.51 109.07 -2.42
C GLY V 110 -13.93 108.51 -2.42
N VAL V 111 -14.20 107.66 -1.43
CA VAL V 111 -15.47 107.00 -1.28
C VAL V 111 -15.89 107.09 0.18
N LEU V 112 -17.15 106.76 0.44
CA LEU V 112 -17.63 106.69 1.81
C LEU V 112 -17.02 105.50 2.52
N PRO V 113 -16.61 105.64 3.79
CA PRO V 113 -16.22 104.46 4.56
C PRO V 113 -17.42 103.53 4.70
N ASN V 114 -17.27 102.33 4.16
CA ASN V 114 -18.37 101.37 4.16
C ASN V 114 -17.79 99.98 4.01
N ILE V 115 -18.08 99.10 4.98
CA ILE V 115 -17.68 97.71 4.93
C ILE V 115 -18.92 96.86 5.11
N GLN V 116 -19.10 95.86 4.26
CA GLN V 116 -20.25 94.99 4.38
C GLN V 116 -20.18 94.21 5.70
N ALA V 117 -21.33 94.06 6.35
CA ALA V 117 -21.37 93.36 7.64
C ALA V 117 -20.95 91.91 7.53
N VAL V 118 -21.02 91.32 6.33
CA VAL V 118 -20.58 89.93 6.15
C VAL V 118 -19.07 89.83 6.31
N LEU V 119 -18.32 90.82 5.83
CA LEU V 119 -16.87 90.72 5.86
C LEU V 119 -16.28 90.90 7.25
N LEU V 120 -17.04 91.48 8.17
CA LEU V 120 -16.54 91.69 9.52
C LEU V 120 -16.49 90.35 10.26
N PRO V 121 -15.49 90.14 11.12
CA PRO V 121 -15.39 88.86 11.81
C PRO V 121 -16.49 88.67 12.84
N LYS V 122 -16.83 87.42 13.10
CA LYS V 122 -17.84 87.10 14.11
C LYS V 122 -17.27 87.25 15.52
N SER W 36 -5.98 136.64 -21.46
CA SER W 36 -7.40 136.61 -21.79
C SER W 36 -8.25 136.47 -20.53
N ARG W 37 -9.40 137.13 -20.52
CA ARG W 37 -10.29 137.10 -19.36
C ARG W 37 -10.80 135.69 -19.14
N LYS W 38 -11.09 135.36 -17.88
CA LYS W 38 -11.62 134.05 -17.53
C LYS W 38 -12.86 134.20 -16.68
N GLU W 39 -13.82 133.31 -16.90
CA GLU W 39 -15.12 133.32 -16.24
C GLU W 39 -15.17 132.30 -15.11
N SER W 40 -15.69 132.71 -13.96
CA SER W 40 -15.84 131.80 -12.84
C SER W 40 -16.95 132.31 -11.93
N TYR W 41 -17.46 131.40 -11.09
CA TYR W 41 -18.35 131.75 -9.99
C TYR W 41 -17.63 131.69 -8.63
N SER W 42 -16.32 131.94 -8.63
CA SER W 42 -15.56 131.78 -7.39
C SER W 42 -16.04 132.73 -6.31
N ILE W 43 -16.11 134.02 -6.63
CA ILE W 43 -16.41 135.01 -5.59
C ILE W 43 -17.83 134.84 -5.07
N TYR W 44 -18.77 134.47 -5.93
CA TYR W 44 -20.14 134.28 -5.46
C TYR W 44 -20.25 133.07 -4.54
N VAL W 45 -19.61 131.97 -4.90
CA VAL W 45 -19.58 130.80 -4.02
C VAL W 45 -18.94 131.14 -2.68
N TYR W 46 -17.86 131.92 -2.70
CA TYR W 46 -17.22 132.28 -1.44
C TYR W 46 -18.15 133.15 -0.59
N LYS W 47 -18.85 134.08 -1.22
CA LYS W 47 -19.81 134.91 -0.47
C LYS W 47 -20.92 134.06 0.14
N VAL W 48 -21.46 133.12 -0.64
CA VAL W 48 -22.50 132.25 -0.12
C VAL W 48 -21.99 131.43 1.06
N LEU W 49 -20.78 130.90 0.94
CA LEU W 49 -20.22 130.12 2.04
C LEU W 49 -20.07 130.96 3.30
N LYS W 50 -19.55 132.18 3.14
CA LYS W 50 -19.47 133.09 4.27
C LYS W 50 -20.84 133.39 4.85
N GLN W 51 -21.88 133.45 4.01
CA GLN W 51 -23.23 133.59 4.53
C GLN W 51 -23.66 132.36 5.30
N VAL W 52 -23.12 131.19 4.98
CA VAL W 52 -23.57 129.96 5.62
C VAL W 52 -22.71 129.59 6.82
N HIS W 53 -21.39 129.50 6.63
CA HIS W 53 -20.44 129.15 7.70
C HIS W 53 -19.40 130.26 7.82
N PRO W 54 -19.69 131.32 8.58
CA PRO W 54 -18.84 132.52 8.52
C PRO W 54 -17.39 132.36 8.95
N ASP W 55 -16.94 131.17 9.38
CA ASP W 55 -15.55 131.04 9.85
C ASP W 55 -14.83 129.85 9.21
N THR W 56 -15.25 129.42 8.03
CA THR W 56 -14.68 128.28 7.35
C THR W 56 -14.18 128.70 5.97
N GLY W 57 -12.96 128.30 5.62
CA GLY W 57 -12.42 128.58 4.30
C GLY W 57 -12.60 127.40 3.36
N ILE W 58 -12.11 127.57 2.14
CA ILE W 58 -12.29 126.56 1.10
C ILE W 58 -11.05 126.52 0.21
N SER W 59 -10.63 125.31 -0.15
CA SER W 59 -9.47 125.10 -1.00
C SER W 59 -9.72 125.65 -2.40
N SER W 60 -8.64 125.77 -3.18
CA SER W 60 -8.76 126.08 -4.60
C SER W 60 -9.36 124.92 -5.38
N LYS W 61 -8.97 123.69 -5.04
CA LYS W 61 -9.55 122.52 -5.72
C LYS W 61 -11.04 122.42 -5.47
N ALA W 62 -11.48 122.68 -4.23
CA ALA W 62 -12.90 122.63 -3.94
C ALA W 62 -13.63 123.76 -4.65
N MET W 63 -13.00 124.92 -4.80
CA MET W 63 -13.65 125.97 -5.58
C MET W 63 -13.77 125.57 -7.05
N GLY W 64 -12.78 124.86 -7.59
CA GLY W 64 -12.90 124.33 -8.94
C GLY W 64 -14.08 123.39 -9.07
N ILE W 65 -14.25 122.51 -8.09
CA ILE W 65 -15.37 121.57 -8.14
C ILE W 65 -16.69 122.30 -8.01
N MET W 66 -16.76 123.31 -7.13
CA MET W 66 -18.02 124.03 -6.98
C MET W 66 -18.36 124.81 -8.25
N ASN W 67 -17.35 125.36 -8.92
CA ASN W 67 -17.58 126.03 -10.19
C ASN W 67 -18.11 125.05 -11.23
N SER W 68 -17.50 123.86 -11.31
CA SER W 68 -17.97 122.87 -12.26
C SER W 68 -19.41 122.47 -11.96
N PHE W 69 -19.74 122.30 -10.68
CA PHE W 69 -21.10 121.89 -10.32
C PHE W 69 -22.10 122.97 -10.70
N VAL W 70 -21.78 124.23 -10.40
CA VAL W 70 -22.70 125.32 -10.73
C VAL W 70 -22.93 125.37 -12.24
N ASN W 71 -21.85 125.26 -13.02
CA ASN W 71 -21.98 125.23 -14.47
C ASN W 71 -22.88 124.08 -14.90
N ASP W 72 -22.58 122.87 -14.45
CA ASP W 72 -23.33 121.69 -14.89
C ASP W 72 -24.83 121.87 -14.63
N ILE W 73 -25.17 122.31 -13.40
CA ILE W 73 -26.58 122.53 -13.07
C ILE W 73 -27.18 123.63 -13.94
N PHE W 74 -26.40 124.67 -14.22
CA PHE W 74 -26.88 125.75 -15.07
C PHE W 74 -27.25 125.21 -16.45
N GLU W 75 -26.36 124.41 -17.04
CA GLU W 75 -26.64 123.87 -18.36
C GLU W 75 -27.82 122.92 -18.32
N ARG W 76 -27.94 122.11 -17.26
CA ARG W 76 -29.10 121.23 -17.14
C ARG W 76 -30.39 122.04 -17.18
N ILE W 77 -30.49 123.06 -16.32
CA ILE W 77 -31.72 123.83 -16.22
C ILE W 77 -31.99 124.58 -17.51
N ALA W 78 -30.97 125.20 -18.09
CA ALA W 78 -31.18 126.04 -19.26
C ALA W 78 -31.55 125.18 -20.46
N GLY W 79 -30.90 124.02 -20.62
CA GLY W 79 -31.25 123.12 -21.68
C GLY W 79 -32.67 122.59 -21.55
N GLU W 80 -33.06 122.22 -20.33
CA GLU W 80 -34.43 121.74 -20.14
C GLU W 80 -35.44 122.84 -20.42
N ALA W 81 -35.15 124.08 -19.99
CA ALA W 81 -36.05 125.18 -20.26
C ALA W 81 -36.16 125.47 -21.76
N SER W 82 -35.04 125.42 -22.47
CA SER W 82 -35.06 125.59 -23.92
C SER W 82 -35.89 124.51 -24.58
N ARG W 83 -35.72 123.27 -24.13
CA ARG W 83 -36.51 122.17 -24.65
C ARG W 83 -38.01 122.43 -24.44
N LEU W 84 -38.39 122.76 -23.20
CA LEU W 84 -39.79 123.05 -22.92
C LEU W 84 -40.32 124.16 -23.82
N ALA W 85 -39.52 125.20 -24.02
CA ALA W 85 -39.98 126.32 -24.84
C ALA W 85 -40.19 125.91 -26.28
N HIS W 86 -39.24 125.15 -26.85
CA HIS W 86 -39.42 124.80 -28.25
C HIS W 86 -40.48 123.74 -28.45
N TYR W 87 -40.77 122.92 -27.43
CA TYR W 87 -41.79 121.91 -27.62
C TYR W 87 -43.17 122.37 -27.18
N ASN W 88 -43.29 123.61 -26.70
CA ASN W 88 -44.57 124.28 -26.59
C ASN W 88 -44.75 125.32 -27.68
N LYS W 89 -43.92 125.26 -28.72
CA LYS W 89 -43.94 126.20 -29.85
C LYS W 89 -43.84 127.63 -29.37
N ARG W 90 -43.13 127.82 -28.26
CA ARG W 90 -43.06 129.07 -27.53
C ARG W 90 -41.65 129.63 -27.66
N SER W 91 -41.54 130.96 -27.74
CA SER W 91 -40.31 131.57 -28.21
C SER W 91 -39.49 132.25 -27.13
N THR W 92 -40.07 132.57 -25.99
CA THR W 92 -39.32 133.21 -24.91
C THR W 92 -39.08 132.22 -23.77
N ILE W 93 -37.99 132.43 -23.04
CA ILE W 93 -37.73 131.75 -21.79
C ILE W 93 -38.12 132.68 -20.66
N THR W 94 -39.24 132.39 -20.00
CA THR W 94 -39.72 133.18 -18.88
C THR W 94 -39.43 132.45 -17.58
N SER W 95 -39.76 133.10 -16.45
CA SER W 95 -39.51 132.47 -15.16
C SER W 95 -40.30 131.19 -15.02
N ARG W 96 -41.42 131.08 -15.72
CA ARG W 96 -42.25 129.88 -15.66
C ARG W 96 -41.51 128.69 -16.25
N GLU W 97 -40.79 128.91 -17.35
CA GLU W 97 -40.00 127.84 -17.94
C GLU W 97 -38.92 127.37 -16.97
N ILE W 98 -38.27 128.32 -16.29
CA ILE W 98 -37.25 127.97 -15.31
C ILE W 98 -37.86 127.15 -14.18
N GLN W 99 -39.04 127.56 -13.70
CA GLN W 99 -39.69 126.85 -12.60
C GLN W 99 -40.05 125.43 -12.99
N THR W 100 -40.61 125.25 -14.18
CA THR W 100 -40.93 123.89 -14.64
C THR W 100 -39.67 123.05 -14.76
N ALA W 101 -38.59 123.65 -15.28
CA ALA W 101 -37.34 122.92 -15.40
C ALA W 101 -36.83 122.52 -14.03
N VAL W 102 -36.99 123.39 -13.02
CA VAL W 102 -36.57 123.06 -11.67
C VAL W 102 -37.37 121.86 -11.15
N ARG W 103 -38.69 121.88 -11.33
CA ARG W 103 -39.46 120.70 -10.89
C ARG W 103 -38.98 119.44 -11.59
N LEU W 104 -38.63 119.54 -12.87
CA LEU W 104 -38.20 118.33 -13.58
C LEU W 104 -36.84 117.85 -13.09
N LEU W 105 -35.90 118.77 -12.83
CA LEU W 105 -34.54 118.37 -12.48
C LEU W 105 -34.36 118.04 -11.00
N LEU W 106 -35.03 118.76 -10.12
CA LEU W 106 -34.61 118.57 -8.74
C LEU W 106 -35.49 117.56 -8.02
N PRO W 107 -34.89 116.78 -7.13
CA PRO W 107 -35.68 115.86 -6.28
C PRO W 107 -36.62 116.62 -5.36
N GLY W 108 -37.49 115.86 -4.69
CA GLY W 108 -38.67 116.40 -4.04
C GLY W 108 -38.47 117.60 -3.14
N GLU W 109 -37.85 117.42 -1.98
CA GLU W 109 -37.74 118.51 -1.03
C GLU W 109 -36.86 119.63 -1.58
N LEU W 110 -35.80 119.25 -2.31
CA LEU W 110 -34.94 120.24 -2.94
C LEU W 110 -35.71 121.07 -3.95
N ALA W 111 -36.55 120.42 -4.76
CA ALA W 111 -37.35 121.17 -5.72
C ALA W 111 -38.34 122.08 -5.01
N LYS W 112 -38.97 121.60 -3.94
CA LYS W 112 -39.89 122.45 -3.19
C LYS W 112 -39.19 123.72 -2.71
N HIS W 113 -38.06 123.56 -2.02
CA HIS W 113 -37.38 124.73 -1.46
C HIS W 113 -36.83 125.63 -2.55
N ALA W 114 -36.30 125.04 -3.64
CA ALA W 114 -35.77 125.85 -4.72
C ALA W 114 -36.86 126.67 -5.37
N VAL W 115 -38.03 126.06 -5.58
CA VAL W 115 -39.15 126.79 -6.15
C VAL W 115 -39.58 127.91 -5.20
N SER W 116 -39.58 127.64 -3.90
CA SER W 116 -39.90 128.68 -2.93
C SER W 116 -38.94 129.86 -3.05
N GLU W 117 -37.64 129.58 -3.10
CA GLU W 117 -36.64 130.64 -3.21
C GLU W 117 -36.79 131.40 -4.51
N GLY W 118 -37.01 130.69 -5.62
CA GLY W 118 -37.16 131.36 -6.90
C GLY W 118 -38.37 132.27 -6.93
N THR W 119 -39.51 131.79 -6.40
CA THR W 119 -40.70 132.61 -6.34
C THR W 119 -40.46 133.82 -5.46
N LYS W 120 -39.81 133.63 -4.31
CA LYS W 120 -39.50 134.75 -3.43
C LYS W 120 -38.67 135.79 -4.15
N ALA W 121 -37.63 135.34 -4.86
CA ALA W 121 -36.75 136.26 -5.56
C ALA W 121 -37.48 137.01 -6.66
N VAL W 122 -38.30 136.33 -7.44
CA VAL W 122 -39.04 137.01 -8.50
C VAL W 122 -40.02 138.02 -7.92
N THR W 123 -40.69 137.66 -6.84
CA THR W 123 -41.63 138.58 -6.21
C THR W 123 -40.90 139.84 -5.71
N LYS W 124 -39.80 139.65 -4.98
CA LYS W 124 -39.06 140.80 -4.49
C LYS W 124 -38.51 141.64 -5.63
N TYR W 125 -37.99 141.00 -6.68
CA TYR W 125 -37.41 141.73 -7.80
C TYR W 125 -38.45 142.59 -8.50
N THR W 126 -39.65 142.05 -8.71
CA THR W 126 -40.69 142.79 -9.39
C THR W 126 -41.35 143.84 -8.50
N SER W 127 -41.40 143.60 -7.19
CA SER W 127 -42.01 144.58 -6.29
C SER W 127 -41.22 145.89 -6.31
N ALA W 128 -39.89 145.80 -6.29
CA ALA W 128 -39.05 146.99 -6.32
C ALA W 128 -38.75 147.42 -7.75
N PRO X 38 -25.66 59.49 31.24
CA PRO X 38 -25.29 58.37 30.36
C PRO X 38 -24.43 58.83 29.19
N PRO X 39 -23.39 58.06 28.85
CA PRO X 39 -22.53 58.45 27.73
C PRO X 39 -23.25 58.45 26.39
N VAL X 40 -22.84 59.42 25.55
CA VAL X 40 -23.42 59.71 24.24
C VAL X 40 -23.39 58.53 23.28
N SER X 41 -22.43 57.61 23.45
CA SER X 41 -22.42 56.39 22.64
C SER X 41 -23.67 55.54 22.83
N GLU X 42 -24.19 55.44 24.05
CA GLU X 42 -25.46 54.74 24.22
C GLU X 42 -26.62 55.51 23.59
N LEU X 43 -26.70 56.82 23.84
CA LEU X 43 -27.79 57.61 23.26
C LEU X 43 -27.82 57.51 21.74
N ILE X 44 -26.65 57.60 21.10
CA ILE X 44 -26.54 57.41 19.66
C ILE X 44 -26.95 55.99 19.24
N THR X 45 -26.49 54.97 19.97
CA THR X 45 -26.83 53.61 19.59
C THR X 45 -28.32 53.36 19.69
N LYS X 46 -28.92 53.87 20.77
CA LYS X 46 -30.37 53.79 20.98
C LYS X 46 -31.14 54.53 19.89
N ALA X 47 -30.71 55.75 19.53
CA ALA X 47 -31.35 56.48 18.43
C ALA X 47 -31.24 55.75 17.10
N VAL X 48 -30.08 55.15 16.82
CA VAL X 48 -29.93 54.38 15.57
C VAL X 48 -30.76 53.11 15.60
N ALA X 49 -30.94 52.51 16.78
CA ALA X 49 -31.80 51.33 16.91
C ALA X 49 -33.28 51.67 16.80
N ALA X 50 -33.70 52.79 17.38
CA ALA X 50 -35.10 53.21 17.28
C ALA X 50 -35.48 53.62 15.87
N SER X 51 -34.57 54.22 15.11
CA SER X 51 -34.86 54.63 13.74
C SER X 51 -34.32 53.65 12.70
N LYS X 52 -34.00 52.43 13.11
CA LYS X 52 -33.50 51.38 12.21
C LYS X 52 -34.25 51.37 10.89
N GLU X 53 -33.52 51.22 9.80
CA GLU X 53 -34.05 51.23 8.43
C GLU X 53 -33.04 50.55 7.52
N ARG X 54 -33.19 50.76 6.21
CA ARG X 54 -32.28 50.22 5.22
C ARG X 54 -31.33 51.29 4.66
N SER X 55 -31.62 52.56 4.91
CA SER X 55 -30.76 53.65 4.48
C SER X 55 -29.77 53.96 5.58
N GLY X 56 -30.25 54.57 6.66
CA GLY X 56 -29.40 54.90 7.78
C GLY X 56 -29.60 56.31 8.27
N VAL X 57 -29.83 56.44 9.58
CA VAL X 57 -29.96 57.73 10.26
C VAL X 57 -28.85 58.66 9.82
N SER X 58 -29.22 59.83 9.31
CA SER X 58 -28.26 60.90 9.05
C SER X 58 -27.92 61.67 10.32
N LEU X 59 -26.80 62.40 10.25
CA LEU X 59 -26.40 63.28 11.35
C LEU X 59 -27.50 64.25 11.74
N ALA X 60 -28.27 64.74 10.77
CA ALA X 60 -29.39 65.63 11.09
C ALA X 60 -30.50 64.88 11.83
N ALA X 61 -30.81 63.66 11.39
CA ALA X 61 -31.77 62.86 12.12
C ALA X 61 -31.25 62.47 13.50
N LEU X 62 -29.96 62.18 13.63
CA LEU X 62 -29.39 61.91 14.96
C LEU X 62 -29.48 63.13 15.86
N LYS X 63 -29.19 64.31 15.34
CA LYS X 63 -29.43 65.55 16.08
C LYS X 63 -30.87 65.65 16.54
N LYS X 64 -31.82 65.44 15.63
CA LYS X 64 -33.23 65.52 16.00
C LYS X 64 -33.62 64.50 17.07
N ALA X 65 -33.18 63.25 16.93
CA ALA X 65 -33.50 62.22 17.92
C ALA X 65 -32.90 62.51 19.30
N LEU X 66 -31.63 62.95 19.35
CA LEU X 66 -31.04 63.28 20.65
C LEU X 66 -31.65 64.53 21.27
N ALA X 67 -31.95 65.55 20.47
CA ALA X 67 -32.64 66.72 21.00
C ALA X 67 -34.03 66.35 21.52
N ALA X 68 -34.75 65.51 20.79
CA ALA X 68 -36.03 64.98 21.28
C ALA X 68 -35.84 64.13 22.51
N ALA X 69 -34.66 63.53 22.69
CA ALA X 69 -34.32 62.84 23.93
C ALA X 69 -33.73 63.77 24.98
N GLY X 70 -33.96 65.08 24.85
CA GLY X 70 -33.50 66.04 25.85
C GLY X 70 -32.01 66.31 25.88
N TYR X 71 -31.23 65.74 24.98
CA TYR X 71 -29.79 65.96 24.94
C TYR X 71 -29.49 67.23 24.15
N ASP X 72 -28.84 68.18 24.81
CA ASP X 72 -28.32 69.36 24.12
C ASP X 72 -27.37 68.97 23.01
N VAL X 73 -27.85 69.02 21.76
CA VAL X 73 -27.03 68.74 20.59
C VAL X 73 -26.25 69.94 20.10
N GLU X 74 -26.49 71.12 20.69
CA GLU X 74 -25.82 72.34 20.23
C GLU X 74 -24.41 72.47 20.81
N LYS X 75 -24.31 72.67 22.13
CA LYS X 75 -22.99 72.79 22.74
C LYS X 75 -22.15 71.53 22.55
N ASN X 76 -22.77 70.35 22.64
CA ASN X 76 -22.03 69.10 22.61
C ASN X 76 -21.95 68.48 21.22
N ASN X 77 -22.36 69.23 20.18
CA ASN X 77 -22.19 68.77 18.81
C ASN X 77 -20.79 68.24 18.50
N SER X 78 -19.75 68.93 18.99
CA SER X 78 -18.39 68.46 18.79
C SER X 78 -18.12 67.17 19.54
N ARG X 79 -18.73 67.00 20.70
CA ARG X 79 -18.67 65.71 21.38
C ARG X 79 -19.37 64.62 20.57
N ILE X 80 -20.53 64.95 19.98
CA ILE X 80 -21.25 63.98 19.17
C ILE X 80 -20.39 63.52 17.99
N LYS X 81 -19.83 64.46 17.24
CA LYS X 81 -18.97 64.10 16.13
C LYS X 81 -17.84 63.19 16.62
N LEU X 82 -17.26 63.51 17.78
CA LEU X 82 -16.20 62.64 18.29
C LEU X 82 -16.77 61.27 18.67
N GLY X 83 -17.83 61.24 19.48
CA GLY X 83 -18.40 59.97 19.88
C GLY X 83 -18.86 59.13 18.71
N LEU X 84 -19.47 59.77 17.72
CA LEU X 84 -19.86 59.08 16.51
C LEU X 84 -18.64 58.50 15.81
N LYS X 85 -17.59 59.31 15.67
CA LYS X 85 -16.35 58.81 15.11
C LYS X 85 -15.80 57.66 15.92
N SER X 86 -15.88 57.74 17.25
CA SER X 86 -15.41 56.60 18.04
C SER X 86 -16.24 55.37 17.73
N LEU X 87 -17.55 55.52 17.60
CA LEU X 87 -18.38 54.37 17.27
C LEU X 87 -18.07 53.82 15.88
N VAL X 88 -17.73 54.68 14.92
CA VAL X 88 -17.29 54.15 13.64
C VAL X 88 -15.92 53.48 13.79
N SER X 89 -14.99 54.11 14.52
CA SER X 89 -13.70 53.49 14.77
C SER X 89 -13.80 52.20 15.56
N LYS X 90 -14.79 52.07 16.44
CA LYS X 90 -15.07 50.78 17.06
C LYS X 90 -15.75 49.80 16.14
N GLY X 91 -16.14 50.21 14.94
CA GLY X 91 -16.89 49.36 14.04
C GLY X 91 -18.33 49.12 14.44
N THR X 92 -18.79 49.75 15.51
CA THR X 92 -20.18 49.60 15.95
C THR X 92 -21.16 50.20 14.95
N LEU X 93 -20.77 51.26 14.24
CA LEU X 93 -21.58 51.84 13.17
C LEU X 93 -20.86 51.72 11.83
N VAL X 94 -21.60 51.20 10.84
CA VAL X 94 -21.18 51.20 9.44
C VAL X 94 -21.57 52.51 8.77
N GLN X 95 -20.59 53.16 8.15
CA GLN X 95 -20.81 54.26 7.22
C GLN X 95 -21.43 53.72 5.93
N THR X 96 -22.63 54.19 5.59
CA THR X 96 -23.29 53.70 4.39
C THR X 96 -23.21 54.67 3.23
N LYS X 97 -22.99 55.95 3.50
CA LYS X 97 -22.82 56.96 2.47
C LYS X 97 -22.06 58.13 3.06
N GLY X 98 -21.50 58.95 2.17
CA GLY X 98 -20.65 60.02 2.62
C GLY X 98 -19.35 59.54 3.25
N THR X 99 -18.64 60.50 3.84
CA THR X 99 -17.40 60.25 4.57
C THR X 99 -17.49 60.90 5.93
N GLY X 100 -17.13 60.15 6.97
CA GLY X 100 -17.22 60.66 8.32
C GLY X 100 -18.62 61.04 8.78
N ALA X 101 -18.64 61.93 9.77
CA ALA X 101 -19.88 62.31 10.45
C ALA X 101 -20.94 62.89 9.52
N SER X 102 -20.56 63.34 8.33
CA SER X 102 -21.57 63.89 7.43
C SER X 102 -22.43 62.81 6.78
N GLY X 103 -22.14 61.54 7.02
CA GLY X 103 -22.77 60.46 6.29
C GLY X 103 -24.10 59.98 6.84
N SER X 104 -24.48 58.78 6.41
CA SER X 104 -25.52 57.94 6.99
C SER X 104 -24.89 56.73 7.67
N PHE X 105 -25.54 56.22 8.72
CA PHE X 105 -24.90 55.20 9.54
C PHE X 105 -25.92 54.14 9.89
N LYS X 106 -25.44 52.90 10.03
CA LYS X 106 -26.28 51.79 10.52
C LYS X 106 -25.55 50.98 11.59
N LEU X 107 -26.33 50.42 12.51
CA LEU X 107 -25.78 49.53 13.52
C LEU X 107 -25.17 48.31 12.84
N ASN X 108 -23.91 48.03 13.13
CA ASN X 108 -23.22 46.90 12.49
C ASN X 108 -23.71 45.62 13.14
N LYS X 109 -24.67 44.95 12.49
CA LYS X 109 -25.21 43.69 13.00
C LYS X 109 -24.18 42.59 13.09
N LYS X 110 -23.09 42.67 12.32
CA LYS X 110 -21.97 41.75 12.49
C LYS X 110 -21.18 42.06 13.75
#